data_6KF4
#
_entry.id   6KF4
#
_cell.length_a   1.00
_cell.length_b   1.00
_cell.length_c   1.00
_cell.angle_alpha   90.00
_cell.angle_beta   90.00
_cell.angle_gamma   90.00
#
_symmetry.space_group_name_H-M   'P 1'
#
loop_
_entity.id
_entity.type
_entity.pdbx_description
1 polymer 'DNA-directed RNA polymerase subunit'
2 polymer 'DNA-directed RNA polymerase subunit beta'
3 polymer "DNA-directed RNA polymerase subunit A''"
4 polymer 'DNA-directed RNA polymerase subunit D'
5 polymer 'DNA-directed RNA polymerase, subunit E'
6 polymer 'DNA-directed RNA polymerase, subunit F'
7 polymer 'DNA-directed RNA polymerase subunit H'
8 polymer 'DNA-directed RNA polymerase subunit K'
9 polymer 'DNA-directed RNA polymerase subunit L'
10 polymer 'DNA-directed RNA polymerase subunit N'
11 polymer 'DNA-directed RNA polymerase subunit P'
12 polymer 'Transcription factor E'
13 non-polymer 'MAGNESIUM ION'
14 non-polymer 'ZINC ION'
#
loop_
_entity_poly.entity_id
_entity_poly.type
_entity_poly.pdbx_seq_one_letter_code
_entity_poly.pdbx_strand_id
1 'polypeptide(L)'
;MQSMKKVIGSIEFGILSPQEIRKMSAAEITVPDTYDDDGYPIEGGLMDKRLGVIDPGLRCETCGARAGECPGHFGHIELA
RPVIHVGFAKTIHRVLESTCRECGRIKLTDEEIEEYMQKFEVMGDRKGAVDKLIKEIHKKAKERMVCPHCGAPQFPIKFE
RPTIYWELRKDEEGNEYKHRMMPSEVRDRLEKIPDKDLPLLGLHPEKSRPEWMVLTVLPVPPVTMRPSITLESGIRAEDD
LTHKLVDIIRINNRLKSNIEAGAPQLIIEDLWDLLQYHVTTYINNETSGVPPAKHKSGRPLKTLAQRLKGKEGRFRGNLS
GKRVNFSARTVISPDPMISINEVGVPLAVAMELTVPEKVTEFNYEKLKQRVLNGPEKYPGANYVIDPEGRRIRLMESNRE
LIAEKLDIGWTVERHLEDGDVVLFNRQPSLHRMSIMAHRVRVMPYRTFRLNLPVCPPYNADFDGDEMNLHVPQTEEAQAE
AKILMEVQNHIISPRYGGPLIAGIQDHISGGYLLTREGAYFTRYEVEQMLMFAGMDVNELPEPDKYENGEPLWSGKTIFS
LLLPDDLTIWYRNKLCDEPERCEALEKLIEEKLIPDPEEVRKLAYDGFVYIQNGKLLSGAVDKKAYGREDGKLLDIIVRE
YGVERARQFLDQVTKLTIWVITHKGFTTAIDDEDLPQEAIDRIHEIIREAEEKVQRLIEAYKRGELEPLPGKTLEETLES
KIMAVLAEARDNAGKVAERYLGMNNHAVIMAKTGARGKILNITQMAAMLGQQSIRGKRLYRGYRGRVLTHFKPGDLGARA
RGFVTNSYKSGLTPQEYFFHAMGGREGLVDTAVRTAQSGYMQRRLINALQDLKVDYDGTVRDPTGIIVQFKYGEDGVDPM
KSWQGKTVDVDRVIVRTLLKMRGGGE
;
A
2 'polypeptide(L)'
;MSRGVTVTEPTLTPDELWLVMESYWKEKGFVRQHLDSYNAFIDHGLQDVVNEFGEVVPDIPNFKVKFGKIRIGQPEFQEA
QGQRRPLYPMDARIRNLTYSAPLYLEMIPVVNGIEQEPVEVRIGELPIMLKSKACRLYGLSDEELIKLGEDPKDPGGYFI
INGSERVIVSIEDLAPNKTLVERDERQNKVVAKVFSYRHGYRALITVERKKDGILYVTIPNVPKPVKFVYVMRALGLLTD
KEIVEAVSDDPRIQQVLFDNLEDASDISTQEEALDYIGRLALPGQPKEYRLRRAEHIIDNNLLPHMGVDPENRRAKAYYL
GMMALKVLELSLGLRGEDDKDHYANKRLKLAGDLLKDLFRVAFGQLVKDMQYQMTKTYQRKGERYTFENIQRFVRNSIRP
DVLSERIEHALATGSWPGGRTGVSQLLDRTNYMSTLSHLRRVTSPLSRDQPHFEARDLHGTHWGRICPTETPEGPNCGLV
KNLALMSQITTGIPEREVREYLMKMGVVPIEERRPAPGLYRVYLNGVLIGTVEDGRKLVERIRADRRAGKISDVINVALY
EDEEVKEVYINSDDGRVRRPLIVVENGKPKLTREHVEGIKNGTLTWSDLIRMGVIEYLDAEEEENAYVATWPWEVTEEHT
HLELMPAAILGIPASLVPYPEHNAAPRNTYGAGMAKQSLGLGWANFRIRVDTRGHLMHYPQVPLVNSRIMKAVGFEDRPA
GQNFVVAVLSYHGYNMEDAVIINKASIERGLARSTFFRTYEAEEKRYLGGQKDNFEVPSPNIQGYLGEKYYRHLDEDGLI
FPESKVEGKDVLVGRTSPPRFIEEQSSLGSMVLQGRRETSVTVRPSEKGVVDKVIVTETGDGTKLVKVTVRDLRIPELGD
KFASRHGQKGVIGLIVPQEDMPWTESGIVPDLIVNPHGIPSRMTVGQLIEAIGGKVASLTGRRVDGTAFIGEPEEKLRKE
LEELGFKHSGREIMYDGITGRRLEADIFIGVIYYQRLHHMVADKMHARSRGPVQVLTKQPTEGRAREGGLRFGEMERDVL
IGHGAAMLLIERLLEESDKTEVWVCESCGHLALEDKRRGKVYCPVCGEDERISKVEMSYAFKLLLDELKAMVIRPSLRLK
DRV
;
B
3 'polypeptide(L)'
;MVAEKTIKSMVSKAELPDNIKEELYAKLIEYNEKYKLKKDEIQAIIDETVREYQKALIEPGEAVGTVAAQSIGEPSTQMT
LNTFHYAGVAEINVTLGLPRIIEIVDARKNPSTPIMTVYLDEEHRYDRDKALEVARRIEGTTLENLAREETIDILNMEYV
VEIDPERLEKAGLDMEKVVRKLTGSFKSAEFEAEGYTLVVRPKKVTKLSDLRKIAEKVKKHRLKGLSGVGKTIIRKEGDE
YVIYTEGSNFKQVLKVPGVDPTRTRTNNIWEIAEVLGIEAARNAIIDEIVSTMREQGLEVDVRHIMLVADMMTLDGVIRP
IGRHGIVGEKASVLARAAFEITTQHLFAAAERGEVDPLNGVVENVLIGQPVPVGTGIVKLAMSLPLRPKRE
;
C
4 'polypeptide(L)'
;MVEFKILEKRPDSIKFIVSGVDVPFANALRRTILSEVPTFAVDEVEFLENDSALFDEIIAHRLAMIPLTTPHERFSLDAL
ELDDYTVTLSLEAEGPGMVYSGDLKSSDGDVKPANPNIPIVKLAEGQRLTFNAYARLGRGKDHAKWQPGFVYYKYLTKIH
VSKDVPDWEELKELAERRGLPVEESDEEIVITTIKAFYLPRKFEEHMGKGIREEIVPGSFVFTVETNGELPVEEIVSIAL
KILMRKSDRFINELHKLAD
;
D
5 'polypeptide(L)'
;MYKLLKVKDVVRIPPRMFTMDPKEAAKIVLRETYEGIYDRDEGVVLAILDVEEISEGVIVPGDGATYHEAIFNVLVWEPR
NQEVVEGEVVEMMPYGAFIRIGPMDGLVHISQLMDDYVVFDEKNRQFIGKETNRVLKLGDYVRARIIGVSVKSRVIRENK
INMTMRQPGLGKFEWIEKEKKKAKEESKGE
;
E
6 'polypeptide(L)'
;MIGRKKLEEHYITIAEAKELLERRHAEGLAENPEEPMFYEARVSLEHAERFAKLKPEQARELKEKLMGLFDWINERIAAK
LVDILPEDYLDIRVIFAKEEYMPTPEEAEEIIKVIDEYRPLE
;
F
7 'polypeptide(L)'
;MAAKKEFNIFDHVLVPEHRILSEEEKEELLKKYRIRISQLPQIKASDPAVVALGAKPGDVIEIKRKSPTAGYYYYYRLVV
ED
;
H
8 'polypeptide(L)' MFRYTRFEKARIIGARALQIAMGAPVLIDVPEGITPLQAALLEFEKGVIPITVIRPS K
9 'polypeptide(L)'
;MRIEVIRREENLLEFYLEGEDHTFANLLTETLHENEHVTFAGYTIEHPITMARKPRFKVVTDGKITPEKALEEAAQKIFD
RAREVLEAWKAAIE
;
L
10 'polypeptide(L)' MIVPVRCFTCGKVLADKYYEFKKRVEAGEDPGKVLDDLGVERYCCRRTLLSHVELIDQVMVYKVY N
11 'polypeptide(L)' MATAVYRCAKCGKEVELDLATAREVRCPYCGSKILYKPRPRVARRVKAI P
12 'polypeptide(L)'
;MAKRKNKELLEIAQEIGGEEAVEVVKALEKMKEATDEELAEATGIRVNTVRRILYMLNDEGLADFKRIRDPETGWYYYYW
RLETKKLPEIIRSRKMAELKKLKEMLEEETSEIYYWCGTEGHPKLTFDEAMEYEFQCPICGKMLMQYDNTHIIEELKRRI
EELEIELGLKKKPRKTSKKKKSRSE
;
G
#
loop_
_chem_comp.id
_chem_comp.type
_chem_comp.name
_chem_comp.formula
MG non-polymer 'MAGNESIUM ION' 'Mg 2'
ZN non-polymer 'ZINC ION' 'Zn 2'
#
# COMPACT_ATOMS: atom_id res chain seq x y z
N MET A 4 -23.18 17.06 -29.83
CA MET A 4 -21.80 17.44 -30.16
C MET A 4 -20.97 17.55 -28.87
N LYS A 5 -20.71 16.40 -28.24
CA LYS A 5 -19.73 16.23 -27.17
C LYS A 5 -20.01 17.13 -25.95
N LYS A 6 -21.14 16.88 -25.28
CA LYS A 6 -21.42 17.57 -24.02
C LYS A 6 -20.82 16.82 -22.84
N VAL A 7 -20.89 17.42 -21.66
CA VAL A 7 -20.44 16.77 -20.44
C VAL A 7 -21.58 16.73 -19.43
N ILE A 8 -21.37 16.00 -18.34
CA ILE A 8 -22.42 15.76 -17.36
C ILE A 8 -22.52 16.99 -16.47
N GLY A 9 -23.58 17.74 -16.64
CA GLY A 9 -23.87 18.82 -15.73
C GLY A 9 -24.26 18.43 -14.33
N SER A 10 -25.45 17.87 -14.16
CA SER A 10 -25.94 17.50 -12.85
C SER A 10 -26.51 16.08 -12.85
N ILE A 11 -26.94 15.64 -11.67
CA ILE A 11 -27.70 14.41 -11.48
C ILE A 11 -28.83 14.71 -10.51
N GLU A 12 -30.06 14.38 -10.89
CA GLU A 12 -31.23 14.60 -10.04
C GLU A 12 -31.86 13.26 -9.74
N PHE A 13 -31.68 12.77 -8.52
CA PHE A 13 -32.27 11.51 -8.13
C PHE A 13 -33.78 11.66 -7.92
N GLY A 14 -34.46 10.51 -7.93
CA GLY A 14 -35.88 10.47 -7.69
C GLY A 14 -36.40 9.06 -7.59
N ILE A 15 -37.67 8.84 -7.95
CA ILE A 15 -38.30 7.52 -7.90
C ILE A 15 -38.92 7.23 -9.25
N LEU A 16 -38.66 6.04 -9.78
CA LEU A 16 -39.24 5.66 -11.07
C LEU A 16 -40.74 5.46 -10.90
N SER A 17 -41.45 6.01 -11.73
CA SER A 17 -42.89 5.89 -11.80
C SER A 17 -43.28 4.65 -12.60
N PRO A 18 -44.43 4.02 -12.28
CA PRO A 18 -44.95 2.92 -13.12
C PRO A 18 -45.09 3.25 -14.60
N GLN A 19 -45.56 4.46 -14.90
CA GLN A 19 -45.72 4.93 -16.27
C GLN A 19 -44.42 4.84 -17.06
N GLU A 20 -43.33 5.28 -16.44
CA GLU A 20 -42.01 5.26 -17.06
C GLU A 20 -41.53 3.84 -17.33
N ILE A 21 -41.68 2.95 -16.33
CA ILE A 21 -41.25 1.56 -16.43
C ILE A 21 -41.83 0.85 -17.65
N ARG A 22 -43.05 1.18 -18.06
CA ARG A 22 -43.63 0.51 -19.23
C ARG A 22 -42.97 0.95 -20.54
N LYS A 23 -42.54 2.21 -20.66
CA LYS A 23 -41.88 2.59 -21.90
C LYS A 23 -40.42 2.19 -21.91
N MET A 24 -39.76 2.25 -20.76
CA MET A 24 -38.35 1.88 -20.77
C MET A 24 -38.14 0.37 -20.74
N SER A 25 -39.21 -0.41 -20.67
CA SER A 25 -39.10 -1.85 -20.74
C SER A 25 -39.12 -2.28 -22.20
N ALA A 26 -38.39 -3.34 -22.50
CA ALA A 26 -38.37 -3.82 -23.87
C ALA A 26 -39.34 -4.96 -24.13
N ALA A 27 -39.66 -5.77 -23.11
CA ALA A 27 -40.56 -6.92 -23.27
C ALA A 27 -41.01 -7.43 -21.90
N GLU A 28 -42.21 -7.98 -21.88
CA GLU A 28 -42.77 -8.63 -20.70
C GLU A 28 -42.20 -10.03 -20.54
N ILE A 29 -41.50 -10.27 -19.45
CA ILE A 29 -40.91 -11.58 -19.17
C ILE A 29 -42.00 -12.49 -18.61
N THR A 30 -42.21 -13.66 -19.25
CA THR A 30 -43.31 -14.54 -18.87
C THR A 30 -42.95 -16.01 -18.67
N VAL A 31 -41.83 -16.50 -19.20
CA VAL A 31 -41.48 -17.92 -19.14
C VAL A 31 -40.46 -18.11 -18.01
N PRO A 32 -40.83 -18.75 -16.91
CA PRO A 32 -39.90 -18.96 -15.78
C PRO A 32 -38.88 -20.06 -16.00
N ASP A 33 -37.85 -19.79 -16.80
CA ASP A 33 -36.81 -20.79 -17.04
C ASP A 33 -35.53 -20.10 -17.47
N THR A 34 -34.45 -20.89 -17.47
CA THR A 34 -33.13 -20.30 -17.64
C THR A 34 -32.55 -20.50 -19.04
N TYR A 35 -31.85 -21.62 -19.29
CA TYR A 35 -31.29 -21.89 -20.61
C TYR A 35 -31.95 -23.08 -21.30
N ASP A 36 -31.67 -24.32 -20.84
CA ASP A 36 -32.30 -25.56 -21.28
C ASP A 36 -32.07 -25.92 -22.76
N ASP A 37 -31.08 -26.77 -23.12
CA ASP A 37 -30.01 -27.41 -22.33
C ASP A 37 -28.93 -27.93 -23.27
N ASP A 38 -27.67 -27.56 -23.01
CA ASP A 38 -26.46 -27.99 -23.72
C ASP A 38 -26.46 -27.70 -25.23
N GLY A 39 -27.41 -26.93 -25.73
CA GLY A 39 -27.54 -26.72 -27.16
C GLY A 39 -28.84 -26.00 -27.46
N TYR A 40 -28.73 -24.94 -28.28
CA TYR A 40 -29.80 -24.06 -28.76
C TYR A 40 -30.41 -23.38 -27.54
N PRO A 41 -29.73 -22.37 -26.95
CA PRO A 41 -30.21 -21.66 -25.75
C PRO A 41 -31.01 -20.38 -26.03
N ILE A 42 -32.28 -20.54 -26.38
CA ILE A 42 -33.12 -19.42 -26.76
C ILE A 42 -34.55 -19.68 -26.33
N GLU A 43 -35.02 -18.87 -25.39
CA GLU A 43 -36.36 -18.99 -24.83
C GLU A 43 -37.17 -17.75 -25.16
N GLY A 44 -38.27 -17.54 -24.45
CA GLY A 44 -39.17 -16.46 -24.77
C GLY A 44 -39.54 -15.64 -23.56
N GLY A 45 -38.90 -15.92 -22.42
CA GLY A 45 -39.14 -15.16 -21.21
C GLY A 45 -37.99 -14.33 -20.67
N LEU A 46 -37.12 -14.94 -19.85
CA LEU A 46 -36.13 -14.19 -19.10
C LEU A 46 -34.82 -14.00 -19.86
N MET A 47 -34.55 -14.84 -20.85
CA MET A 47 -33.35 -14.76 -21.67
C MET A 47 -33.70 -13.98 -22.91
N ASP A 48 -32.71 -13.78 -23.79
CA ASP A 48 -32.70 -12.84 -24.92
C ASP A 48 -33.98 -12.83 -25.75
N LYS A 49 -35.00 -12.29 -25.10
CA LYS A 49 -36.25 -11.88 -25.71
C LYS A 49 -36.20 -10.36 -25.85
N ARG A 50 -35.24 -9.93 -26.67
CA ARG A 50 -34.87 -8.51 -26.85
C ARG A 50 -34.53 -7.87 -25.50
N LEU A 51 -33.52 -8.44 -24.86
CA LEU A 51 -33.12 -8.05 -23.52
C LEU A 51 -31.62 -7.87 -23.37
N GLY A 52 -30.82 -8.77 -23.94
CA GLY A 52 -29.38 -8.71 -23.90
C GLY A 52 -28.85 -9.96 -24.57
N VAL A 53 -27.65 -9.93 -25.15
CA VAL A 53 -27.11 -11.07 -25.89
C VAL A 53 -25.86 -11.56 -25.17
N ILE A 54 -25.70 -12.88 -25.08
CA ILE A 54 -24.51 -13.45 -24.47
C ILE A 54 -23.97 -14.63 -25.28
N ASP A 55 -24.82 -15.25 -26.14
CA ASP A 55 -24.43 -16.38 -26.95
C ASP A 55 -23.94 -15.94 -28.33
N PRO A 56 -23.24 -16.83 -29.09
CA PRO A 56 -22.85 -16.48 -30.48
C PRO A 56 -23.98 -16.46 -31.50
N GLY A 57 -25.11 -15.85 -31.17
CA GLY A 57 -26.25 -15.74 -32.06
C GLY A 57 -26.65 -14.29 -32.10
N LEU A 58 -26.80 -13.72 -33.29
CA LEU A 58 -26.69 -12.28 -33.44
C LEU A 58 -27.98 -11.56 -33.06
N ARG A 59 -29.11 -12.28 -33.13
CA ARG A 59 -30.45 -11.82 -32.77
C ARG A 59 -30.49 -10.95 -31.52
N CYS A 60 -31.12 -9.80 -31.65
CA CYS A 60 -31.33 -8.82 -30.60
C CYS A 60 -32.52 -7.97 -31.05
N GLU A 61 -32.66 -6.78 -30.49
CA GLU A 61 -33.76 -5.91 -30.89
C GLU A 61 -33.30 -5.11 -32.10
N THR A 62 -33.38 -5.77 -33.27
CA THR A 62 -33.16 -5.24 -34.63
C THR A 62 -31.74 -4.73 -34.91
N CYS A 63 -31.04 -4.24 -33.89
CA CYS A 63 -29.71 -3.64 -33.97
C CYS A 63 -28.57 -4.63 -34.14
N GLY A 64 -28.86 -5.93 -34.29
CA GLY A 64 -27.84 -6.96 -34.35
C GLY A 64 -26.97 -6.94 -33.11
N ALA A 65 -25.87 -6.17 -33.18
CA ALA A 65 -24.96 -5.85 -32.07
C ALA A 65 -24.58 -7.01 -31.17
N ARG A 66 -23.56 -7.78 -31.56
CA ARG A 66 -23.09 -8.97 -30.86
C ARG A 66 -22.79 -8.76 -29.38
N ALA A 67 -22.73 -9.87 -28.62
CA ALA A 67 -22.51 -9.86 -27.17
C ALA A 67 -21.34 -8.99 -26.71
N GLY A 68 -20.25 -8.98 -27.47
CA GLY A 68 -19.17 -8.06 -27.19
C GLY A 68 -19.56 -6.65 -27.57
N GLU A 69 -19.61 -5.75 -26.57
CA GLU A 69 -20.02 -4.35 -26.70
C GLU A 69 -21.46 -4.23 -27.22
N CYS A 70 -22.41 -4.26 -26.29
CA CYS A 70 -23.85 -4.32 -26.48
C CYS A 70 -24.53 -4.06 -25.16
N PRO A 71 -24.84 -2.80 -24.85
CA PRO A 71 -25.47 -2.48 -23.56
C PRO A 71 -26.84 -3.15 -23.39
N GLY A 72 -26.98 -3.86 -22.28
CA GLY A 72 -28.20 -4.60 -22.00
C GLY A 72 -29.41 -3.69 -21.89
N HIS A 73 -30.57 -4.24 -22.23
CA HIS A 73 -31.84 -3.52 -22.21
C HIS A 73 -32.72 -4.05 -21.09
N PHE A 74 -33.49 -3.16 -20.44
CA PHE A 74 -34.35 -3.55 -19.33
C PHE A 74 -35.67 -4.21 -19.75
N GLY A 75 -36.26 -4.91 -18.78
CA GLY A 75 -37.59 -5.48 -18.93
C GLY A 75 -38.45 -5.10 -17.73
N HIS A 76 -39.70 -5.57 -17.76
CA HIS A 76 -40.63 -5.30 -16.67
C HIS A 76 -41.45 -6.55 -16.37
N ILE A 77 -42.18 -6.51 -15.25
CA ILE A 77 -43.11 -7.56 -14.85
C ILE A 77 -44.38 -6.89 -14.35
N GLU A 78 -45.49 -7.10 -15.05
CA GLU A 78 -46.76 -6.55 -14.59
C GLU A 78 -47.28 -7.34 -13.39
N LEU A 79 -47.00 -6.84 -12.18
CA LEU A 79 -47.47 -7.49 -10.96
C LEU A 79 -48.98 -7.38 -10.81
N ALA A 80 -49.61 -8.53 -10.58
CA ALA A 80 -51.06 -8.64 -10.43
C ALA A 80 -51.63 -7.83 -9.26
N ARG A 81 -50.86 -7.59 -8.21
CA ARG A 81 -51.34 -6.87 -7.04
C ARG A 81 -50.27 -5.90 -6.53
N PRO A 82 -50.67 -4.82 -5.87
CA PRO A 82 -49.68 -3.88 -5.31
C PRO A 82 -48.84 -4.50 -4.20
N VAL A 83 -47.62 -3.99 -4.05
CA VAL A 83 -46.62 -4.53 -3.14
C VAL A 83 -45.85 -3.37 -2.50
N ILE A 84 -45.85 -3.32 -1.18
CA ILE A 84 -45.11 -2.30 -0.43
C ILE A 84 -43.60 -2.50 -0.58
N HIS A 85 -42.89 -1.42 -0.92
CA HIS A 85 -41.44 -1.45 -0.97
C HIS A 85 -40.87 -1.34 0.43
N VAL A 86 -40.03 -2.30 0.80
CA VAL A 86 -39.47 -2.40 2.14
C VAL A 86 -38.61 -1.19 2.50
N GLY A 87 -37.91 -0.62 1.52
CA GLY A 87 -37.00 0.49 1.77
C GLY A 87 -37.67 1.79 2.22
N PHE A 88 -38.95 1.96 1.94
CA PHE A 88 -39.61 3.21 2.29
C PHE A 88 -40.50 3.08 3.51
N ALA A 89 -40.65 1.84 4.03
CA ALA A 89 -41.53 1.47 5.14
C ALA A 89 -41.56 2.47 6.28
N LYS A 90 -40.37 2.81 6.79
CA LYS A 90 -40.23 3.75 7.90
C LYS A 90 -40.78 5.12 7.54
N THR A 91 -40.56 5.56 6.30
CA THR A 91 -41.09 6.85 5.85
C THR A 91 -42.61 6.81 5.65
N ILE A 92 -43.13 5.70 5.10
CA ILE A 92 -44.57 5.52 4.91
C ILE A 92 -45.34 5.73 6.20
N HIS A 93 -44.75 5.33 7.33
CA HIS A 93 -45.33 5.57 8.65
C HIS A 93 -45.51 7.05 8.92
N ARG A 94 -44.45 7.83 8.68
CA ARG A 94 -44.49 9.29 8.83
C ARG A 94 -45.55 9.93 7.97
N VAL A 95 -45.88 9.35 6.82
CA VAL A 95 -46.89 9.94 5.97
C VAL A 95 -48.28 9.56 6.44
N LEU A 96 -48.47 8.27 6.73
CA LEU A 96 -49.78 7.72 7.04
C LEU A 96 -50.39 8.32 8.31
N GLU A 97 -49.63 8.37 9.40
CA GLU A 97 -50.16 8.86 10.66
C GLU A 97 -50.01 10.36 10.86
N SER A 98 -49.69 11.11 9.82
CA SER A 98 -49.60 12.56 9.94
C SER A 98 -50.68 13.28 9.16
N THR A 99 -51.42 12.59 8.32
CA THR A 99 -52.49 13.21 7.57
C THR A 99 -53.79 12.48 7.89
N CYS A 100 -54.88 13.08 7.47
CA CYS A 100 -56.21 12.57 7.73
C CYS A 100 -56.73 11.86 6.48
N ARG A 101 -57.41 10.76 6.69
CA ARG A 101 -57.98 9.99 5.60
C ARG A 101 -59.31 10.54 5.12
N GLU A 102 -59.52 10.38 3.80
CA GLU A 102 -60.51 10.91 2.87
C GLU A 102 -60.31 12.37 2.43
N CYS A 103 -59.78 13.23 3.30
CA CYS A 103 -59.64 14.64 2.90
C CYS A 103 -58.41 14.83 2.04
N GLY A 104 -57.24 14.68 2.65
CA GLY A 104 -55.96 15.02 2.05
C GLY A 104 -55.22 16.16 2.71
N ARG A 105 -55.69 16.65 3.84
CA ARG A 105 -55.02 17.75 4.50
C ARG A 105 -54.04 17.24 5.55
N ILE A 106 -53.11 18.12 5.93
CA ILE A 106 -51.98 17.80 6.81
C ILE A 106 -52.37 18.01 8.28
N LYS A 107 -53.69 18.06 8.54
CA LYS A 107 -54.30 18.21 9.88
C LYS A 107 -53.85 19.48 10.58
N LEU A 108 -53.56 20.53 9.81
CA LEU A 108 -53.18 21.83 10.32
C LEU A 108 -54.08 22.90 9.71
N THR A 109 -54.38 23.94 10.49
CA THR A 109 -55.14 25.07 9.96
C THR A 109 -54.29 25.81 8.93
N ASP A 110 -54.95 26.41 7.94
CA ASP A 110 -54.34 27.27 6.91
C ASP A 110 -53.30 28.24 7.44
N GLU A 111 -53.64 28.99 8.49
CA GLU A 111 -52.73 29.95 9.11
C GLU A 111 -51.39 29.31 9.50
N GLU A 112 -51.46 28.20 10.23
CA GLU A 112 -50.26 27.45 10.64
C GLU A 112 -49.47 27.00 9.42
N ILE A 113 -50.16 26.48 8.40
CA ILE A 113 -49.53 26.04 7.15
C ILE A 113 -48.83 27.19 6.46
N GLU A 114 -49.54 28.33 6.35
CA GLU A 114 -49.06 29.54 5.68
C GLU A 114 -47.71 30.04 6.18
N GLU A 115 -47.50 30.03 7.50
CA GLU A 115 -46.29 30.63 8.03
C GLU A 115 -45.08 29.70 8.00
N TYR A 116 -45.28 28.38 7.97
CA TYR A 116 -44.14 27.48 7.84
C TYR A 116 -43.54 27.49 6.44
N MET A 117 -44.22 28.10 5.48
CA MET A 117 -43.70 28.25 4.12
C MET A 117 -42.44 29.09 4.09
N GLN A 118 -42.39 30.14 4.92
CA GLN A 118 -41.27 31.05 4.98
C GLN A 118 -40.00 30.43 5.59
N LYS A 119 -40.09 29.27 6.22
CA LYS A 119 -38.88 28.60 6.70
C LYS A 119 -38.31 27.65 5.64
N PHE A 120 -38.91 27.58 4.45
CA PHE A 120 -38.45 26.68 3.40
C PHE A 120 -37.55 27.36 2.39
N GLU A 121 -37.65 28.67 2.23
CA GLU A 121 -36.73 29.38 1.35
C GLU A 121 -35.44 29.77 2.04
N VAL A 122 -35.51 30.01 3.36
CA VAL A 122 -34.33 30.39 4.15
C VAL A 122 -33.46 29.21 4.48
N MET A 123 -33.88 27.99 4.18
CA MET A 123 -33.13 26.81 4.57
C MET A 123 -32.75 25.94 3.39
N GLY A 124 -32.94 26.42 2.17
CA GLY A 124 -32.83 25.61 0.98
C GLY A 124 -31.50 24.97 0.63
N ASP A 125 -30.49 25.04 1.51
CA ASP A 125 -29.21 24.42 1.16
C ASP A 125 -28.71 23.45 2.22
N ARG A 126 -29.06 23.66 3.49
CA ARG A 126 -28.49 22.86 4.57
C ARG A 126 -29.41 21.69 4.93
N LYS A 127 -29.06 20.50 4.43
CA LYS A 127 -29.84 19.28 4.68
C LYS A 127 -29.96 18.95 6.16
N GLY A 128 -28.94 19.25 6.96
CA GLY A 128 -28.97 18.85 8.36
C GLY A 128 -29.99 19.59 9.20
N ALA A 129 -30.15 20.88 8.99
CA ALA A 129 -31.03 21.66 9.85
C ALA A 129 -32.48 21.66 9.38
N VAL A 130 -32.78 21.04 8.24
CA VAL A 130 -34.16 20.94 7.78
C VAL A 130 -34.81 19.69 8.37
N ASP A 131 -34.00 18.72 8.82
CA ASP A 131 -34.55 17.48 9.34
C ASP A 131 -35.18 17.71 10.71
N LYS A 132 -34.64 18.65 11.48
CA LYS A 132 -35.26 19.11 12.72
C LYS A 132 -36.68 19.63 12.48
N LEU A 133 -36.83 20.50 11.48
CA LEU A 133 -38.11 21.12 11.17
C LEU A 133 -39.15 20.16 10.61
N ILE A 134 -38.76 19.16 9.82
CA ILE A 134 -39.73 18.16 9.37
C ILE A 134 -40.32 17.39 10.55
N LYS A 135 -39.47 16.93 11.49
CA LYS A 135 -39.91 16.10 12.61
C LYS A 135 -40.80 16.85 13.60
N GLU A 136 -40.62 18.16 13.77
CA GLU A 136 -41.53 18.91 14.64
C GLU A 136 -42.96 18.88 14.10
N ILE A 137 -43.14 19.10 12.78
CA ILE A 137 -44.43 18.93 12.12
C ILE A 137 -44.97 17.52 12.33
N HIS A 138 -44.09 16.53 12.10
CA HIS A 138 -44.36 15.12 12.35
C HIS A 138 -44.90 14.87 13.76
N LYS A 139 -44.16 15.34 14.76
CA LYS A 139 -44.54 15.10 16.16
C LYS A 139 -45.83 15.83 16.52
N LYS A 140 -46.04 17.05 15.99
CA LYS A 140 -47.25 17.80 16.29
C LYS A 140 -48.49 17.21 15.64
N ALA A 141 -48.35 16.56 14.50
CA ALA A 141 -49.52 15.98 13.84
C ALA A 141 -49.93 14.67 14.47
N LYS A 142 -48.97 13.90 14.99
CA LYS A 142 -49.27 12.59 15.55
C LYS A 142 -50.14 12.67 16.81
N GLU A 143 -50.01 13.74 17.58
CA GLU A 143 -50.82 13.89 18.80
C GLU A 143 -52.11 14.68 18.59
N ARG A 144 -52.89 14.41 17.54
CA ARG A 144 -54.12 15.16 17.29
C ARG A 144 -55.18 14.23 16.75
N MET A 145 -56.44 14.69 16.80
CA MET A 145 -57.59 13.94 16.32
C MET A 145 -58.64 14.82 15.65
N VAL A 146 -58.31 16.07 15.32
CA VAL A 146 -59.28 17.03 14.80
C VAL A 146 -58.90 17.61 13.45
N CYS A 147 -59.24 16.91 12.37
CA CYS A 147 -58.99 17.43 11.04
C CYS A 147 -59.87 18.66 10.79
N PRO A 148 -59.37 19.64 10.04
CA PRO A 148 -60.19 20.81 9.72
C PRO A 148 -61.03 20.69 8.45
N HIS A 149 -61.18 19.49 7.87
CA HIS A 149 -62.02 19.32 6.69
C HIS A 149 -62.81 18.02 6.69
N CYS A 150 -63.02 17.41 7.85
CA CYS A 150 -63.93 16.28 7.97
C CYS A 150 -64.68 16.31 9.30
N GLY A 151 -64.57 17.39 10.05
CA GLY A 151 -65.31 17.59 11.29
C GLY A 151 -64.89 16.74 12.46
N ALA A 152 -63.70 16.11 12.41
CA ALA A 152 -63.18 15.12 13.36
C ALA A 152 -64.16 13.99 13.66
N PRO A 153 -64.09 12.89 12.94
CA PRO A 153 -64.79 11.67 13.38
C PRO A 153 -63.90 10.57 13.94
N GLN A 154 -63.08 10.91 14.95
CA GLN A 154 -62.33 9.98 15.80
C GLN A 154 -61.35 9.11 15.01
N PHE A 155 -60.11 9.58 14.94
CA PHE A 155 -59.09 9.00 14.06
C PHE A 155 -58.29 7.94 14.81
N PRO A 156 -58.41 6.66 14.45
CA PRO A 156 -57.57 5.63 15.09
C PRO A 156 -56.09 5.83 14.79
N ILE A 157 -55.26 5.12 15.54
CA ILE A 157 -53.81 5.23 15.45
C ILE A 157 -53.26 4.07 14.64
N LYS A 158 -52.12 4.30 13.98
CA LYS A 158 -51.49 3.35 13.08
C LYS A 158 -50.47 2.49 13.84
N PHE A 159 -50.08 1.39 13.20
CA PHE A 159 -49.05 0.50 13.70
C PHE A 159 -48.01 0.24 12.60
N GLU A 160 -46.94 -0.45 12.95
CA GLU A 160 -45.77 -0.61 12.09
C GLU A 160 -45.07 -1.92 12.49
N ARG A 161 -43.97 -2.25 11.76
CA ARG A 161 -42.90 -3.12 12.26
C ARG A 161 -43.20 -4.61 12.13
N PRO A 162 -42.61 -5.31 11.15
CA PRO A 162 -41.71 -4.77 10.09
C PRO A 162 -42.34 -4.16 8.86
N THR A 163 -43.46 -4.74 8.38
CA THR A 163 -44.08 -4.24 7.16
C THR A 163 -45.60 -4.35 7.22
N ILE A 164 -46.18 -4.64 8.37
CA ILE A 164 -47.61 -4.83 8.50
C ILE A 164 -48.16 -3.57 9.17
N TYR A 165 -49.38 -3.20 8.82
CA TYR A 165 -50.01 -2.04 9.44
C TYR A 165 -51.35 -2.44 10.05
N TRP A 166 -51.77 -1.66 11.05
CA TRP A 166 -53.04 -1.90 11.75
C TRP A 166 -53.68 -0.56 12.07
N GLU A 167 -54.92 -0.60 12.55
CA GLU A 167 -55.59 0.59 13.08
C GLU A 167 -56.58 0.20 14.17
N LEU A 168 -56.27 0.59 15.41
CA LEU A 168 -57.10 0.24 16.54
C LEU A 168 -58.42 1.02 16.56
N ARG A 169 -59.34 0.69 15.65
CA ARG A 169 -60.61 1.40 15.52
C ARG A 169 -61.63 0.91 16.56
N LYS A 170 -62.88 1.34 16.35
CA LYS A 170 -64.06 0.96 17.11
C LYS A 170 -65.14 0.66 16.08
N ASP A 171 -65.94 -0.38 16.31
CA ASP A 171 -66.97 -0.66 15.33
C ASP A 171 -68.26 -1.16 15.96
N GLU A 172 -68.15 -2.01 16.99
CA GLU A 172 -69.36 -2.43 17.68
C GLU A 172 -69.87 -1.32 18.60
N GLU A 173 -69.29 -1.20 19.80
CA GLU A 173 -69.68 -0.14 20.72
C GLU A 173 -68.46 0.49 21.34
N GLY A 174 -67.48 -0.35 21.68
CA GLY A 174 -66.24 0.08 22.28
C GLY A 174 -65.03 -0.80 21.97
N ASN A 175 -65.13 -1.65 20.94
CA ASN A 175 -64.09 -2.64 20.71
C ASN A 175 -62.83 -1.97 20.13
N GLU A 176 -61.71 -2.70 20.12
CA GLU A 176 -60.47 -2.22 19.54
C GLU A 176 -59.72 -3.33 18.81
N TYR A 177 -60.43 -4.08 17.97
CA TYR A 177 -59.87 -5.09 17.09
C TYR A 177 -58.79 -4.51 16.18
N LYS A 178 -57.89 -5.37 15.71
CA LYS A 178 -56.75 -4.95 14.90
C LYS A 178 -57.03 -5.39 13.48
N HIS A 179 -57.66 -4.50 12.71
CA HIS A 179 -57.89 -4.73 11.29
C HIS A 179 -56.58 -4.73 10.53
N ARG A 180 -56.32 -5.80 9.77
CA ARG A 180 -55.11 -5.87 8.97
C ARG A 180 -55.18 -4.86 7.84
N MET A 181 -54.02 -4.54 7.27
CA MET A 181 -53.91 -3.54 6.23
C MET A 181 -53.29 -4.15 5.00
N MET A 182 -53.91 -3.91 3.87
CA MET A 182 -53.44 -4.42 2.62
C MET A 182 -52.83 -3.30 1.79
N PRO A 183 -51.78 -3.59 1.03
CA PRO A 183 -51.17 -2.58 0.14
C PRO A 183 -52.13 -1.85 -0.77
N SER A 184 -53.16 -2.52 -1.29
CA SER A 184 -54.18 -1.86 -2.10
C SER A 184 -54.88 -0.76 -1.31
N GLU A 185 -55.26 -1.06 -0.08
CA GLU A 185 -55.88 -0.09 0.83
C GLU A 185 -55.00 1.14 1.02
N VAL A 186 -53.74 0.92 1.40
CA VAL A 186 -52.76 1.99 1.62
C VAL A 186 -52.58 2.86 0.38
N ARG A 187 -52.38 2.23 -0.78
CA ARG A 187 -52.14 2.93 -2.04
C ARG A 187 -53.29 3.87 -2.40
N ASP A 188 -54.52 3.39 -2.32
CA ASP A 188 -55.69 4.21 -2.64
C ASP A 188 -55.89 5.38 -1.67
N ARG A 189 -55.22 5.36 -0.52
CA ARG A 189 -55.32 6.44 0.43
C ARG A 189 -54.28 7.51 0.21
N LEU A 190 -53.20 7.19 -0.49
CA LEU A 190 -52.16 8.18 -0.74
C LEU A 190 -52.41 9.03 -1.97
N GLU A 191 -53.21 8.56 -2.92
CA GLU A 191 -53.46 9.34 -4.14
C GLU A 191 -54.39 10.53 -3.91
N LYS A 192 -54.92 10.68 -2.71
CA LYS A 192 -55.83 11.75 -2.37
C LYS A 192 -55.09 12.99 -1.91
N ILE A 193 -53.91 12.81 -1.32
CA ILE A 193 -53.02 13.86 -0.85
C ILE A 193 -52.68 14.78 -2.03
N PRO A 194 -53.12 16.04 -2.04
CA PRO A 194 -52.87 16.89 -3.21
C PRO A 194 -51.40 17.22 -3.36
N ASP A 195 -51.04 17.68 -4.58
CA ASP A 195 -49.67 18.01 -4.91
C ASP A 195 -49.13 19.22 -4.16
N LYS A 196 -50.00 20.07 -3.62
CA LYS A 196 -49.54 21.25 -2.93
C LYS A 196 -48.93 20.92 -1.58
N ASP A 197 -49.31 19.77 -1.01
CA ASP A 197 -48.93 19.40 0.35
C ASP A 197 -47.61 18.63 0.42
N LEU A 198 -47.19 17.98 -0.67
CA LEU A 198 -45.90 17.29 -0.69
C LEU A 198 -44.70 18.12 -0.26
N PRO A 199 -44.54 19.42 -0.62
CA PRO A 199 -43.44 20.20 -0.03
C PRO A 199 -43.53 20.31 1.48
N LEU A 200 -44.75 20.34 2.03
CA LEU A 200 -44.91 20.37 3.47
C LEU A 200 -44.52 19.06 4.13
N LEU A 201 -44.35 18.00 3.36
CA LEU A 201 -43.82 16.72 3.78
C LEU A 201 -42.42 16.64 3.21
N GLY A 202 -41.89 15.43 3.11
CA GLY A 202 -40.55 15.29 2.58
C GLY A 202 -40.51 14.78 1.16
N LEU A 203 -41.39 15.29 0.30
CA LEU A 203 -41.50 14.82 -1.07
C LEU A 203 -41.55 15.96 -2.07
N HIS A 204 -41.56 15.56 -3.34
CA HIS A 204 -41.53 16.36 -4.53
C HIS A 204 -42.78 16.07 -5.37
N PRO A 205 -43.37 17.07 -6.02
CA PRO A 205 -44.55 16.80 -6.86
C PRO A 205 -44.29 16.10 -8.17
N GLU A 206 -43.14 16.26 -8.82
CA GLU A 206 -42.94 15.64 -10.13
C GLU A 206 -42.04 14.42 -10.10
N LYS A 207 -40.96 14.48 -9.34
CA LYS A 207 -39.99 13.40 -9.35
C LYS A 207 -40.42 12.24 -8.46
N SER A 208 -41.02 12.50 -7.31
CA SER A 208 -41.29 11.42 -6.36
C SER A 208 -42.69 11.54 -5.76
N ARG A 209 -43.68 11.00 -6.47
CA ARG A 209 -45.02 10.92 -5.90
C ARG A 209 -45.06 9.86 -4.82
N PRO A 210 -45.86 10.06 -3.76
CA PRO A 210 -45.91 9.07 -2.68
C PRO A 210 -46.51 7.73 -3.08
N GLU A 211 -47.56 7.74 -3.91
CA GLU A 211 -48.23 6.51 -4.31
C GLU A 211 -47.32 5.54 -5.05
N TRP A 212 -46.26 6.02 -5.69
CA TRP A 212 -45.34 5.18 -6.43
C TRP A 212 -44.47 4.34 -5.51
N MET A 213 -44.47 4.60 -4.20
CA MET A 213 -43.74 3.79 -3.24
C MET A 213 -44.29 2.38 -3.11
N VAL A 214 -45.51 2.13 -3.58
CA VAL A 214 -46.13 0.81 -3.55
C VAL A 214 -45.90 0.22 -4.93
N LEU A 215 -44.90 -0.66 -5.02
CA LEU A 215 -44.46 -1.26 -6.27
C LEU A 215 -45.60 -1.93 -7.01
N THR A 216 -45.85 -1.48 -8.25
CA THR A 216 -46.83 -2.13 -9.10
C THR A 216 -46.22 -2.84 -10.28
N VAL A 217 -45.04 -2.42 -10.74
CA VAL A 217 -44.32 -3.06 -11.83
C VAL A 217 -42.86 -3.20 -11.41
N LEU A 218 -42.31 -4.39 -11.55
CA LEU A 218 -40.92 -4.61 -11.15
C LEU A 218 -40.00 -4.61 -12.37
N PRO A 219 -39.08 -3.66 -12.47
CA PRO A 219 -38.15 -3.64 -13.61
C PRO A 219 -37.12 -4.76 -13.52
N VAL A 220 -36.95 -5.48 -14.63
CA VAL A 220 -36.02 -6.60 -14.71
C VAL A 220 -34.64 -6.17 -15.22
N PRO A 221 -33.58 -6.46 -14.46
CA PRO A 221 -32.23 -6.15 -14.94
C PRO A 221 -31.89 -6.88 -16.22
N PRO A 222 -30.97 -6.34 -17.03
CA PRO A 222 -30.65 -6.96 -18.32
C PRO A 222 -29.78 -8.20 -18.16
N VAL A 223 -29.63 -8.88 -19.30
CA VAL A 223 -28.82 -10.10 -19.41
C VAL A 223 -27.35 -9.84 -19.08
N THR A 224 -26.83 -8.69 -19.53
CA THR A 224 -25.40 -8.38 -19.36
C THR A 224 -24.98 -8.25 -17.91
N MET A 225 -25.91 -7.88 -17.05
CA MET A 225 -25.63 -7.75 -15.62
C MET A 225 -25.84 -9.06 -14.88
N ARG A 226 -26.41 -10.08 -15.52
CA ARG A 226 -26.65 -11.40 -14.95
C ARG A 226 -25.85 -12.51 -15.63
N PRO A 227 -24.53 -12.56 -15.44
CA PRO A 227 -23.74 -13.60 -16.11
C PRO A 227 -23.85 -14.98 -15.47
N SER A 228 -23.75 -16.00 -16.32
CA SER A 228 -23.80 -17.41 -15.91
C SER A 228 -22.37 -17.95 -15.82
N ILE A 229 -21.85 -18.08 -14.61
CA ILE A 229 -20.52 -18.61 -14.40
C ILE A 229 -20.55 -20.12 -14.57
N THR A 230 -19.43 -20.71 -15.01
CA THR A 230 -19.35 -22.15 -15.16
C THR A 230 -18.52 -22.71 -14.03
N LEU A 231 -18.89 -23.91 -13.54
CA LEU A 231 -18.11 -24.46 -12.45
C LEU A 231 -16.82 -25.13 -12.89
N GLU A 232 -16.90 -26.39 -13.29
CA GLU A 232 -15.69 -27.10 -13.74
C GLU A 232 -15.43 -26.86 -15.22
N SER A 233 -16.22 -27.52 -16.09
CA SER A 233 -16.04 -27.30 -17.52
C SER A 233 -17.33 -27.55 -18.31
N GLY A 234 -18.36 -28.08 -17.66
CA GLY A 234 -19.64 -28.32 -18.32
C GLY A 234 -20.87 -27.97 -17.51
N ILE A 235 -20.65 -27.48 -16.30
CA ILE A 235 -21.71 -27.14 -15.36
C ILE A 235 -21.98 -25.65 -15.45
N ARG A 236 -23.26 -25.27 -15.53
CA ARG A 236 -23.67 -23.86 -15.58
C ARG A 236 -24.24 -23.44 -14.22
N ALA A 237 -23.34 -22.98 -13.34
CA ALA A 237 -23.73 -22.47 -12.04
C ALA A 237 -24.46 -21.14 -12.23
N GLU A 238 -25.78 -21.20 -12.47
CA GLU A 238 -26.70 -20.09 -12.70
C GLU A 238 -26.47 -18.90 -11.75
N ASP A 239 -26.83 -17.69 -12.17
CA ASP A 239 -26.64 -16.49 -11.37
C ASP A 239 -27.78 -16.29 -10.38
N ASP A 240 -27.40 -15.81 -9.20
CA ASP A 240 -28.31 -15.60 -8.06
C ASP A 240 -29.52 -14.75 -8.43
N LEU A 241 -29.27 -13.60 -9.08
CA LEU A 241 -30.33 -12.74 -9.60
C LEU A 241 -31.32 -13.50 -10.47
N THR A 242 -30.81 -14.30 -11.41
CA THR A 242 -31.64 -15.08 -12.32
C THR A 242 -32.56 -16.04 -11.58
N HIS A 243 -32.01 -16.76 -10.59
CA HIS A 243 -32.78 -17.74 -9.82
C HIS A 243 -33.93 -17.12 -9.07
N LYS A 244 -33.64 -16.06 -8.31
CA LYS A 244 -34.69 -15.39 -7.53
C LYS A 244 -35.76 -14.77 -8.44
N LEU A 245 -35.34 -14.17 -9.56
CA LEU A 245 -36.31 -13.70 -10.55
C LEU A 245 -37.19 -14.83 -11.08
N VAL A 246 -36.57 -15.97 -11.43
CA VAL A 246 -37.32 -17.17 -11.84
C VAL A 246 -38.32 -17.56 -10.76
N ASP A 247 -37.90 -17.52 -9.51
CA ASP A 247 -38.79 -17.78 -8.37
C ASP A 247 -39.96 -16.79 -8.34
N ILE A 248 -39.72 -15.52 -8.69
CA ILE A 248 -40.80 -14.53 -8.74
C ILE A 248 -41.86 -14.93 -9.77
N ILE A 249 -41.43 -15.31 -10.97
CA ILE A 249 -42.40 -15.65 -12.03
C ILE A 249 -43.15 -16.93 -11.72
N ARG A 250 -42.49 -17.92 -11.09
CA ARG A 250 -43.19 -19.14 -10.74
C ARG A 250 -44.33 -18.90 -9.73
N ILE A 251 -44.12 -18.01 -8.76
CA ILE A 251 -45.23 -17.74 -7.84
C ILE A 251 -46.24 -16.79 -8.49
N ASN A 252 -45.75 -15.84 -9.29
CA ASN A 252 -46.62 -14.90 -10.03
C ASN A 252 -47.59 -15.64 -10.96
N ASN A 253 -47.07 -16.59 -11.74
CA ASN A 253 -47.89 -17.28 -12.73
C ASN A 253 -49.00 -18.10 -12.08
N ARG A 254 -48.69 -18.83 -10.99
CA ARG A 254 -49.75 -19.51 -10.26
C ARG A 254 -50.72 -18.52 -9.63
N LEU A 255 -50.21 -17.36 -9.18
CA LEU A 255 -51.03 -16.35 -8.49
C LEU A 255 -52.20 -15.88 -9.35
N LYS A 256 -51.92 -15.42 -10.59
CA LYS A 256 -53.01 -14.94 -11.45
C LYS A 256 -54.02 -16.04 -11.77
N SER A 257 -53.54 -17.26 -12.04
CA SER A 257 -54.44 -18.36 -12.34
C SER A 257 -55.22 -18.86 -11.12
N ASN A 258 -54.66 -18.73 -9.91
CA ASN A 258 -55.36 -19.27 -8.75
C ASN A 258 -56.43 -18.35 -8.17
N ILE A 259 -56.30 -17.03 -8.25
CA ILE A 259 -57.40 -16.18 -7.78
C ILE A 259 -58.50 -16.05 -8.82
N GLU A 260 -58.13 -15.88 -10.10
CA GLU A 260 -59.11 -15.63 -11.17
C GLU A 260 -60.09 -16.77 -11.39
N ALA A 261 -59.64 -18.02 -11.28
CA ALA A 261 -60.58 -19.10 -11.50
C ALA A 261 -61.40 -19.40 -10.26
N GLY A 262 -60.87 -20.24 -9.38
CA GLY A 262 -61.55 -20.57 -8.15
C GLY A 262 -61.15 -19.64 -7.02
N ALA A 263 -62.06 -19.38 -6.10
CA ALA A 263 -61.82 -18.43 -5.03
C ALA A 263 -62.14 -19.04 -3.67
N PRO A 264 -61.27 -19.88 -3.11
CA PRO A 264 -61.50 -20.38 -1.75
C PRO A 264 -61.11 -19.41 -0.64
N GLN A 265 -60.83 -18.15 -0.97
CA GLN A 265 -60.46 -17.04 -0.09
C GLN A 265 -59.17 -17.23 0.72
N LEU A 266 -59.04 -18.39 1.38
CA LEU A 266 -57.90 -18.70 2.24
C LEU A 266 -56.55 -18.59 1.53
N ILE A 267 -56.48 -19.07 0.29
CA ILE A 267 -55.25 -19.01 -0.51
C ILE A 267 -54.71 -17.59 -0.63
N ILE A 268 -55.59 -16.60 -0.87
CA ILE A 268 -55.19 -15.20 -1.05
C ILE A 268 -54.41 -14.66 0.15
N GLU A 269 -54.77 -15.08 1.37
CA GLU A 269 -54.05 -14.59 2.55
C GLU A 269 -52.62 -15.11 2.62
N ASP A 270 -52.44 -16.43 2.49
CA ASP A 270 -51.12 -17.04 2.49
C ASP A 270 -50.26 -16.55 1.33
N LEU A 271 -50.80 -16.60 0.11
CA LEU A 271 -50.10 -16.21 -1.11
C LEU A 271 -49.62 -14.76 -1.11
N TRP A 272 -50.42 -13.86 -0.55
CA TRP A 272 -50.08 -12.43 -0.52
C TRP A 272 -48.79 -12.15 0.24
N ASP A 273 -48.73 -12.60 1.50
CA ASP A 273 -47.58 -12.35 2.36
C ASP A 273 -46.32 -13.04 1.87
N LEU A 274 -46.45 -14.18 1.21
CA LEU A 274 -45.28 -14.84 0.65
C LEU A 274 -44.65 -13.99 -0.44
N LEU A 275 -45.47 -13.46 -1.35
CA LEU A 275 -45.00 -12.50 -2.35
C LEU A 275 -44.31 -11.30 -1.68
N GLN A 276 -44.93 -10.75 -0.62
CA GLN A 276 -44.32 -9.68 0.19
C GLN A 276 -42.98 -10.13 0.75
N TYR A 277 -42.95 -11.33 1.33
CA TYR A 277 -41.72 -11.94 1.81
C TYR A 277 -40.68 -12.06 0.71
N HIS A 278 -41.09 -12.64 -0.42
CA HIS A 278 -40.17 -12.92 -1.52
C HIS A 278 -39.54 -11.67 -2.14
N VAL A 279 -40.34 -10.62 -2.38
CA VAL A 279 -39.80 -9.38 -2.95
C VAL A 279 -38.78 -8.73 -2.01
N THR A 280 -39.02 -8.80 -0.70
CA THR A 280 -38.12 -8.28 0.32
C THR A 280 -36.71 -8.86 0.18
N THR A 281 -36.61 -10.16 -0.13
CA THR A 281 -35.31 -10.78 -0.32
C THR A 281 -34.61 -10.28 -1.58
N TYR A 282 -35.38 -10.04 -2.65
CA TYR A 282 -34.80 -9.54 -3.90
C TYR A 282 -34.20 -8.15 -3.74
N ILE A 283 -34.84 -7.31 -2.94
CA ILE A 283 -34.31 -5.98 -2.66
C ILE A 283 -33.11 -6.06 -1.72
N ASN A 284 -33.20 -6.92 -0.70
CA ASN A 284 -32.15 -7.03 0.31
C ASN A 284 -32.24 -8.43 0.92
N ASN A 285 -31.21 -9.25 0.71
CA ASN A 285 -31.26 -10.59 1.28
C ASN A 285 -30.93 -10.58 2.77
N GLU A 286 -30.19 -9.58 3.23
CA GLU A 286 -29.81 -9.42 4.63
C GLU A 286 -30.78 -8.55 5.43
N THR A 287 -32.05 -8.53 5.04
CA THR A 287 -33.07 -7.75 5.71
C THR A 287 -33.30 -8.25 7.14
N SER A 288 -34.14 -7.52 7.88
CA SER A 288 -34.49 -7.92 9.23
C SER A 288 -35.79 -8.70 9.25
N GLY A 289 -35.81 -9.77 10.06
CA GLY A 289 -37.02 -10.56 10.18
C GLY A 289 -37.37 -11.40 8.99
N VAL A 290 -36.44 -11.60 8.06
CA VAL A 290 -36.71 -12.33 6.82
C VAL A 290 -35.71 -13.45 6.61
N PRO A 291 -36.15 -14.71 6.70
CA PRO A 291 -35.28 -15.88 6.44
C PRO A 291 -34.67 -15.82 5.06
N PRO A 292 -33.34 -15.71 4.97
CA PRO A 292 -32.66 -15.61 3.66
C PRO A 292 -32.99 -16.78 2.74
N ALA A 293 -33.56 -16.45 1.58
CA ALA A 293 -33.94 -17.44 0.60
C ALA A 293 -32.68 -17.89 -0.14
N LYS A 294 -32.14 -19.05 0.25
CA LYS A 294 -30.89 -19.53 -0.31
C LYS A 294 -31.16 -20.52 -1.44
N HIS A 295 -30.10 -20.79 -2.20
CA HIS A 295 -30.11 -21.82 -3.23
C HIS A 295 -29.74 -23.14 -2.57
N LYS A 296 -30.11 -24.23 -3.23
CA LYS A 296 -29.89 -25.56 -2.67
C LYS A 296 -28.42 -25.96 -2.56
N SER A 297 -27.67 -25.26 -1.69
CA SER A 297 -26.25 -25.51 -1.47
C SER A 297 -25.79 -24.92 -0.14
N GLY A 298 -26.61 -24.04 0.45
CA GLY A 298 -26.28 -23.37 1.69
C GLY A 298 -25.73 -21.97 1.56
N ARG A 299 -25.26 -21.60 0.37
CA ARG A 299 -24.67 -20.31 0.04
C ARG A 299 -25.74 -19.24 -0.11
N PRO A 300 -25.77 -18.22 0.76
CA PRO A 300 -26.80 -17.19 0.65
C PRO A 300 -26.66 -16.42 -0.65
N LEU A 301 -27.80 -16.12 -1.27
CA LEU A 301 -27.83 -15.30 -2.47
C LEU A 301 -27.55 -13.83 -2.16
N LYS A 302 -26.69 -13.21 -2.98
CA LYS A 302 -26.35 -11.81 -2.84
C LYS A 302 -27.21 -11.04 -3.83
N THR A 303 -28.30 -10.44 -3.34
CA THR A 303 -29.23 -9.71 -4.18
C THR A 303 -28.75 -8.27 -4.34
N LEU A 304 -29.67 -7.34 -4.66
CA LEU A 304 -29.31 -5.95 -4.99
C LEU A 304 -28.58 -5.23 -3.87
N ALA A 305 -29.10 -5.29 -2.65
CA ALA A 305 -28.43 -4.62 -1.53
C ALA A 305 -27.10 -5.26 -1.14
N GLN A 306 -26.77 -6.42 -1.72
CA GLN A 306 -25.47 -7.03 -1.53
C GLN A 306 -24.67 -6.91 -2.81
N ARG A 307 -25.24 -6.28 -3.82
CA ARG A 307 -24.63 -6.12 -5.13
C ARG A 307 -23.95 -4.76 -5.23
N LEU A 308 -24.73 -3.68 -5.02
CA LEU A 308 -24.15 -2.34 -4.99
C LEU A 308 -23.22 -2.15 -3.80
N LYS A 309 -23.53 -2.78 -2.67
CA LYS A 309 -22.67 -2.68 -1.51
C LYS A 309 -22.43 -4.03 -0.87
N GLY A 310 -22.11 -4.01 0.42
CA GLY A 310 -21.86 -5.20 1.22
C GLY A 310 -20.40 -5.20 1.56
N LYS A 311 -19.89 -3.99 1.82
CA LYS A 311 -18.51 -3.63 2.16
C LYS A 311 -17.43 -4.03 1.12
N GLU A 312 -17.79 -4.78 0.08
CA GLU A 312 -16.81 -5.19 -0.91
C GLU A 312 -17.52 -5.23 -2.27
N GLY A 313 -18.11 -4.09 -2.65
CA GLY A 313 -18.88 -4.04 -3.87
C GLY A 313 -18.17 -3.43 -5.07
N ARG A 314 -18.44 -2.14 -5.40
CA ARG A 314 -17.84 -1.55 -6.58
C ARG A 314 -17.48 -0.07 -6.41
N PHE A 315 -17.06 0.37 -5.23
CA PHE A 315 -16.40 1.67 -5.14
C PHE A 315 -14.88 1.56 -4.97
N ARG A 316 -14.47 0.95 -3.86
CA ARG A 316 -13.07 0.68 -3.54
C ARG A 316 -12.46 -0.50 -4.30
N GLY A 317 -13.23 -1.27 -5.03
CA GLY A 317 -12.65 -2.49 -5.53
C GLY A 317 -12.06 -2.33 -6.92
N ASN A 318 -12.85 -1.78 -7.82
CA ASN A 318 -12.51 -1.68 -9.23
C ASN A 318 -12.60 -0.28 -9.79
N LEU A 319 -13.29 0.63 -9.10
CA LEU A 319 -13.53 1.99 -9.60
C LEU A 319 -12.45 2.99 -9.18
N SER A 320 -12.31 3.18 -7.86
CA SER A 320 -11.37 4.15 -7.29
C SER A 320 -9.93 3.66 -7.20
N GLY A 321 -9.62 2.40 -7.48
CA GLY A 321 -8.21 2.03 -7.48
C GLY A 321 -7.88 0.92 -8.44
N LYS A 322 -6.77 1.07 -9.15
CA LYS A 322 -6.33 0.18 -10.21
C LYS A 322 -4.81 0.13 -10.27
N ARG A 323 -4.29 -1.03 -10.69
CA ARG A 323 -2.93 -1.04 -11.21
C ARG A 323 -2.91 -0.28 -12.54
N VAL A 324 -1.74 0.18 -12.96
CA VAL A 324 -1.68 1.00 -14.17
C VAL A 324 -0.66 0.44 -15.15
N ASN A 325 -0.64 1.05 -16.32
CA ASN A 325 0.23 0.67 -17.41
C ASN A 325 1.38 1.65 -17.45
N PHE A 326 2.37 1.36 -18.30
CA PHE A 326 3.51 2.22 -18.59
C PHE A 326 4.28 2.54 -17.30
N SER A 327 4.88 1.49 -16.75
CA SER A 327 5.60 1.62 -15.50
C SER A 327 6.74 0.61 -15.48
N ALA A 328 7.52 0.64 -14.40
CA ALA A 328 8.64 -0.25 -14.18
C ALA A 328 9.00 -0.15 -12.73
N ARG A 329 9.66 -1.18 -12.19
CA ARG A 329 9.98 -1.11 -10.78
C ARG A 329 11.26 -1.87 -10.55
N THR A 330 12.22 -1.30 -9.80
CA THR A 330 13.49 -1.95 -9.51
C THR A 330 14.25 -1.24 -8.39
N VAL A 331 15.43 -1.78 -8.04
CA VAL A 331 16.30 -1.25 -6.98
C VAL A 331 17.00 0.04 -7.40
N ILE A 332 17.41 0.83 -6.41
CA ILE A 332 18.18 2.05 -6.64
C ILE A 332 19.57 1.99 -6.04
N SER A 333 20.55 2.57 -6.73
CA SER A 333 21.92 2.74 -6.27
C SER A 333 22.39 4.17 -6.58
N PRO A 334 23.27 4.75 -5.76
CA PRO A 334 23.67 6.15 -5.93
C PRO A 334 24.72 6.42 -7.00
N ASP A 335 24.80 7.74 -7.40
CA ASP A 335 25.79 8.35 -8.30
C ASP A 335 25.77 9.88 -8.27
N PRO A 336 26.60 10.51 -7.48
CA PRO A 336 26.61 11.98 -7.40
C PRO A 336 27.21 12.72 -8.57
N MET A 337 27.32 12.15 -9.75
CA MET A 337 27.93 12.85 -10.87
C MET A 337 26.93 13.36 -11.89
N ILE A 338 25.63 13.24 -11.62
CA ILE A 338 24.63 13.84 -12.49
C ILE A 338 23.94 14.97 -11.74
N SER A 339 23.31 15.86 -12.51
CA SER A 339 22.61 17.04 -12.00
C SER A 339 21.48 16.64 -11.06
N ILE A 340 21.11 17.57 -10.17
CA ILE A 340 20.17 17.29 -9.09
C ILE A 340 18.80 16.79 -9.53
N ASN A 341 18.35 17.14 -10.74
CA ASN A 341 17.05 16.66 -11.18
C ASN A 341 17.07 15.46 -12.10
N GLU A 342 18.23 15.00 -12.59
CA GLU A 342 18.23 13.91 -13.55
C GLU A 342 18.06 12.55 -12.88
N VAL A 343 17.59 11.57 -13.66
CA VAL A 343 17.45 10.19 -13.23
C VAL A 343 18.05 9.26 -14.27
N GLY A 344 18.78 8.26 -13.81
CA GLY A 344 19.32 7.22 -14.64
C GLY A 344 18.33 6.11 -14.93
N VAL A 345 18.06 5.77 -16.17
CA VAL A 345 17.14 4.68 -16.47
C VAL A 345 17.89 3.56 -17.17
N PRO A 346 17.88 2.35 -16.64
CA PRO A 346 18.51 1.19 -17.28
C PRO A 346 18.03 0.94 -18.68
N LEU A 347 18.97 0.69 -19.59
CA LEU A 347 18.69 0.59 -21.02
C LEU A 347 17.75 -0.54 -21.38
N ALA A 348 17.58 -1.55 -20.53
CA ALA A 348 16.55 -2.56 -20.79
C ALA A 348 15.14 -1.98 -20.61
N VAL A 349 14.93 -1.19 -19.54
CA VAL A 349 13.65 -0.52 -19.31
C VAL A 349 13.37 0.53 -20.37
N ALA A 350 14.40 1.15 -20.94
CA ALA A 350 14.15 2.18 -21.94
C ALA A 350 13.56 1.63 -23.21
N MET A 351 13.78 0.35 -23.52
CA MET A 351 13.21 -0.19 -24.73
C MET A 351 11.81 -0.78 -24.55
N GLU A 352 11.35 -0.96 -23.33
CA GLU A 352 10.00 -1.46 -23.10
C GLU A 352 9.01 -0.36 -22.76
N LEU A 353 9.41 0.90 -22.80
CA LEU A 353 8.50 2.01 -22.53
C LEU A 353 8.65 3.03 -23.65
N THR A 354 7.55 3.41 -24.26
CA THR A 354 7.56 4.34 -25.37
C THR A 354 6.63 5.51 -25.12
N VAL A 355 6.84 6.57 -25.90
CA VAL A 355 6.02 7.78 -25.85
C VAL A 355 5.51 8.05 -27.26
N PRO A 356 4.27 8.49 -27.45
CA PRO A 356 3.83 8.86 -28.80
C PRO A 356 4.39 10.24 -29.13
N GLU A 357 4.70 10.47 -30.40
CA GLU A 357 5.32 11.77 -30.66
C GLU A 357 4.57 12.69 -31.63
N LYS A 358 3.81 12.15 -32.61
CA LYS A 358 2.99 12.94 -33.52
C LYS A 358 3.84 13.88 -34.39
N VAL A 359 4.44 13.32 -35.43
CA VAL A 359 5.34 14.04 -36.33
C VAL A 359 4.64 15.19 -37.03
N THR A 360 5.27 16.38 -37.03
CA THR A 360 4.62 17.47 -37.74
C THR A 360 5.44 17.96 -38.92
N GLU A 361 6.48 18.76 -38.73
CA GLU A 361 7.19 19.19 -39.93
C GLU A 361 8.66 19.42 -39.67
N PHE A 362 9.00 19.71 -38.41
CA PHE A 362 10.36 20.02 -38.02
C PHE A 362 11.14 18.85 -37.48
N ASN A 363 10.46 17.78 -37.08
CA ASN A 363 11.14 16.59 -36.57
C ASN A 363 10.93 15.40 -37.48
N TYR A 364 10.37 15.65 -38.66
CA TYR A 364 10.18 14.68 -39.74
C TYR A 364 11.44 13.90 -40.05
N GLU A 365 12.57 14.59 -40.15
CA GLU A 365 13.82 13.94 -40.50
C GLU A 365 14.25 12.96 -39.41
N LYS A 366 14.20 13.39 -38.16
CA LYS A 366 14.59 12.56 -37.03
C LYS A 366 13.79 11.25 -36.98
N LEU A 367 12.46 11.37 -36.92
CA LEU A 367 11.58 10.20 -36.81
C LEU A 367 11.72 9.23 -37.97
N LYS A 368 12.07 9.70 -39.17
CA LYS A 368 12.26 8.78 -40.27
C LYS A 368 13.38 7.81 -39.98
N GLN A 369 14.45 8.30 -39.35
CA GLN A 369 15.54 7.43 -38.97
C GLN A 369 15.15 6.48 -37.85
N ARG A 370 14.31 6.93 -36.91
CA ARG A 370 13.90 6.12 -35.77
C ARG A 370 13.10 4.88 -36.21
N VAL A 371 12.04 5.08 -37.00
CA VAL A 371 11.21 3.98 -37.44
C VAL A 371 11.98 3.07 -38.39
N LEU A 372 12.98 3.60 -39.08
CA LEU A 372 13.79 2.78 -39.97
C LEU A 372 14.69 1.86 -39.19
N ASN A 373 15.10 2.27 -38.01
CA ASN A 373 15.97 1.50 -37.14
C ASN A 373 15.31 0.26 -36.52
N GLY A 374 14.00 0.13 -36.62
CA GLY A 374 13.24 -1.00 -36.11
C GLY A 374 13.19 -1.11 -34.61
N PRO A 375 12.61 -2.19 -34.09
CA PRO A 375 12.52 -2.39 -32.64
C PRO A 375 13.77 -2.90 -31.94
N GLU A 376 14.90 -3.08 -32.60
CA GLU A 376 16.03 -3.67 -31.90
C GLU A 376 17.07 -2.69 -31.39
N LYS A 377 17.62 -1.81 -32.25
CA LYS A 377 18.66 -0.90 -31.80
C LYS A 377 18.09 0.11 -30.82
N TYR A 378 18.97 0.74 -30.02
CA TYR A 378 18.48 1.75 -29.08
C TYR A 378 17.73 2.93 -29.68
N PRO A 379 18.19 3.64 -30.70
CA PRO A 379 17.29 4.70 -31.17
C PRO A 379 16.33 4.17 -32.23
N GLY A 380 15.41 3.28 -31.82
CA GLY A 380 14.46 2.68 -32.71
C GLY A 380 13.03 3.07 -32.44
N ALA A 381 12.10 2.25 -32.94
CA ALA A 381 10.68 2.51 -32.72
C ALA A 381 9.94 1.18 -32.64
N ASN A 382 8.74 1.20 -32.07
CA ASN A 382 7.96 -0.02 -31.94
C ASN A 382 6.65 -0.03 -32.70
N TYR A 383 5.92 1.07 -32.73
CA TYR A 383 4.63 1.15 -33.38
C TYR A 383 4.55 2.38 -34.27
N VAL A 384 3.60 2.36 -35.18
CA VAL A 384 3.29 3.51 -36.00
C VAL A 384 1.78 3.57 -36.12
N ILE A 385 1.22 4.76 -35.93
CA ILE A 385 -0.24 4.95 -35.90
C ILE A 385 -0.68 5.85 -37.04
N ASP A 386 -1.45 5.29 -37.98
CA ASP A 386 -2.00 6.03 -39.10
C ASP A 386 -3.17 6.91 -38.62
N PRO A 387 -3.60 7.93 -39.40
CA PRO A 387 -4.67 8.82 -38.91
C PRO A 387 -5.99 8.11 -38.64
N GLU A 388 -6.23 6.97 -39.31
CA GLU A 388 -7.43 6.18 -39.08
C GLU A 388 -7.51 5.63 -37.67
N GLY A 389 -6.37 5.30 -37.08
CA GLY A 389 -6.34 4.82 -35.71
C GLY A 389 -5.84 3.40 -35.56
N ARG A 390 -5.71 2.64 -36.64
CA ARG A 390 -5.21 1.27 -36.53
C ARG A 390 -3.72 1.29 -36.25
N ARG A 391 -3.29 0.67 -35.16
CA ARG A 391 -1.86 0.66 -34.88
C ARG A 391 -1.19 -0.44 -35.68
N ILE A 392 -0.08 -0.11 -36.31
CA ILE A 392 0.67 -1.04 -37.12
C ILE A 392 1.97 -1.35 -36.40
N ARG A 393 2.23 -2.62 -36.10
CA ARG A 393 3.41 -3.02 -35.36
C ARG A 393 4.60 -3.30 -36.28
N LEU A 394 5.71 -2.59 -36.05
CA LEU A 394 6.91 -2.53 -36.90
C LEU A 394 7.77 -3.78 -36.87
N MET A 395 7.36 -4.82 -36.16
CA MET A 395 8.17 -6.01 -35.98
C MET A 395 8.38 -6.76 -37.28
N GLU A 396 7.33 -7.47 -37.69
CA GLU A 396 7.34 -8.64 -38.56
C GLU A 396 7.96 -8.45 -39.94
N SER A 397 9.22 -8.85 -40.09
CA SER A 397 9.96 -9.10 -41.32
C SER A 397 10.42 -7.90 -42.11
N ASN A 398 9.81 -6.72 -41.92
CA ASN A 398 10.18 -5.50 -42.62
C ASN A 398 9.59 -4.27 -41.95
N ARG A 399 10.33 -3.19 -42.15
CA ARG A 399 10.03 -1.85 -41.65
C ARG A 399 10.41 -0.82 -42.68
N GLU A 400 10.92 -1.23 -43.84
CA GLU A 400 11.31 -0.32 -44.90
C GLU A 400 10.09 0.36 -45.50
N LEU A 401 9.14 -0.45 -46.00
CA LEU A 401 7.95 0.06 -46.67
C LEU A 401 7.07 0.92 -45.77
N ILE A 402 7.20 0.77 -44.45
CA ILE A 402 6.54 1.69 -43.53
C ILE A 402 7.26 3.02 -43.53
N ALA A 403 8.60 2.99 -43.55
CA ALA A 403 9.41 4.19 -43.41
C ALA A 403 9.66 4.86 -44.73
N GLU A 404 8.71 4.77 -45.65
CA GLU A 404 8.70 5.36 -46.98
C GLU A 404 8.29 6.81 -46.79
N LYS A 405 7.54 7.37 -47.73
CA LYS A 405 6.98 8.68 -47.46
C LYS A 405 6.05 8.53 -46.25
N LEU A 406 6.51 9.04 -45.11
CA LEU A 406 5.77 8.89 -43.85
C LEU A 406 4.42 9.59 -43.93
N ASP A 407 4.37 10.76 -44.60
CA ASP A 407 3.17 11.59 -44.70
C ASP A 407 2.65 12.14 -43.38
N ILE A 408 3.08 13.36 -43.07
CA ILE A 408 2.78 14.16 -41.88
C ILE A 408 1.37 13.96 -41.36
N GLY A 409 1.23 13.86 -40.04
CA GLY A 409 -0.02 13.64 -39.37
C GLY A 409 -0.08 12.29 -38.70
N TRP A 410 0.85 11.39 -39.01
CA TRP A 410 0.93 10.07 -38.40
C TRP A 410 1.46 10.18 -36.97
N THR A 411 1.78 9.04 -36.34
CA THR A 411 2.30 9.05 -34.97
C THR A 411 3.21 7.85 -34.76
N VAL A 412 4.46 8.10 -34.38
CA VAL A 412 5.44 7.07 -34.09
C VAL A 412 5.65 6.96 -32.58
N GLU A 413 5.75 5.73 -32.07
CA GLU A 413 6.09 5.47 -30.66
C GLU A 413 7.56 5.10 -30.47
N ARG A 414 8.41 6.11 -30.36
CA ARG A 414 9.84 5.89 -30.19
C ARG A 414 10.20 5.54 -28.75
N HIS A 415 11.35 4.90 -28.59
CA HIS A 415 11.89 4.59 -27.28
C HIS A 415 12.24 5.86 -26.53
N LEU A 416 12.36 5.75 -25.21
CA LEU A 416 12.74 6.90 -24.40
C LEU A 416 14.14 7.39 -24.76
N GLU A 417 14.24 8.65 -25.11
CA GLU A 417 15.47 9.34 -25.41
C GLU A 417 15.81 10.30 -24.29
N ASP A 418 17.05 10.75 -24.27
CA ASP A 418 17.50 11.72 -23.29
C ASP A 418 16.67 12.99 -23.33
N GLY A 419 15.91 13.25 -22.27
CA GLY A 419 15.13 14.46 -22.14
C GLY A 419 13.64 14.29 -21.93
N ASP A 420 13.03 13.12 -22.13
CA ASP A 420 11.61 13.00 -21.84
C ASP A 420 11.33 13.07 -20.34
N VAL A 421 10.23 13.71 -19.99
CA VAL A 421 9.80 13.87 -18.61
C VAL A 421 9.22 12.57 -18.05
N VAL A 422 9.56 12.25 -16.81
CA VAL A 422 9.12 11.01 -16.18
C VAL A 422 8.90 11.29 -14.69
N LEU A 423 7.90 10.67 -14.08
CA LEU A 423 7.70 10.89 -12.65
C LEU A 423 8.46 9.81 -11.88
N PHE A 424 8.40 9.85 -10.56
CA PHE A 424 9.15 8.89 -9.74
C PHE A 424 8.44 8.78 -8.40
N ASN A 425 8.23 7.57 -7.89
CA ASN A 425 7.43 7.39 -6.68
C ASN A 425 8.12 6.43 -5.72
N ARG A 426 8.08 6.70 -4.41
CA ARG A 426 8.66 5.76 -3.45
C ARG A 426 7.71 4.69 -2.89
N GLN A 427 6.45 5.01 -2.71
CA GLN A 427 5.34 4.16 -2.29
C GLN A 427 5.45 3.53 -0.89
N PRO A 428 5.51 4.32 0.18
CA PRO A 428 4.26 4.83 0.75
C PRO A 428 4.28 6.32 0.40
N SER A 429 3.18 6.92 -0.02
CA SER A 429 3.26 8.33 -0.39
C SER A 429 2.75 9.22 0.74
N LEU A 430 3.56 9.34 1.77
CA LEU A 430 3.21 10.13 2.94
C LEU A 430 3.05 11.62 2.64
N HIS A 431 4.14 12.37 2.56
CA HIS A 431 3.98 13.79 2.31
C HIS A 431 3.68 14.08 0.84
N ARG A 432 3.50 15.37 0.56
CA ARG A 432 3.15 15.83 -0.78
C ARG A 432 4.27 15.62 -1.78
N MET A 433 5.50 15.88 -1.36
CA MET A 433 6.72 15.78 -2.15
C MET A 433 7.13 14.37 -2.59
N SER A 434 6.39 13.31 -2.30
CA SER A 434 6.93 12.00 -2.64
C SER A 434 6.84 11.64 -4.10
N ILE A 435 6.14 12.39 -4.94
CA ILE A 435 6.14 12.12 -6.38
C ILE A 435 6.63 13.38 -7.11
N MET A 436 7.78 13.27 -7.77
CA MET A 436 8.40 14.42 -8.41
C MET A 436 8.83 14.06 -9.82
N ALA A 437 8.75 15.02 -10.73
CA ALA A 437 9.13 14.80 -12.13
C ALA A 437 10.62 14.97 -12.35
N HIS A 438 11.23 14.05 -13.07
CA HIS A 438 12.66 14.01 -13.34
C HIS A 438 12.90 14.03 -14.85
N ARG A 439 14.16 14.13 -15.26
CA ARG A 439 14.53 14.14 -16.66
C ARG A 439 15.41 12.93 -17.01
N VAL A 440 14.91 12.04 -17.87
CA VAL A 440 15.56 10.79 -18.27
C VAL A 440 16.95 10.96 -18.87
N ARG A 441 17.91 10.19 -18.34
CA ARG A 441 19.25 9.95 -18.89
C ARG A 441 19.50 8.44 -18.86
N VAL A 442 20.04 7.86 -19.95
CA VAL A 442 20.06 6.40 -20.11
C VAL A 442 21.48 5.84 -20.05
N MET A 443 21.70 4.86 -19.17
CA MET A 443 23.00 4.20 -18.95
C MET A 443 22.91 2.70 -18.83
N PRO A 444 23.95 1.97 -19.31
CA PRO A 444 23.99 0.50 -19.24
C PRO A 444 24.30 -0.21 -17.92
N TYR A 445 23.32 -0.96 -17.36
CA TYR A 445 23.21 -1.79 -16.13
C TYR A 445 21.76 -1.83 -15.71
N ARG A 446 21.43 -2.26 -14.48
CA ARG A 446 20.06 -2.61 -14.19
C ARG A 446 19.49 -1.97 -12.93
N THR A 447 19.95 -0.79 -12.54
CA THR A 447 19.37 -0.11 -11.39
C THR A 447 18.99 1.31 -11.77
N PHE A 448 18.08 1.92 -11.02
CA PHE A 448 17.79 3.34 -11.19
C PHE A 448 18.85 4.14 -10.46
N ARG A 449 19.41 5.12 -11.11
CA ARG A 449 20.39 5.98 -10.47
C ARG A 449 19.72 7.25 -10.02
N LEU A 450 19.80 7.54 -8.74
CA LEU A 450 19.22 8.74 -8.17
C LEU A 450 20.31 9.57 -7.51
N ASN A 451 20.41 10.86 -7.86
CA ASN A 451 21.38 11.76 -7.24
C ASN A 451 21.16 11.87 -5.74
N LEU A 452 22.27 11.90 -4.99
CA LEU A 452 22.24 11.76 -3.54
C LEU A 452 21.49 12.83 -2.76
N PRO A 453 21.57 14.15 -3.03
CA PRO A 453 20.76 15.08 -2.25
C PRO A 453 19.30 14.89 -2.41
N VAL A 454 18.81 14.23 -3.45
CA VAL A 454 17.39 13.98 -3.49
C VAL A 454 17.17 12.63 -2.85
N CYS A 455 17.41 12.55 -1.58
CA CYS A 455 17.13 11.38 -0.78
C CYS A 455 16.91 11.74 0.69
N PRO A 456 16.54 12.97 1.05
CA PRO A 456 15.56 13.17 2.09
C PRO A 456 14.09 13.21 1.63
N PRO A 457 13.71 13.81 0.48
CA PRO A 457 12.27 13.83 0.19
C PRO A 457 11.66 12.49 -0.09
N TYR A 458 12.40 11.54 -0.65
CA TYR A 458 11.76 10.26 -0.88
C TYR A 458 11.78 9.41 0.36
N ASN A 459 12.59 9.80 1.35
CA ASN A 459 12.84 9.06 2.59
C ASN A 459 13.42 7.69 2.31
N ALA A 460 14.16 7.60 1.22
CA ALA A 460 14.79 6.38 0.76
C ALA A 460 16.16 6.23 1.37
N ASP A 461 16.63 4.98 1.45
CA ASP A 461 18.02 4.72 1.78
C ASP A 461 18.59 3.98 0.59
N PHE A 462 19.54 3.09 0.77
CA PHE A 462 20.03 2.43 -0.43
C PHE A 462 20.22 0.93 -0.27
N ASP A 463 19.67 0.33 0.77
CA ASP A 463 19.86 -1.09 1.02
C ASP A 463 18.76 -1.97 0.42
N GLY A 464 18.48 -1.77 -0.86
CA GLY A 464 17.53 -2.59 -1.58
C GLY A 464 16.15 -2.01 -1.79
N ASP A 465 15.88 -0.79 -1.31
CA ASP A 465 14.59 -0.14 -1.49
C ASP A 465 14.26 0.02 -2.96
N GLU A 466 13.01 -0.21 -3.34
CA GLU A 466 12.63 -0.15 -4.73
C GLU A 466 11.70 1.01 -5.02
N MET A 467 11.81 1.55 -6.23
CA MET A 467 11.06 2.73 -6.65
C MET A 467 10.42 2.40 -7.99
N ASN A 468 9.28 3.02 -8.29
CA ASN A 468 8.66 2.84 -9.58
C ASN A 468 8.64 4.12 -10.41
N LEU A 469 8.60 3.99 -11.73
CA LEU A 469 8.58 5.16 -12.60
C LEU A 469 7.57 4.97 -13.72
N HIS A 470 6.63 5.90 -13.82
CA HIS A 470 5.64 5.91 -14.88
C HIS A 470 5.83 7.11 -15.77
N VAL A 471 5.50 6.96 -17.06
CA VAL A 471 5.75 7.97 -18.08
C VAL A 471 4.48 8.54 -18.70
N PRO A 472 4.13 9.80 -18.44
CA PRO A 472 2.90 10.36 -19.01
C PRO A 472 3.03 10.51 -20.51
N GLN A 473 1.89 10.47 -21.20
CA GLN A 473 1.92 10.40 -22.66
C GLN A 473 1.34 11.58 -23.41
N THR A 474 0.05 11.90 -23.21
CA THR A 474 -0.60 12.99 -23.94
C THR A 474 0.10 14.32 -23.72
N GLU A 475 0.19 15.10 -24.80
CA GLU A 475 0.98 16.33 -24.83
C GLU A 475 0.59 17.33 -23.77
N GLU A 476 -0.69 17.45 -23.46
CA GLU A 476 -1.08 18.33 -22.35
C GLU A 476 -0.55 17.83 -21.02
N ALA A 477 -0.68 16.53 -20.77
CA ALA A 477 -0.22 15.97 -19.50
C ALA A 477 1.29 16.09 -19.34
N GLN A 478 2.04 15.72 -20.37
CA GLN A 478 3.50 15.78 -20.35
C GLN A 478 4.03 17.19 -20.03
N ALA A 479 3.54 18.20 -20.76
CA ALA A 479 3.89 19.60 -20.52
C ALA A 479 3.61 20.01 -19.09
N GLU A 480 2.39 19.75 -18.62
CA GLU A 480 2.00 20.01 -17.25
C GLU A 480 2.95 19.44 -16.22
N ALA A 481 3.48 18.24 -16.46
CA ALA A 481 4.39 17.63 -15.48
C ALA A 481 5.72 18.35 -15.41
N LYS A 482 6.25 18.82 -16.54
CA LYS A 482 7.56 19.43 -16.52
C LYS A 482 7.57 20.85 -15.95
N ILE A 483 6.49 21.60 -16.07
CA ILE A 483 6.52 22.97 -15.58
C ILE A 483 6.16 23.06 -14.10
N LEU A 484 5.38 22.13 -13.60
CA LEU A 484 4.79 22.34 -12.29
C LEU A 484 5.35 21.43 -11.20
N MET A 485 5.90 20.27 -11.55
CA MET A 485 6.42 19.34 -10.56
C MET A 485 7.92 19.11 -10.57
N GLU A 486 8.70 19.78 -11.43
CA GLU A 486 10.14 19.53 -11.44
C GLU A 486 10.81 19.85 -10.12
N VAL A 487 11.89 19.11 -9.86
CA VAL A 487 12.61 19.10 -8.59
C VAL A 487 12.99 20.49 -8.11
N GLN A 488 13.53 21.33 -9.00
CA GLN A 488 14.03 22.64 -8.58
C GLN A 488 12.95 23.52 -7.95
N ASN A 489 11.68 23.33 -8.29
CA ASN A 489 10.63 24.12 -7.64
C ASN A 489 10.28 23.61 -6.26
N HIS A 490 11.05 22.70 -5.67
CA HIS A 490 10.67 22.13 -4.39
C HIS A 490 11.84 22.08 -3.43
N ILE A 491 12.76 23.04 -3.49
CA ILE A 491 13.84 23.04 -2.52
C ILE A 491 13.33 23.43 -1.12
N ILE A 492 12.38 24.31 -1.01
CA ILE A 492 11.82 24.60 0.30
C ILE A 492 10.53 23.82 0.44
N SER A 493 10.31 23.23 1.59
CA SER A 493 9.21 22.38 2.02
C SER A 493 8.07 23.19 2.57
N PRO A 494 6.82 22.84 2.24
CA PRO A 494 5.68 23.57 2.77
C PRO A 494 5.43 23.35 4.24
N ARG A 495 6.02 22.33 4.86
CA ARG A 495 5.75 22.09 6.27
C ARG A 495 6.33 23.19 7.14
N TYR A 496 7.62 23.48 6.96
CA TYR A 496 8.33 24.51 7.70
C TYR A 496 9.15 25.35 6.74
N GLY A 497 9.43 26.58 7.14
CA GLY A 497 10.20 27.45 6.27
C GLY A 497 11.67 27.14 6.19
N GLY A 498 12.06 26.09 5.48
CA GLY A 498 13.47 25.74 5.39
C GLY A 498 13.74 24.80 4.24
N PRO A 499 15.01 24.66 3.86
CA PRO A 499 15.32 23.80 2.71
C PRO A 499 15.28 22.34 3.07
N LEU A 500 14.76 21.55 2.14
CA LEU A 500 14.64 20.12 2.29
C LEU A 500 15.62 19.33 1.47
N ILE A 501 15.91 19.77 0.25
CA ILE A 501 16.88 19.11 -0.59
C ILE A 501 18.20 19.82 -0.35
N ALA A 502 19.17 19.13 0.22
CA ALA A 502 20.46 19.75 0.50
C ALA A 502 21.53 18.69 0.75
N GLY A 503 22.65 19.13 1.29
CA GLY A 503 23.78 18.24 1.56
C GLY A 503 23.52 17.21 2.64
N ILE A 504 24.03 16.01 2.41
CA ILE A 504 23.92 14.93 3.38
C ILE A 504 25.31 14.73 3.98
N GLN A 505 25.49 13.57 4.60
CA GLN A 505 26.65 13.14 5.36
C GLN A 505 28.04 13.53 4.86
N ASP A 506 28.46 13.07 3.68
CA ASP A 506 29.79 13.47 3.21
C ASP A 506 29.86 14.92 2.79
N HIS A 507 28.77 15.46 2.28
CA HIS A 507 28.71 16.85 1.84
C HIS A 507 29.01 17.82 2.96
N ILE A 508 28.49 17.56 4.16
CA ILE A 508 28.75 18.43 5.30
C ILE A 508 30.17 18.26 5.84
N SER A 509 30.56 17.01 6.12
CA SER A 509 31.87 16.73 6.71
C SER A 509 33.01 17.14 5.83
N GLY A 510 32.88 16.96 4.53
CA GLY A 510 33.93 17.40 3.64
C GLY A 510 34.05 18.91 3.61
N GLY A 511 32.93 19.61 3.77
CA GLY A 511 32.93 21.05 3.78
C GLY A 511 33.72 21.64 4.92
N TYR A 512 33.76 20.93 6.05
CA TYR A 512 34.54 21.41 7.18
C TYR A 512 36.03 21.35 6.87
N LEU A 513 36.52 20.21 6.37
CA LEU A 513 37.94 20.08 6.04
C LEU A 513 38.40 21.09 5.00
N LEU A 514 37.53 21.47 4.07
CA LEU A 514 37.92 22.43 3.06
C LEU A 514 38.09 23.82 3.64
N THR A 515 37.35 24.15 4.70
CA THR A 515 37.47 25.49 5.23
C THR A 515 38.00 25.61 6.64
N ARG A 516 39.08 24.92 6.99
CA ARG A 516 39.61 25.13 8.33
C ARG A 516 40.83 26.01 8.21
N GLU A 517 41.19 26.61 9.34
CA GLU A 517 42.40 27.40 9.46
C GLU A 517 43.59 26.52 9.11
N GLY A 518 44.15 26.76 7.94
CA GLY A 518 45.31 26.03 7.46
C GLY A 518 44.96 24.82 6.62
N ALA A 519 44.38 25.06 5.45
CA ALA A 519 44.05 24.01 4.49
C ALA A 519 44.65 24.31 3.13
N TYR A 520 45.92 24.66 3.11
CA TYR A 520 46.61 25.14 1.91
C TYR A 520 46.73 24.11 0.80
N PHE A 521 46.04 24.35 -0.30
CA PHE A 521 45.99 23.43 -1.42
C PHE A 521 46.97 23.88 -2.49
N THR A 522 47.90 23.01 -2.85
CA THR A 522 48.88 23.30 -3.88
C THR A 522 48.23 23.52 -5.24
N ARG A 523 48.94 24.28 -6.09
CA ARG A 523 48.50 24.70 -7.41
C ARG A 523 47.92 23.59 -8.28
N TYR A 524 48.59 22.43 -8.33
CA TYR A 524 48.06 21.29 -9.07
C TYR A 524 46.66 20.86 -8.64
N GLU A 525 46.38 20.85 -7.35
CA GLU A 525 45.09 20.34 -6.90
C GLU A 525 43.95 21.29 -7.25
N VAL A 526 44.14 22.60 -7.00
CA VAL A 526 43.13 23.62 -7.33
C VAL A 526 42.70 23.51 -8.77
N GLU A 527 43.68 23.49 -9.66
CA GLU A 527 43.46 23.37 -11.09
C GLU A 527 42.68 22.11 -11.42
N GLN A 528 43.00 21.02 -10.74
CA GLN A 528 42.35 19.75 -11.02
C GLN A 528 40.92 19.69 -10.54
N MET A 529 40.57 20.47 -9.52
CA MET A 529 39.25 20.31 -8.92
C MET A 529 38.23 21.30 -9.43
N LEU A 530 38.66 22.44 -9.98
CA LEU A 530 37.69 23.31 -10.64
C LEU A 530 37.20 22.70 -11.93
N MET A 531 37.96 21.80 -12.52
CA MET A 531 37.47 21.10 -13.67
C MET A 531 36.57 19.92 -13.28
N PHE A 532 36.60 19.50 -12.02
CA PHE A 532 35.69 18.48 -11.52
C PHE A 532 34.36 19.03 -11.05
N ALA A 533 34.19 20.33 -10.96
CA ALA A 533 32.94 20.83 -10.44
C ALA A 533 32.19 21.67 -11.45
N GLY A 534 32.28 21.30 -12.72
CA GLY A 534 31.51 21.95 -13.76
C GLY A 534 31.87 23.37 -14.15
N MET A 535 32.06 24.21 -13.14
CA MET A 535 32.54 25.58 -13.27
C MET A 535 33.81 25.68 -14.10
N ASP A 536 34.00 26.85 -14.71
CA ASP A 536 34.64 26.86 -16.01
C ASP A 536 35.58 28.01 -16.23
N VAL A 537 36.30 28.46 -15.20
CA VAL A 537 36.78 29.84 -15.14
C VAL A 537 37.94 30.04 -16.10
N ASN A 538 38.37 31.27 -16.28
CA ASN A 538 39.42 31.58 -17.24
C ASN A 538 40.72 31.55 -16.46
N GLU A 539 41.75 32.25 -16.91
CA GLU A 539 43.04 32.14 -16.24
C GLU A 539 43.13 32.99 -14.98
N LEU A 540 42.06 33.02 -14.18
CA LEU A 540 42.03 33.58 -12.85
C LEU A 540 41.83 32.56 -11.72
N PRO A 541 42.68 31.54 -11.53
CA PRO A 541 42.86 31.05 -10.16
C PRO A 541 43.35 32.10 -9.18
N GLU A 542 44.18 33.06 -9.65
CA GLU A 542 44.97 34.14 -9.03
C GLU A 542 44.46 34.65 -7.68
N PRO A 543 45.37 35.09 -6.77
CA PRO A 543 46.82 35.28 -6.89
C PRO A 543 47.90 34.60 -6.04
N ASP A 544 47.67 33.50 -5.32
CA ASP A 544 48.65 32.83 -4.45
C ASP A 544 48.92 33.59 -3.16
N LYS A 545 48.03 33.41 -2.19
CA LYS A 545 48.14 34.08 -0.90
C LYS A 545 49.47 33.82 -0.19
N TYR A 546 49.91 32.57 -0.13
CA TYR A 546 51.16 32.21 0.58
C TYR A 546 52.18 31.72 -0.42
N GLU A 547 53.33 32.37 -0.50
CA GLU A 547 54.42 31.82 -1.31
C GLU A 547 55.68 31.52 -0.52
N ASN A 548 55.60 31.49 0.81
CA ASN A 548 56.75 31.14 1.65
C ASN A 548 57.32 29.77 1.34
N GLY A 549 56.63 28.70 1.72
CA GLY A 549 57.07 27.37 1.34
C GLY A 549 57.13 27.14 -0.15
N GLU A 550 55.98 27.33 -0.79
CA GLU A 550 55.77 27.28 -2.24
C GLU A 550 54.58 28.18 -2.55
N PRO A 551 54.42 28.61 -3.80
CA PRO A 551 53.18 29.31 -4.20
C PRO A 551 51.94 28.45 -4.14
N LEU A 552 51.00 28.81 -3.27
CA LEU A 552 49.88 27.93 -2.93
C LEU A 552 48.68 28.80 -2.55
N TRP A 553 47.54 28.15 -2.33
CA TRP A 553 46.24 28.82 -2.16
C TRP A 553 45.53 28.53 -0.84
N SER A 554 45.08 29.58 -0.17
CA SER A 554 44.26 29.44 1.02
C SER A 554 42.89 28.88 0.67
N GLY A 555 42.42 27.97 1.52
CA GLY A 555 41.17 27.26 1.27
C GLY A 555 39.94 28.14 1.09
N LYS A 556 39.88 29.27 1.79
CA LYS A 556 38.74 30.18 1.69
C LYS A 556 38.49 30.71 0.27
N THR A 557 39.55 31.03 -0.48
CA THR A 557 39.34 31.63 -1.79
C THR A 557 38.76 30.65 -2.80
N ILE A 558 39.12 29.36 -2.72
CA ILE A 558 38.56 28.39 -3.66
C ILE A 558 37.07 28.20 -3.43
N PHE A 559 36.64 28.16 -2.17
CA PHE A 559 35.22 28.10 -1.87
C PHE A 559 34.49 29.36 -2.33
N SER A 560 35.12 30.52 -2.18
CA SER A 560 34.53 31.80 -2.56
C SER A 560 34.17 31.90 -4.04
N LEU A 561 34.66 31.03 -4.90
CA LEU A 561 34.37 31.10 -6.32
C LEU A 561 32.99 30.56 -6.68
N LEU A 562 32.08 30.47 -5.79
CA LEU A 562 30.77 29.90 -6.06
C LEU A 562 29.66 30.86 -5.70
N LEU A 563 29.77 31.52 -4.56
CA LEU A 563 28.79 32.50 -4.15
C LEU A 563 28.80 33.68 -5.12
N PRO A 564 27.65 34.21 -5.49
CA PRO A 564 27.58 35.40 -6.35
C PRO A 564 28.24 36.61 -5.71
N ASP A 565 28.48 37.64 -6.51
CA ASP A 565 29.38 38.71 -6.06
C ASP A 565 28.74 39.81 -5.21
N ASP A 566 27.68 39.50 -4.52
CA ASP A 566 26.99 40.51 -3.71
C ASP A 566 26.34 39.99 -2.43
N LEU A 567 26.48 38.71 -2.09
CA LEU A 567 25.91 38.13 -0.87
C LEU A 567 26.65 38.63 0.35
N THR A 568 26.00 39.46 1.15
CA THR A 568 26.51 39.81 2.47
C THR A 568 25.67 39.13 3.54
N ILE A 569 26.27 38.19 4.28
CA ILE A 569 25.58 37.44 5.32
C ILE A 569 26.55 37.20 6.47
N TRP A 570 26.02 37.13 7.69
CA TRP A 570 26.81 36.84 8.89
C TRP A 570 25.98 36.17 9.97
N TYR A 571 26.39 34.98 10.41
CA TYR A 571 25.65 34.25 11.44
C TYR A 571 26.57 33.33 12.25
N ARG A 572 26.36 33.29 13.57
CA ARG A 572 27.07 32.35 14.43
C ARG A 572 26.65 30.92 14.11
N ASN A 573 27.57 29.95 14.17
CA ASN A 573 27.23 28.55 13.90
C ASN A 573 27.65 27.60 15.02
N LYS A 574 27.36 26.30 14.82
CA LYS A 574 27.48 25.25 15.85
C LYS A 574 28.88 25.05 16.42
N LEU A 575 29.93 25.32 15.67
CA LEU A 575 31.26 24.93 16.13
C LEU A 575 31.88 25.90 17.11
N CYS A 576 31.21 26.98 17.49
CA CYS A 576 31.81 27.91 18.42
C CYS A 576 31.87 27.29 19.82
N ASP A 577 32.90 27.69 20.57
CA ASP A 577 33.14 27.17 21.90
C ASP A 577 33.62 28.26 22.84
N GLU A 578 33.80 29.47 22.33
CA GLU A 578 34.34 30.60 23.10
C GLU A 578 33.44 31.78 22.77
N PRO A 579 32.31 31.91 23.48
CA PRO A 579 31.44 33.10 23.34
C PRO A 579 32.04 34.49 23.54
N GLU A 580 33.29 34.61 23.97
CA GLU A 580 33.87 35.93 24.01
C GLU A 580 34.53 36.31 22.70
N ARG A 581 35.40 35.45 22.15
CA ARG A 581 36.03 35.71 20.85
C ARG A 581 35.00 35.84 19.71
N CYS A 582 33.76 35.36 19.87
CA CYS A 582 32.77 35.64 18.84
C CYS A 582 32.32 37.08 18.96
N GLU A 583 32.38 37.63 20.18
CA GLU A 583 31.72 38.87 20.49
C GLU A 583 32.67 40.03 20.32
N ALA A 584 33.97 39.75 20.38
CA ALA A 584 35.01 40.72 20.06
C ALA A 584 34.93 41.14 18.60
N LEU A 585 34.33 40.31 17.74
CA LEU A 585 34.22 40.59 16.33
C LEU A 585 32.81 41.04 15.99
N GLU A 586 31.90 40.94 16.94
CA GLU A 586 30.49 41.19 16.70
C GLU A 586 30.18 42.68 16.68
N LYS A 587 30.99 43.48 17.34
CA LYS A 587 30.78 44.92 17.32
C LYS A 587 31.41 45.57 16.11
N LEU A 588 32.50 45.00 15.58
CA LEU A 588 33.13 45.62 14.43
C LEU A 588 32.30 45.47 13.15
N ILE A 589 31.21 44.72 13.15
CA ILE A 589 30.33 44.71 11.99
C ILE A 589 29.22 45.75 12.13
N GLU A 590 28.77 46.03 13.35
CA GLU A 590 27.66 46.94 13.54
C GLU A 590 28.08 48.38 13.29
N GLU A 591 29.11 48.85 13.98
CA GLU A 591 29.45 50.26 13.92
C GLU A 591 30.34 50.63 12.74
N LYS A 592 30.60 49.71 11.84
CA LYS A 592 31.32 50.16 10.65
C LYS A 592 30.64 49.79 9.35
N LEU A 593 30.10 48.57 9.24
CA LEU A 593 29.32 47.94 8.15
C LEU A 593 30.12 47.62 6.91
N ILE A 594 31.28 48.26 6.74
CA ILE A 594 32.24 48.02 5.66
C ILE A 594 33.56 48.40 6.30
N PRO A 595 34.27 47.51 6.95
CA PRO A 595 35.65 47.82 7.29
C PRO A 595 36.63 47.30 6.28
N ASP A 596 37.88 47.59 6.52
CA ASP A 596 38.94 46.91 5.82
C ASP A 596 38.99 45.46 6.27
N PRO A 597 39.24 44.52 5.35
CA PRO A 597 39.26 43.11 5.76
C PRO A 597 40.47 42.76 6.60
N GLU A 598 41.51 43.58 6.60
CA GLU A 598 42.80 43.18 7.14
C GLU A 598 42.84 43.16 8.66
N GLU A 599 42.18 44.10 9.36
CA GLU A 599 42.47 44.32 10.77
C GLU A 599 42.11 43.16 11.68
N VAL A 600 40.82 42.92 11.85
CA VAL A 600 40.34 41.94 12.82
C VAL A 600 39.55 40.83 12.13
N ARG A 601 39.14 41.03 10.87
CA ARG A 601 38.60 39.92 10.11
C ARG A 601 39.69 38.92 9.81
N LYS A 602 40.92 39.38 9.62
CA LYS A 602 42.01 38.42 9.51
C LYS A 602 42.42 37.91 10.88
N LEU A 603 41.84 38.45 11.95
CA LEU A 603 41.95 37.96 13.31
C LEU A 603 40.72 37.08 13.61
N ALA A 604 40.30 36.37 12.58
CA ALA A 604 39.18 35.44 12.46
C ALA A 604 39.07 34.32 13.48
N TYR A 605 37.88 33.74 13.54
CA TYR A 605 37.53 32.62 14.40
C TYR A 605 37.03 31.52 13.47
N ASP A 606 36.82 30.33 13.99
CA ASP A 606 36.40 29.20 13.15
C ASP A 606 34.91 28.92 13.25
N GLY A 607 34.14 29.85 13.78
CA GLY A 607 32.74 29.57 14.01
C GLY A 607 31.81 30.73 13.76
N PHE A 608 32.29 31.79 13.12
CA PHE A 608 31.48 32.98 12.85
C PHE A 608 31.55 33.25 11.36
N VAL A 609 30.66 32.65 10.58
CA VAL A 609 30.62 32.82 9.12
C VAL A 609 30.44 34.28 8.77
N TYR A 610 31.42 34.86 8.10
CA TYR A 610 31.34 36.23 7.61
C TYR A 610 31.63 36.26 6.11
N ILE A 611 30.62 36.53 5.30
CA ILE A 611 30.78 36.70 3.86
C ILE A 611 30.42 38.13 3.49
N GLN A 612 31.28 38.83 2.75
CA GLN A 612 30.96 40.20 2.36
C GLN A 612 31.22 40.44 0.87
N ASN A 613 30.14 40.70 0.15
CA ASN A 613 30.13 41.00 -1.30
C ASN A 613 30.82 39.93 -2.14
N GLY A 614 30.61 38.67 -1.79
CA GLY A 614 31.17 37.58 -2.56
C GLY A 614 32.53 37.09 -2.14
N LYS A 615 32.88 37.21 -0.86
CA LYS A 615 34.20 36.80 -0.43
C LYS A 615 34.09 36.29 1.00
N LEU A 616 34.47 35.04 1.22
CA LEU A 616 34.41 34.46 2.56
C LEU A 616 35.65 34.87 3.34
N LEU A 617 35.53 35.94 4.13
CA LEU A 617 36.66 36.38 4.93
C LEU A 617 36.90 35.45 6.10
N SER A 618 35.91 35.27 6.97
CA SER A 618 36.08 34.43 8.13
C SER A 618 34.97 33.40 8.25
N GLY A 619 35.20 32.37 9.05
CA GLY A 619 34.20 31.35 9.30
C GLY A 619 34.53 30.03 8.62
N ALA A 620 33.87 28.97 9.08
CA ALA A 620 33.95 27.63 8.51
C ALA A 620 32.56 27.06 8.25
N VAL A 621 32.43 26.31 7.18
CA VAL A 621 31.15 25.76 6.73
C VAL A 621 30.85 24.41 7.37
N ASP A 622 29.65 24.27 7.93
CA ASP A 622 29.17 23.01 8.51
C ASP A 622 27.66 22.94 8.30
N LYS A 623 26.96 22.12 9.08
CA LYS A 623 25.51 22.00 8.92
C LYS A 623 24.80 23.23 9.47
N LYS A 624 25.04 24.36 8.84
CA LYS A 624 24.26 25.56 9.07
C LYS A 624 24.22 26.29 7.74
N ALA A 625 24.75 25.66 6.70
CA ALA A 625 24.84 26.22 5.36
C ALA A 625 24.02 25.34 4.41
N TYR A 626 24.29 24.07 4.40
CA TYR A 626 23.62 23.04 3.65
C TYR A 626 22.76 22.30 4.67
N GLY A 627 22.37 21.09 4.34
CA GLY A 627 21.69 20.18 5.23
C GLY A 627 20.18 20.23 5.18
N ARG A 628 19.61 19.15 5.69
CA ARG A 628 18.18 18.91 5.62
C ARG A 628 17.42 19.73 6.65
N GLU A 629 17.94 19.84 7.85
CA GLU A 629 17.34 20.79 8.76
C GLU A 629 17.92 22.17 8.39
N ASP A 630 17.45 23.21 9.07
CA ASP A 630 17.71 24.63 8.79
C ASP A 630 19.16 24.96 8.46
N GLY A 631 19.33 25.60 7.31
CA GLY A 631 20.61 26.06 6.85
C GLY A 631 20.38 27.44 6.29
N LYS A 632 20.97 28.47 6.87
CA LYS A 632 20.67 29.83 6.45
C LYS A 632 21.62 30.35 5.42
N LEU A 633 22.08 29.52 4.50
CA LEU A 633 22.83 29.98 3.35
C LEU A 633 22.10 29.56 2.09
N LEU A 634 21.87 28.26 1.91
CA LEU A 634 21.02 27.79 0.82
C LEU A 634 19.63 28.41 0.89
N ASP A 635 19.12 28.66 2.10
CA ASP A 635 17.85 29.36 2.27
C ASP A 635 17.87 30.76 1.63
N ILE A 636 18.86 31.59 1.98
CA ILE A 636 18.88 32.95 1.46
C ILE A 636 19.13 32.96 -0.04
N ILE A 637 19.89 32.01 -0.56
CA ILE A 637 20.19 32.06 -1.99
C ILE A 637 19.00 31.69 -2.86
N VAL A 638 17.92 31.11 -2.31
CA VAL A 638 16.76 30.82 -3.16
C VAL A 638 15.74 31.94 -3.13
N ARG A 639 15.68 32.73 -2.06
CA ARG A 639 14.79 33.87 -2.04
C ARG A 639 15.33 35.01 -2.88
N GLU A 640 16.60 35.35 -2.67
CA GLU A 640 17.15 36.52 -3.32
C GLU A 640 17.38 36.31 -4.82
N TYR A 641 17.77 35.10 -5.25
CA TYR A 641 18.19 34.95 -6.65
C TYR A 641 17.53 33.78 -7.34
N GLY A 642 16.30 33.98 -7.78
CA GLY A 642 15.36 32.96 -8.22
C GLY A 642 15.52 31.52 -7.80
N VAL A 643 15.12 30.62 -8.68
CA VAL A 643 15.11 29.20 -8.41
C VAL A 643 16.20 28.49 -9.20
N GLU A 644 16.41 28.92 -10.46
CA GLU A 644 17.33 28.25 -11.37
C GLU A 644 18.77 28.40 -10.90
N ARG A 645 19.09 29.48 -10.19
CA ARG A 645 20.45 29.68 -9.73
C ARG A 645 20.80 28.68 -8.65
N ALA A 646 19.87 28.44 -7.72
CA ALA A 646 20.06 27.53 -6.60
C ALA A 646 20.50 26.14 -6.99
N ARG A 647 19.92 25.55 -8.04
CA ARG A 647 20.36 24.21 -8.42
C ARG A 647 21.81 24.20 -8.87
N GLN A 648 22.28 25.22 -9.61
CA GLN A 648 23.71 25.19 -9.96
C GLN A 648 24.58 25.34 -8.72
N PHE A 649 24.25 26.26 -7.81
CA PHE A 649 25.02 26.39 -6.59
C PHE A 649 25.02 25.12 -5.77
N LEU A 650 23.86 24.46 -5.67
CA LEU A 650 23.80 23.18 -4.97
C LEU A 650 24.65 22.15 -5.70
N ASP A 651 24.40 21.94 -6.98
CA ASP A 651 25.16 20.96 -7.76
C ASP A 651 26.66 21.17 -7.70
N GLN A 652 27.13 22.42 -7.85
CA GLN A 652 28.59 22.62 -7.86
C GLN A 652 29.20 22.45 -6.48
N VAL A 653 28.43 22.65 -5.42
CA VAL A 653 28.97 22.46 -4.08
C VAL A 653 29.22 20.99 -3.83
N THR A 654 28.29 20.14 -4.25
CA THR A 654 28.39 18.70 -4.08
C THR A 654 29.64 18.12 -4.71
N LYS A 655 29.84 18.29 -6.01
CA LYS A 655 31.03 17.75 -6.65
C LYS A 655 32.33 18.39 -6.17
N LEU A 656 32.32 19.66 -5.79
CA LEU A 656 33.48 20.25 -5.14
C LEU A 656 33.87 19.53 -3.86
N THR A 657 33.00 19.62 -2.85
CA THR A 657 33.21 19.05 -1.52
C THR A 657 33.61 17.59 -1.54
N ILE A 658 33.05 16.81 -2.45
CA ILE A 658 33.41 15.41 -2.57
C ILE A 658 34.88 15.26 -2.98
N TRP A 659 35.36 16.09 -3.92
CA TRP A 659 36.72 15.89 -4.40
C TRP A 659 37.76 16.14 -3.32
N VAL A 660 37.54 17.08 -2.41
CA VAL A 660 38.51 17.22 -1.33
C VAL A 660 38.47 16.02 -0.39
N ILE A 661 37.30 15.64 0.16
CA ILE A 661 37.15 14.48 1.06
C ILE A 661 37.77 13.20 0.49
N THR A 662 37.64 12.95 -0.81
CA THR A 662 38.17 11.72 -1.37
C THR A 662 39.69 11.69 -1.33
N HIS A 663 40.31 12.70 -1.88
CA HIS A 663 41.75 12.79 -2.01
C HIS A 663 42.47 13.17 -0.74
N LYS A 664 41.77 13.50 0.33
CA LYS A 664 42.41 13.94 1.55
C LYS A 664 42.48 12.84 2.60
N GLY A 665 41.58 11.85 2.54
CA GLY A 665 41.65 10.74 3.47
C GLY A 665 40.81 10.96 4.69
N PHE A 666 39.80 10.13 4.91
CA PHE A 666 38.89 10.36 6.01
C PHE A 666 38.52 9.08 6.75
N THR A 667 39.51 8.30 7.17
CA THR A 667 39.16 7.05 7.78
C THR A 667 38.85 7.19 9.27
N THR A 668 38.25 6.15 9.83
CA THR A 668 38.16 5.97 11.26
C THR A 668 38.79 4.63 11.62
N ALA A 669 39.73 4.66 12.55
CA ALA A 669 40.36 3.46 13.06
C ALA A 669 39.78 3.04 14.39
N ILE A 670 40.50 2.16 15.07
CA ILE A 670 40.05 1.66 16.36
C ILE A 670 40.65 2.48 17.51
N ASP A 671 41.69 3.26 17.27
CA ASP A 671 42.29 4.01 18.37
C ASP A 671 41.57 5.31 18.65
N ASP A 672 40.59 5.64 17.82
CA ASP A 672 39.84 6.89 17.94
C ASP A 672 38.98 6.92 19.19
N GLU A 673 38.75 5.78 19.82
CA GLU A 673 37.87 5.70 20.96
C GLU A 673 38.65 5.49 22.24
N ASP A 674 39.96 5.32 22.13
CA ASP A 674 40.84 5.04 23.25
C ASP A 674 41.13 6.27 24.11
N LEU A 675 41.13 6.06 25.42
CA LEU A 675 41.55 7.01 26.45
C LEU A 675 42.74 6.42 27.21
N PRO A 676 43.66 7.26 27.71
CA PRO A 676 44.80 6.74 28.48
C PRO A 676 44.43 6.19 29.84
N GLN A 677 45.44 5.71 30.57
CA GLN A 677 45.21 5.08 31.87
C GLN A 677 44.67 6.04 32.92
N GLU A 678 45.15 7.29 32.95
CA GLU A 678 44.71 8.23 33.97
C GLU A 678 43.23 8.60 33.82
N ALA A 679 42.79 8.87 32.59
CA ALA A 679 41.39 9.18 32.34
C ALA A 679 40.47 8.01 32.65
N ILE A 680 40.94 6.78 32.43
CA ILE A 680 40.14 5.60 32.73
C ILE A 680 39.87 5.50 34.24
N ASP A 681 40.92 5.67 35.05
CA ASP A 681 40.77 5.67 36.51
C ASP A 681 39.83 6.76 37.00
N ARG A 682 39.79 7.88 36.27
CA ARG A 682 38.91 8.99 36.62
C ARG A 682 37.44 8.55 36.54
N ILE A 683 37.09 7.81 35.49
CA ILE A 683 35.73 7.32 35.35
C ILE A 683 35.41 6.30 36.44
N HIS A 684 36.35 5.40 36.74
CA HIS A 684 36.15 4.35 37.74
C HIS A 684 35.80 4.88 39.13
N GLU A 685 36.45 5.94 39.60
CA GLU A 685 36.09 6.47 40.91
C GLU A 685 34.68 7.07 40.91
N ILE A 686 34.21 7.55 39.76
CA ILE A 686 32.87 8.10 39.67
C ILE A 686 31.83 6.99 39.81
N ILE A 687 32.07 5.84 39.19
CA ILE A 687 31.10 4.74 39.27
C ILE A 687 31.05 4.14 40.67
N ARG A 688 32.16 4.19 41.41
CA ARG A 688 32.14 3.64 42.77
C ARG A 688 31.32 4.51 43.72
N GLU A 689 31.55 5.82 43.69
CA GLU A 689 30.80 6.73 44.55
C GLU A 689 29.31 6.71 44.24
N ALA A 690 28.95 6.73 42.95
CA ALA A 690 27.54 6.71 42.55
C ALA A 690 26.84 5.44 43.03
N GLU A 691 27.53 4.31 43.01
CA GLU A 691 26.95 3.09 43.54
C GLU A 691 26.72 3.20 45.04
N GLU A 692 27.74 3.69 45.77
CA GLU A 692 27.64 3.78 47.22
C GLU A 692 26.59 4.79 47.68
N LYS A 693 26.32 5.82 46.88
CA LYS A 693 25.23 6.74 47.17
C LYS A 693 23.89 6.02 47.15
N VAL A 694 23.71 5.09 46.22
CA VAL A 694 22.45 4.36 46.09
C VAL A 694 22.25 3.43 47.25
N GLN A 695 23.34 2.82 47.72
CA GLN A 695 23.27 1.88 48.84
C GLN A 695 22.80 2.59 50.11
N ARG A 696 23.33 3.79 50.36
CA ARG A 696 22.95 4.58 51.52
C ARG A 696 21.45 4.91 51.55
N LEU A 697 20.86 5.19 50.39
CA LEU A 697 19.42 5.44 50.33
C LEU A 697 18.61 4.20 50.63
N ILE A 698 19.09 3.03 50.23
CA ILE A 698 18.33 1.80 50.48
C ILE A 698 18.29 1.53 51.98
N GLU A 699 19.44 1.69 52.66
CA GLU A 699 19.52 1.54 54.11
C GLU A 699 18.64 2.55 54.83
N ALA A 700 18.43 3.73 54.26
CA ALA A 700 17.53 4.70 54.86
C ALA A 700 16.08 4.24 54.73
N TYR A 701 15.75 3.58 53.62
CA TYR A 701 14.41 3.07 53.41
C TYR A 701 14.07 1.95 54.38
N LYS A 702 15.06 1.08 54.69
CA LYS A 702 14.80 -0.02 55.62
C LYS A 702 14.51 0.47 57.04
N ARG A 703 15.27 1.43 57.53
CA ARG A 703 15.11 1.88 58.92
C ARG A 703 13.97 2.87 59.13
N GLY A 704 13.12 3.12 58.14
CA GLY A 704 12.01 4.05 58.30
C GLY A 704 12.30 5.51 58.56
N GLU A 705 13.32 6.07 57.90
CA GLU A 705 13.64 7.50 58.02
C GLU A 705 13.54 8.16 56.65
N LEU A 706 12.78 7.53 55.77
CA LEU A 706 12.47 7.83 54.37
C LEU A 706 12.43 9.27 53.87
N GLU A 707 11.74 10.19 54.59
CA GLU A 707 11.50 11.58 54.18
C GLU A 707 10.92 11.59 52.76
N PRO A 708 9.67 11.18 52.58
CA PRO A 708 9.14 10.93 51.23
C PRO A 708 8.66 12.14 50.47
N LEU A 709 8.73 12.00 49.14
CA LEU A 709 8.25 13.00 48.20
C LEU A 709 6.76 13.25 48.37
N PRO A 710 6.26 14.46 47.99
CA PRO A 710 4.83 14.78 48.13
C PRO A 710 3.83 13.85 47.43
N GLY A 711 3.82 13.85 46.10
CA GLY A 711 2.77 13.12 45.39
C GLY A 711 2.83 11.61 45.46
N LYS A 712 3.94 11.01 45.02
CA LYS A 712 4.00 9.55 44.91
C LYS A 712 3.99 8.87 46.29
N THR A 713 3.65 7.59 46.26
CA THR A 713 3.68 6.72 47.42
C THR A 713 5.14 6.37 47.72
N LEU A 714 5.40 5.97 48.98
CA LEU A 714 6.74 5.67 49.50
C LEU A 714 7.59 4.80 48.59
N GLU A 715 7.00 3.71 48.08
CA GLU A 715 7.73 2.81 47.18
C GLU A 715 8.16 3.51 45.90
N GLU A 716 7.32 4.42 45.38
CA GLU A 716 7.70 5.14 44.17
C GLU A 716 8.68 6.28 44.45
N THR A 717 8.64 6.87 45.65
CA THR A 717 9.60 7.92 45.98
C THR A 717 11.02 7.38 45.96
N LEU A 718 11.21 6.17 46.48
CA LEU A 718 12.52 5.53 46.46
C LEU A 718 13.03 5.41 45.03
N GLU A 719 12.22 4.87 44.12
CA GLU A 719 12.61 4.72 42.73
C GLU A 719 12.89 6.08 42.09
N SER A 720 12.05 7.07 42.38
CA SER A 720 12.23 8.40 41.78
C SER A 720 13.54 9.04 42.19
N LYS A 721 13.93 8.89 43.45
CA LYS A 721 15.22 9.41 43.90
C LYS A 721 16.39 8.69 43.23
N ILE A 722 16.28 7.36 43.08
CA ILE A 722 17.39 6.57 42.54
C ILE A 722 17.71 6.94 41.09
N MET A 723 16.69 7.00 40.22
CA MET A 723 16.93 7.30 38.80
C MET A 723 17.63 8.63 38.58
N ALA A 724 17.28 9.64 39.37
CA ALA A 724 17.94 10.94 39.26
C ALA A 724 19.41 10.86 39.66
N VAL A 725 19.71 10.03 40.67
CA VAL A 725 21.10 9.89 41.14
C VAL A 725 22.01 9.33 40.05
N LEU A 726 21.56 8.29 39.36
CA LEU A 726 22.39 7.65 38.34
C LEU A 726 22.45 8.42 37.03
N ALA A 727 21.38 9.11 36.63
CA ALA A 727 21.40 9.88 35.39
C ALA A 727 22.45 10.98 35.42
N GLU A 728 22.62 11.63 36.57
CA GLU A 728 23.70 12.57 36.77
C GLU A 728 25.06 11.93 36.57
N ALA A 729 25.26 10.74 37.15
CA ALA A 729 26.56 10.06 37.07
C ALA A 729 26.93 9.65 35.66
N ARG A 730 25.97 9.25 34.83
CA ARG A 730 26.30 8.90 33.45
C ARG A 730 26.70 10.15 32.68
N ASP A 731 25.92 11.22 32.80
CA ASP A 731 26.24 12.48 32.16
C ASP A 731 27.54 13.08 32.66
N ASN A 732 27.87 12.87 33.94
CA ASN A 732 29.13 13.36 34.47
C ASN A 732 30.31 12.67 33.79
N ALA A 733 30.18 11.37 33.53
CA ALA A 733 31.20 10.64 32.78
C ALA A 733 31.28 11.17 31.35
N GLY A 734 30.14 11.55 30.78
CA GLY A 734 30.12 12.10 29.44
C GLY A 734 30.84 13.43 29.33
N LYS A 735 30.77 14.25 30.38
CA LYS A 735 31.52 15.49 30.39
C LYS A 735 33.02 15.23 30.36
N VAL A 736 33.46 14.15 31.02
CA VAL A 736 34.86 13.77 30.99
C VAL A 736 35.29 13.34 29.58
N ALA A 737 34.38 12.68 28.86
CA ALA A 737 34.73 12.23 27.51
C ALA A 737 34.76 13.39 26.53
N GLU A 738 33.96 14.42 26.76
CA GLU A 738 33.93 15.55 25.85
C GLU A 738 35.09 16.49 26.13
N ARG A 739 35.79 16.26 27.24
CA ARG A 739 36.90 17.07 27.71
C ARG A 739 38.24 16.55 27.25
N TYR A 740 38.47 15.25 27.36
CA TYR A 740 39.84 14.78 27.18
C TYR A 740 40.21 14.50 25.71
N LEU A 741 39.46 13.62 25.03
CA LEU A 741 39.82 13.33 23.63
C LEU A 741 39.53 14.52 22.72
N GLY A 742 40.59 15.02 22.13
CA GLY A 742 40.60 16.18 21.26
C GLY A 742 39.65 16.23 20.09
N MET A 743 39.41 17.44 19.63
CA MET A 743 38.52 17.74 18.51
C MET A 743 39.22 17.61 17.17
N ASN A 744 40.43 17.05 17.15
CA ASN A 744 41.19 16.96 15.91
C ASN A 744 41.42 15.52 15.47
N ASN A 745 40.56 14.60 15.89
CA ASN A 745 40.57 13.25 15.33
C ASN A 745 39.36 13.10 14.41
N HIS A 746 39.38 12.06 13.61
CA HIS A 746 38.40 11.92 12.54
C HIS A 746 37.05 11.40 13.00
N ALA A 747 36.77 11.32 14.28
CA ALA A 747 35.51 10.77 14.74
C ALA A 747 34.63 11.82 15.40
N VAL A 748 35.22 12.64 16.26
CA VAL A 748 34.51 13.73 16.91
C VAL A 748 34.06 14.77 15.87
N ILE A 749 34.88 14.98 14.83
CA ILE A 749 34.58 15.88 13.71
C ILE A 749 33.20 15.60 13.12
N MET A 750 32.92 14.33 12.88
CA MET A 750 31.61 13.92 12.37
C MET A 750 30.51 14.23 13.38
N ALA A 751 30.78 14.07 14.66
CA ALA A 751 29.79 14.34 15.70
C ALA A 751 29.45 15.82 15.84
N LYS A 752 30.44 16.72 15.79
CA LYS A 752 30.08 18.09 16.10
C LYS A 752 29.51 18.84 14.91
N THR A 753 29.70 18.35 13.70
CA THR A 753 29.19 19.10 12.57
C THR A 753 27.78 18.69 12.23
N GLY A 754 27.42 17.42 12.42
CA GLY A 754 26.09 16.99 12.06
C GLY A 754 26.02 16.11 10.83
N ALA A 755 26.82 15.07 10.79
CA ALA A 755 26.81 14.14 9.67
C ALA A 755 26.92 12.74 10.26
N ARG A 756 25.75 12.18 10.59
CA ARG A 756 25.57 10.95 11.35
C ARG A 756 26.33 11.10 12.64
N GLY A 757 25.80 11.91 13.54
CA GLY A 757 26.45 12.20 14.79
C GLY A 757 25.46 12.42 15.89
N LYS A 758 25.99 12.43 17.11
CA LYS A 758 25.44 12.63 18.44
C LYS A 758 26.62 12.50 19.39
N ILE A 759 26.96 13.52 20.19
CA ILE A 759 28.04 13.32 21.15
C ILE A 759 27.68 12.22 22.15
N LEU A 760 26.38 11.94 22.34
CA LEU A 760 25.94 10.91 23.26
C LEU A 760 26.37 9.50 22.85
N ASN A 761 26.55 9.21 21.56
CA ASN A 761 26.98 7.84 21.32
C ASN A 761 28.49 7.70 21.28
N ILE A 762 29.24 8.75 20.91
CA ILE A 762 30.69 8.66 21.02
C ILE A 762 31.10 8.48 22.48
N THR A 763 30.47 9.20 23.42
CA THR A 763 30.74 8.95 24.84
C THR A 763 30.28 7.58 25.30
N GLN A 764 29.20 7.02 24.72
CA GLN A 764 28.65 5.71 25.10
C GLN A 764 29.50 4.54 24.58
N MET A 765 30.66 4.84 24.04
CA MET A 765 31.58 3.87 23.50
C MET A 765 32.87 3.86 24.30
N ALA A 766 33.01 4.75 25.26
CA ALA A 766 34.22 4.80 26.07
C ALA A 766 33.93 5.16 27.53
N ALA A 767 32.70 4.97 28.00
CA ALA A 767 32.28 5.35 29.34
C ALA A 767 31.09 4.46 29.72
N MET A 768 30.31 4.85 30.71
CA MET A 768 29.22 4.00 31.13
C MET A 768 28.11 4.02 30.09
N LEU A 769 27.36 2.92 30.00
CA LEU A 769 26.16 3.00 29.20
C LEU A 769 25.06 3.70 29.98
N GLY A 770 24.96 3.44 31.26
CA GLY A 770 24.01 4.09 32.13
C GLY A 770 22.97 3.12 32.61
N GLN A 771 21.80 3.65 32.96
CA GLN A 771 20.77 2.75 33.45
C GLN A 771 20.14 2.06 32.25
N GLN A 772 19.18 1.17 32.49
CA GLN A 772 18.52 0.57 31.36
C GLN A 772 17.06 0.50 31.74
N SER A 773 16.19 1.14 30.97
CA SER A 773 14.80 1.26 31.36
C SER A 773 13.87 0.57 30.38
N ILE A 774 12.65 0.32 30.84
CA ILE A 774 11.60 -0.18 29.98
C ILE A 774 10.33 0.64 30.25
N ARG A 775 9.93 1.45 29.25
CA ARG A 775 8.81 2.39 29.27
C ARG A 775 8.64 3.23 30.54
N GLY A 776 9.73 3.64 31.17
CA GLY A 776 9.62 4.38 32.41
C GLY A 776 10.19 3.70 33.64
N LYS A 777 9.55 2.68 34.20
CA LYS A 777 10.11 2.06 35.39
C LYS A 777 11.42 1.32 35.10
N ARG A 778 12.15 1.04 36.17
CA ARG A 778 13.36 0.26 36.07
C ARG A 778 12.96 -1.22 35.98
N LEU A 779 13.91 -2.14 35.86
CA LEU A 779 13.63 -3.56 35.61
C LEU A 779 13.06 -4.29 36.81
N TYR A 780 11.79 -4.66 36.71
CA TYR A 780 11.04 -5.36 37.75
C TYR A 780 10.60 -6.75 37.32
N ARG A 781 10.29 -6.95 36.04
CA ARG A 781 9.76 -8.20 35.51
C ARG A 781 10.74 -9.36 35.63
N GLY A 782 10.57 -10.23 36.61
CA GLY A 782 11.42 -11.41 36.69
C GLY A 782 10.92 -12.51 37.60
N TYR A 783 11.85 -13.12 38.34
CA TYR A 783 11.48 -14.13 39.32
C TYR A 783 10.83 -13.48 40.53
N ARG A 784 10.27 -14.33 41.39
CA ARG A 784 9.55 -13.90 42.58
C ARG A 784 10.49 -13.27 43.60
N GLY A 785 10.89 -12.02 43.35
CA GLY A 785 11.80 -11.37 44.28
C GLY A 785 13.13 -10.89 43.74
N ARG A 786 13.42 -11.02 42.44
CA ARG A 786 14.70 -10.67 41.88
C ARG A 786 14.52 -10.62 40.37
N VAL A 787 15.53 -10.14 39.67
CA VAL A 787 15.40 -10.11 38.21
C VAL A 787 15.89 -11.40 37.62
N LEU A 788 17.17 -11.68 37.79
CA LEU A 788 17.79 -12.87 37.27
C LEU A 788 18.14 -13.74 38.45
N THR A 789 18.41 -15.00 38.19
CA THR A 789 18.66 -15.93 39.27
C THR A 789 20.09 -15.90 39.75
N HIS A 790 20.85 -14.86 39.43
CA HIS A 790 22.26 -14.76 39.80
C HIS A 790 22.46 -13.77 40.91
N PHE A 791 21.41 -13.09 41.34
CA PHE A 791 21.50 -12.15 42.44
C PHE A 791 20.73 -12.69 43.64
N LYS A 792 20.94 -12.06 44.78
CA LYS A 792 20.24 -12.50 45.98
C LYS A 792 18.82 -11.93 46.02
N PRO A 793 17.84 -12.72 46.47
CA PRO A 793 16.45 -12.23 46.58
C PRO A 793 16.29 -11.04 47.50
N GLY A 794 15.79 -9.94 46.95
CA GLY A 794 15.51 -8.76 47.75
C GLY A 794 16.64 -7.75 47.73
N ASP A 795 17.15 -7.48 46.53
CA ASP A 795 18.24 -6.53 46.33
C ASP A 795 17.79 -5.47 45.36
N LEU A 796 17.65 -4.24 45.85
CA LEU A 796 17.27 -3.12 45.01
C LEU A 796 18.46 -2.27 44.67
N GLY A 797 19.66 -2.83 44.81
CA GLY A 797 20.89 -2.11 44.55
C GLY A 797 21.04 -1.68 43.10
N ALA A 798 22.06 -0.85 42.90
CA ALA A 798 22.35 -0.31 41.57
C ALA A 798 22.68 -1.42 40.59
N ARG A 799 23.64 -2.27 40.95
CA ARG A 799 24.09 -3.30 40.05
C ARG A 799 23.03 -4.37 39.80
N ALA A 800 22.17 -4.62 40.77
CA ALA A 800 21.20 -5.72 40.68
C ALA A 800 20.02 -5.40 39.78
N ARG A 801 19.50 -4.19 39.85
CA ARG A 801 18.28 -3.81 39.16
C ARG A 801 18.55 -3.24 37.78
N GLY A 802 19.62 -3.67 37.12
CA GLY A 802 19.88 -3.21 35.77
C GLY A 802 20.61 -1.88 35.62
N PHE A 803 21.91 -1.90 35.87
CA PHE A 803 22.80 -0.78 35.62
C PHE A 803 24.09 -1.35 35.08
N VAL A 804 24.36 -1.12 33.81
CA VAL A 804 25.57 -1.60 33.16
C VAL A 804 26.71 -0.64 33.44
N THR A 805 27.83 -1.18 33.89
CA THR A 805 28.99 -0.35 34.20
C THR A 805 30.06 -0.33 33.11
N ASN A 806 30.18 -1.37 32.30
CA ASN A 806 31.24 -1.43 31.29
C ASN A 806 30.76 -0.88 29.96
N SER A 807 31.70 -0.42 29.15
CA SER A 807 31.38 0.16 27.84
C SER A 807 31.46 -0.86 26.73
N TYR A 808 31.13 -0.40 25.51
CA TYR A 808 31.20 -1.29 24.37
C TYR A 808 32.62 -1.64 24.00
N LYS A 809 33.60 -0.83 24.35
CA LYS A 809 34.97 -1.20 24.06
C LYS A 809 35.47 -2.27 25.01
N SER A 810 35.52 -1.96 26.30
CA SER A 810 35.99 -2.91 27.31
C SER A 810 35.16 -4.19 27.36
N GLY A 811 33.89 -4.14 27.00
CA GLY A 811 33.08 -5.34 26.91
C GLY A 811 32.11 -5.59 28.03
N LEU A 812 30.92 -6.09 27.67
CA LEU A 812 29.86 -6.37 28.60
C LEU A 812 29.97 -7.78 29.19
N THR A 813 29.70 -7.91 30.48
CA THR A 813 29.65 -9.21 31.16
C THR A 813 28.30 -9.91 30.92
N PRO A 814 28.21 -11.24 31.20
CA PRO A 814 26.92 -11.96 31.06
C PRO A 814 25.67 -11.39 31.74
N GLN A 815 25.72 -10.92 32.98
CA GLN A 815 24.53 -10.31 33.55
C GLN A 815 24.16 -9.07 32.78
N GLU A 816 25.12 -8.14 32.67
CA GLU A 816 24.93 -6.87 31.98
C GLU A 816 24.47 -7.03 30.53
N TYR A 817 25.03 -8.00 29.81
CA TYR A 817 24.60 -8.19 28.42
C TYR A 817 23.14 -8.57 28.32
N PHE A 818 22.65 -9.35 29.26
CA PHE A 818 21.25 -9.73 29.21
C PHE A 818 20.36 -8.54 29.49
N PHE A 819 20.76 -7.70 30.45
CA PHE A 819 20.01 -6.49 30.75
C PHE A 819 19.88 -5.60 29.52
N HIS A 820 20.95 -5.48 28.75
CA HIS A 820 20.93 -4.62 27.56
C HIS A 820 19.94 -5.10 26.52
N ALA A 821 19.71 -6.41 26.43
CA ALA A 821 18.73 -6.92 25.48
C ALA A 821 17.31 -6.50 25.84
N MET A 822 17.00 -6.42 27.14
CA MET A 822 15.67 -5.98 27.57
C MET A 822 15.38 -4.55 27.12
N GLY A 823 16.40 -3.70 27.11
CA GLY A 823 16.21 -2.33 26.65
C GLY A 823 16.21 -2.18 25.16
N GLY A 824 16.80 -3.13 24.43
CA GLY A 824 16.82 -3.05 22.99
C GLY A 824 15.57 -3.57 22.29
N ARG A 825 14.83 -4.49 22.92
CA ARG A 825 13.59 -4.95 22.30
C ARG A 825 12.52 -3.88 22.32
N GLU A 826 12.63 -2.91 23.23
CA GLU A 826 11.69 -1.81 23.32
C GLU A 826 11.62 -1.03 22.02
N GLY A 827 12.78 -0.57 21.52
CA GLY A 827 12.83 0.15 20.27
C GLY A 827 12.31 -0.62 19.07
N LEU A 828 12.55 -1.93 19.02
CA LEU A 828 12.06 -2.77 17.92
C LEU A 828 10.54 -2.82 17.84
N VAL A 829 9.87 -3.11 18.96
CA VAL A 829 8.41 -3.29 18.97
C VAL A 829 7.69 -2.01 18.57
N ASP A 830 8.04 -0.90 19.20
CA ASP A 830 7.39 0.40 19.05
C ASP A 830 7.31 0.89 17.61
N THR A 831 8.45 0.96 16.92
CA THR A 831 8.56 1.53 15.56
C THR A 831 7.56 0.94 14.57
N ALA A 832 7.27 -0.36 14.68
CA ALA A 832 6.30 -0.93 13.76
C ALA A 832 4.86 -0.64 14.20
N VAL A 833 4.66 -0.34 15.48
CA VAL A 833 3.32 -0.09 15.98
C VAL A 833 2.88 1.36 15.72
N ARG A 834 3.78 2.32 15.92
CA ARG A 834 3.45 3.74 15.73
C ARG A 834 2.97 4.08 14.32
N THR A 835 3.48 3.36 13.32
CA THR A 835 3.08 3.56 11.93
C THR A 835 1.60 3.24 11.69
N ALA A 836 1.11 2.18 12.34
CA ALA A 836 -0.27 1.71 12.18
C ALA A 836 -1.30 2.79 12.49
N GLN A 837 -1.16 3.46 13.64
CA GLN A 837 -2.15 4.45 14.03
C GLN A 837 -2.08 5.70 13.17
N SER A 838 -0.88 6.06 12.73
CA SER A 838 -0.66 7.24 11.89
C SER A 838 -1.37 7.10 10.56
N GLY A 839 -1.18 5.97 9.88
CA GLY A 839 -1.76 5.77 8.55
C GLY A 839 -3.27 5.87 8.51
N TYR A 840 -3.96 5.27 9.49
CA TYR A 840 -5.41 5.36 9.54
C TYR A 840 -5.86 6.79 9.80
N MET A 841 -5.21 7.44 10.77
CA MET A 841 -5.49 8.82 11.15
C MET A 841 -5.40 9.77 9.95
N GLN A 842 -4.39 9.59 9.11
CA GLN A 842 -4.25 10.43 7.91
C GLN A 842 -5.45 10.28 6.98
N ARG A 843 -6.00 9.07 6.83
CA ARG A 843 -7.15 8.84 5.97
C ARG A 843 -8.37 9.64 6.40
N ARG A 844 -8.49 9.91 7.70
CA ARG A 844 -9.59 10.70 8.21
C ARG A 844 -9.52 12.13 7.70
N LEU A 845 -8.41 12.82 7.97
CA LEU A 845 -8.29 14.22 7.62
C LEU A 845 -8.20 14.49 6.13
N ILE A 846 -7.75 13.54 5.32
CA ILE A 846 -7.75 13.77 3.88
C ILE A 846 -9.17 13.75 3.33
N ASN A 847 -9.99 12.80 3.77
CA ASN A 847 -11.35 12.69 3.30
C ASN A 847 -12.29 13.74 3.91
N ALA A 848 -11.74 14.73 4.59
CA ALA A 848 -12.50 15.80 5.21
C ALA A 848 -12.11 17.15 4.65
N LEU A 849 -10.87 17.30 4.19
CA LEU A 849 -10.38 18.61 3.77
C LEU A 849 -10.03 18.72 2.28
N GLN A 850 -10.09 17.64 1.51
CA GLN A 850 -9.67 17.66 0.10
C GLN A 850 -10.49 18.57 -0.79
N ASP A 851 -11.63 19.10 -0.35
CA ASP A 851 -12.51 19.87 -1.20
C ASP A 851 -12.15 21.35 -1.29
N LEU A 852 -11.43 21.87 -0.32
CA LEU A 852 -11.17 23.31 -0.23
C LEU A 852 -10.21 23.84 -1.28
N LYS A 853 -10.56 24.98 -1.90
CA LYS A 853 -9.71 25.65 -2.87
C LYS A 853 -9.65 27.12 -2.49
N VAL A 854 -8.70 27.85 -3.06
CA VAL A 854 -8.62 29.30 -2.91
C VAL A 854 -9.17 29.99 -4.14
N ASP A 855 -10.32 30.66 -4.02
CA ASP A 855 -10.88 31.45 -5.12
C ASP A 855 -10.01 32.66 -5.43
N TYR A 856 -10.28 33.25 -6.61
CA TYR A 856 -9.48 34.37 -7.11
C TYR A 856 -9.56 35.62 -6.25
N ASP A 857 -10.65 35.82 -5.52
CA ASP A 857 -10.68 36.94 -4.58
C ASP A 857 -10.06 36.60 -3.25
N GLY A 858 -9.34 35.48 -3.15
CA GLY A 858 -8.70 35.13 -1.91
C GLY A 858 -9.61 34.59 -0.84
N THR A 859 -10.56 33.74 -1.18
CA THR A 859 -11.51 33.24 -0.20
C THR A 859 -11.56 31.74 -0.28
N VAL A 860 -11.46 31.07 0.86
CA VAL A 860 -11.54 29.61 0.92
C VAL A 860 -13.00 29.19 1.04
N ARG A 861 -13.55 28.51 0.02
CA ARG A 861 -14.94 28.11 0.08
C ARG A 861 -15.11 26.60 -0.11
N ASP A 862 -15.94 26.00 0.74
CA ASP A 862 -16.34 24.60 0.66
C ASP A 862 -17.29 24.41 -0.55
N PRO A 863 -17.55 23.18 -1.02
CA PRO A 863 -18.34 23.03 -2.25
C PRO A 863 -19.80 23.47 -2.18
N THR A 864 -20.31 23.93 -1.05
CA THR A 864 -21.68 24.42 -0.97
C THR A 864 -21.73 25.93 -0.78
N GLY A 865 -20.67 26.62 -1.15
CA GLY A 865 -20.59 28.06 -0.99
C GLY A 865 -20.62 28.60 0.43
N ILE A 866 -20.37 27.76 1.43
CA ILE A 866 -20.29 28.22 2.82
C ILE A 866 -18.86 28.66 3.07
N ILE A 867 -18.63 29.97 3.16
CA ILE A 867 -17.31 30.55 3.32
C ILE A 867 -16.57 30.17 4.60
N VAL A 868 -15.56 29.31 4.47
CA VAL A 868 -14.82 28.86 5.65
C VAL A 868 -13.81 29.88 6.17
N GLN A 869 -13.28 30.78 5.33
CA GLN A 869 -12.25 31.68 5.83
C GLN A 869 -12.07 32.87 4.89
N PHE A 870 -12.55 34.04 5.32
CA PHE A 870 -12.36 35.31 4.63
C PHE A 870 -10.89 35.69 4.63
N LYS A 871 -10.24 35.72 3.46
CA LYS A 871 -8.79 35.95 3.30
C LYS A 871 -7.99 34.82 3.91
N TYR A 872 -7.52 33.92 3.04
CA TYR A 872 -6.87 32.67 3.39
C TYR A 872 -5.80 32.76 4.46
N GLY A 873 -5.86 31.81 5.39
CA GLY A 873 -4.85 31.56 6.38
C GLY A 873 -4.39 32.73 7.19
N GLU A 874 -5.30 33.69 7.46
CA GLU A 874 -5.01 34.96 8.14
C GLU A 874 -3.93 35.67 7.33
N ASP A 875 -4.42 36.16 6.21
CA ASP A 875 -3.78 36.71 5.03
C ASP A 875 -2.43 37.39 5.14
N GLY A 876 -1.53 37.11 4.19
CA GLY A 876 -1.87 36.43 2.93
C GLY A 876 -0.75 35.64 2.30
N VAL A 877 0.28 35.36 3.08
CA VAL A 877 1.51 34.77 2.58
C VAL A 877 1.51 33.25 2.73
N ASP A 878 1.76 32.60 1.60
CA ASP A 878 1.85 31.16 1.47
C ASP A 878 2.95 30.58 2.35
N PRO A 879 2.66 29.54 3.17
CA PRO A 879 3.68 28.93 4.03
C PRO A 879 4.96 28.43 3.36
N MET A 880 4.93 28.22 2.06
CA MET A 880 6.14 27.82 1.34
C MET A 880 7.12 28.97 1.16
N LYS A 881 6.68 30.21 1.38
CA LYS A 881 7.51 31.39 1.14
C LYS A 881 7.58 32.32 2.33
N SER A 882 7.12 31.91 3.50
CA SER A 882 7.16 32.81 4.64
C SER A 882 8.35 32.49 5.52
N TRP A 883 8.82 33.51 6.22
CA TRP A 883 9.98 33.47 7.11
C TRP A 883 9.78 33.10 8.57
N GLN A 884 9.79 31.80 8.87
CA GLN A 884 9.68 31.27 10.24
C GLN A 884 8.44 31.78 10.96
N GLY A 885 7.31 31.62 10.30
CA GLY A 885 6.03 32.00 10.81
C GLY A 885 5.65 33.43 10.50
N LYS A 886 6.62 34.34 10.43
CA LYS A 886 6.33 35.72 10.08
C LYS A 886 6.17 35.88 8.58
N THR A 887 6.23 37.12 8.14
CA THR A 887 6.11 37.50 6.74
C THR A 887 7.35 38.32 6.36
N VAL A 888 7.21 39.25 5.42
CA VAL A 888 8.23 39.97 4.66
C VAL A 888 9.64 40.19 5.24
N ASP A 889 9.79 40.25 6.58
CA ASP A 889 11.04 40.47 7.33
C ASP A 889 11.71 41.81 7.13
N VAL A 890 11.30 42.83 7.87
CA VAL A 890 11.88 44.15 7.68
C VAL A 890 13.35 44.16 8.07
N ASP A 891 13.72 43.40 9.13
CA ASP A 891 15.10 43.36 9.60
C ASP A 891 16.11 42.88 8.56
N ARG A 892 15.69 41.99 7.66
CA ARG A 892 16.60 41.55 6.60
C ARG A 892 16.67 42.54 5.44
N VAL A 893 15.52 43.06 5.00
CA VAL A 893 15.44 43.95 3.84
C VAL A 893 16.21 45.24 4.05
N ILE A 894 16.20 45.77 5.27
CA ILE A 894 16.91 47.02 5.54
C ILE A 894 18.41 46.85 5.32
N VAL A 895 19.02 45.87 6.01
CA VAL A 895 20.45 45.60 5.90
C VAL A 895 20.86 45.28 4.47
N ARG A 896 20.03 44.54 3.75
CA ARG A 896 20.39 44.11 2.40
C ARG A 896 20.51 45.27 1.42
N THR A 897 19.46 46.09 1.29
CA THR A 897 19.48 47.17 0.32
C THR A 897 20.42 48.30 0.74
N LEU A 898 20.51 48.58 2.04
CA LEU A 898 21.39 49.64 2.51
C LEU A 898 22.85 49.29 2.32
N LEU A 899 23.18 48.01 2.34
CA LEU A 899 24.58 47.62 2.15
C LEU A 899 24.98 47.71 0.69
N LYS A 900 24.08 47.34 -0.22
CA LYS A 900 24.43 47.32 -1.64
C LYS A 900 24.59 48.72 -2.20
N MET A 901 23.88 49.69 -1.63
CA MET A 901 23.97 51.06 -2.09
C MET A 901 25.14 51.79 -1.46
N ARG A 902 25.34 51.60 -0.15
CA ARG A 902 26.40 52.30 0.55
C ARG A 902 27.77 51.75 0.17
N GLY A 903 27.86 50.46 -0.10
CA GLY A 903 29.14 49.86 -0.41
C GLY A 903 29.68 50.30 -1.75
N GLY A 904 28.81 50.44 -2.74
CA GLY A 904 29.21 50.86 -4.06
C GLY A 904 29.95 49.78 -4.84
N GLU B 9 43.26 -25.27 45.19
CA GLU B 9 43.48 -25.95 43.92
C GLU B 9 42.93 -25.08 42.78
N PRO B 10 43.52 -25.21 41.58
CA PRO B 10 42.90 -24.63 40.38
C PRO B 10 41.53 -25.24 40.12
N THR B 11 40.46 -24.44 40.29
CA THR B 11 39.06 -24.87 40.29
C THR B 11 38.65 -25.80 39.14
N LEU B 12 38.40 -25.29 37.94
CA LEU B 12 38.87 -26.04 36.77
C LEU B 12 39.85 -25.17 35.99
N THR B 13 39.27 -24.36 35.07
CA THR B 13 39.53 -23.27 34.12
C THR B 13 38.27 -23.36 33.26
N PRO B 14 37.87 -22.31 32.51
CA PRO B 14 36.72 -22.47 31.60
C PRO B 14 36.86 -23.62 30.62
N ASP B 15 38.03 -23.76 29.98
CA ASP B 15 38.27 -24.72 28.90
C ASP B 15 37.87 -26.18 29.22
N GLU B 16 38.15 -26.67 30.44
CA GLU B 16 37.74 -28.04 30.73
C GLU B 16 36.22 -28.19 30.77
N LEU B 17 35.51 -27.22 31.35
CA LEU B 17 34.04 -27.21 31.32
C LEU B 17 33.49 -27.35 29.91
N TRP B 18 34.15 -26.74 28.93
CA TRP B 18 33.78 -26.89 27.53
C TRP B 18 33.76 -28.35 27.08
N LEU B 19 34.76 -29.15 27.48
CA LEU B 19 34.75 -30.58 27.16
C LEU B 19 33.54 -31.31 27.71
N VAL B 20 33.12 -30.96 28.94
CA VAL B 20 31.90 -31.52 29.52
C VAL B 20 30.69 -31.22 28.64
N MET B 21 30.47 -29.93 28.36
CA MET B 21 29.38 -29.49 27.49
C MET B 21 29.38 -30.19 26.14
N GLU B 22 30.53 -30.21 25.48
CA GLU B 22 30.78 -30.88 24.20
C GLU B 22 30.19 -32.27 24.04
N SER B 23 30.32 -33.09 25.08
CA SER B 23 29.75 -34.42 25.10
C SER B 23 28.24 -34.43 24.91
N TYR B 24 27.55 -33.52 25.60
CA TYR B 24 26.09 -33.42 25.52
C TYR B 24 25.58 -33.25 24.10
N TRP B 25 26.22 -32.41 23.28
CA TRP B 25 25.70 -32.23 21.94
C TRP B 25 25.99 -33.42 21.04
N LYS B 26 27.24 -33.91 21.01
CA LYS B 26 27.58 -35.03 20.12
C LYS B 26 26.71 -36.27 20.34
N GLU B 27 26.46 -36.63 21.60
CA GLU B 27 25.74 -37.88 21.86
C GLU B 27 24.28 -37.80 21.43
N LYS B 28 23.53 -36.84 21.96
CA LYS B 28 22.14 -36.72 21.54
C LYS B 28 22.02 -35.80 20.33
N GLY B 29 20.80 -35.54 19.92
CA GLY B 29 20.52 -34.69 18.78
C GLY B 29 20.23 -33.22 19.08
N PHE B 30 20.47 -32.36 18.08
CA PHE B 30 20.05 -30.98 18.24
C PHE B 30 18.55 -30.87 18.11
N VAL B 31 17.94 -31.68 17.24
CA VAL B 31 16.49 -31.72 17.13
C VAL B 31 15.93 -32.79 18.05
N ARG B 32 16.03 -32.56 19.35
CA ARG B 32 15.63 -33.63 20.27
C ARG B 32 14.13 -33.75 20.41
N GLN B 33 13.42 -32.63 20.53
CA GLN B 33 12.00 -32.67 20.87
C GLN B 33 11.11 -33.35 19.83
N HIS B 34 11.24 -33.01 18.54
CA HIS B 34 10.38 -33.68 17.56
C HIS B 34 10.70 -35.17 17.43
N LEU B 35 11.95 -35.55 17.62
CA LEU B 35 12.29 -36.93 17.43
C LEU B 35 11.87 -37.75 18.65
N ASP B 36 12.27 -37.32 19.84
CA ASP B 36 11.95 -38.04 21.07
C ASP B 36 10.46 -38.15 21.33
N SER B 37 9.69 -37.09 21.09
CA SER B 37 8.27 -37.17 21.36
C SER B 37 7.56 -38.11 20.41
N TYR B 38 7.99 -38.16 19.16
CA TYR B 38 7.38 -39.08 18.21
C TYR B 38 7.68 -40.52 18.59
N ASN B 39 8.88 -40.80 19.09
CA ASN B 39 9.21 -42.16 19.51
C ASN B 39 8.34 -42.61 20.67
N ALA B 40 8.04 -41.71 21.59
CA ALA B 40 7.12 -42.04 22.67
C ALA B 40 5.68 -42.17 22.19
N PHE B 41 5.28 -41.44 21.15
CA PHE B 41 3.91 -41.54 20.66
C PHE B 41 3.65 -42.89 20.02
N ILE B 42 4.68 -43.52 19.45
CA ILE B 42 4.51 -44.79 18.75
C ILE B 42 4.15 -45.92 19.72
N ASP B 43 4.88 -46.02 20.83
CA ASP B 43 4.59 -47.14 21.73
C ASP B 43 3.40 -46.86 22.63
N HIS B 44 3.58 -45.93 23.57
CA HIS B 44 2.58 -45.66 24.60
C HIS B 44 1.29 -45.04 24.05
N GLY B 45 1.40 -43.87 23.42
CA GLY B 45 0.22 -43.11 23.02
C GLY B 45 -0.73 -43.72 22.01
N LEU B 46 -0.27 -44.66 21.18
CA LEU B 46 -1.19 -45.26 20.22
C LEU B 46 -2.26 -46.12 20.89
N GLN B 47 -1.82 -47.16 21.63
CA GLN B 47 -2.71 -48.05 22.36
C GLN B 47 -3.61 -47.31 23.35
N ASP B 48 -3.19 -46.15 23.82
CA ASP B 48 -3.99 -45.39 24.79
C ASP B 48 -5.27 -44.86 24.18
N VAL B 49 -5.19 -44.24 22.99
CA VAL B 49 -6.39 -43.72 22.30
C VAL B 49 -7.36 -44.85 21.98
N VAL B 50 -6.86 -46.03 21.65
CA VAL B 50 -7.71 -47.14 21.28
C VAL B 50 -8.37 -47.80 22.49
N ASN B 51 -7.85 -47.55 23.68
CA ASN B 51 -8.45 -48.09 24.88
C ASN B 51 -9.63 -47.26 25.37
N GLU B 52 -9.91 -46.14 24.73
CA GLU B 52 -11.05 -45.33 25.12
C GLU B 52 -12.31 -45.80 24.44
N PHE B 53 -12.23 -46.13 23.16
CA PHE B 53 -13.38 -46.65 22.42
C PHE B 53 -13.78 -48.04 22.90
N GLY B 54 -12.86 -49.01 22.75
CA GLY B 54 -13.05 -50.37 23.21
C GLY B 54 -14.19 -51.04 22.46
N GLU B 55 -15.29 -51.33 23.15
CA GLU B 55 -16.43 -51.95 22.50
C GLU B 55 -17.39 -50.85 22.08
N VAL B 56 -18.26 -51.14 21.11
CA VAL B 56 -19.20 -50.09 20.73
C VAL B 56 -20.63 -50.60 20.48
N VAL B 57 -21.01 -50.73 19.22
CA VAL B 57 -22.36 -51.10 18.77
C VAL B 57 -22.13 -52.38 17.94
N PRO B 58 -23.00 -52.85 16.98
CA PRO B 58 -24.28 -52.56 16.29
C PRO B 58 -25.58 -53.00 16.97
N ASP B 59 -26.68 -52.54 16.35
CA ASP B 59 -28.05 -52.79 16.81
C ASP B 59 -28.50 -54.25 16.73
N ILE B 60 -27.83 -55.10 15.98
CA ILE B 60 -28.10 -56.53 15.97
C ILE B 60 -27.33 -57.18 17.11
N PRO B 61 -28.02 -57.80 18.07
CA PRO B 61 -27.40 -58.13 19.38
C PRO B 61 -26.37 -59.25 19.34
N ASN B 62 -26.29 -60.01 18.26
CA ASN B 62 -25.33 -61.10 18.15
C ASN B 62 -23.88 -60.63 18.13
N PHE B 63 -23.51 -59.93 17.06
CA PHE B 63 -22.15 -59.47 16.83
C PHE B 63 -21.67 -58.48 17.89
N LYS B 64 -20.34 -58.37 17.96
CA LYS B 64 -19.57 -57.40 18.71
C LYS B 64 -18.17 -57.38 18.11
N VAL B 65 -17.40 -56.33 18.42
CA VAL B 65 -16.02 -56.23 17.95
C VAL B 65 -15.15 -55.70 19.09
N LYS B 66 -14.24 -56.53 19.58
CA LYS B 66 -13.27 -56.14 20.61
C LYS B 66 -12.00 -55.67 19.91
N PHE B 67 -11.43 -54.57 20.41
CA PHE B 67 -10.19 -53.99 19.87
C PHE B 67 -8.96 -54.56 20.56
N GLY B 68 -8.08 -55.17 19.77
CA GLY B 68 -6.86 -55.79 20.25
C GLY B 68 -5.64 -54.89 20.39
N LYS B 69 -4.56 -55.22 19.69
CA LYS B 69 -3.30 -54.49 19.77
C LYS B 69 -2.83 -54.00 18.41
N ILE B 70 -2.17 -52.84 18.42
CA ILE B 70 -1.62 -52.23 17.20
C ILE B 70 -0.15 -52.59 17.09
N ARG B 71 0.29 -52.95 15.87
CA ARG B 71 1.71 -53.01 15.55
C ARG B 71 1.98 -52.11 14.35
N ILE B 72 3.13 -51.43 14.35
CA ILE B 72 3.52 -50.52 13.29
C ILE B 72 4.58 -51.19 12.39
N GLY B 73 4.25 -51.39 11.12
CA GLY B 73 5.13 -52.00 10.16
C GLY B 73 6.29 -51.11 9.72
N GLN B 74 6.92 -51.52 8.63
CA GLN B 74 8.01 -50.90 7.90
C GLN B 74 7.50 -50.13 6.69
N PRO B 75 8.12 -48.97 6.39
CA PRO B 75 7.74 -48.15 5.23
C PRO B 75 7.76 -48.88 3.91
N GLU B 76 6.57 -49.12 3.33
CA GLU B 76 6.44 -49.83 2.07
C GLU B 76 5.35 -49.17 1.24
N PHE B 77 5.36 -49.41 -0.07
CA PHE B 77 4.30 -48.87 -0.92
C PHE B 77 3.98 -49.83 -2.04
N GLN B 78 2.68 -50.06 -2.31
CA GLN B 78 2.20 -50.85 -3.44
C GLN B 78 1.61 -49.93 -4.51
N GLU B 79 2.28 -49.85 -5.65
CA GLU B 79 1.78 -49.02 -6.76
C GLU B 79 0.64 -49.69 -7.52
N ALA B 80 0.53 -49.37 -8.81
CA ALA B 80 -0.44 -50.02 -9.67
C ALA B 80 0.01 -51.46 -9.80
N GLN B 81 -0.95 -52.40 -9.76
CA GLN B 81 -0.74 -53.85 -9.78
C GLN B 81 0.21 -54.19 -8.63
N GLY B 82 -0.38 -54.19 -7.42
CA GLY B 82 0.23 -54.40 -6.12
C GLY B 82 1.51 -55.20 -5.99
N GLN B 83 2.60 -54.49 -5.71
CA GLN B 83 3.91 -55.10 -5.50
C GLN B 83 4.59 -54.33 -4.37
N ARG B 84 4.61 -54.94 -3.20
CA ARG B 84 5.11 -54.29 -1.99
C ARG B 84 6.63 -54.28 -2.00
N ARG B 85 7.21 -53.08 -2.12
CA ARG B 85 8.65 -52.90 -2.15
C ARG B 85 9.08 -51.84 -1.14
N PRO B 86 10.22 -52.07 -0.47
CA PRO B 86 10.74 -51.09 0.51
C PRO B 86 11.04 -49.72 -0.09
N LEU B 87 10.86 -48.70 0.74
CA LEU B 87 10.96 -47.30 0.35
C LEU B 87 12.05 -46.60 1.13
N TYR B 88 12.78 -45.79 0.46
CA TYR B 88 13.76 -44.96 1.09
C TYR B 88 13.36 -43.50 0.98
N PRO B 89 13.81 -42.64 1.89
CA PRO B 89 13.39 -41.23 1.87
C PRO B 89 13.77 -40.48 0.63
N MET B 90 14.99 -40.69 0.11
CA MET B 90 15.47 -39.93 -1.04
C MET B 90 14.62 -40.19 -2.28
N ASP B 91 14.23 -41.44 -2.46
CA ASP B 91 13.33 -41.80 -3.55
C ASP B 91 11.94 -41.21 -3.38
N ALA B 92 11.49 -40.99 -2.16
CA ALA B 92 10.12 -40.53 -1.96
C ALA B 92 9.91 -39.09 -2.38
N ARG B 93 10.85 -38.20 -2.05
CA ARG B 93 10.69 -36.79 -2.37
C ARG B 93 10.76 -36.52 -3.86
N ILE B 94 11.46 -37.35 -4.62
CA ILE B 94 11.64 -37.05 -6.03
C ILE B 94 10.44 -37.46 -6.91
N ARG B 95 9.61 -38.44 -6.51
CA ARG B 95 8.53 -38.87 -7.38
C ARG B 95 7.12 -38.53 -6.87
N ASN B 96 6.99 -37.63 -5.89
CA ASN B 96 5.72 -37.23 -5.26
C ASN B 96 5.00 -38.33 -4.47
N LEU B 97 5.73 -39.10 -3.68
CA LEU B 97 5.07 -40.10 -2.84
C LEU B 97 4.89 -39.56 -1.44
N THR B 98 4.23 -40.33 -0.58
CA THR B 98 4.03 -39.99 0.83
C THR B 98 4.77 -41.03 1.66
N TYR B 99 5.84 -40.61 2.31
CA TYR B 99 6.64 -41.50 3.13
C TYR B 99 5.89 -41.98 4.37
N SER B 100 5.25 -43.14 4.30
CA SER B 100 4.39 -43.61 5.39
C SER B 100 4.54 -45.11 5.62
N ALA B 101 3.92 -45.59 6.70
CA ALA B 101 3.94 -46.99 7.08
C ALA B 101 2.54 -47.51 7.39
N PRO B 102 2.27 -48.79 7.12
CA PRO B 102 0.93 -49.35 7.38
C PRO B 102 0.63 -49.54 8.86
N LEU B 103 -0.63 -49.34 9.22
CA LEU B 103 -1.15 -49.55 10.57
C LEU B 103 -2.03 -50.80 10.61
N TYR B 104 -1.61 -51.85 11.33
CA TYR B 104 -2.38 -53.10 11.42
C TYR B 104 -3.08 -53.25 12.77
N LEU B 105 -4.40 -53.40 12.74
CA LEU B 105 -5.22 -53.65 13.94
C LEU B 105 -5.82 -55.05 13.94
N GLU B 106 -5.85 -55.69 15.12
CA GLU B 106 -6.58 -56.94 15.31
C GLU B 106 -7.94 -56.68 15.96
N MET B 107 -8.98 -57.28 15.39
CA MET B 107 -10.35 -57.10 15.83
C MET B 107 -10.90 -58.45 16.25
N ILE B 108 -11.67 -58.48 17.32
CA ILE B 108 -12.10 -59.75 17.92
C ILE B 108 -13.61 -59.86 17.77
N PRO B 109 -14.11 -60.70 16.86
CA PRO B 109 -15.55 -60.97 16.79
C PRO B 109 -16.06 -61.70 18.02
N VAL B 110 -16.85 -61.04 18.84
CA VAL B 110 -17.39 -61.64 20.04
C VAL B 110 -18.85 -61.96 19.76
N VAL B 111 -19.12 -63.19 19.35
CA VAL B 111 -20.48 -63.62 19.05
C VAL B 111 -21.03 -64.32 20.28
N ASN B 112 -22.20 -63.87 20.74
CA ASN B 112 -22.92 -64.42 21.88
C ASN B 112 -22.13 -64.50 23.19
N GLY B 113 -20.97 -63.84 23.28
CA GLY B 113 -20.12 -63.86 24.45
C GLY B 113 -18.80 -64.58 24.28
N ILE B 114 -18.76 -65.63 23.46
CA ILE B 114 -17.54 -66.42 23.33
C ILE B 114 -16.66 -65.85 22.21
N GLU B 115 -15.34 -65.87 22.43
CA GLU B 115 -14.35 -65.44 21.46
C GLU B 115 -13.98 -66.63 20.58
N GLN B 116 -13.79 -66.41 19.28
CA GLN B 116 -13.38 -67.52 18.43
C GLN B 116 -12.25 -67.27 17.43
N GLU B 117 -11.97 -66.01 17.02
CA GLU B 117 -10.99 -65.81 15.93
C GLU B 117 -10.58 -64.35 15.70
N PRO B 118 -9.51 -63.89 16.37
CA PRO B 118 -9.00 -62.54 16.09
C PRO B 118 -8.45 -62.42 14.68
N VAL B 119 -8.79 -61.31 14.01
CA VAL B 119 -8.32 -61.07 12.65
C VAL B 119 -7.58 -59.73 12.60
N GLU B 120 -6.34 -59.76 12.10
CA GLU B 120 -5.51 -58.58 11.96
C GLU B 120 -5.77 -57.99 10.58
N VAL B 121 -6.21 -56.74 10.53
CA VAL B 121 -6.51 -56.12 9.24
C VAL B 121 -5.94 -54.72 9.26
N ARG B 122 -5.25 -54.35 8.17
CA ARG B 122 -4.71 -53.01 7.99
C ARG B 122 -5.82 -51.97 7.96
N ILE B 123 -5.45 -50.73 8.26
CA ILE B 123 -6.42 -49.66 8.31
C ILE B 123 -6.03 -48.53 7.37
N GLY B 124 -4.77 -48.41 7.02
CA GLY B 124 -4.35 -47.34 6.14
C GLY B 124 -2.88 -47.01 6.25
N GLU B 125 -2.53 -45.74 6.36
CA GLU B 125 -1.13 -45.34 6.33
C GLU B 125 -0.92 -44.12 7.22
N LEU B 126 0.11 -44.20 8.05
CA LEU B 126 0.46 -43.17 9.04
C LEU B 126 1.81 -42.56 8.67
N PRO B 127 1.91 -41.24 8.50
CA PRO B 127 3.20 -40.61 8.14
C PRO B 127 4.25 -40.74 9.24
N ILE B 128 5.36 -41.36 8.89
CA ILE B 128 6.48 -41.57 9.78
C ILE B 128 7.52 -40.46 9.62
N MET B 129 8.00 -39.94 10.75
CA MET B 129 9.02 -38.90 10.76
C MET B 129 10.40 -39.43 10.39
N LEU B 130 11.14 -38.66 9.59
CA LEU B 130 12.47 -39.09 9.16
C LEU B 130 13.44 -39.18 10.32
N LYS B 131 14.34 -40.17 10.22
CA LYS B 131 15.39 -40.47 11.21
C LYS B 131 14.82 -40.70 12.61
N SER B 132 13.55 -41.12 12.67
CA SER B 132 12.90 -41.53 13.91
C SER B 132 13.27 -42.95 14.25
N LYS B 133 12.53 -43.58 15.14
CA LYS B 133 12.92 -44.94 15.52
C LYS B 133 12.46 -45.98 14.49
N ALA B 134 11.19 -45.95 14.08
CA ALA B 134 10.74 -46.99 13.18
C ALA B 134 11.11 -46.82 11.71
N CYS B 135 11.58 -45.66 11.29
CA CYS B 135 11.97 -45.44 9.90
C CYS B 135 13.35 -45.97 9.59
N ARG B 136 13.47 -46.72 8.50
CA ARG B 136 14.68 -47.43 8.04
C ARG B 136 16.02 -46.70 8.10
N LEU B 137 16.04 -45.39 8.35
CA LEU B 137 17.28 -44.65 8.46
C LEU B 137 17.85 -44.64 9.88
N TYR B 138 17.27 -45.37 10.81
CA TYR B 138 17.68 -45.29 12.20
C TYR B 138 18.84 -46.23 12.49
N GLY B 139 19.86 -45.69 13.16
CA GLY B 139 21.09 -46.36 13.53
C GLY B 139 21.68 -47.06 12.34
N LEU B 140 22.04 -46.27 11.35
CA LEU B 140 22.64 -46.76 10.12
C LEU B 140 24.00 -46.11 10.00
N SER B 141 24.97 -46.85 9.45
CA SER B 141 26.31 -46.29 9.41
C SER B 141 26.50 -45.29 8.29
N ASP B 142 27.54 -44.47 8.45
CA ASP B 142 27.86 -43.36 7.55
C ASP B 142 28.04 -43.80 6.11
N GLU B 143 28.75 -44.90 5.89
CA GLU B 143 28.97 -45.39 4.53
C GLU B 143 27.66 -45.84 3.89
N GLU B 144 26.75 -46.39 4.69
CA GLU B 144 25.48 -46.85 4.14
C GLU B 144 24.54 -45.68 3.82
N LEU B 145 24.56 -44.61 4.62
CA LEU B 145 23.79 -43.41 4.30
C LEU B 145 24.28 -42.78 3.00
N ILE B 146 25.59 -42.74 2.81
CA ILE B 146 26.18 -42.18 1.60
C ILE B 146 25.76 -42.99 0.39
N LYS B 147 25.79 -44.32 0.49
CA LYS B 147 25.36 -45.19 -0.59
C LYS B 147 23.86 -45.04 -0.89
N LEU B 148 23.04 -44.76 0.11
CA LEU B 148 21.62 -44.64 -0.15
C LEU B 148 21.27 -43.35 -0.88
N GLY B 149 21.98 -42.26 -0.61
CA GLY B 149 21.63 -41.03 -1.29
C GLY B 149 21.25 -39.89 -0.39
N GLU B 150 21.59 -39.95 0.89
CA GLU B 150 21.26 -38.89 1.83
C GLU B 150 22.57 -38.29 2.33
N ASP B 151 22.53 -37.06 2.85
CA ASP B 151 23.81 -36.63 3.41
C ASP B 151 23.83 -36.86 4.92
N PRO B 152 24.95 -37.30 5.49
CA PRO B 152 24.99 -37.57 6.93
C PRO B 152 24.82 -36.35 7.83
N LYS B 153 24.96 -35.13 7.32
CA LYS B 153 24.77 -33.96 8.17
C LYS B 153 23.31 -33.61 8.40
N ASP B 154 22.41 -34.14 7.58
CA ASP B 154 20.98 -33.85 7.72
C ASP B 154 20.49 -34.37 9.07
N PRO B 155 19.87 -33.54 9.88
CA PRO B 155 19.47 -34.00 11.22
C PRO B 155 18.13 -34.71 11.24
N GLY B 156 17.30 -34.47 10.25
CA GLY B 156 15.99 -35.08 10.23
C GLY B 156 15.03 -34.43 11.20
N GLY B 157 13.86 -35.04 11.34
CA GLY B 157 12.83 -34.48 12.18
C GLY B 157 11.66 -33.88 11.43
N TYR B 158 11.58 -34.11 10.12
CA TYR B 158 10.53 -33.58 9.28
C TYR B 158 9.90 -34.72 8.49
N PHE B 159 8.73 -34.49 7.93
CA PHE B 159 8.03 -35.46 7.11
C PHE B 159 8.20 -35.16 5.64
N ILE B 160 7.94 -36.16 4.80
CA ILE B 160 8.01 -35.94 3.36
C ILE B 160 6.60 -36.13 2.81
N ILE B 161 5.61 -35.52 3.45
CA ILE B 161 4.23 -35.63 2.95
C ILE B 161 4.09 -34.99 1.58
N ASN B 162 3.56 -35.77 0.63
CA ASN B 162 3.22 -35.39 -0.75
C ASN B 162 4.39 -34.71 -1.51
N GLY B 163 5.63 -34.95 -1.13
CA GLY B 163 6.73 -34.27 -1.80
C GLY B 163 7.29 -33.11 -0.99
N SER B 164 6.47 -32.11 -0.67
CA SER B 164 6.98 -30.97 0.10
C SER B 164 7.32 -31.43 1.51
N GLU B 165 8.42 -30.94 2.05
CA GLU B 165 8.87 -31.33 3.38
C GLU B 165 8.17 -30.49 4.45
N ARG B 166 7.18 -31.04 5.12
CA ARG B 166 6.42 -30.31 6.13
C ARG B 166 6.91 -30.63 7.54
N VAL B 167 6.98 -29.60 8.39
CA VAL B 167 7.41 -29.73 9.78
C VAL B 167 6.41 -29.07 10.72
N ILE B 168 6.17 -29.66 11.90
CA ILE B 168 5.28 -29.08 12.90
C ILE B 168 6.04 -28.20 13.88
N VAL B 169 5.77 -26.91 13.82
CA VAL B 169 6.34 -25.96 14.76
C VAL B 169 5.58 -26.03 16.08
N SER B 170 6.30 -26.34 17.15
CA SER B 170 5.70 -26.49 18.47
C SER B 170 4.97 -25.24 18.96
N ILE B 171 3.77 -25.43 19.50
CA ILE B 171 2.88 -24.37 19.93
C ILE B 171 2.93 -24.26 21.44
N GLU B 172 3.12 -23.06 21.94
CA GLU B 172 3.29 -22.86 23.38
C GLU B 172 1.94 -22.67 24.07
N ASP B 173 1.47 -23.71 24.75
CA ASP B 173 0.23 -23.76 25.52
C ASP B 173 0.32 -22.89 26.76
N LEU B 174 -0.84 -22.68 27.39
CA LEU B 174 -0.86 -21.90 28.63
C LEU B 174 -1.18 -22.77 29.85
N ALA B 175 -0.41 -23.86 30.04
CA ALA B 175 -0.52 -24.81 31.15
C ALA B 175 -1.90 -25.29 31.56
N PRO B 176 -2.44 -26.31 30.93
CA PRO B 176 -3.78 -26.76 31.27
C PRO B 176 -3.83 -27.37 32.67
N ASN B 177 -5.03 -27.32 33.26
CA ASN B 177 -5.35 -27.85 34.59
C ASN B 177 -4.50 -27.17 35.65
N LYS B 178 -4.76 -25.88 35.81
CA LYS B 178 -4.00 -24.99 36.67
C LYS B 178 -4.95 -23.91 37.15
N THR B 179 -4.43 -22.93 37.86
CA THR B 179 -5.24 -21.83 38.36
C THR B 179 -4.41 -20.57 38.26
N LEU B 180 -5.00 -19.51 37.72
CA LEU B 180 -4.29 -18.26 37.56
C LEU B 180 -5.15 -17.14 38.09
N VAL B 181 -4.68 -16.46 39.13
CA VAL B 181 -5.40 -15.35 39.72
C VAL B 181 -5.08 -14.11 38.88
N GLU B 182 -6.08 -13.59 38.17
CA GLU B 182 -5.89 -12.39 37.35
C GLU B 182 -5.70 -11.17 38.25
N ARG B 183 -5.43 -10.02 37.64
CA ARG B 183 -5.04 -8.81 38.36
C ARG B 183 -6.12 -8.05 39.12
N ASP B 184 -6.14 -6.71 39.06
CA ASP B 184 -6.93 -5.96 40.03
C ASP B 184 -7.31 -4.56 39.53
N GLU B 185 -8.52 -4.14 39.93
CA GLU B 185 -9.05 -2.76 39.87
C GLU B 185 -8.89 -2.07 38.50
N ARG B 186 -9.35 -2.73 37.44
CA ARG B 186 -9.50 -2.03 36.16
C ARG B 186 -10.95 -1.72 35.83
N GLN B 187 -11.81 -2.72 35.91
CA GLN B 187 -13.26 -2.68 35.76
C GLN B 187 -13.97 -3.33 36.93
N ASN B 188 -13.40 -4.40 37.50
CA ASN B 188 -13.97 -5.08 38.65
C ASN B 188 -12.82 -5.36 39.62
N LYS B 189 -13.06 -6.22 40.61
CA LYS B 189 -12.03 -6.76 41.48
C LYS B 189 -11.26 -7.87 40.78
N VAL B 190 -10.79 -8.83 41.57
CA VAL B 190 -9.93 -9.91 41.09
C VAL B 190 -10.80 -11.03 40.54
N VAL B 191 -10.26 -11.78 39.57
CA VAL B 191 -10.94 -12.90 38.93
C VAL B 191 -9.89 -13.98 38.77
N ALA B 192 -10.29 -15.25 38.91
CA ALA B 192 -9.41 -16.37 38.56
C ALA B 192 -9.91 -17.11 37.34
N LYS B 193 -8.99 -17.60 36.51
CA LYS B 193 -9.31 -18.25 35.23
C LYS B 193 -8.56 -19.58 35.15
N VAL B 194 -9.26 -20.61 34.69
CA VAL B 194 -8.71 -21.97 34.57
C VAL B 194 -9.10 -22.56 33.22
N PHE B 195 -8.13 -22.80 32.36
CA PHE B 195 -8.38 -23.58 31.17
C PHE B 195 -8.37 -25.06 31.54
N SER B 196 -9.32 -25.82 31.01
CA SER B 196 -9.29 -27.26 31.22
C SER B 196 -9.80 -27.98 29.99
N TYR B 197 -9.05 -28.98 29.53
CA TYR B 197 -9.41 -29.74 28.35
C TYR B 197 -9.54 -31.22 28.71
N ARG B 198 -10.54 -31.86 28.11
CA ARG B 198 -10.76 -33.30 28.21
C ARG B 198 -11.30 -33.76 26.87
N HIS B 199 -10.42 -34.37 26.07
CA HIS B 199 -10.72 -35.01 24.80
C HIS B 199 -11.28 -34.02 23.78
N GLY B 200 -10.36 -33.19 23.30
CA GLY B 200 -10.68 -32.21 22.29
C GLY B 200 -11.11 -30.84 22.75
N TYR B 201 -12.21 -30.73 23.48
CA TYR B 201 -12.72 -29.41 23.83
C TYR B 201 -11.96 -28.81 25.00
N ARG B 202 -11.76 -27.50 24.94
CA ARG B 202 -11.18 -26.71 26.02
C ARG B 202 -12.07 -25.51 26.30
N ALA B 203 -12.45 -25.35 27.56
CA ALA B 203 -13.40 -24.33 27.99
C ALA B 203 -12.83 -23.52 29.13
N LEU B 204 -13.44 -22.36 29.38
CA LEU B 204 -12.99 -21.45 30.43
C LEU B 204 -14.01 -21.48 31.56
N ILE B 205 -13.52 -21.39 32.79
CA ILE B 205 -14.39 -21.35 33.97
C ILE B 205 -13.85 -20.31 34.93
N THR B 206 -14.41 -19.12 34.91
CA THR B 206 -13.97 -18.11 35.87
C THR B 206 -14.84 -18.10 37.12
N VAL B 207 -14.23 -17.83 38.26
CA VAL B 207 -15.02 -17.63 39.47
C VAL B 207 -14.74 -16.24 39.99
N GLU B 208 -15.34 -15.25 39.33
CA GLU B 208 -15.12 -13.83 39.56
C GLU B 208 -15.83 -13.36 40.80
N ARG B 209 -15.45 -12.17 41.28
CA ARG B 209 -16.18 -11.52 42.38
C ARG B 209 -16.00 -10.02 42.16
N LYS B 210 -17.04 -9.41 41.61
CA LYS B 210 -16.99 -7.99 41.26
C LYS B 210 -17.26 -7.14 42.50
N LYS B 211 -16.85 -5.87 42.42
CA LYS B 211 -16.80 -5.02 43.61
C LYS B 211 -18.18 -4.61 44.11
N ASP B 212 -18.95 -5.61 44.56
CA ASP B 212 -20.11 -5.45 45.43
C ASP B 212 -20.40 -6.79 46.11
N GLY B 213 -19.49 -7.76 45.95
CA GLY B 213 -19.59 -8.98 46.73
C GLY B 213 -20.54 -10.03 46.20
N ILE B 214 -20.97 -9.93 44.93
CA ILE B 214 -21.89 -10.92 44.37
C ILE B 214 -21.21 -12.28 44.24
N LEU B 215 -20.00 -12.32 43.65
CA LEU B 215 -19.17 -13.50 43.44
C LEU B 215 -19.84 -14.46 42.45
N TYR B 216 -19.56 -14.25 41.17
CA TYR B 216 -20.18 -14.94 40.04
C TYR B 216 -19.28 -16.02 39.45
N VAL B 217 -19.90 -16.83 38.59
CA VAL B 217 -19.25 -17.89 37.82
C VAL B 217 -19.71 -17.77 36.37
N THR B 218 -18.78 -17.89 35.44
CA THR B 218 -19.09 -17.87 34.01
C THR B 218 -19.15 -19.29 33.48
N ILE B 219 -20.08 -19.54 32.58
CA ILE B 219 -20.23 -20.83 31.93
C ILE B 219 -20.15 -20.48 30.44
N PRO B 220 -19.49 -21.29 29.60
CA PRO B 220 -19.43 -20.98 28.16
C PRO B 220 -20.76 -20.76 27.45
N ASN B 221 -21.62 -21.76 27.51
CA ASN B 221 -22.93 -21.73 26.87
C ASN B 221 -23.87 -20.79 27.61
N VAL B 222 -24.22 -19.67 26.96
CA VAL B 222 -25.09 -18.59 27.45
C VAL B 222 -24.50 -17.92 28.68
N PRO B 223 -23.87 -16.71 28.49
CA PRO B 223 -23.11 -16.01 29.55
C PRO B 223 -23.77 -15.90 30.91
N LYS B 224 -24.82 -15.01 31.04
CA LYS B 224 -25.69 -14.68 32.17
C LYS B 224 -25.20 -15.23 33.49
N PRO B 225 -24.21 -14.59 34.14
CA PRO B 225 -23.57 -15.16 35.34
C PRO B 225 -24.55 -15.54 36.43
N VAL B 226 -24.14 -16.49 37.25
CA VAL B 226 -24.96 -16.99 38.34
C VAL B 226 -24.15 -16.85 39.61
N LYS B 227 -24.86 -16.59 40.72
CA LYS B 227 -24.21 -16.49 42.01
C LYS B 227 -23.51 -17.81 42.33
N PHE B 228 -22.38 -17.71 43.04
CA PHE B 228 -21.61 -18.90 43.39
C PHE B 228 -22.39 -19.86 44.27
N VAL B 229 -23.18 -19.32 45.20
CA VAL B 229 -23.92 -20.17 46.11
C VAL B 229 -25.17 -20.74 45.42
N TYR B 230 -25.76 -20.01 44.46
CA TYR B 230 -26.81 -20.57 43.60
C TYR B 230 -26.34 -21.81 42.87
N VAL B 231 -25.26 -21.66 42.07
CA VAL B 231 -24.66 -22.74 41.30
C VAL B 231 -24.19 -23.88 42.20
N MET B 232 -23.67 -23.56 43.39
CA MET B 232 -23.15 -24.59 44.31
C MET B 232 -24.25 -25.54 44.76
N ARG B 233 -25.47 -25.03 44.96
CA ARG B 233 -26.52 -25.95 45.37
C ARG B 233 -27.03 -26.78 44.21
N ALA B 234 -27.07 -26.23 43.00
CA ALA B 234 -27.46 -27.01 41.84
C ALA B 234 -26.46 -28.10 41.50
N LEU B 235 -25.22 -27.99 41.97
CA LEU B 235 -24.23 -29.01 41.64
C LEU B 235 -24.47 -30.26 42.48
N GLY B 236 -24.19 -30.20 43.78
CA GLY B 236 -24.42 -31.34 44.63
C GLY B 236 -24.33 -31.11 46.13
N LEU B 237 -24.11 -29.89 46.58
CA LEU B 237 -24.07 -29.57 48.02
C LEU B 237 -25.33 -28.83 48.41
N LEU B 238 -26.11 -29.44 49.30
CA LEU B 238 -27.41 -28.89 49.68
C LEU B 238 -27.31 -27.95 50.88
N THR B 239 -26.96 -28.49 52.04
CA THR B 239 -26.86 -27.74 53.29
C THR B 239 -25.84 -26.61 53.18
N ASP B 240 -26.13 -25.51 53.89
CA ASP B 240 -25.22 -24.37 53.95
C ASP B 240 -23.93 -24.71 54.69
N LYS B 241 -24.01 -25.61 55.67
CA LYS B 241 -22.83 -26.09 56.38
C LYS B 241 -21.84 -26.79 55.47
N GLU B 242 -22.34 -27.46 54.41
CA GLU B 242 -21.48 -28.13 53.45
C GLU B 242 -20.54 -27.14 52.75
N ILE B 243 -21.12 -26.11 52.14
CA ILE B 243 -20.36 -25.06 51.44
C ILE B 243 -19.36 -24.41 52.38
N VAL B 244 -19.84 -23.96 53.54
CA VAL B 244 -19.04 -23.27 54.55
C VAL B 244 -17.84 -24.11 54.99
N GLU B 245 -18.05 -25.37 55.35
CA GLU B 245 -16.95 -26.20 55.83
C GLU B 245 -16.03 -26.71 54.74
N ALA B 246 -16.49 -26.81 53.50
CA ALA B 246 -15.61 -27.30 52.44
C ALA B 246 -14.61 -26.26 51.95
N VAL B 247 -15.00 -24.98 51.90
CA VAL B 247 -14.08 -23.93 51.46
C VAL B 247 -12.91 -23.75 52.42
N SER B 248 -13.20 -23.40 53.68
CA SER B 248 -12.12 -23.22 54.66
C SER B 248 -12.70 -23.17 56.07
N ASP B 249 -11.92 -23.64 57.02
CA ASP B 249 -12.23 -23.60 58.44
C ASP B 249 -11.63 -22.37 59.15
N ASP B 250 -10.90 -21.53 58.43
CA ASP B 250 -10.25 -20.37 59.03
C ASP B 250 -11.27 -19.28 59.29
N PRO B 251 -11.46 -18.86 60.56
CA PRO B 251 -12.49 -17.85 60.90
C PRO B 251 -12.51 -16.54 60.12
N ARG B 252 -11.35 -15.90 59.90
CA ARG B 252 -11.32 -14.63 59.15
C ARG B 252 -11.87 -14.81 57.74
N ILE B 253 -11.41 -15.84 57.04
CA ILE B 253 -11.94 -16.13 55.72
C ILE B 253 -13.40 -16.58 55.80
N GLN B 254 -13.76 -17.29 56.88
CA GLN B 254 -15.12 -17.79 57.07
C GLN B 254 -16.16 -16.68 57.24
N GLN B 255 -15.78 -15.54 57.83
CA GLN B 255 -16.76 -14.50 58.08
C GLN B 255 -17.18 -13.77 56.81
N VAL B 256 -16.44 -13.90 55.71
CA VAL B 256 -16.81 -13.22 54.47
C VAL B 256 -17.71 -14.08 53.61
N LEU B 257 -18.10 -15.26 54.08
CA LEU B 257 -18.91 -16.16 53.26
C LEU B 257 -20.34 -16.27 53.74
N PHE B 258 -20.61 -16.05 55.04
CA PHE B 258 -21.97 -16.04 55.57
C PHE B 258 -22.83 -14.95 54.93
N ASP B 259 -22.23 -13.83 54.54
CA ASP B 259 -22.93 -12.74 53.87
C ASP B 259 -23.52 -13.25 52.57
N ASN B 260 -22.62 -13.61 51.63
CA ASN B 260 -22.98 -14.20 50.34
C ASN B 260 -23.96 -15.36 50.48
N LEU B 261 -23.72 -16.25 51.45
CA LEU B 261 -24.63 -17.35 51.80
C LEU B 261 -26.04 -16.86 52.09
N GLU B 262 -26.17 -15.89 53.00
CA GLU B 262 -27.47 -15.41 53.49
C GLU B 262 -28.30 -14.76 52.39
N ASP B 263 -27.65 -14.13 51.41
CA ASP B 263 -28.38 -13.36 50.41
C ASP B 263 -29.12 -14.21 49.38
N ALA B 264 -28.58 -15.36 49.00
CA ALA B 264 -29.16 -16.16 47.93
C ALA B 264 -29.71 -17.51 48.33
N SER B 265 -29.04 -18.24 49.25
CA SER B 265 -29.49 -19.57 49.67
C SER B 265 -30.88 -19.58 50.29
N ASP B 266 -31.34 -18.45 50.79
CA ASP B 266 -32.70 -18.33 51.31
C ASP B 266 -33.71 -18.24 50.18
N ILE B 267 -33.32 -17.68 49.03
CA ILE B 267 -34.28 -17.48 47.96
C ILE B 267 -34.43 -18.74 47.11
N SER B 268 -33.33 -19.36 46.72
CA SER B 268 -33.37 -20.58 45.93
C SER B 268 -33.19 -21.79 46.82
N THR B 269 -34.15 -22.70 46.80
CA THR B 269 -34.00 -23.95 47.53
C THR B 269 -33.11 -24.91 46.75
N GLN B 270 -33.32 -26.20 46.92
CA GLN B 270 -32.44 -27.16 46.26
C GLN B 270 -33.09 -27.70 44.99
N GLU B 271 -32.23 -27.93 43.99
CA GLU B 271 -32.51 -28.48 42.66
C GLU B 271 -33.31 -27.56 41.75
N GLU B 272 -33.85 -26.46 42.29
CA GLU B 272 -34.58 -25.51 41.46
C GLU B 272 -33.63 -24.62 40.66
N ALA B 273 -32.41 -24.45 41.15
CA ALA B 273 -31.39 -23.75 40.37
C ALA B 273 -31.05 -24.53 39.12
N LEU B 274 -30.99 -25.87 39.25
CA LEU B 274 -30.83 -26.77 38.12
C LEU B 274 -31.94 -26.56 37.10
N ASP B 275 -33.17 -26.39 37.58
CA ASP B 275 -34.30 -26.07 36.72
C ASP B 275 -34.10 -24.74 35.99
N TYR B 276 -33.55 -23.72 36.68
CA TYR B 276 -33.30 -22.40 36.09
C TYR B 276 -32.32 -22.43 34.93
N ILE B 277 -31.43 -23.41 34.87
CA ILE B 277 -30.47 -23.48 33.77
C ILE B 277 -31.19 -23.76 32.45
N GLY B 278 -31.98 -24.85 32.40
CA GLY B 278 -32.77 -25.14 31.22
C GLY B 278 -33.81 -24.08 30.89
N ARG B 279 -34.30 -23.38 31.91
CA ARG B 279 -35.09 -22.17 31.74
C ARG B 279 -34.29 -21.09 30.99
N LEU B 280 -33.22 -20.61 31.63
CA LEU B 280 -32.35 -19.57 31.06
C LEU B 280 -31.71 -19.96 29.73
N ALA B 281 -31.47 -21.25 29.49
CA ALA B 281 -30.88 -21.68 28.22
C ALA B 281 -31.86 -21.52 27.07
N LEU B 282 -33.04 -22.11 27.18
CA LEU B 282 -34.00 -22.16 26.09
C LEU B 282 -35.28 -21.43 26.46
N PRO B 283 -35.55 -20.25 25.89
CA PRO B 283 -36.80 -19.54 26.18
C PRO B 283 -37.97 -20.08 25.37
N GLY B 284 -38.86 -20.78 26.05
CA GLY B 284 -40.01 -21.43 25.45
C GLY B 284 -40.19 -22.79 26.08
N GLN B 285 -41.36 -22.99 26.70
CA GLN B 285 -41.79 -24.08 27.59
C GLN B 285 -41.38 -25.48 27.14
N PRO B 286 -40.43 -26.10 27.82
CA PRO B 286 -39.99 -27.44 27.45
C PRO B 286 -40.20 -28.50 28.55
N LYS B 287 -41.03 -28.17 29.55
CA LYS B 287 -41.24 -28.80 30.86
C LYS B 287 -40.41 -30.04 31.23
N GLU B 288 -40.61 -31.17 30.55
CA GLU B 288 -39.73 -32.34 30.70
C GLU B 288 -38.27 -31.99 30.45
N TYR B 289 -38.02 -31.36 29.31
CA TYR B 289 -36.68 -31.06 28.79
C TYR B 289 -35.90 -30.15 29.72
N ARG B 290 -36.59 -29.36 30.55
CA ARG B 290 -35.99 -28.38 31.47
C ARG B 290 -34.90 -28.97 32.36
N LEU B 291 -35.22 -30.04 33.08
CA LEU B 291 -34.24 -30.70 33.94
C LEU B 291 -33.07 -31.28 33.13
N ARG B 292 -33.38 -31.94 32.02
CA ARG B 292 -32.39 -32.66 31.23
C ARG B 292 -31.39 -31.75 30.52
N ARG B 293 -31.77 -30.51 30.19
CA ARG B 293 -30.84 -29.61 29.51
C ARG B 293 -29.69 -29.21 30.44
N ALA B 294 -30.02 -28.92 31.69
CA ALA B 294 -29.01 -28.60 32.69
C ALA B 294 -28.02 -29.75 32.86
N GLU B 295 -28.51 -31.00 32.80
CA GLU B 295 -27.64 -32.17 32.88
C GLU B 295 -26.61 -32.15 31.77
N HIS B 296 -27.06 -31.86 30.55
CA HIS B 296 -26.15 -31.68 29.42
C HIS B 296 -25.16 -30.54 29.69
N ILE B 297 -25.64 -29.40 30.20
CA ILE B 297 -24.76 -28.24 30.39
C ILE B 297 -23.77 -28.46 31.53
N ILE B 298 -24.24 -28.94 32.68
CA ILE B 298 -23.36 -29.18 33.82
C ILE B 298 -22.31 -30.25 33.53
N ASP B 299 -22.69 -31.32 32.85
CA ASP B 299 -21.74 -32.41 32.66
C ASP B 299 -20.76 -32.16 31.52
N ASN B 300 -21.16 -31.42 30.48
CA ASN B 300 -20.28 -31.23 29.34
C ASN B 300 -19.53 -29.92 29.39
N ASN B 301 -19.76 -29.07 30.39
CA ASN B 301 -19.03 -27.81 30.46
C ASN B 301 -18.28 -27.63 31.78
N LEU B 302 -18.91 -27.84 32.92
CA LEU B 302 -18.23 -27.63 34.20
C LEU B 302 -17.19 -28.70 34.46
N LEU B 303 -15.93 -28.27 34.47
CA LEU B 303 -14.72 -29.06 34.76
C LEU B 303 -14.69 -30.47 34.15
N PRO B 304 -14.69 -30.57 32.82
CA PRO B 304 -14.77 -31.91 32.19
C PRO B 304 -13.54 -32.78 32.39
N HIS B 305 -12.47 -32.25 32.96
CA HIS B 305 -11.34 -33.09 33.29
C HIS B 305 -11.57 -33.94 34.52
N MET B 306 -12.59 -33.63 35.32
CA MET B 306 -12.86 -34.46 36.49
C MET B 306 -13.90 -35.54 36.24
N GLY B 307 -14.69 -35.45 35.18
CA GLY B 307 -15.69 -36.46 34.92
C GLY B 307 -16.82 -35.92 34.06
N VAL B 308 -17.62 -36.86 33.58
CA VAL B 308 -18.70 -36.55 32.64
C VAL B 308 -20.05 -37.09 33.09
N ASP B 309 -20.12 -38.01 34.04
CA ASP B 309 -21.37 -38.59 34.52
C ASP B 309 -21.92 -37.74 35.67
N PRO B 310 -23.21 -37.89 36.01
CA PRO B 310 -23.77 -37.12 37.13
C PRO B 310 -23.17 -37.49 38.49
N GLU B 311 -22.57 -38.66 38.62
CA GLU B 311 -21.96 -39.04 39.89
C GLU B 311 -20.69 -38.24 40.14
N ASN B 312 -20.02 -37.83 39.06
CA ASN B 312 -18.74 -37.14 39.14
C ASN B 312 -18.88 -35.72 39.64
N ARG B 313 -20.08 -35.15 39.52
CA ARG B 313 -20.41 -33.82 40.04
C ARG B 313 -19.95 -33.65 41.49
N ARG B 314 -20.36 -34.60 42.36
CA ARG B 314 -19.98 -34.63 43.78
C ARG B 314 -18.47 -34.45 44.02
N ALA B 315 -17.63 -34.85 43.06
CA ALA B 315 -16.19 -34.64 43.20
C ALA B 315 -15.78 -33.22 42.82
N LYS B 316 -16.25 -32.75 41.65
CA LYS B 316 -16.04 -31.36 41.22
C LYS B 316 -16.51 -30.36 42.26
N ALA B 317 -17.60 -30.67 42.96
CA ALA B 317 -18.11 -29.93 44.10
C ALA B 317 -17.00 -29.49 45.05
N TYR B 318 -16.30 -30.46 45.64
CA TYR B 318 -15.13 -30.19 46.49
C TYR B 318 -14.08 -29.34 45.77
N TYR B 319 -13.76 -29.73 44.52
CA TYR B 319 -12.80 -28.99 43.70
C TYR B 319 -13.18 -27.54 43.48
N LEU B 320 -14.44 -27.30 43.09
CA LEU B 320 -14.93 -25.96 42.80
C LEU B 320 -14.80 -25.04 44.01
N GLY B 321 -15.09 -25.58 45.20
CA GLY B 321 -14.90 -24.83 46.44
C GLY B 321 -13.49 -24.31 46.62
N MET B 322 -12.50 -25.20 46.43
CA MET B 322 -11.09 -24.82 46.58
C MET B 322 -10.67 -23.70 45.62
N MET B 323 -11.10 -23.78 44.36
CA MET B 323 -10.83 -22.72 43.39
C MET B 323 -11.37 -21.37 43.85
N ALA B 324 -12.62 -21.37 44.32
CA ALA B 324 -13.27 -20.16 44.79
C ALA B 324 -12.51 -19.51 45.93
N LEU B 325 -11.99 -20.32 46.86
CA LEU B 325 -11.24 -19.85 48.02
C LEU B 325 -10.12 -18.89 47.63
N LYS B 326 -9.32 -19.30 46.63
CA LYS B 326 -8.21 -18.50 46.09
C LYS B 326 -8.59 -17.07 45.76
N VAL B 327 -9.71 -16.88 45.05
CA VAL B 327 -10.20 -15.55 44.72
C VAL B 327 -10.47 -14.71 45.98
N LEU B 328 -11.27 -15.26 46.91
CA LEU B 328 -11.68 -14.51 48.09
C LEU B 328 -10.51 -14.02 48.96
N GLU B 329 -9.47 -14.83 49.14
CA GLU B 329 -8.36 -14.38 49.99
C GLU B 329 -7.59 -13.20 49.38
N LEU B 330 -7.47 -13.15 48.05
CA LEU B 330 -6.73 -12.07 47.42
C LEU B 330 -7.38 -10.71 47.69
N SER B 331 -8.72 -10.67 47.76
CA SER B 331 -9.38 -9.43 48.11
C SER B 331 -9.10 -9.03 49.56
N LEU B 332 -8.77 -9.99 50.41
CA LEU B 332 -8.33 -9.72 51.77
C LEU B 332 -6.82 -9.54 51.84
N GLY B 333 -6.12 -9.96 50.80
CA GLY B 333 -4.69 -9.95 50.71
C GLY B 333 -4.08 -11.17 51.36
N LEU B 334 -3.55 -12.08 50.54
CA LEU B 334 -2.92 -13.27 51.09
C LEU B 334 -1.76 -13.68 50.19
N ARG B 335 -1.89 -13.47 48.89
CA ARG B 335 -0.82 -13.75 47.92
C ARG B 335 -0.56 -12.57 47.02
N GLY B 336 0.19 -12.86 45.96
CA GLY B 336 0.69 -11.95 44.95
C GLY B 336 0.32 -12.48 43.59
N GLU B 337 -0.42 -11.69 42.80
CA GLU B 337 -0.99 -12.09 41.52
C GLU B 337 -0.01 -12.82 40.62
N ASP B 338 -0.43 -13.97 40.11
CA ASP B 338 0.41 -14.79 39.26
C ASP B 338 0.52 -14.17 37.88
N ASP B 339 1.72 -13.74 37.51
CA ASP B 339 1.96 -13.22 36.17
C ASP B 339 2.01 -14.38 35.21
N LYS B 340 1.16 -14.35 34.22
CA LYS B 340 1.02 -15.42 33.25
C LYS B 340 2.13 -15.48 32.24
N ASP B 341 3.25 -14.79 32.34
CA ASP B 341 4.34 -14.96 31.39
C ASP B 341 5.52 -15.67 32.00
N HIS B 342 5.47 -15.92 33.30
CA HIS B 342 6.48 -16.68 34.03
C HIS B 342 6.51 -18.09 33.49
N TYR B 343 7.69 -18.59 33.10
CA TYR B 343 7.77 -19.91 32.48
C TYR B 343 7.45 -21.09 33.39
N ALA B 344 7.21 -20.88 34.69
CA ALA B 344 6.76 -22.01 35.50
C ALA B 344 5.35 -22.43 35.13
N ASN B 345 4.49 -21.49 34.79
CA ASN B 345 3.12 -21.83 34.43
C ASN B 345 2.86 -21.84 32.93
N LYS B 346 3.88 -22.01 32.11
CA LYS B 346 3.70 -22.10 30.67
C LYS B 346 4.36 -23.39 30.18
N ARG B 347 3.61 -24.23 29.44
CA ARG B 347 4.06 -25.52 28.94
C ARG B 347 3.92 -25.62 27.42
N LEU B 348 4.88 -26.26 26.76
CA LEU B 348 4.84 -26.40 25.30
C LEU B 348 4.26 -27.75 24.90
N LYS B 349 3.26 -27.75 24.02
CA LYS B 349 2.80 -28.99 23.41
C LYS B 349 3.54 -29.10 22.09
N LEU B 350 4.48 -30.02 22.03
CA LEU B 350 5.29 -30.19 20.83
C LEU B 350 4.65 -31.18 19.87
N ALA B 351 5.38 -31.56 18.80
CA ALA B 351 4.88 -32.36 17.68
C ALA B 351 4.22 -33.68 18.07
N GLY B 352 4.73 -34.37 19.08
CA GLY B 352 4.13 -35.59 19.57
C GLY B 352 2.67 -35.48 19.95
N ASP B 353 2.40 -34.67 20.98
CA ASP B 353 1.08 -34.51 21.53
C ASP B 353 0.07 -33.90 20.56
N LEU B 354 0.53 -33.03 19.65
CA LEU B 354 -0.39 -32.51 18.63
C LEU B 354 -0.91 -33.61 17.72
N LEU B 355 -0.03 -34.50 17.28
CA LEU B 355 -0.42 -35.57 16.36
C LEU B 355 -1.41 -36.55 16.98
N LYS B 356 -1.42 -36.66 18.31
CA LYS B 356 -2.41 -37.47 19.00
C LYS B 356 -3.81 -36.90 18.78
N ASP B 357 -3.97 -35.60 18.97
CA ASP B 357 -5.26 -34.94 18.74
C ASP B 357 -5.71 -35.08 17.29
N LEU B 358 -4.78 -35.15 16.35
CA LEU B 358 -5.15 -35.41 14.95
C LEU B 358 -5.63 -36.84 14.77
N PHE B 359 -4.84 -37.81 15.25
CA PHE B 359 -5.17 -39.21 15.08
C PHE B 359 -6.47 -39.61 15.77
N ARG B 360 -6.78 -39.00 16.91
CA ARG B 360 -8.01 -39.33 17.63
C ARG B 360 -9.27 -39.04 16.83
N VAL B 361 -9.41 -37.83 16.31
CA VAL B 361 -10.62 -37.47 15.55
C VAL B 361 -10.73 -38.31 14.29
N ALA B 362 -9.62 -38.46 13.56
CA ALA B 362 -9.61 -39.28 12.35
C ALA B 362 -10.01 -40.74 12.62
N PHE B 363 -9.44 -41.36 13.65
CA PHE B 363 -9.82 -42.72 14.02
C PHE B 363 -11.27 -42.82 14.46
N GLY B 364 -11.80 -41.76 15.06
CA GLY B 364 -13.21 -41.75 15.42
C GLY B 364 -14.13 -41.82 14.22
N GLN B 365 -13.82 -41.04 13.18
CA GLN B 365 -14.60 -41.04 11.96
C GLN B 365 -14.59 -42.41 11.28
N LEU B 366 -13.48 -43.13 11.35
CA LEU B 366 -13.41 -44.48 10.78
C LEU B 366 -14.38 -45.43 11.48
N VAL B 367 -14.30 -45.52 12.81
CA VAL B 367 -15.18 -46.40 13.58
C VAL B 367 -16.64 -46.08 13.34
N LYS B 368 -16.99 -44.81 13.16
CA LYS B 368 -18.38 -44.46 12.89
C LYS B 368 -18.79 -44.88 11.49
N ASP B 369 -17.91 -44.69 10.51
CA ASP B 369 -18.22 -45.14 9.16
C ASP B 369 -18.25 -46.65 9.05
N MET B 370 -17.48 -47.36 9.87
CA MET B 370 -17.49 -48.81 9.84
C MET B 370 -18.79 -49.38 10.41
N GLN B 371 -19.37 -48.72 11.41
CA GLN B 371 -20.62 -49.20 11.99
C GLN B 371 -21.78 -49.13 11.00
N TYR B 372 -22.04 -47.95 10.45
CA TYR B 372 -23.10 -47.73 9.47
C TYR B 372 -23.03 -48.67 8.27
N GLN B 373 -21.82 -48.93 7.75
CA GLN B 373 -21.66 -49.79 6.58
C GLN B 373 -22.12 -51.22 6.85
N MET B 374 -21.66 -51.81 7.97
CA MET B 374 -22.04 -53.18 8.32
C MET B 374 -23.56 -53.33 8.47
N THR B 375 -24.21 -52.33 9.06
CA THR B 375 -25.67 -52.34 9.18
C THR B 375 -26.33 -52.32 7.81
N LYS B 376 -25.75 -51.59 6.87
CA LYS B 376 -26.31 -51.46 5.52
C LYS B 376 -25.92 -52.61 4.60
N THR B 377 -25.51 -53.72 5.19
CA THR B 377 -25.10 -54.92 4.47
C THR B 377 -25.83 -56.08 5.11
N TYR B 378 -26.59 -55.82 6.19
CA TYR B 378 -27.37 -56.84 6.87
C TYR B 378 -28.67 -57.15 6.14
N GLN B 379 -29.39 -56.13 5.68
CA GLN B 379 -30.67 -56.40 5.03
C GLN B 379 -30.49 -57.02 3.64
N ARG B 380 -29.52 -56.56 2.85
CA ARG B 380 -29.42 -57.10 1.50
C ARG B 380 -28.67 -58.42 1.42
N LYS B 381 -27.90 -58.78 2.43
CA LYS B 381 -27.20 -60.06 2.36
C LYS B 381 -27.69 -61.08 3.36
N GLY B 382 -28.43 -60.65 4.40
CA GLY B 382 -29.12 -61.56 5.28
C GLY B 382 -28.20 -62.43 6.10
N GLU B 383 -28.16 -63.72 5.75
CA GLU B 383 -27.35 -64.70 6.44
C GLU B 383 -26.28 -65.25 5.52
N ARG B 384 -25.07 -65.35 6.03
CA ARG B 384 -23.96 -66.05 5.41
C ARG B 384 -23.47 -67.08 6.42
N TYR B 385 -22.28 -67.65 6.17
CA TYR B 385 -21.72 -68.64 7.08
C TYR B 385 -21.49 -68.06 8.46
N THR B 386 -21.86 -68.84 9.48
CA THR B 386 -22.23 -68.30 10.78
C THR B 386 -21.05 -67.64 11.48
N PHE B 387 -20.01 -68.42 11.79
CA PHE B 387 -18.84 -67.83 12.43
C PHE B 387 -18.00 -67.00 11.46
N GLU B 388 -18.19 -67.17 10.15
CA GLU B 388 -17.55 -66.33 9.15
C GLU B 388 -18.48 -65.26 8.60
N ASN B 389 -19.24 -64.62 9.48
CA ASN B 389 -20.13 -63.54 9.09
C ASN B 389 -19.41 -62.23 9.29
N ILE B 390 -18.92 -62.02 10.51
CA ILE B 390 -18.11 -60.87 10.83
C ILE B 390 -16.80 -60.95 10.05
N GLN B 391 -16.18 -62.14 10.03
CA GLN B 391 -14.93 -62.46 9.33
C GLN B 391 -14.89 -62.19 7.83
N ARG B 392 -15.95 -61.66 7.27
CA ARG B 392 -16.17 -61.17 5.92
C ARG B 392 -16.87 -59.83 5.96
N PHE B 393 -17.85 -59.64 6.85
CA PHE B 393 -18.44 -58.32 7.10
C PHE B 393 -17.38 -57.25 7.31
N VAL B 394 -16.34 -57.58 8.10
CA VAL B 394 -15.25 -56.66 8.38
C VAL B 394 -14.57 -56.19 7.11
N ARG B 395 -13.91 -57.11 6.40
CA ARG B 395 -13.03 -56.74 5.29
C ARG B 395 -13.75 -56.00 4.17
N ASN B 396 -15.01 -56.34 3.90
CA ASN B 396 -15.76 -55.62 2.89
C ASN B 396 -16.14 -54.21 3.34
N SER B 397 -16.06 -53.88 4.63
CA SER B 397 -16.68 -52.65 5.12
C SER B 397 -15.71 -51.74 5.86
N ILE B 398 -14.48 -51.57 5.35
CA ILE B 398 -13.49 -50.72 5.98
C ILE B 398 -13.08 -49.56 5.09
N ARG B 399 -12.95 -49.83 3.77
CA ARG B 399 -12.45 -48.96 2.69
C ARG B 399 -11.36 -48.03 3.22
N PRO B 400 -10.14 -48.58 3.37
CA PRO B 400 -9.09 -47.98 4.22
C PRO B 400 -8.70 -46.55 3.91
N ASP B 401 -8.82 -46.13 2.65
CA ASP B 401 -8.46 -44.79 2.17
C ASP B 401 -8.99 -43.66 3.04
N VAL B 402 -10.16 -43.83 3.63
CA VAL B 402 -10.81 -42.90 4.57
C VAL B 402 -9.88 -42.38 5.66
N LEU B 403 -9.39 -43.27 6.54
CA LEU B 403 -8.49 -42.83 7.61
C LEU B 403 -7.22 -42.18 7.07
N SER B 404 -6.65 -42.74 5.99
CA SER B 404 -5.38 -42.25 5.44
C SER B 404 -5.49 -40.82 4.93
N GLU B 405 -6.46 -40.56 4.05
CA GLU B 405 -6.61 -39.26 3.42
C GLU B 405 -6.77 -38.15 4.46
N ARG B 406 -7.70 -38.32 5.39
CA ARG B 406 -7.96 -37.38 6.47
C ARG B 406 -6.73 -37.06 7.34
N ILE B 407 -5.67 -37.86 7.29
CA ILE B 407 -4.47 -37.56 8.07
C ILE B 407 -3.56 -36.65 7.27
N GLU B 408 -3.41 -36.94 5.98
CA GLU B 408 -2.58 -36.12 5.10
C GLU B 408 -3.16 -34.73 4.93
N HIS B 409 -4.38 -34.63 4.41
CA HIS B 409 -5.01 -33.37 4.05
C HIS B 409 -5.14 -32.38 5.20
N ALA B 410 -5.11 -32.85 6.44
CA ALA B 410 -5.16 -31.91 7.55
C ALA B 410 -3.78 -31.44 7.95
N LEU B 411 -2.77 -32.27 7.75
CA LEU B 411 -1.42 -31.89 8.11
C LEU B 411 -0.73 -31.15 6.98
N ALA B 412 -1.15 -31.36 5.74
CA ALA B 412 -0.50 -30.74 4.58
C ALA B 412 -1.05 -29.37 4.26
N THR B 413 -2.19 -29.01 4.85
CA THR B 413 -2.80 -27.72 4.58
C THR B 413 -2.67 -26.80 5.78
N GLY B 414 -2.39 -27.35 6.95
CA GLY B 414 -2.22 -26.51 8.11
C GLY B 414 -3.47 -25.94 8.70
N SER B 415 -4.62 -26.57 8.48
CA SER B 415 -5.86 -26.17 9.15
C SER B 415 -6.35 -27.42 9.87
N TRP B 416 -6.07 -27.51 11.17
CA TRP B 416 -6.44 -28.67 11.94
C TRP B 416 -7.95 -28.74 12.18
N PRO B 417 -8.50 -29.88 12.66
CA PRO B 417 -9.95 -29.90 12.93
C PRO B 417 -10.38 -29.05 14.09
N GLY B 418 -9.54 -28.86 15.12
CA GLY B 418 -9.97 -28.14 16.31
C GLY B 418 -10.26 -26.68 16.05
N GLY B 419 -9.55 -26.07 15.11
CA GLY B 419 -9.74 -24.68 14.81
C GLY B 419 -8.42 -23.97 14.66
N ARG B 420 -7.33 -24.64 15.02
CA ARG B 420 -6.02 -24.02 14.91
C ARG B 420 -5.56 -24.02 13.46
N THR B 421 -4.73 -23.03 13.13
CA THR B 421 -4.17 -22.89 11.80
C THR B 421 -2.68 -22.60 11.94
N GLY B 422 -1.95 -22.82 10.86
CA GLY B 422 -0.53 -22.61 10.91
C GLY B 422 0.20 -23.61 11.75
N VAL B 423 -0.27 -24.86 11.78
CA VAL B 423 0.39 -25.89 12.56
C VAL B 423 1.60 -26.43 11.83
N SER B 424 1.52 -26.56 10.53
CA SER B 424 2.62 -27.09 9.74
C SER B 424 3.11 -26.04 8.75
N GLN B 425 4.42 -25.83 8.70
CA GLN B 425 5.00 -24.90 7.74
C GLN B 425 5.87 -25.73 6.82
N LEU B 426 6.24 -25.19 5.66
CA LEU B 426 7.13 -25.90 4.74
C LEU B 426 8.56 -25.54 5.09
N LEU B 427 9.37 -26.57 5.31
CA LEU B 427 10.76 -26.43 5.76
C LEU B 427 11.62 -25.55 4.87
N ASP B 428 11.93 -24.37 5.37
CA ASP B 428 12.76 -23.39 4.68
C ASP B 428 14.16 -23.94 4.47
N ARG B 429 14.59 -24.08 3.22
CA ARG B 429 15.75 -24.91 3.00
C ARG B 429 17.02 -24.16 2.59
N THR B 430 16.95 -22.89 2.21
CA THR B 430 18.13 -22.08 1.88
C THR B 430 19.15 -22.00 3.02
N ASN B 431 20.46 -22.17 2.70
CA ASN B 431 21.63 -22.13 3.60
C ASN B 431 21.54 -22.77 4.98
N TYR B 432 22.12 -23.97 5.10
CA TYR B 432 22.11 -24.92 6.22
C TYR B 432 21.69 -24.41 7.59
N MET B 433 22.26 -23.28 8.02
CA MET B 433 21.90 -22.64 9.28
C MET B 433 20.41 -22.38 9.42
N SER B 434 19.75 -21.97 8.34
CA SER B 434 18.31 -21.72 8.38
C SER B 434 17.49 -22.95 8.73
N THR B 435 17.77 -24.09 8.09
CA THR B 435 16.98 -25.31 8.31
C THR B 435 17.08 -25.76 9.75
N LEU B 436 18.31 -25.83 10.24
CA LEU B 436 18.56 -26.14 11.64
C LEU B 436 17.86 -25.14 12.55
N SER B 437 17.95 -23.86 12.22
CA SER B 437 17.22 -22.86 12.99
C SER B 437 15.72 -23.02 12.87
N HIS B 438 15.23 -23.42 11.69
CA HIS B 438 13.78 -23.54 11.52
C HIS B 438 13.21 -24.69 12.31
N LEU B 439 14.00 -25.71 12.56
CA LEU B 439 13.51 -26.85 13.30
C LEU B 439 13.25 -26.52 14.77
N ARG B 440 13.80 -25.43 15.31
CA ARG B 440 13.66 -25.10 16.72
C ARG B 440 12.68 -23.98 17.04
N ARG B 441 11.72 -23.65 16.19
CA ARG B 441 10.87 -22.50 16.53
C ARG B 441 9.80 -22.85 17.53
N VAL B 442 9.56 -21.91 18.44
CA VAL B 442 8.50 -21.97 19.41
C VAL B 442 7.60 -20.82 19.09
N THR B 443 6.31 -21.07 18.93
CA THR B 443 5.38 -20.02 18.53
C THR B 443 4.31 -19.82 19.59
N SER B 444 3.85 -18.59 19.68
CA SER B 444 2.75 -18.26 20.56
C SER B 444 1.46 -18.09 19.76
N PRO B 445 0.31 -18.43 20.30
CA PRO B 445 -0.93 -18.28 19.54
C PRO B 445 -1.76 -17.02 19.82
N LEU B 446 -1.33 -15.86 19.33
CA LEU B 446 -2.12 -14.65 19.55
C LEU B 446 -2.53 -13.98 18.24
N SER B 447 -2.88 -12.70 18.31
CA SER B 447 -3.26 -11.94 17.14
C SER B 447 -2.04 -11.21 16.60
N ARG B 448 -1.82 -11.32 15.29
CA ARG B 448 -0.64 -10.78 14.65
C ARG B 448 -0.64 -9.26 14.54
N ASP B 449 -1.75 -8.57 14.80
CA ASP B 449 -1.81 -7.13 14.56
C ASP B 449 -1.92 -6.29 15.82
N GLN B 450 -2.87 -6.60 16.69
CA GLN B 450 -3.09 -5.80 17.89
C GLN B 450 -1.88 -5.87 18.81
N PRO B 451 -1.54 -4.78 19.50
CA PRO B 451 -0.28 -4.77 20.25
C PRO B 451 -0.37 -5.36 21.65
N HIS B 452 0.40 -6.43 21.86
CA HIS B 452 0.55 -7.03 23.17
C HIS B 452 1.90 -6.62 23.74
N PHE B 453 1.91 -5.47 24.42
CA PHE B 453 3.15 -4.95 24.99
C PHE B 453 3.65 -5.84 26.11
N GLU B 454 2.74 -6.45 26.87
CA GLU B 454 3.16 -7.28 27.98
C GLU B 454 3.54 -8.68 27.51
N ALA B 455 3.19 -9.06 26.29
CA ALA B 455 3.52 -10.39 25.79
C ALA B 455 4.81 -10.42 24.98
N ARG B 456 5.27 -9.26 24.53
CA ARG B 456 6.47 -9.18 23.71
C ARG B 456 7.75 -8.98 24.51
N ASP B 457 7.68 -8.35 25.68
CA ASP B 457 8.85 -8.08 26.49
C ASP B 457 9.60 -9.33 26.95
N LEU B 458 10.92 -9.23 26.93
CA LEU B 458 11.81 -10.30 27.37
C LEU B 458 11.69 -10.51 28.88
N HIS B 459 11.00 -11.55 29.30
CA HIS B 459 10.85 -11.87 30.71
C HIS B 459 12.13 -12.50 31.24
N GLY B 460 12.37 -12.32 32.54
CA GLY B 460 13.56 -12.87 33.16
C GLY B 460 13.69 -14.38 33.11
N THR B 461 12.58 -15.10 33.03
CA THR B 461 12.70 -16.56 33.01
C THR B 461 13.30 -17.10 31.71
N HIS B 462 13.43 -16.28 30.67
CA HIS B 462 13.88 -16.77 29.38
C HIS B 462 15.35 -17.15 29.39
N TRP B 463 16.11 -16.73 30.41
CA TRP B 463 17.53 -17.03 30.57
C TRP B 463 17.86 -18.50 30.49
N GLY B 464 18.48 -18.92 29.40
CA GLY B 464 18.90 -20.29 29.24
C GLY B 464 17.84 -21.20 28.69
N ARG B 465 16.74 -20.68 28.31
CA ARG B 465 15.68 -21.47 27.73
C ARG B 465 15.26 -20.91 26.38
N ILE B 466 15.20 -19.59 26.25
CA ILE B 466 14.81 -18.90 25.02
C ILE B 466 15.93 -17.94 24.66
N CYS B 467 16.24 -17.83 23.38
CA CYS B 467 17.29 -16.94 22.94
C CYS B 467 16.90 -15.48 23.10
N PRO B 468 17.72 -14.67 23.77
CA PRO B 468 17.38 -13.26 23.98
C PRO B 468 17.44 -12.39 22.75
N THR B 469 18.11 -12.79 21.68
CA THR B 469 18.29 -11.88 20.54
C THR B 469 17.58 -12.28 19.27
N GLU B 470 17.53 -13.57 18.96
CA GLU B 470 16.96 -14.07 17.72
C GLU B 470 15.47 -13.82 17.68
N THR B 471 15.05 -12.79 17.00
CA THR B 471 13.63 -12.54 16.83
C THR B 471 13.37 -11.80 15.55
N PRO B 472 12.69 -12.41 14.58
CA PRO B 472 12.46 -11.76 13.29
C PRO B 472 11.54 -10.57 13.39
N GLU B 473 11.90 -9.50 12.68
CA GLU B 473 11.10 -8.30 12.64
C GLU B 473 10.00 -8.36 11.59
N GLY B 474 9.02 -7.49 11.79
CA GLY B 474 7.85 -7.41 10.95
C GLY B 474 6.65 -7.30 11.87
N PRO B 475 5.47 -7.67 11.38
CA PRO B 475 4.28 -7.62 12.23
C PRO B 475 4.32 -8.55 13.43
N ASN B 476 5.11 -9.63 13.36
CA ASN B 476 5.19 -10.55 14.48
C ASN B 476 5.93 -9.93 15.66
N CYS B 477 7.27 -9.85 15.54
CA CYS B 477 8.25 -9.28 16.48
C CYS B 477 7.93 -9.60 17.94
N GLY B 478 8.55 -10.62 18.51
CA GLY B 478 8.30 -10.99 19.86
C GLY B 478 7.41 -12.21 20.03
N LEU B 479 6.47 -12.42 19.11
CA LEU B 479 5.58 -13.57 19.22
C LEU B 479 6.34 -14.88 18.98
N VAL B 480 7.08 -14.98 17.88
CA VAL B 480 7.84 -16.20 17.56
C VAL B 480 9.24 -16.06 18.11
N LYS B 481 9.69 -17.06 18.85
CA LYS B 481 10.99 -16.98 19.52
C LYS B 481 11.77 -18.23 19.22
N ASN B 482 13.01 -18.31 19.68
CA ASN B 482 13.84 -19.47 19.41
C ASN B 482 14.36 -20.11 20.69
N LEU B 483 14.47 -21.43 20.68
CA LEU B 483 15.00 -22.16 21.82
C LEU B 483 16.48 -21.87 22.01
N ALA B 484 16.89 -21.74 23.26
CA ALA B 484 18.29 -21.57 23.58
C ALA B 484 19.04 -22.84 23.25
N LEU B 485 20.34 -22.70 23.03
CA LEU B 485 21.14 -23.87 22.66
C LEU B 485 21.21 -24.88 23.80
N MET B 486 21.29 -24.41 25.06
CA MET B 486 21.52 -25.28 26.20
C MET B 486 20.23 -25.55 26.99
N SER B 487 19.30 -26.28 26.38
CA SER B 487 18.00 -26.44 27.01
C SER B 487 17.41 -27.76 26.58
N GLN B 488 16.95 -28.54 27.55
CA GLN B 488 16.31 -29.82 27.28
C GLN B 488 14.84 -29.74 27.64
N ILE B 489 14.02 -30.55 26.97
CA ILE B 489 12.57 -30.59 27.17
C ILE B 489 12.18 -31.92 27.78
N THR B 490 11.31 -31.85 28.81
CA THR B 490 10.78 -33.02 29.52
C THR B 490 10.15 -34.05 28.59
N THR B 491 10.36 -35.32 28.90
CA THR B 491 9.71 -36.40 28.13
C THR B 491 8.30 -36.77 28.61
N GLY B 492 8.20 -37.38 29.78
CA GLY B 492 6.92 -37.83 30.31
C GLY B 492 7.05 -39.07 31.17
N ILE B 493 6.38 -39.12 32.32
CA ILE B 493 6.37 -40.28 33.21
C ILE B 493 4.97 -40.54 33.76
N PRO B 494 4.43 -41.75 33.63
CA PRO B 494 3.09 -42.06 34.15
C PRO B 494 2.91 -41.81 35.65
N GLU B 495 1.73 -41.31 36.01
CA GLU B 495 1.36 -40.82 37.33
C GLU B 495 1.29 -41.90 38.40
N ARG B 496 1.30 -43.17 38.00
CA ARG B 496 1.22 -44.33 38.90
C ARG B 496 2.38 -44.41 39.87
N GLU B 497 3.59 -44.61 39.32
CA GLU B 497 4.80 -44.80 40.12
C GLU B 497 5.08 -43.63 41.05
N VAL B 498 4.80 -42.41 40.60
CA VAL B 498 4.92 -41.20 41.42
C VAL B 498 4.10 -41.28 42.71
N ARG B 499 2.77 -41.22 42.58
CA ARG B 499 1.79 -41.25 43.67
C ARG B 499 2.11 -42.23 44.79
N GLU B 500 2.34 -43.48 44.41
CA GLU B 500 2.67 -44.54 45.36
C GLU B 500 3.92 -44.21 46.17
N TYR B 501 5.01 -43.84 45.47
CA TYR B 501 6.30 -43.63 46.10
C TYR B 501 6.29 -42.51 47.14
N LEU B 502 5.62 -41.40 46.86
CA LEU B 502 5.42 -40.37 47.89
C LEU B 502 4.61 -40.91 49.06
N MET B 503 3.41 -41.45 48.77
CA MET B 503 2.50 -42.02 49.77
C MET B 503 3.20 -43.01 50.69
N LYS B 504 3.96 -43.94 50.11
CA LYS B 504 4.71 -44.92 50.89
C LYS B 504 5.74 -44.27 51.81
N MET B 505 6.23 -43.10 51.45
CA MET B 505 7.28 -42.42 52.20
C MET B 505 6.80 -41.50 53.31
N GLY B 506 5.52 -41.21 53.44
CA GLY B 506 5.15 -40.38 54.56
C GLY B 506 4.09 -39.33 54.29
N VAL B 507 3.62 -39.25 53.04
CA VAL B 507 2.57 -38.31 52.68
C VAL B 507 1.30 -38.65 53.43
N VAL B 508 0.77 -37.69 54.18
CA VAL B 508 -0.39 -37.90 55.03
C VAL B 508 -1.64 -37.52 54.23
N PRO B 509 -2.51 -38.49 53.87
CA PRO B 509 -3.72 -38.24 53.07
C PRO B 509 -4.64 -37.14 53.57
N ILE B 510 -5.56 -36.72 52.70
CA ILE B 510 -6.44 -35.58 52.94
C ILE B 510 -7.38 -35.81 54.11
N GLU B 511 -7.63 -37.07 54.49
CA GLU B 511 -8.50 -37.46 55.60
C GLU B 511 -8.10 -36.87 56.97
N GLU B 512 -6.92 -36.26 57.11
CA GLU B 512 -6.45 -35.80 58.41
C GLU B 512 -6.44 -34.29 58.59
N ARG B 513 -6.52 -33.50 57.52
CA ARG B 513 -6.27 -32.05 57.57
C ARG B 513 -7.18 -31.30 58.53
N ARG B 514 -6.67 -30.17 59.00
CA ARG B 514 -7.49 -29.02 59.40
C ARG B 514 -7.85 -28.21 58.15
N PRO B 515 -6.88 -27.71 57.33
CA PRO B 515 -5.41 -27.66 57.33
C PRO B 515 -4.79 -26.41 57.98
N ALA B 516 -5.09 -25.21 57.49
CA ALA B 516 -4.50 -23.98 58.02
C ALA B 516 -4.90 -23.71 59.46
N PRO B 517 -3.95 -23.45 60.37
CA PRO B 517 -2.49 -23.47 60.25
C PRO B 517 -1.92 -24.84 60.60
N GLY B 518 -1.66 -25.72 59.63
CA GLY B 518 -1.11 -27.00 60.01
C GLY B 518 0.22 -27.44 59.47
N LEU B 519 0.95 -26.57 58.75
CA LEU B 519 2.25 -26.88 58.14
C LEU B 519 2.07 -28.06 57.18
N TYR B 520 1.44 -27.74 56.05
CA TYR B 520 0.86 -28.73 55.13
C TYR B 520 0.92 -28.30 53.67
N ARG B 521 -0.09 -28.74 52.91
CA ARG B 521 -0.25 -28.61 51.46
C ARG B 521 0.89 -29.01 50.52
N VAL B 522 0.84 -30.26 50.03
CA VAL B 522 1.75 -30.74 49.01
C VAL B 522 0.88 -30.90 47.76
N TYR B 523 1.41 -30.56 46.58
CA TYR B 523 0.62 -30.60 45.37
C TYR B 523 1.31 -31.50 44.34
N LEU B 524 0.51 -32.13 43.50
CA LEU B 524 1.02 -32.94 42.38
C LEU B 524 0.28 -32.49 41.13
N ASN B 525 0.97 -31.69 40.31
CA ASN B 525 0.44 -31.13 39.06
C ASN B 525 -0.87 -30.39 39.26
N GLY B 526 -0.95 -29.61 40.34
CA GLY B 526 -2.16 -28.90 40.65
C GLY B 526 -3.17 -29.68 41.47
N VAL B 527 -3.09 -31.01 41.48
CA VAL B 527 -4.02 -31.83 42.24
C VAL B 527 -3.54 -31.90 43.68
N LEU B 528 -4.30 -31.28 44.59
CA LEU B 528 -3.95 -31.30 46.01
C LEU B 528 -4.14 -32.68 46.62
N ILE B 529 -3.09 -33.48 46.67
CA ILE B 529 -3.15 -34.81 47.27
C ILE B 529 -2.24 -34.83 48.49
N GLY B 530 -2.82 -35.11 49.64
CA GLY B 530 -2.06 -35.25 50.87
C GLY B 530 -1.34 -34.04 51.43
N THR B 531 -0.78 -34.23 52.62
CA THR B 531 -0.12 -33.20 53.41
C THR B 531 1.13 -33.83 54.02
N VAL B 532 2.05 -33.01 54.51
CA VAL B 532 3.19 -33.57 55.23
C VAL B 532 3.37 -32.83 56.54
N GLU B 533 4.44 -33.14 57.27
CA GLU B 533 4.67 -32.57 58.59
C GLU B 533 5.64 -31.41 58.59
N ASP B 534 6.89 -31.65 58.21
CA ASP B 534 7.92 -30.62 58.20
C ASP B 534 8.37 -30.41 56.76
N GLY B 535 8.42 -29.15 56.35
CA GLY B 535 8.73 -28.78 54.98
C GLY B 535 10.15 -29.08 54.57
N ARG B 536 11.10 -28.51 55.32
CA ARG B 536 12.52 -28.65 55.06
C ARG B 536 12.96 -30.11 55.02
N LYS B 537 12.38 -30.94 55.88
CA LYS B 537 12.67 -32.37 55.87
C LYS B 537 12.33 -33.02 54.54
N LEU B 538 11.10 -32.84 54.06
CA LEU B 538 10.62 -33.52 52.86
C LEU B 538 11.37 -33.08 51.60
N VAL B 539 11.49 -31.77 51.37
CA VAL B 539 12.13 -31.25 50.16
C VAL B 539 13.58 -31.70 50.05
N GLU B 540 14.33 -31.65 51.16
CA GLU B 540 15.71 -32.10 51.13
C GLU B 540 15.79 -33.59 50.86
N ARG B 541 14.81 -34.34 51.36
CA ARG B 541 14.78 -35.79 51.17
C ARG B 541 14.64 -36.20 49.70
N ILE B 542 13.67 -35.64 48.99
CA ILE B 542 13.44 -36.03 47.59
C ILE B 542 14.61 -35.66 46.69
N ARG B 543 15.15 -34.44 46.86
CA ARG B 543 16.29 -33.97 46.09
C ARG B 543 17.50 -34.88 46.28
N ALA B 544 17.87 -35.13 47.53
CA ALA B 544 19.01 -36.00 47.81
C ALA B 544 18.76 -37.41 47.33
N ASP B 545 17.51 -37.87 47.33
CA ASP B 545 17.19 -39.15 46.74
C ASP B 545 17.42 -39.17 45.24
N ARG B 546 17.00 -38.10 44.55
CA ARG B 546 17.16 -38.01 43.09
C ARG B 546 18.63 -38.01 42.68
N ARG B 547 19.47 -37.32 43.44
CA ARG B 547 20.89 -37.28 43.11
C ARG B 547 21.55 -38.62 43.31
N ALA B 548 21.03 -39.44 44.23
CA ALA B 548 21.58 -40.77 44.43
C ALA B 548 21.18 -41.76 43.34
N GLY B 549 20.25 -41.40 42.46
CA GLY B 549 19.84 -42.29 41.38
C GLY B 549 18.81 -43.32 41.73
N LYS B 550 18.13 -43.18 42.87
CA LYS B 550 17.12 -44.15 43.30
C LYS B 550 15.80 -44.00 42.57
N ILE B 551 15.48 -42.79 42.16
CA ILE B 551 14.22 -42.47 41.51
C ILE B 551 14.55 -41.77 40.21
N SER B 552 13.67 -41.95 39.20
CA SER B 552 13.77 -41.37 37.86
C SER B 552 14.14 -39.89 37.89
N ASP B 553 14.92 -39.44 36.91
CA ASP B 553 15.49 -38.10 37.00
C ASP B 553 14.53 -36.97 36.73
N VAL B 554 13.32 -37.23 36.24
CA VAL B 554 12.45 -36.11 35.96
C VAL B 554 11.53 -35.85 37.13
N ILE B 555 12.06 -35.33 38.24
CA ILE B 555 11.28 -34.97 39.42
C ILE B 555 11.99 -33.79 40.08
N ASN B 556 11.35 -32.64 40.14
CA ASN B 556 11.88 -31.46 40.78
C ASN B 556 10.94 -30.97 41.86
N VAL B 557 11.48 -30.59 43.02
CA VAL B 557 10.69 -30.17 44.19
C VAL B 557 11.09 -28.78 44.64
N ALA B 558 10.12 -27.88 44.73
CA ALA B 558 10.35 -26.50 45.13
C ALA B 558 9.44 -26.11 46.29
N LEU B 559 10.00 -25.43 47.29
CA LEU B 559 9.33 -24.99 48.51
C LEU B 559 8.97 -23.50 48.48
N TYR B 560 7.72 -23.17 48.21
CA TYR B 560 7.31 -21.77 48.28
C TYR B 560 7.25 -21.31 49.72
N GLU B 561 7.81 -20.13 49.98
CA GLU B 561 8.16 -19.70 51.33
C GLU B 561 7.50 -18.44 51.90
N ASP B 562 6.17 -18.31 51.82
CA ASP B 562 5.49 -17.13 52.38
C ASP B 562 5.61 -17.09 53.90
N GLU B 563 5.32 -15.92 54.49
CA GLU B 563 5.39 -15.76 55.94
C GLU B 563 4.30 -16.52 56.70
N GLU B 564 3.20 -16.92 56.02
CA GLU B 564 2.12 -17.64 56.66
C GLU B 564 1.39 -18.52 55.67
N VAL B 565 2.08 -18.97 54.63
CA VAL B 565 1.59 -20.01 53.72
C VAL B 565 2.77 -20.91 53.46
N LYS B 566 2.54 -22.22 53.44
CA LYS B 566 3.55 -23.15 53.01
C LYS B 566 2.96 -24.05 51.93
N GLU B 567 3.61 -24.10 50.77
CA GLU B 567 3.21 -25.01 49.71
C GLU B 567 4.43 -25.74 49.19
N VAL B 568 4.22 -26.96 48.73
CA VAL B 568 5.29 -27.82 48.22
C VAL B 568 4.81 -28.36 46.89
N TYR B 569 5.52 -28.06 45.81
CA TYR B 569 5.10 -28.50 44.50
C TYR B 569 5.98 -29.62 43.96
N ILE B 570 5.34 -30.58 43.30
CA ILE B 570 5.97 -31.72 42.65
C ILE B 570 5.44 -31.72 41.23
N ASN B 571 6.31 -31.48 40.26
CA ASN B 571 5.93 -31.42 38.85
C ASN B 571 6.31 -32.68 38.10
N SER B 572 5.33 -33.30 37.42
CA SER B 572 5.59 -34.49 36.63
C SER B 572 4.88 -34.51 35.28
N ASP B 573 4.84 -33.38 34.57
CA ASP B 573 4.05 -33.30 33.34
C ASP B 573 4.90 -33.68 32.14
N ASP B 574 4.63 -33.08 30.97
CA ASP B 574 5.24 -33.53 29.73
C ASP B 574 5.79 -32.43 28.83
N GLY B 575 5.89 -31.19 29.28
CA GLY B 575 6.27 -30.13 28.37
C GLY B 575 7.06 -28.98 28.97
N ARG B 576 7.65 -29.20 30.12
CA ARG B 576 8.42 -28.19 30.84
C ARG B 576 9.78 -27.99 30.20
N VAL B 577 10.24 -26.74 30.14
CA VAL B 577 11.53 -26.40 29.57
C VAL B 577 12.59 -26.34 30.68
N ARG B 578 13.54 -27.28 30.69
CA ARG B 578 14.56 -27.30 31.74
C ARG B 578 15.92 -26.83 31.25
N ARG B 579 16.90 -26.82 32.17
CA ARG B 579 18.28 -26.38 31.94
C ARG B 579 19.32 -27.05 32.82
N PRO B 580 20.44 -27.54 32.26
CA PRO B 580 21.48 -28.22 33.05
C PRO B 580 22.38 -27.30 33.88
N LEU B 581 22.57 -27.66 35.17
CA LEU B 581 23.44 -26.93 36.09
C LEU B 581 24.24 -27.90 36.97
N ILE B 582 25.49 -27.55 37.28
CA ILE B 582 26.37 -28.33 38.17
C ILE B 582 26.12 -28.05 39.65
N VAL B 583 25.73 -29.08 40.41
CA VAL B 583 25.59 -28.95 41.86
C VAL B 583 26.94 -28.73 42.53
N VAL B 584 26.96 -27.81 43.49
CA VAL B 584 28.14 -27.52 44.30
C VAL B 584 27.74 -27.63 45.76
N GLU B 585 28.61 -28.24 46.58
CA GLU B 585 28.38 -28.37 48.02
C GLU B 585 29.60 -27.98 48.84
N ASN B 586 29.38 -27.11 49.84
CA ASN B 586 30.42 -26.51 50.68
C ASN B 586 31.46 -25.73 49.89
N GLY B 587 31.07 -25.11 48.79
CA GLY B 587 31.97 -24.33 47.97
C GLY B 587 32.82 -25.09 46.98
N LYS B 588 32.93 -26.40 47.09
CA LYS B 588 33.70 -27.17 46.13
C LYS B 588 32.74 -27.71 45.09
N PRO B 589 32.89 -27.38 43.81
CA PRO B 589 31.96 -27.94 42.82
C PRO B 589 32.23 -29.43 42.69
N LYS B 590 31.16 -30.20 42.82
CA LYS B 590 31.24 -31.64 42.82
C LYS B 590 31.71 -32.20 41.48
N LEU B 591 32.59 -33.19 41.57
CA LEU B 591 33.18 -33.95 40.47
C LEU B 591 34.10 -33.13 39.57
N THR B 592 35.34 -32.99 40.05
CA THR B 592 36.42 -32.21 39.46
C THR B 592 37.10 -32.94 38.29
N ARG B 593 38.38 -32.64 38.06
CA ARG B 593 39.11 -33.14 36.89
C ARG B 593 39.19 -34.65 36.74
N GLU B 594 39.02 -35.43 37.82
CA GLU B 594 38.99 -36.90 37.72
C GLU B 594 38.01 -37.41 36.68
N HIS B 595 36.91 -36.72 36.49
CA HIS B 595 35.85 -37.14 35.59
C HIS B 595 35.98 -36.45 34.25
N VAL B 596 36.59 -35.26 34.24
CA VAL B 596 36.89 -34.56 33.00
C VAL B 596 37.91 -35.36 32.19
N GLU B 597 38.94 -35.90 32.86
CA GLU B 597 39.86 -36.83 32.20
C GLU B 597 39.10 -38.02 31.60
N GLY B 598 38.05 -38.47 32.28
CA GLY B 598 37.30 -39.60 31.75
C GLY B 598 36.28 -39.22 30.70
N ILE B 599 35.84 -37.96 30.70
CA ILE B 599 34.94 -37.51 29.64
C ILE B 599 35.74 -37.32 28.35
N LYS B 600 36.92 -36.72 28.48
CA LYS B 600 37.86 -36.60 27.37
C LYS B 600 38.35 -37.97 26.90
N ASN B 601 38.31 -38.96 27.76
CA ASN B 601 38.63 -40.33 27.38
C ASN B 601 37.32 -41.02 26.98
N GLY B 602 37.40 -42.26 26.55
CA GLY B 602 36.18 -42.95 26.23
C GLY B 602 35.57 -43.76 27.37
N THR B 603 35.43 -43.17 28.55
CA THR B 603 34.88 -43.94 29.66
C THR B 603 33.42 -43.64 29.98
N LEU B 604 33.11 -42.46 30.52
CA LEU B 604 31.73 -42.13 30.86
C LEU B 604 31.18 -41.01 29.97
N THR B 605 30.06 -41.29 29.32
CA THR B 605 29.25 -40.34 28.58
C THR B 605 28.31 -39.58 29.51
N TRP B 606 27.43 -38.75 28.93
CA TRP B 606 26.49 -37.95 29.72
C TRP B 606 25.43 -38.74 30.44
N SER B 607 25.06 -39.91 29.96
CA SER B 607 24.12 -40.72 30.71
C SER B 607 24.66 -41.09 32.08
N ASP B 608 25.93 -41.50 32.14
CA ASP B 608 26.60 -41.78 33.41
C ASP B 608 26.68 -40.60 34.36
N LEU B 609 26.83 -39.38 33.86
CA LEU B 609 26.94 -38.21 34.74
C LEU B 609 25.67 -37.95 35.56
N ILE B 610 24.51 -37.82 34.89
CA ILE B 610 23.26 -37.49 35.60
C ILE B 610 22.88 -38.55 36.62
N ARG B 611 23.21 -39.82 36.37
CA ARG B 611 22.97 -40.84 37.37
C ARG B 611 23.91 -40.70 38.56
N MET B 612 25.17 -40.34 38.31
CA MET B 612 26.14 -40.23 39.38
C MET B 612 25.80 -39.09 40.34
N GLY B 613 25.30 -37.97 39.82
CA GLY B 613 24.81 -36.93 40.70
C GLY B 613 25.57 -35.64 40.70
N VAL B 614 26.04 -35.22 39.53
CA VAL B 614 26.73 -33.96 39.37
C VAL B 614 25.85 -32.93 38.63
N ILE B 615 25.21 -33.34 37.56
CA ILE B 615 24.35 -32.48 36.75
C ILE B 615 22.91 -32.61 37.19
N GLU B 616 22.22 -31.49 37.28
CA GLU B 616 20.84 -31.50 37.73
C GLU B 616 20.00 -30.69 36.75
N TYR B 617 18.89 -31.24 36.31
CA TYR B 617 17.98 -30.54 35.43
C TYR B 617 17.04 -29.71 36.29
N LEU B 618 17.14 -28.40 36.17
CA LEU B 618 16.32 -27.46 36.92
C LEU B 618 15.27 -26.81 36.03
N ASP B 619 14.01 -26.95 36.42
CA ASP B 619 12.93 -26.16 35.85
C ASP B 619 12.92 -24.77 36.40
N ALA B 620 11.93 -24.02 35.92
CA ALA B 620 11.69 -22.69 36.45
C ALA B 620 11.41 -22.76 37.94
N GLU B 621 10.49 -23.64 38.32
CA GLU B 621 10.05 -23.79 39.70
C GLU B 621 11.18 -24.13 40.67
N GLU B 622 12.07 -25.07 40.32
CA GLU B 622 13.16 -25.38 41.26
C GLU B 622 14.18 -24.26 41.32
N GLU B 623 14.30 -23.50 40.25
CA GLU B 623 15.27 -22.42 40.19
C GLU B 623 14.94 -21.29 41.14
N GLU B 624 13.70 -21.23 41.62
CA GLU B 624 13.28 -20.24 42.60
C GLU B 624 14.10 -20.28 43.89
N ASN B 625 14.60 -21.45 44.29
CA ASN B 625 15.41 -21.51 45.50
C ASN B 625 16.91 -21.60 45.26
N ALA B 626 17.36 -21.59 44.01
CA ALA B 626 18.77 -21.76 43.70
C ALA B 626 19.45 -20.40 43.54
N TYR B 627 20.63 -20.25 44.13
CA TYR B 627 21.44 -19.04 44.01
C TYR B 627 22.63 -19.34 43.10
N VAL B 628 22.36 -19.34 41.79
CA VAL B 628 23.32 -19.79 40.78
C VAL B 628 24.49 -18.82 40.64
N ALA B 629 25.72 -19.37 40.52
CA ALA B 629 26.91 -18.56 40.28
C ALA B 629 27.21 -18.54 38.79
N THR B 630 28.26 -17.82 38.38
CA THR B 630 28.62 -17.71 36.96
C THR B 630 29.95 -18.38 36.63
N TRP B 631 31.01 -17.90 37.15
CA TRP B 631 32.31 -18.44 36.84
C TRP B 631 32.79 -19.31 38.00
N PRO B 632 33.76 -20.21 37.79
CA PRO B 632 34.26 -20.97 38.93
C PRO B 632 35.14 -20.16 39.87
N TRP B 633 35.27 -18.85 39.69
CA TRP B 633 36.10 -18.08 40.59
C TRP B 633 35.32 -17.52 41.76
N GLU B 634 34.03 -17.23 41.57
CA GLU B 634 33.19 -16.70 42.64
C GLU B 634 32.32 -17.80 43.25
N VAL B 635 32.97 -18.78 43.85
CA VAL B 635 32.24 -19.86 44.49
C VAL B 635 32.37 -19.78 46.01
N THR B 636 31.62 -18.86 46.62
CA THR B 636 31.60 -18.77 48.08
C THR B 636 30.83 -19.95 48.66
N GLU B 637 30.81 -20.04 50.00
CA GLU B 637 30.08 -21.11 50.65
C GLU B 637 28.58 -20.80 50.79
N GLU B 638 27.98 -20.31 49.72
CA GLU B 638 26.56 -19.98 49.65
C GLU B 638 25.90 -20.44 48.35
N HIS B 639 26.65 -20.56 47.27
CA HIS B 639 26.13 -20.97 45.98
C HIS B 639 25.65 -22.40 45.96
N THR B 640 24.39 -22.59 45.56
CA THR B 640 23.83 -23.93 45.47
C THR B 640 24.26 -24.63 44.19
N HIS B 641 24.30 -23.91 43.08
CA HIS B 641 24.68 -24.50 41.79
C HIS B 641 25.73 -23.65 41.10
N LEU B 642 26.21 -24.13 39.96
CA LEU B 642 27.23 -23.44 39.17
C LEU B 642 26.97 -23.65 37.69
N GLU B 643 26.90 -22.56 36.94
CA GLU B 643 26.73 -22.58 35.49
C GLU B 643 27.88 -23.22 34.75
N LEU B 644 27.53 -23.93 33.69
CA LEU B 644 28.43 -24.46 32.67
C LEU B 644 28.92 -23.30 31.81
N MET B 645 29.37 -23.54 30.57
CA MET B 645 29.78 -22.37 29.78
C MET B 645 28.62 -21.40 29.51
N PRO B 646 28.67 -20.17 30.03
CA PRO B 646 27.56 -19.23 29.83
C PRO B 646 27.39 -18.78 28.40
N ALA B 647 28.38 -18.97 27.52
CA ALA B 647 28.30 -18.53 26.13
C ALA B 647 27.23 -19.24 25.30
N ALA B 648 26.57 -20.25 25.84
CA ALA B 648 25.49 -20.94 25.17
C ALA B 648 24.12 -20.36 25.48
N ILE B 649 24.06 -19.19 26.13
CA ILE B 649 22.78 -18.55 26.43
C ILE B 649 21.99 -18.27 25.17
N LEU B 650 22.65 -17.71 24.17
CA LEU B 650 22.00 -17.37 22.92
C LEU B 650 21.74 -18.60 22.05
N GLY B 651 21.07 -18.40 20.93
CA GLY B 651 20.62 -19.50 20.10
C GLY B 651 21.60 -19.88 19.02
N ILE B 652 21.13 -20.73 18.11
CA ILE B 652 21.98 -21.24 17.03
C ILE B 652 22.34 -20.21 15.95
N PRO B 653 21.46 -19.29 15.45
CA PRO B 653 22.00 -18.27 14.54
C PRO B 653 22.72 -17.12 15.21
N ALA B 654 22.33 -16.68 16.40
CA ALA B 654 23.07 -15.57 16.99
C ALA B 654 24.45 -15.97 17.48
N SER B 655 24.75 -17.25 17.54
CA SER B 655 26.07 -17.67 17.95
C SER B 655 27.09 -17.49 16.83
N LEU B 656 26.64 -17.17 15.62
CA LEU B 656 27.53 -17.00 14.49
C LEU B 656 28.24 -15.66 14.51
N VAL B 657 27.79 -14.70 15.31
CA VAL B 657 28.40 -13.38 15.34
C VAL B 657 29.62 -13.42 16.25
N PRO B 658 30.79 -13.00 15.80
CA PRO B 658 31.96 -12.95 16.67
C PRO B 658 31.94 -11.69 17.52
N TYR B 659 32.36 -11.84 18.78
CA TYR B 659 32.32 -10.80 19.79
C TYR B 659 30.97 -10.09 19.96
N PRO B 660 29.89 -10.82 20.24
CA PRO B 660 28.58 -10.16 20.33
C PRO B 660 28.44 -9.26 21.51
N GLU B 661 29.25 -9.42 22.55
CA GLU B 661 29.08 -8.54 23.70
C GLU B 661 29.60 -7.12 23.47
N HIS B 662 30.13 -6.79 22.30
CA HIS B 662 30.63 -5.44 22.04
C HIS B 662 29.72 -4.64 21.12
N ASN B 663 28.54 -5.11 20.76
CA ASN B 663 27.73 -4.35 19.83
C ASN B 663 26.48 -3.86 20.54
N ALA B 664 25.69 -3.09 19.82
CA ALA B 664 24.43 -2.64 20.37
C ALA B 664 23.39 -3.71 20.14
N ALA B 665 22.43 -3.79 21.04
CA ALA B 665 21.32 -4.75 20.93
C ALA B 665 20.57 -4.76 19.60
N PRO B 666 20.18 -3.63 18.97
CA PRO B 666 19.51 -3.76 17.66
C PRO B 666 20.37 -4.34 16.56
N ARG B 667 21.66 -4.00 16.47
CA ARG B 667 22.51 -4.55 15.41
C ARG B 667 22.61 -6.07 15.47
N ASN B 668 22.77 -6.64 16.66
CA ASN B 668 22.81 -8.10 16.78
C ASN B 668 21.55 -8.76 16.23
N THR B 669 20.38 -8.18 16.51
CA THR B 669 19.12 -8.71 15.99
C THR B 669 19.12 -8.76 14.46
N TYR B 670 19.55 -7.67 13.83
CA TYR B 670 19.67 -7.66 12.37
C TYR B 670 20.67 -8.72 11.91
N GLY B 671 21.88 -8.65 12.44
CA GLY B 671 22.93 -9.59 12.05
C GLY B 671 22.57 -11.05 12.23
N ALA B 672 21.94 -11.39 13.34
CA ALA B 672 21.48 -12.77 13.53
C ALA B 672 20.42 -13.11 12.50
N GLY B 673 19.49 -12.21 12.26
CA GLY B 673 18.44 -12.47 11.29
C GLY B 673 18.90 -12.53 9.84
N MET B 674 20.08 -12.00 9.53
CA MET B 674 20.56 -12.06 8.16
C MET B 674 21.34 -13.32 7.86
N ALA B 675 21.85 -14.00 8.88
CA ALA B 675 22.56 -15.25 8.67
C ALA B 675 21.65 -16.33 8.13
N LYS B 676 20.35 -16.21 8.33
CA LYS B 676 19.42 -17.16 7.78
C LYS B 676 19.07 -16.91 6.33
N GLN B 677 19.75 -16.00 5.63
CA GLN B 677 19.47 -15.76 4.23
C GLN B 677 20.66 -15.85 3.30
N SER B 678 21.88 -16.02 3.79
CA SER B 678 23.08 -16.08 2.99
C SER B 678 23.06 -17.22 1.98
N LEU B 679 23.95 -17.17 1.02
CA LEU B 679 24.02 -18.20 -0.01
C LEU B 679 25.20 -19.10 0.28
N GLY B 680 24.99 -20.41 0.18
CA GLY B 680 26.11 -21.30 0.35
C GLY B 680 25.74 -22.74 0.11
N LEU B 681 26.63 -23.60 0.51
CA LEU B 681 26.49 -25.04 0.35
C LEU B 681 26.03 -25.64 1.67
N GLY B 682 24.84 -26.22 1.68
CA GLY B 682 24.37 -26.80 2.91
C GLY B 682 24.02 -28.27 2.87
N TRP B 683 24.43 -28.93 1.79
CA TRP B 683 24.04 -30.30 1.54
C TRP B 683 24.85 -30.89 0.41
N ALA B 684 25.60 -31.95 0.67
CA ALA B 684 26.40 -32.55 -0.38
C ALA B 684 25.55 -33.09 -1.55
N ASN B 685 24.23 -33.28 -1.39
CA ASN B 685 23.43 -33.89 -2.44
C ASN B 685 22.70 -32.88 -3.30
N PHE B 686 23.28 -31.70 -3.54
CA PHE B 686 22.56 -30.70 -4.33
C PHE B 686 22.37 -31.18 -5.76
N ARG B 687 23.34 -31.91 -6.31
CA ARG B 687 23.23 -32.29 -7.71
C ARG B 687 22.23 -33.43 -7.96
N ILE B 688 21.77 -34.18 -6.96
CA ILE B 688 20.65 -35.08 -7.20
C ILE B 688 19.52 -34.65 -6.32
N ARG B 689 18.72 -33.71 -6.77
CA ARG B 689 17.65 -33.26 -5.90
C ARG B 689 16.66 -32.46 -6.72
N VAL B 690 15.42 -32.44 -6.28
CA VAL B 690 14.40 -31.63 -6.91
C VAL B 690 13.82 -30.71 -5.84
N ASP B 691 13.92 -29.42 -6.08
CA ASP B 691 13.43 -28.42 -5.16
C ASP B 691 13.14 -27.20 -6.00
N THR B 692 12.11 -26.45 -5.59
CA THR B 692 11.64 -25.29 -6.32
C THR B 692 12.73 -24.25 -6.60
N ARG B 693 13.44 -23.77 -5.60
CA ARG B 693 14.57 -22.88 -5.87
C ARG B 693 15.71 -23.16 -4.91
N GLY B 694 16.87 -23.48 -5.45
CA GLY B 694 18.05 -23.74 -4.65
C GLY B 694 19.16 -22.80 -5.03
N HIS B 695 20.20 -22.66 -4.21
CA HIS B 695 21.32 -21.79 -4.52
C HIS B 695 22.62 -22.53 -4.24
N LEU B 696 23.65 -22.19 -4.97
CA LEU B 696 24.96 -22.82 -4.77
C LEU B 696 26.04 -21.78 -4.98
N MET B 697 26.68 -21.34 -3.90
CA MET B 697 27.79 -20.40 -4.00
C MET B 697 29.08 -21.16 -4.28
N HIS B 698 29.72 -20.89 -5.42
CA HIS B 698 30.89 -21.65 -5.90
C HIS B 698 32.01 -21.87 -4.89
N TYR B 699 32.64 -20.82 -4.40
CA TYR B 699 33.81 -21.03 -3.52
C TYR B 699 33.58 -20.55 -2.10
N PRO B 700 32.95 -21.32 -1.22
CA PRO B 700 32.75 -20.86 0.15
C PRO B 700 34.04 -20.96 0.91
N GLN B 701 34.10 -20.28 2.06
CA GLN B 701 35.32 -20.28 2.84
C GLN B 701 34.97 -20.26 4.33
N VAL B 702 35.80 -20.92 5.12
CA VAL B 702 35.67 -20.92 6.58
C VAL B 702 36.01 -19.54 7.11
N PRO B 703 35.15 -18.93 7.91
CA PRO B 703 35.41 -17.61 8.47
C PRO B 703 36.57 -17.56 9.45
N LEU B 704 37.58 -16.74 9.14
CA LEU B 704 38.53 -16.30 10.16
C LEU B 704 37.76 -15.49 11.20
N VAL B 705 38.35 -15.23 12.34
CA VAL B 705 37.80 -15.54 13.66
C VAL B 705 36.30 -15.79 13.77
N ASN B 706 35.98 -17.00 14.22
CA ASN B 706 34.68 -17.60 14.46
C ASN B 706 34.49 -17.86 15.94
N SER B 707 33.53 -18.71 16.27
CA SER B 707 33.28 -19.09 17.64
C SER B 707 33.58 -20.57 17.81
N ARG B 708 33.93 -20.99 19.03
CA ARG B 708 34.13 -22.40 19.28
C ARG B 708 32.85 -23.21 19.07
N ILE B 709 31.68 -22.61 19.28
CA ILE B 709 30.42 -23.32 19.11
C ILE B 709 30.21 -23.75 17.67
N MET B 710 30.57 -22.88 16.71
CA MET B 710 30.35 -23.15 15.29
C MET B 710 31.04 -24.41 14.79
N LYS B 711 32.13 -24.83 15.41
CA LYS B 711 32.75 -26.06 14.95
C LYS B 711 31.99 -27.26 15.49
N ALA B 712 31.45 -27.17 16.70
CA ALA B 712 30.72 -28.25 17.36
C ALA B 712 29.29 -28.41 16.87
N VAL B 713 28.87 -27.59 15.92
CA VAL B 713 27.54 -27.68 15.35
C VAL B 713 27.62 -28.20 13.92
N GLY B 714 28.73 -27.96 13.25
CA GLY B 714 28.92 -28.38 11.89
C GLY B 714 28.76 -27.29 10.88
N PHE B 715 28.85 -26.02 11.27
CA PHE B 715 28.85 -25.00 10.26
C PHE B 715 30.19 -24.91 9.55
N GLU B 716 31.28 -25.22 10.24
CA GLU B 716 32.57 -25.21 9.57
C GLU B 716 32.71 -26.29 8.52
N ASP B 717 31.90 -27.34 8.57
CA ASP B 717 32.07 -28.34 7.55
C ASP B 717 31.35 -28.00 6.26
N ARG B 718 30.34 -27.12 6.27
CA ARG B 718 29.62 -26.66 5.08
C ARG B 718 29.28 -25.18 5.17
N PRO B 719 30.29 -24.31 5.03
CA PRO B 719 30.13 -22.87 5.27
C PRO B 719 29.36 -22.11 4.23
N ALA B 720 29.25 -20.78 4.40
CA ALA B 720 28.50 -19.93 3.45
C ALA B 720 28.99 -18.47 3.43
N GLY B 721 30.03 -18.19 2.67
CA GLY B 721 30.52 -16.83 2.53
C GLY B 721 31.99 -16.80 2.20
N GLN B 722 32.53 -15.58 2.07
CA GLN B 722 33.93 -15.40 1.71
C GLN B 722 34.56 -14.26 2.49
N ASN B 723 35.87 -14.34 2.69
CA ASN B 723 36.70 -13.30 3.31
C ASN B 723 37.18 -12.23 2.34
N PHE B 724 36.61 -11.04 2.38
CA PHE B 724 37.11 -9.94 1.57
C PHE B 724 38.24 -9.29 2.35
N VAL B 725 38.91 -8.28 1.79
CA VAL B 725 39.90 -7.50 2.53
C VAL B 725 39.49 -6.03 2.44
N VAL B 726 38.84 -5.50 3.46
CA VAL B 726 38.24 -4.17 3.37
C VAL B 726 39.15 -3.05 3.85
N ALA B 727 39.06 -1.92 3.17
CA ALA B 727 39.67 -0.66 3.60
C ALA B 727 38.56 0.30 3.93
N VAL B 728 38.69 1.11 4.97
CA VAL B 728 37.68 2.09 5.30
C VAL B 728 38.14 3.46 4.83
N LEU B 729 37.52 4.01 3.79
CA LEU B 729 37.64 5.43 3.45
C LEU B 729 36.49 5.80 2.53
N SER B 730 36.12 7.08 2.53
CA SER B 730 35.14 7.61 1.59
C SER B 730 35.76 7.82 0.24
N TYR B 731 35.33 7.06 -0.78
CA TYR B 731 35.84 7.30 -2.13
C TYR B 731 35.02 8.43 -2.76
N HIS B 732 35.04 8.64 -4.10
CA HIS B 732 34.23 9.66 -4.83
C HIS B 732 32.77 9.92 -4.45
N GLY B 733 32.27 9.30 -3.41
CA GLY B 733 30.91 9.45 -2.99
C GLY B 733 29.98 8.58 -3.76
N TYR B 734 30.43 7.42 -4.15
CA TYR B 734 29.60 6.45 -4.79
C TYR B 734 29.32 5.38 -3.77
N ASN B 735 29.78 5.59 -2.55
CA ASN B 735 29.52 4.68 -1.44
C ASN B 735 28.81 5.35 -0.27
N MET B 736 28.29 6.55 -0.44
CA MET B 736 27.64 7.19 0.69
C MET B 736 26.35 6.52 1.05
N GLU B 737 25.98 6.63 2.32
CA GLU B 737 24.73 6.12 2.89
C GLU B 737 24.50 4.64 2.60
N ASP B 738 25.48 3.82 3.01
CA ASP B 738 25.46 2.36 2.91
C ASP B 738 25.48 1.77 1.52
N ALA B 739 26.59 1.99 0.83
CA ALA B 739 26.83 1.39 -0.45
C ALA B 739 28.27 0.92 -0.33
N VAL B 740 28.70 0.06 -1.22
CA VAL B 740 30.01 -0.54 -1.07
C VAL B 740 30.61 -0.69 -2.44
N ILE B 741 31.87 -0.36 -2.57
CA ILE B 741 32.57 -0.34 -3.84
C ILE B 741 33.38 -1.62 -3.94
N ILE B 742 33.35 -2.30 -5.07
CA ILE B 742 33.99 -3.61 -5.13
C ILE B 742 35.03 -3.60 -6.24
N ASN B 743 36.18 -4.16 -5.94
CA ASN B 743 37.29 -4.27 -6.88
C ASN B 743 36.89 -5.08 -8.10
N LYS B 744 37.04 -4.48 -9.28
CA LYS B 744 36.67 -5.15 -10.53
C LYS B 744 37.39 -6.46 -10.74
N ALA B 745 38.71 -6.46 -10.57
CA ALA B 745 39.50 -7.67 -10.76
C ALA B 745 39.01 -8.82 -9.90
N SER B 746 38.75 -8.55 -8.63
CA SER B 746 38.24 -9.56 -7.69
C SER B 746 36.97 -10.25 -8.17
N ILE B 747 36.00 -9.50 -8.68
CA ILE B 747 34.82 -10.13 -9.28
C ILE B 747 35.22 -11.07 -10.38
N GLU B 748 36.06 -10.58 -11.25
CA GLU B 748 36.47 -11.27 -12.46
C GLU B 748 37.36 -12.49 -12.22
N ARG B 749 37.82 -12.74 -11.01
CA ARG B 749 38.60 -13.94 -10.74
C ARG B 749 37.87 -14.94 -9.88
N GLY B 750 36.61 -14.70 -9.53
CA GLY B 750 35.94 -15.69 -8.73
C GLY B 750 35.08 -15.27 -7.56
N LEU B 751 35.52 -14.29 -6.78
CA LEU B 751 34.82 -13.79 -5.58
C LEU B 751 33.32 -13.61 -5.75
N ALA B 752 32.55 -14.30 -4.90
CA ALA B 752 31.10 -14.18 -4.76
C ALA B 752 30.30 -14.69 -5.94
N ARG B 753 30.87 -15.49 -6.83
CA ARG B 753 30.09 -16.01 -7.94
C ARG B 753 29.11 -17.03 -7.40
N SER B 754 27.90 -17.09 -7.96
CA SER B 754 26.96 -18.10 -7.47
C SER B 754 25.96 -18.48 -8.55
N THR B 755 25.37 -19.67 -8.42
CA THR B 755 24.45 -20.23 -9.39
C THR B 755 23.05 -20.41 -8.84
N PHE B 756 22.03 -20.02 -9.62
CA PHE B 756 20.61 -20.18 -9.29
C PHE B 756 19.99 -21.40 -9.99
N PHE B 757 19.07 -22.09 -9.31
CA PHE B 757 18.44 -23.32 -9.78
C PHE B 757 16.92 -23.29 -9.68
N ARG B 758 16.22 -23.83 -10.68
CA ARG B 758 14.78 -24.04 -10.57
C ARG B 758 14.41 -25.32 -11.29
N THR B 759 13.26 -25.91 -10.95
CA THR B 759 12.81 -27.17 -11.57
C THR B 759 11.28 -27.21 -11.76
N TYR B 760 10.85 -27.60 -12.95
CA TYR B 760 9.45 -27.73 -13.33
C TYR B 760 8.92 -29.15 -13.20
N GLU B 761 7.59 -29.29 -13.01
CA GLU B 761 6.99 -30.59 -12.71
C GLU B 761 5.81 -30.97 -13.61
N ALA B 762 6.03 -30.98 -14.92
CA ALA B 762 5.01 -31.37 -15.89
C ALA B 762 4.63 -32.85 -15.78
N GLU B 763 3.39 -33.13 -15.38
CA GLU B 763 2.89 -34.50 -15.23
C GLU B 763 2.04 -34.95 -16.42
N GLU B 764 1.36 -36.11 -16.26
CA GLU B 764 0.47 -36.70 -17.28
C GLU B 764 -0.92 -37.06 -16.71
N LYS B 765 -1.82 -36.08 -16.66
CA LYS B 765 -3.16 -36.29 -16.11
C LYS B 765 -3.98 -37.30 -16.93
N ARG B 766 -4.72 -38.19 -16.22
CA ARG B 766 -5.65 -39.13 -16.84
C ARG B 766 -7.08 -38.70 -16.57
N TYR B 767 -7.77 -38.19 -17.58
CA TYR B 767 -9.18 -37.87 -17.40
C TYR B 767 -10.01 -39.13 -17.21
N LEU B 768 -11.10 -38.99 -16.45
CA LEU B 768 -11.96 -40.13 -16.12
C LEU B 768 -12.63 -40.73 -17.35
N GLY B 769 -12.83 -39.95 -18.41
CA GLY B 769 -13.46 -40.45 -19.62
C GLY B 769 -12.65 -41.45 -20.41
N GLY B 770 -11.38 -41.66 -20.06
CA GLY B 770 -10.52 -42.61 -20.74
C GLY B 770 -9.41 -42.00 -21.57
N GLN B 771 -9.53 -40.75 -21.99
CA GLN B 771 -8.48 -40.10 -22.77
C GLN B 771 -7.25 -39.81 -21.91
N LYS B 772 -6.15 -39.52 -22.59
CA LYS B 772 -4.86 -39.27 -21.96
C LYS B 772 -4.12 -38.15 -22.70
N ASP B 773 -3.01 -37.74 -22.11
CA ASP B 773 -2.26 -36.56 -22.54
C ASP B 773 -1.41 -36.79 -23.79
N ASN B 774 -0.46 -37.73 -23.73
CA ASN B 774 0.51 -38.04 -24.79
C ASN B 774 1.50 -36.91 -25.08
N PHE B 775 2.71 -37.01 -24.54
CA PHE B 775 3.76 -36.03 -24.78
C PHE B 775 4.34 -36.24 -26.18
N GLU B 776 3.86 -35.50 -27.17
CA GLU B 776 4.46 -35.52 -28.49
C GLU B 776 4.71 -34.10 -28.95
N VAL B 777 5.66 -33.95 -29.86
CA VAL B 777 5.97 -32.67 -30.51
C VAL B 777 4.72 -32.15 -31.20
N PRO B 778 4.10 -31.05 -30.73
CA PRO B 778 2.85 -30.54 -31.31
C PRO B 778 2.91 -30.26 -32.81
N SER B 779 2.16 -31.06 -33.56
CA SER B 779 2.11 -31.00 -35.03
C SER B 779 1.79 -29.57 -35.48
N PRO B 780 2.61 -28.98 -36.37
CA PRO B 780 2.41 -27.60 -36.83
C PRO B 780 1.04 -27.33 -37.45
N ASN B 781 0.07 -27.19 -36.56
CA ASN B 781 -1.33 -27.01 -36.93
C ASN B 781 -1.81 -25.80 -36.13
N ILE B 782 -3.05 -25.81 -35.66
CA ILE B 782 -3.61 -24.70 -34.90
C ILE B 782 -4.01 -25.24 -33.52
N GLN B 783 -4.77 -24.44 -32.76
CA GLN B 783 -5.20 -24.67 -31.39
C GLN B 783 -4.02 -24.64 -30.43
N GLY B 784 -3.72 -23.43 -29.95
CA GLY B 784 -2.67 -23.16 -28.99
C GLY B 784 -1.25 -23.21 -29.51
N TYR B 785 -1.04 -23.49 -30.79
CA TYR B 785 0.30 -23.58 -31.35
C TYR B 785 1.01 -22.24 -31.27
N LEU B 786 2.27 -22.27 -30.84
CA LEU B 786 3.03 -21.06 -30.61
C LEU B 786 3.49 -20.42 -31.92
N GLY B 787 3.54 -21.21 -32.99
CA GLY B 787 3.89 -20.75 -34.32
C GLY B 787 5.33 -20.48 -34.70
N GLU B 788 6.13 -19.87 -33.84
CA GLU B 788 7.53 -19.69 -34.18
C GLU B 788 8.30 -20.97 -33.95
N LYS B 789 9.61 -20.85 -33.94
CA LYS B 789 10.48 -21.97 -33.63
C LYS B 789 10.84 -21.97 -32.16
N TYR B 790 9.81 -21.81 -31.33
CA TYR B 790 9.99 -22.04 -29.92
C TYR B 790 10.11 -23.52 -29.60
N TYR B 791 9.69 -24.39 -30.51
CA TYR B 791 9.73 -25.82 -30.24
C TYR B 791 10.92 -26.50 -30.88
N ARG B 792 11.89 -25.73 -31.37
CA ARG B 792 13.08 -26.28 -32.02
C ARG B 792 13.90 -27.18 -31.09
N HIS B 793 13.87 -26.93 -29.79
CA HIS B 793 14.75 -27.65 -28.89
C HIS B 793 14.26 -29.03 -28.50
N LEU B 794 12.96 -29.33 -28.64
CA LEU B 794 12.43 -30.63 -28.24
C LEU B 794 13.03 -31.76 -29.07
N ASP B 795 12.98 -32.96 -28.51
CA ASP B 795 13.57 -34.09 -29.21
C ASP B 795 12.42 -34.81 -29.91
N GLU B 796 12.51 -36.13 -30.08
CA GLU B 796 11.41 -36.82 -30.76
C GLU B 796 10.23 -37.07 -29.83
N ASP B 797 10.48 -37.34 -28.56
CA ASP B 797 9.44 -37.69 -27.61
C ASP B 797 8.93 -36.52 -26.79
N GLY B 798 9.38 -35.30 -27.10
CA GLY B 798 8.91 -34.12 -26.40
C GLY B 798 9.57 -33.83 -25.07
N LEU B 799 10.78 -34.30 -24.87
CA LEU B 799 11.59 -33.94 -23.72
C LEU B 799 12.90 -33.41 -24.29
N ILE B 800 13.40 -32.29 -23.75
CA ILE B 800 14.64 -31.75 -24.29
C ILE B 800 15.81 -32.65 -23.95
N PHE B 801 16.80 -32.55 -24.70
CA PHE B 801 17.98 -33.20 -24.21
C PHE B 801 18.88 -32.15 -23.57
N PRO B 802 19.69 -32.56 -22.55
CA PRO B 802 20.54 -31.61 -21.81
C PRO B 802 21.48 -30.69 -22.57
N GLU B 803 21.84 -29.58 -21.90
CA GLU B 803 22.80 -28.59 -22.39
C GLU B 803 22.32 -27.91 -23.67
N SER B 804 21.04 -27.54 -23.68
CA SER B 804 20.48 -26.71 -24.73
C SER B 804 19.98 -25.41 -24.12
N LYS B 805 20.62 -24.28 -24.45
CA LYS B 805 20.32 -22.96 -23.89
C LYS B 805 18.85 -22.58 -24.00
N VAL B 806 18.21 -22.37 -22.88
CA VAL B 806 16.82 -21.95 -22.84
C VAL B 806 16.79 -20.48 -22.44
N GLU B 807 15.77 -19.76 -22.88
CA GLU B 807 15.67 -18.31 -22.74
C GLU B 807 14.24 -17.95 -23.05
N GLY B 808 13.80 -16.78 -22.60
CA GLY B 808 12.46 -16.24 -22.83
C GLY B 808 11.34 -17.23 -22.60
N LYS B 809 10.41 -17.40 -23.53
CA LYS B 809 9.33 -18.37 -23.39
C LYS B 809 9.61 -19.68 -24.13
N ASP B 810 10.83 -20.21 -24.12
CA ASP B 810 11.07 -21.48 -24.80
C ASP B 810 10.38 -22.64 -24.09
N VAL B 811 9.81 -23.55 -24.88
CA VAL B 811 9.05 -24.69 -24.37
C VAL B 811 9.96 -25.82 -23.89
N LEU B 812 9.67 -26.33 -22.70
CA LEU B 812 10.38 -27.49 -22.16
C LEU B 812 9.75 -28.84 -22.49
N VAL B 813 8.44 -29.00 -22.28
CA VAL B 813 7.77 -30.27 -22.58
C VAL B 813 6.43 -30.00 -23.26
N GLY B 814 6.21 -30.59 -24.43
CA GLY B 814 4.95 -30.47 -25.14
C GLY B 814 3.82 -31.44 -24.82
N ARG B 815 2.77 -31.01 -24.11
CA ARG B 815 1.61 -31.85 -23.87
C ARG B 815 0.51 -31.51 -24.90
N THR B 816 -0.62 -32.26 -24.83
CA THR B 816 -1.81 -32.13 -25.69
C THR B 816 -3.02 -32.65 -24.91
N SER B 817 -3.72 -31.77 -24.22
CA SER B 817 -4.85 -32.22 -23.40
C SER B 817 -6.16 -32.29 -24.21
N PRO B 818 -6.88 -33.41 -24.15
CA PRO B 818 -8.14 -33.58 -24.90
C PRO B 818 -9.22 -32.60 -24.45
N PRO B 819 -9.88 -31.93 -25.39
CA PRO B 819 -11.04 -31.08 -25.04
C PRO B 819 -12.19 -31.79 -24.34
N ARG B 820 -12.42 -33.08 -24.62
CA ARG B 820 -13.42 -33.95 -24.00
C ARG B 820 -14.87 -33.54 -24.25
N PHE B 821 -15.09 -32.44 -24.95
CA PHE B 821 -16.42 -31.91 -25.22
C PHE B 821 -16.28 -31.17 -26.54
N ILE B 822 -16.71 -31.80 -27.63
CA ILE B 822 -16.53 -31.20 -28.95
C ILE B 822 -17.43 -29.98 -29.16
N GLU B 823 -18.53 -29.87 -28.38
CA GLU B 823 -19.41 -28.70 -28.35
C GLU B 823 -19.55 -28.26 -26.92
N GLU B 824 -18.61 -27.46 -26.46
CA GLU B 824 -18.73 -26.81 -25.16
C GLU B 824 -18.50 -25.31 -25.22
N GLN B 825 -17.58 -24.84 -26.06
CA GLN B 825 -17.13 -23.47 -26.02
C GLN B 825 -17.59 -22.67 -27.23
N SER B 826 -17.24 -23.10 -28.44
CA SER B 826 -17.56 -22.43 -29.71
C SER B 826 -17.18 -20.94 -29.70
N SER B 827 -15.87 -20.69 -29.64
CA SER B 827 -15.35 -19.33 -29.49
C SER B 827 -15.18 -18.62 -30.84
N LEU B 828 -16.27 -18.63 -31.62
CA LEU B 828 -16.52 -17.84 -32.84
C LEU B 828 -15.68 -18.24 -34.04
N GLY B 829 -14.68 -19.10 -33.85
CA GLY B 829 -13.91 -19.68 -34.94
C GLY B 829 -13.46 -21.09 -34.64
N SER B 830 -13.82 -21.58 -33.46
CA SER B 830 -13.35 -22.87 -32.94
C SER B 830 -14.28 -24.02 -33.32
N MET B 831 -15.20 -23.79 -34.24
CA MET B 831 -16.15 -24.80 -34.69
C MET B 831 -15.59 -25.67 -35.81
N VAL B 832 -14.70 -25.12 -36.63
CA VAL B 832 -14.22 -25.84 -37.81
C VAL B 832 -13.03 -26.72 -37.46
N LEU B 833 -12.15 -26.25 -36.58
CA LEU B 833 -10.88 -26.94 -36.36
C LEU B 833 -11.07 -28.20 -35.52
N GLN B 834 -11.69 -28.05 -34.33
CA GLN B 834 -12.10 -29.15 -33.43
C GLN B 834 -10.90 -30.01 -33.02
N GLY B 835 -9.74 -29.39 -32.91
CA GLY B 835 -8.47 -30.08 -32.71
C GLY B 835 -8.13 -30.40 -31.27
N ARG B 836 -6.93 -30.03 -30.84
CA ARG B 836 -6.44 -30.50 -29.57
C ARG B 836 -5.71 -29.37 -28.85
N ARG B 837 -6.09 -29.16 -27.59
CA ARG B 837 -5.58 -28.08 -26.74
C ARG B 837 -4.11 -28.28 -26.36
N GLU B 838 -3.30 -27.24 -26.59
CA GLU B 838 -1.86 -27.20 -26.32
C GLU B 838 -1.36 -27.41 -24.88
N THR B 839 -1.49 -26.41 -24.02
CA THR B 839 -1.14 -26.45 -22.58
C THR B 839 0.36 -26.78 -22.29
N SER B 840 1.28 -26.64 -23.25
CA SER B 840 2.71 -26.97 -23.04
C SER B 840 3.42 -26.06 -22.03
N VAL B 841 4.14 -26.67 -21.07
CA VAL B 841 4.87 -25.98 -20.00
C VAL B 841 6.06 -25.19 -20.52
N THR B 842 6.03 -23.88 -20.33
CA THR B 842 7.13 -23.03 -20.75
C THR B 842 7.86 -22.44 -19.55
N VAL B 843 9.11 -21.99 -19.78
CA VAL B 843 9.90 -21.37 -18.72
C VAL B 843 9.35 -19.98 -18.51
N ARG B 844 9.48 -19.48 -17.27
CA ARG B 844 8.95 -18.18 -16.91
C ARG B 844 9.57 -17.09 -17.81
N PRO B 845 8.82 -16.03 -18.14
CA PRO B 845 9.34 -14.96 -19.03
C PRO B 845 10.73 -14.35 -18.83
N SER B 846 11.09 -13.90 -17.64
CA SER B 846 12.35 -13.17 -17.50
C SER B 846 13.49 -14.03 -16.96
N GLU B 847 13.60 -15.27 -17.40
CA GLU B 847 14.65 -16.15 -16.95
C GLU B 847 15.40 -16.71 -18.14
N LYS B 848 16.60 -17.21 -17.88
CA LYS B 848 17.45 -17.73 -18.94
C LYS B 848 18.29 -18.86 -18.34
N GLY B 849 19.28 -19.31 -19.07
CA GLY B 849 20.18 -20.35 -18.59
C GLY B 849 20.17 -21.62 -19.39
N VAL B 850 20.64 -22.72 -18.80
CA VAL B 850 20.79 -23.97 -19.51
C VAL B 850 20.14 -25.10 -18.72
N VAL B 851 19.50 -26.04 -19.43
CA VAL B 851 18.92 -27.22 -18.79
C VAL B 851 20.02 -28.10 -18.23
N ASP B 852 19.74 -28.78 -17.13
CA ASP B 852 20.74 -29.65 -16.52
C ASP B 852 20.36 -31.12 -16.50
N LYS B 853 19.37 -31.54 -15.72
CA LYS B 853 18.95 -32.93 -15.68
C LYS B 853 17.49 -33.04 -16.07
N VAL B 854 17.15 -34.05 -16.85
CA VAL B 854 15.76 -34.36 -17.19
C VAL B 854 15.44 -35.73 -16.64
N ILE B 855 14.85 -35.78 -15.45
CA ILE B 855 14.39 -37.05 -14.91
C ILE B 855 13.14 -37.43 -15.69
N VAL B 856 12.64 -38.66 -15.49
CA VAL B 856 11.40 -39.19 -16.05
C VAL B 856 11.15 -40.45 -15.23
N THR B 857 9.92 -40.65 -14.79
CA THR B 857 9.60 -41.73 -13.89
C THR B 857 8.09 -41.96 -13.87
N GLU B 858 7.63 -42.75 -12.90
CA GLU B 858 6.23 -43.04 -12.76
C GLU B 858 5.79 -42.45 -11.43
N THR B 859 4.50 -42.16 -11.30
CA THR B 859 3.96 -41.63 -10.07
C THR B 859 3.40 -42.78 -9.25
N GLY B 860 2.82 -42.44 -8.10
CA GLY B 860 2.22 -43.47 -7.29
C GLY B 860 1.00 -44.13 -7.92
N ASP B 861 0.21 -43.39 -8.70
CA ASP B 861 -0.87 -44.07 -9.40
C ASP B 861 -0.39 -44.91 -10.57
N GLY B 862 -0.28 -44.28 -11.74
CA GLY B 862 0.14 -44.99 -12.93
C GLY B 862 0.50 -44.12 -14.12
N THR B 863 0.97 -42.90 -13.90
CA THR B 863 1.24 -42.04 -15.05
C THR B 863 2.73 -41.73 -15.12
N LYS B 864 3.11 -40.82 -16.00
CA LYS B 864 4.52 -40.52 -16.23
C LYS B 864 4.76 -39.03 -16.01
N LEU B 865 5.58 -38.68 -15.02
CA LEU B 865 5.91 -37.29 -14.75
C LEU B 865 7.38 -37.02 -15.03
N VAL B 866 7.66 -35.85 -15.59
CA VAL B 866 9.01 -35.44 -15.93
C VAL B 866 9.37 -34.17 -15.19
N LYS B 867 10.50 -34.19 -14.49
CA LYS B 867 11.03 -33.04 -13.78
C LYS B 867 12.30 -32.56 -14.49
N VAL B 868 12.30 -31.30 -14.93
CA VAL B 868 13.41 -30.71 -15.68
C VAL B 868 13.97 -29.53 -14.90
N THR B 869 15.26 -29.54 -14.57
CA THR B 869 15.86 -28.41 -13.86
C THR B 869 16.76 -27.56 -14.76
N VAL B 870 16.69 -26.24 -14.61
CA VAL B 870 17.49 -25.30 -15.40
C VAL B 870 18.32 -24.39 -14.48
N ARG B 871 19.63 -24.30 -14.75
CA ARG B 871 20.59 -23.48 -14.02
C ARG B 871 20.98 -22.18 -14.71
N ASP B 872 21.42 -21.20 -13.90
CA ASP B 872 21.71 -19.81 -14.31
C ASP B 872 23.03 -19.31 -13.73
N LEU B 873 23.94 -18.80 -14.58
CA LEU B 873 25.27 -18.34 -14.15
C LEU B 873 25.28 -17.25 -13.09
N ARG B 874 24.72 -16.07 -13.39
CA ARG B 874 24.60 -14.94 -12.44
C ARG B 874 25.86 -14.42 -11.72
N ILE B 875 26.51 -13.41 -12.31
CA ILE B 875 27.71 -12.70 -11.82
C ILE B 875 27.30 -11.51 -10.95
N PRO B 876 27.97 -11.25 -9.81
CA PRO B 876 27.64 -10.10 -8.94
C PRO B 876 27.78 -8.70 -9.52
N GLU B 877 26.76 -8.21 -10.20
CA GLU B 877 26.71 -6.93 -10.88
C GLU B 877 26.08 -5.87 -9.97
N LEU B 878 25.84 -4.67 -10.51
CA LEU B 878 25.30 -3.53 -9.75
C LEU B 878 23.94 -3.80 -9.15
N GLY B 879 23.81 -3.62 -7.84
CA GLY B 879 22.55 -3.67 -7.17
C GLY B 879 22.35 -4.83 -6.23
N ASP B 880 23.15 -5.89 -6.34
CA ASP B 880 23.03 -7.04 -5.44
C ASP B 880 23.35 -6.64 -4.02
N LYS B 881 22.78 -7.34 -3.06
CA LYS B 881 22.93 -6.94 -1.67
C LYS B 881 24.01 -7.74 -0.98
N PHE B 882 24.85 -7.06 -0.21
CA PHE B 882 25.91 -7.65 0.60
C PHE B 882 25.70 -7.18 2.02
N ALA B 883 26.06 -8.00 3.00
CA ALA B 883 25.91 -7.58 4.38
C ALA B 883 26.82 -8.40 5.26
N SER B 884 27.48 -7.76 6.21
CA SER B 884 28.29 -8.52 7.15
C SER B 884 27.42 -9.23 8.14
N ARG B 885 28.03 -9.91 9.11
CA ARG B 885 27.25 -10.55 10.14
C ARG B 885 27.04 -9.67 11.37
N HIS B 886 26.97 -8.35 11.19
CA HIS B 886 26.78 -7.43 12.30
C HIS B 886 25.63 -6.50 11.99
N GLY B 887 25.34 -6.27 10.73
CA GLY B 887 24.22 -5.42 10.41
C GLY B 887 24.54 -4.26 9.51
N GLN B 888 25.63 -4.34 8.76
CA GLN B 888 26.02 -3.29 7.84
C GLN B 888 25.48 -3.62 6.45
N LYS B 889 24.17 -3.53 6.28
CA LYS B 889 23.58 -3.89 4.99
C LYS B 889 23.99 -2.90 3.92
N GLY B 890 24.13 -3.35 2.68
CA GLY B 890 24.59 -2.46 1.64
C GLY B 890 24.40 -3.05 0.26
N VAL B 891 24.39 -2.16 -0.71
CA VAL B 891 24.26 -2.51 -2.12
C VAL B 891 25.54 -2.10 -2.85
N ILE B 892 26.03 -2.96 -3.77
CA ILE B 892 27.17 -2.66 -4.64
C ILE B 892 26.95 -1.34 -5.38
N GLY B 893 27.86 -0.37 -5.19
CA GLY B 893 27.69 0.95 -5.77
C GLY B 893 28.37 1.22 -7.10
N LEU B 894 29.61 0.78 -7.29
CA LEU B 894 30.27 0.88 -8.59
C LEU B 894 31.40 -0.14 -8.58
N ILE B 895 31.62 -0.75 -9.72
CA ILE B 895 32.59 -1.82 -9.88
C ILE B 895 33.90 -1.33 -10.55
N VAL B 896 34.52 -0.30 -9.97
CA VAL B 896 35.74 0.43 -10.40
C VAL B 896 36.91 -0.45 -10.85
N PRO B 897 37.59 -0.13 -11.98
CA PRO B 897 38.77 -0.90 -12.41
C PRO B 897 39.83 -1.02 -11.34
N GLN B 898 40.51 -2.17 -11.30
CA GLN B 898 41.50 -2.47 -10.26
C GLN B 898 42.60 -1.44 -10.13
N GLU B 899 42.95 -0.80 -11.23
CA GLU B 899 44.05 0.16 -11.25
C GLU B 899 43.74 1.40 -10.44
N ASP B 900 42.59 2.02 -10.65
CA ASP B 900 42.21 3.18 -9.86
C ASP B 900 41.76 2.85 -8.46
N MET B 901 42.55 2.10 -7.69
CA MET B 901 42.18 1.75 -6.34
C MET B 901 43.34 2.04 -5.43
N PRO B 902 43.10 2.63 -4.28
CA PRO B 902 44.21 2.99 -3.41
C PRO B 902 44.80 1.77 -2.78
N TRP B 903 46.11 1.78 -2.66
CA TRP B 903 46.84 0.60 -2.24
C TRP B 903 47.85 0.96 -1.15
N THR B 904 48.15 -0.03 -0.31
CA THR B 904 49.06 0.10 0.83
C THR B 904 50.51 -0.15 0.47
N GLU B 905 51.43 0.59 1.10
CA GLU B 905 52.88 0.44 0.97
C GLU B 905 53.38 -0.98 1.29
N SER B 906 52.90 -1.95 0.50
CA SER B 906 53.14 -3.39 0.48
C SER B 906 52.45 -3.82 -0.80
N GLY B 907 52.11 -5.09 -0.95
CA GLY B 907 51.36 -5.42 -2.15
C GLY B 907 49.85 -5.46 -2.06
N ILE B 908 49.25 -5.04 -0.98
CA ILE B 908 47.82 -5.27 -0.76
C ILE B 908 46.99 -4.26 -1.52
N VAL B 909 45.96 -4.73 -2.20
CA VAL B 909 44.99 -3.87 -2.86
C VAL B 909 43.64 -4.19 -2.26
N PRO B 910 42.94 -3.25 -1.65
CA PRO B 910 41.62 -3.52 -1.08
C PRO B 910 40.58 -4.01 -2.07
N ASP B 911 39.67 -4.85 -1.58
CA ASP B 911 38.52 -5.30 -2.34
C ASP B 911 37.25 -4.53 -2.08
N LEU B 912 37.00 -4.11 -0.86
CA LEU B 912 35.75 -3.43 -0.58
C LEU B 912 36.06 -2.18 0.21
N ILE B 913 35.61 -1.04 -0.27
CA ILE B 913 35.90 0.22 0.39
C ILE B 913 34.62 0.67 1.06
N VAL B 914 34.61 0.70 2.36
CA VAL B 914 33.41 0.95 3.14
C VAL B 914 33.38 2.40 3.60
N ASN B 915 32.20 2.99 3.60
CA ASN B 915 32.00 4.37 4.03
C ASN B 915 32.36 4.53 5.51
N PRO B 916 33.23 5.49 5.86
CA PRO B 916 33.58 5.70 7.27
C PRO B 916 32.52 6.35 8.11
N HIS B 917 31.38 6.73 7.56
CA HIS B 917 30.32 7.34 8.33
C HIS B 917 29.39 6.33 8.95
N GLY B 918 29.63 5.06 8.72
CA GLY B 918 28.76 4.06 9.26
C GLY B 918 29.26 3.41 10.52
N ILE B 919 30.54 3.54 10.86
CA ILE B 919 30.97 2.86 12.08
C ILE B 919 30.65 3.69 13.33
N PRO B 920 31.08 4.98 13.52
CA PRO B 920 30.69 5.66 14.76
C PRO B 920 29.30 6.27 14.72
N SER B 921 28.35 5.60 14.15
CA SER B 921 26.97 6.04 14.09
C SER B 921 26.05 4.96 14.58
N ARG B 922 26.38 3.71 14.27
CA ARG B 922 25.59 2.54 14.60
C ARG B 922 26.06 1.94 15.90
N MET B 923 27.34 2.15 16.20
CA MET B 923 28.11 1.66 17.35
C MET B 923 28.42 0.19 17.23
N THR B 924 29.05 -0.22 16.14
CA THR B 924 29.45 -1.61 15.97
C THR B 924 30.95 -1.71 16.17
N VAL B 925 31.38 -1.61 17.43
CA VAL B 925 32.80 -1.71 17.76
C VAL B 925 33.31 -3.09 17.38
N GLY B 926 32.45 -4.10 17.42
CA GLY B 926 32.83 -5.45 17.03
C GLY B 926 33.36 -5.55 15.62
N GLN B 927 32.96 -4.63 14.75
CA GLN B 927 33.45 -4.60 13.39
C GLN B 927 34.92 -4.24 13.33
N LEU B 928 35.32 -3.23 14.09
CA LEU B 928 36.72 -2.84 14.15
C LEU B 928 37.59 -3.94 14.74
N ILE B 929 37.15 -4.55 15.85
CA ILE B 929 37.90 -5.65 16.47
C ILE B 929 38.08 -6.82 15.51
N GLU B 930 37.05 -7.13 14.71
CA GLU B 930 37.19 -8.24 13.76
C GLU B 930 38.19 -7.94 12.66
N ALA B 931 38.27 -6.68 12.24
CA ALA B 931 39.24 -6.28 11.22
C ALA B 931 40.66 -6.53 11.68
N ILE B 932 41.02 -6.06 12.87
CA ILE B 932 42.35 -6.33 13.42
C ILE B 932 42.53 -7.83 13.60
N GLY B 933 41.50 -8.50 14.10
CA GLY B 933 41.58 -9.92 14.35
C GLY B 933 41.83 -10.76 13.12
N GLY B 934 41.29 -10.35 11.97
CA GLY B 934 41.58 -11.08 10.76
C GLY B 934 42.97 -10.85 10.25
N LYS B 935 43.53 -9.67 10.46
CA LYS B 935 44.89 -9.38 10.02
C LYS B 935 45.91 -10.21 10.79
N VAL B 936 45.81 -10.24 12.12
CA VAL B 936 46.67 -11.09 12.95
C VAL B 936 46.51 -12.55 12.57
N ALA B 937 45.26 -13.00 12.43
CA ALA B 937 44.98 -14.38 12.09
C ALA B 937 45.56 -14.79 10.75
N SER B 938 45.50 -13.92 9.76
CA SER B 938 46.08 -14.30 8.47
C SER B 938 47.59 -14.41 8.53
N LEU B 939 48.27 -13.51 9.24
CA LEU B 939 49.73 -13.55 9.30
C LEU B 939 50.25 -14.74 10.07
N THR B 940 49.80 -14.89 11.32
CA THR B 940 50.24 -15.99 12.18
C THR B 940 49.97 -17.35 11.53
N GLY B 941 48.71 -17.64 11.26
CA GLY B 941 48.30 -18.87 10.62
C GLY B 941 47.30 -19.67 11.41
N ARG B 942 47.22 -19.46 12.70
CA ARG B 942 46.18 -20.05 13.53
C ARG B 942 44.91 -19.19 13.45
N ARG B 943 43.75 -19.83 13.62
CA ARG B 943 42.50 -19.09 13.60
C ARG B 943 42.12 -18.60 14.99
N VAL B 944 41.97 -17.28 15.12
CA VAL B 944 41.60 -16.63 16.37
C VAL B 944 40.24 -17.12 16.86
N ASP B 945 40.15 -17.41 18.14
CA ASP B 945 38.92 -17.88 18.76
C ASP B 945 38.13 -16.72 19.33
N GLY B 946 36.95 -16.48 18.80
CA GLY B 946 36.13 -15.36 19.23
C GLY B 946 34.80 -15.58 19.91
N THR B 947 34.56 -16.74 20.52
CA THR B 947 33.33 -16.98 21.28
C THR B 947 33.07 -15.95 22.36
N ALA B 948 31.79 -15.60 22.50
CA ALA B 948 31.36 -14.63 23.49
C ALA B 948 31.85 -14.96 24.89
N PHE B 949 32.28 -13.92 25.61
CA PHE B 949 32.71 -13.90 27.00
C PHE B 949 34.03 -14.60 27.31
N ILE B 950 34.41 -15.65 26.58
CA ILE B 950 35.68 -16.31 26.85
C ILE B 950 36.61 -16.28 25.63
N GLY B 951 36.32 -15.40 24.69
CA GLY B 951 37.16 -15.16 23.53
C GLY B 951 38.49 -14.54 23.85
N GLU B 952 39.34 -14.52 22.82
CA GLU B 952 40.69 -13.99 22.88
C GLU B 952 40.65 -12.55 23.39
N PRO B 953 41.33 -12.25 24.49
CA PRO B 953 41.40 -10.88 25.00
C PRO B 953 41.96 -9.86 24.02
N GLU B 954 41.21 -8.76 23.89
CA GLU B 954 41.47 -7.66 22.98
C GLU B 954 42.92 -7.18 22.95
N GLU B 955 43.54 -7.05 24.11
CA GLU B 955 44.89 -6.52 24.19
C GLU B 955 45.95 -7.43 23.60
N LYS B 956 45.69 -8.73 23.47
CA LYS B 956 46.71 -9.61 22.91
C LYS B 956 46.83 -9.46 21.40
N LEU B 957 45.72 -9.27 20.72
CA LEU B 957 45.76 -9.07 19.27
C LEU B 957 46.46 -7.77 18.91
N ARG B 958 46.28 -6.72 19.68
CA ARG B 958 47.00 -5.49 19.41
C ARG B 958 48.47 -5.63 19.76
N LYS B 959 48.78 -6.35 20.83
CA LYS B 959 50.19 -6.51 21.19
C LYS B 959 50.89 -7.55 20.32
N GLU B 960 50.15 -8.41 19.64
CA GLU B 960 50.85 -9.33 18.75
C GLU B 960 51.07 -8.72 17.40
N LEU B 961 50.08 -7.94 16.91
CA LEU B 961 50.15 -7.31 15.60
C LEU B 961 51.41 -6.48 15.41
N GLU B 962 51.87 -5.82 16.47
CA GLU B 962 53.04 -4.98 16.34
C GLU B 962 54.31 -5.81 16.14
N GLU B 963 54.52 -6.83 16.98
CA GLU B 963 55.70 -7.67 16.88
C GLU B 963 55.78 -8.48 15.58
N LEU B 964 54.67 -8.67 14.90
CA LEU B 964 54.67 -9.22 13.55
C LEU B 964 55.10 -8.22 12.51
N GLY B 965 55.15 -6.94 12.84
CA GLY B 965 55.61 -5.97 11.88
C GLY B 965 54.57 -5.09 11.22
N PHE B 966 53.82 -4.35 12.02
CA PHE B 966 52.74 -3.52 11.54
C PHE B 966 52.39 -2.58 12.67
N LYS B 967 52.08 -1.32 12.32
CA LYS B 967 51.58 -0.35 13.29
C LYS B 967 50.41 -0.95 14.04
N HIS B 968 50.39 -0.75 15.36
CA HIS B 968 49.42 -1.43 16.22
C HIS B 968 47.98 -1.07 15.92
N SER B 969 47.72 0.07 15.35
CA SER B 969 46.37 0.58 15.30
C SER B 969 45.61 0.11 14.10
N GLY B 970 46.18 -0.77 13.30
CA GLY B 970 45.57 -1.18 12.08
C GLY B 970 45.74 -0.25 10.91
N ARG B 971 46.35 0.92 11.10
CA ARG B 971 46.44 1.87 10.01
C ARG B 971 47.76 1.74 9.27
N GLU B 972 47.76 2.15 8.00
CA GLU B 972 48.96 2.14 7.19
C GLU B 972 49.04 3.39 6.34
N ILE B 973 50.11 3.48 5.55
CA ILE B 973 50.31 4.57 4.60
C ILE B 973 49.75 4.09 3.28
N MET B 974 48.80 4.81 2.70
CA MET B 974 48.21 4.37 1.45
C MET B 974 48.43 5.36 0.34
N TYR B 975 48.60 4.85 -0.87
CA TYR B 975 48.85 5.68 -2.03
C TYR B 975 47.59 5.69 -2.87
N ASP B 976 47.13 6.86 -3.27
CA ASP B 976 45.91 6.96 -4.05
C ASP B 976 46.16 6.58 -5.50
N GLY B 977 45.47 5.56 -5.98
CA GLY B 977 45.68 5.02 -7.30
C GLY B 977 45.32 5.91 -8.48
N ILE B 978 44.60 7.01 -8.28
CA ILE B 978 44.20 7.80 -9.43
C ILE B 978 45.38 8.62 -9.91
N THR B 979 45.77 9.63 -9.15
CA THR B 979 46.93 10.43 -9.51
C THR B 979 48.22 9.74 -9.07
N GLY B 980 48.46 9.72 -7.77
CA GLY B 980 49.49 8.93 -7.15
C GLY B 980 50.34 9.78 -6.24
N ARG B 981 49.97 9.86 -4.98
CA ARG B 981 50.64 10.60 -3.92
C ARG B 981 50.03 10.08 -2.65
N ARG B 982 50.80 10.02 -1.57
CA ARG B 982 50.22 9.50 -0.35
C ARG B 982 49.18 10.45 0.20
N LEU B 983 48.08 9.86 0.64
CA LEU B 983 47.04 10.61 1.31
C LEU B 983 47.64 11.16 2.58
N GLU B 984 47.32 12.41 2.93
CA GLU B 984 47.93 12.91 4.15
C GLU B 984 47.19 12.48 5.41
N ALA B 985 47.01 11.17 5.55
CA ALA B 985 46.42 10.52 6.69
C ALA B 985 46.82 9.06 6.58
N ASP B 986 46.48 8.29 7.59
CA ASP B 986 46.73 6.86 7.54
C ASP B 986 45.38 6.21 7.31
N ILE B 987 45.33 5.12 6.55
CA ILE B 987 44.07 4.50 6.14
C ILE B 987 43.94 3.10 6.73
N PHE B 988 42.93 2.89 7.55
CA PHE B 988 42.62 1.61 8.19
C PHE B 988 42.39 0.51 7.16
N ILE B 989 42.67 -0.74 7.53
CA ILE B 989 42.48 -1.88 6.64
C ILE B 989 42.44 -3.16 7.48
N GLY B 990 41.50 -4.04 7.15
CA GLY B 990 41.30 -5.31 7.86
C GLY B 990 40.90 -6.49 7.01
N VAL B 991 40.53 -7.60 7.63
CA VAL B 991 40.02 -8.79 6.93
C VAL B 991 38.64 -9.11 7.51
N ILE B 992 37.57 -8.62 6.90
CA ILE B 992 36.22 -8.87 7.39
C ILE B 992 35.53 -9.92 6.54
N TYR B 993 34.79 -10.83 7.18
CA TYR B 993 34.01 -11.89 6.55
C TYR B 993 32.66 -11.38 6.10
N TYR B 994 32.46 -11.22 4.81
CA TYR B 994 31.15 -10.78 4.35
C TYR B 994 30.36 -12.00 3.90
N GLN B 995 29.17 -11.78 3.33
CA GLN B 995 28.33 -12.85 2.81
C GLN B 995 27.32 -12.26 1.84
N ARG B 996 27.14 -12.89 0.70
CA ARG B 996 26.20 -12.43 -0.32
C ARG B 996 24.77 -12.85 -0.05
N LEU B 997 23.85 -11.90 0.06
CA LEU B 997 22.44 -12.23 0.27
C LEU B 997 21.75 -12.45 -1.07
N HIS B 998 20.60 -13.15 -1.03
CA HIS B 998 19.92 -13.50 -2.27
C HIS B 998 18.96 -12.46 -2.85
N HIS B 999 18.90 -11.22 -2.37
CA HIS B 999 18.01 -10.26 -3.04
C HIS B 999 18.77 -9.71 -4.24
N MET B 1000 18.74 -10.50 -5.30
CA MET B 1000 19.46 -10.22 -6.53
C MET B 1000 18.57 -9.45 -7.51
N VAL B 1001 19.16 -8.45 -8.16
CA VAL B 1001 18.43 -7.52 -9.02
C VAL B 1001 17.69 -8.19 -10.17
N ALA B 1002 18.12 -9.39 -10.62
CA ALA B 1002 17.45 -10.11 -11.70
C ALA B 1002 16.00 -10.47 -11.41
N ASP B 1003 15.58 -10.49 -10.15
CA ASP B 1003 14.23 -10.90 -9.79
C ASP B 1003 13.37 -9.73 -9.34
N LYS B 1004 13.86 -8.50 -9.43
CA LYS B 1004 13.08 -7.33 -9.08
C LYS B 1004 12.63 -6.52 -10.28
N MET B 1005 13.53 -6.25 -11.23
CA MET B 1005 13.21 -5.42 -12.39
C MET B 1005 12.19 -6.08 -13.31
N HIS B 1006 11.17 -5.33 -13.69
CA HIS B 1006 10.18 -5.71 -14.70
C HIS B 1006 9.41 -4.48 -15.09
N ALA B 1007 8.89 -4.46 -16.32
CA ALA B 1007 8.14 -3.31 -16.80
C ALA B 1007 6.82 -3.77 -17.40
N ARG B 1008 5.86 -2.86 -17.41
CA ARG B 1008 4.53 -3.05 -17.95
C ARG B 1008 4.30 -2.08 -19.09
N SER B 1009 3.93 -2.56 -20.25
CA SER B 1009 3.59 -1.65 -21.34
C SER B 1009 2.08 -1.44 -21.35
N ARG B 1010 1.32 -2.48 -21.73
CA ARG B 1010 -0.14 -2.52 -21.69
C ARG B 1010 -0.56 -3.98 -21.67
N GLY B 1011 -0.99 -4.48 -20.52
CA GLY B 1011 -1.23 -5.89 -20.36
C GLY B 1011 -2.69 -6.31 -20.41
N PRO B 1012 -2.93 -7.62 -20.41
CA PRO B 1012 -4.29 -8.13 -20.23
C PRO B 1012 -4.79 -7.91 -18.81
N VAL B 1013 -6.07 -7.53 -18.70
CA VAL B 1013 -6.65 -7.14 -17.42
C VAL B 1013 -7.77 -8.10 -17.09
N GLN B 1014 -8.46 -7.89 -15.96
CA GLN B 1014 -9.62 -8.71 -15.64
C GLN B 1014 -10.78 -8.37 -16.58
N VAL B 1015 -11.73 -9.31 -16.66
CA VAL B 1015 -12.89 -9.16 -17.53
C VAL B 1015 -14.09 -8.64 -16.77
N LEU B 1016 -14.41 -9.26 -15.63
CA LEU B 1016 -15.62 -8.93 -14.88
C LEU B 1016 -15.40 -7.70 -14.00
N THR B 1017 -14.19 -7.50 -13.49
CA THR B 1017 -13.89 -6.34 -12.65
C THR B 1017 -13.02 -5.29 -13.35
N LYS B 1018 -12.26 -5.68 -14.38
CA LYS B 1018 -11.44 -4.79 -15.22
C LYS B 1018 -10.36 -4.03 -14.44
N GLN B 1019 -9.44 -4.81 -13.87
CA GLN B 1019 -8.22 -4.34 -13.23
C GLN B 1019 -7.03 -5.14 -13.74
N PRO B 1020 -5.85 -4.54 -13.82
CA PRO B 1020 -4.65 -5.25 -14.29
C PRO B 1020 -4.22 -6.35 -13.33
N THR B 1021 -3.31 -7.20 -13.84
CA THR B 1021 -2.96 -8.41 -13.13
C THR B 1021 -1.75 -8.20 -12.22
N GLU B 1022 -1.39 -9.24 -11.46
CA GLU B 1022 -0.44 -9.15 -10.36
C GLU B 1022 0.78 -10.02 -10.61
N GLY B 1023 1.94 -9.56 -10.15
CA GLY B 1023 3.14 -10.39 -10.13
C GLY B 1023 3.93 -10.40 -11.42
N ARG B 1024 5.07 -11.09 -11.36
CA ARG B 1024 5.93 -11.20 -12.53
C ARG B 1024 5.47 -12.32 -13.47
N ALA B 1025 4.85 -13.37 -12.92
CA ALA B 1025 4.30 -14.42 -13.78
C ALA B 1025 3.05 -13.96 -14.55
N ARG B 1026 2.41 -12.86 -14.13
CA ARG B 1026 1.31 -12.29 -14.89
C ARG B 1026 1.46 -10.80 -15.17
N GLU B 1027 2.69 -10.28 -15.15
CA GLU B 1027 3.07 -8.94 -15.63
C GLU B 1027 2.33 -7.82 -14.87
N GLY B 1028 2.68 -7.65 -13.60
CA GLY B 1028 2.06 -6.62 -12.79
C GLY B 1028 3.05 -5.93 -11.89
N GLY B 1029 2.76 -4.64 -11.61
CA GLY B 1029 3.56 -3.82 -10.72
C GLY B 1029 2.76 -3.43 -9.50
N LEU B 1030 2.88 -2.19 -9.01
CA LEU B 1030 2.03 -1.78 -7.91
C LEU B 1030 0.89 -0.89 -8.39
N ARG B 1031 0.02 -0.54 -7.46
CA ARG B 1031 -1.27 0.06 -7.74
C ARG B 1031 -1.31 1.52 -7.33
N PHE B 1032 -2.30 2.23 -7.87
CA PHE B 1032 -2.52 3.65 -7.61
C PHE B 1032 -3.84 3.78 -6.91
N GLY B 1033 -3.81 3.60 -5.60
CA GLY B 1033 -5.04 3.61 -4.86
C GLY B 1033 -5.23 4.92 -4.16
N GLU B 1034 -5.67 4.83 -2.91
CA GLU B 1034 -6.09 5.97 -2.11
C GLU B 1034 -5.03 7.06 -2.00
N MET B 1035 -3.87 6.75 -1.43
CA MET B 1035 -2.82 7.75 -1.23
C MET B 1035 -2.29 8.38 -2.51
N GLU B 1036 -2.21 7.65 -3.62
CA GLU B 1036 -1.69 8.27 -4.83
C GLU B 1036 -2.61 9.25 -5.52
N ARG B 1037 -3.90 9.25 -5.22
CA ARG B 1037 -4.69 10.30 -5.84
C ARG B 1037 -4.48 11.61 -5.09
N ASP B 1038 -4.47 11.54 -3.77
CA ASP B 1038 -4.35 12.74 -2.95
C ASP B 1038 -3.04 13.46 -3.11
N VAL B 1039 -1.98 12.77 -3.50
CA VAL B 1039 -0.72 13.48 -3.69
C VAL B 1039 -0.75 14.33 -4.95
N LEU B 1040 -1.20 13.77 -6.09
CA LEU B 1040 -1.30 14.54 -7.34
C LEU B 1040 -2.25 15.73 -7.25
N ILE B 1041 -3.35 15.60 -6.50
CA ILE B 1041 -4.25 16.73 -6.30
C ILE B 1041 -3.54 17.86 -5.59
N GLY B 1042 -2.69 17.52 -4.60
CA GLY B 1042 -1.94 18.52 -3.85
C GLY B 1042 -1.10 19.44 -4.72
N HIS B 1043 -0.40 18.86 -5.71
CA HIS B 1043 0.29 19.67 -6.71
C HIS B 1043 -0.66 20.52 -7.51
N GLY B 1044 -1.77 19.95 -7.92
CA GLY B 1044 -2.75 20.65 -8.70
C GLY B 1044 -2.80 20.15 -10.10
N ALA B 1045 -2.30 18.95 -10.37
CA ALA B 1045 -2.24 18.41 -11.71
C ALA B 1045 -3.58 17.77 -12.06
N ALA B 1046 -4.48 18.57 -12.62
CA ALA B 1046 -5.78 18.04 -12.98
C ALA B 1046 -5.66 17.17 -14.23
N MET B 1047 -5.09 17.73 -15.30
CA MET B 1047 -4.83 17.00 -16.54
C MET B 1047 -4.09 15.69 -16.35
N LEU B 1048 -3.04 15.68 -15.53
CA LEU B 1048 -2.26 14.46 -15.33
C LEU B 1048 -3.06 13.36 -14.66
N LEU B 1049 -3.82 13.72 -13.64
CA LEU B 1049 -4.74 12.87 -12.91
C LEU B 1049 -5.65 12.04 -13.82
N ILE B 1050 -6.52 12.71 -14.59
CA ILE B 1050 -7.49 12.07 -15.50
C ILE B 1050 -6.87 10.99 -16.37
N GLU B 1051 -5.80 11.35 -17.07
CA GLU B 1051 -5.02 10.42 -17.91
C GLU B 1051 -4.61 9.16 -17.17
N ARG B 1052 -4.21 9.29 -15.91
CA ARG B 1052 -3.57 8.17 -15.26
C ARG B 1052 -4.58 7.13 -14.76
N LEU B 1053 -5.72 7.58 -14.25
CA LEU B 1053 -6.63 6.69 -13.54
C LEU B 1053 -7.80 6.17 -14.35
N LEU B 1054 -8.14 6.79 -15.47
CA LEU B 1054 -9.33 6.38 -16.20
C LEU B 1054 -8.99 5.96 -17.62
N GLU B 1055 -8.45 6.86 -18.43
CA GLU B 1055 -8.02 6.65 -19.82
C GLU B 1055 -7.29 5.34 -20.12
N GLU B 1056 -6.73 4.70 -19.09
CA GLU B 1056 -6.07 3.41 -19.25
C GLU B 1056 -7.04 2.31 -18.81
N SER B 1057 -8.19 2.38 -19.48
CA SER B 1057 -9.33 1.49 -19.36
C SER B 1057 -10.21 1.75 -20.59
N ASP B 1058 -11.51 1.62 -20.43
CA ASP B 1058 -12.41 1.77 -21.55
C ASP B 1058 -13.27 3.01 -21.35
N LYS B 1059 -13.52 3.71 -22.44
CA LYS B 1059 -14.35 4.91 -22.43
C LYS B 1059 -15.46 4.66 -23.44
N THR B 1060 -16.70 4.68 -22.97
CA THR B 1060 -17.85 4.36 -23.79
C THR B 1060 -18.71 5.60 -23.97
N GLU B 1061 -19.20 5.80 -25.18
CA GLU B 1061 -19.91 7.01 -25.55
C GLU B 1061 -21.39 6.68 -25.65
N VAL B 1062 -22.23 7.37 -24.88
CA VAL B 1062 -23.68 7.09 -24.86
C VAL B 1062 -24.44 8.36 -25.20
N TRP B 1063 -25.65 8.19 -25.76
CA TRP B 1063 -26.51 9.28 -26.24
C TRP B 1063 -27.61 9.54 -25.21
N VAL B 1064 -27.57 10.71 -24.58
CA VAL B 1064 -28.50 11.10 -23.52
C VAL B 1064 -29.56 12.06 -24.05
N CYS B 1065 -30.82 11.83 -23.70
CA CYS B 1065 -31.88 12.78 -24.02
C CYS B 1065 -31.80 14.01 -23.13
N GLU B 1066 -32.15 15.17 -23.70
CA GLU B 1066 -32.00 16.40 -22.93
C GLU B 1066 -33.13 16.66 -21.95
N SER B 1067 -34.39 16.45 -22.36
CA SER B 1067 -35.48 16.78 -21.46
C SER B 1067 -36.01 15.59 -20.67
N CYS B 1068 -35.54 14.39 -20.96
CA CYS B 1068 -35.96 13.19 -20.25
C CYS B 1068 -34.93 12.80 -19.20
N GLY B 1069 -33.67 12.64 -19.61
CA GLY B 1069 -32.61 12.21 -18.73
C GLY B 1069 -32.30 10.73 -18.81
N HIS B 1070 -33.10 9.97 -19.54
CA HIS B 1070 -32.88 8.54 -19.67
C HIS B 1070 -32.07 8.21 -20.91
N LEU B 1071 -31.18 7.24 -20.76
CA LEU B 1071 -30.32 6.75 -21.82
C LEU B 1071 -31.13 6.31 -23.03
N ALA B 1072 -30.74 6.78 -24.21
CA ALA B 1072 -31.47 6.45 -25.42
C ALA B 1072 -31.21 5.03 -25.92
N LEU B 1073 -31.49 4.80 -27.20
CA LEU B 1073 -31.48 3.46 -27.79
C LEU B 1073 -31.18 3.57 -29.27
N GLU B 1074 -30.17 2.84 -29.72
CA GLU B 1074 -29.92 2.75 -31.16
C GLU B 1074 -30.88 1.82 -31.87
N ASP B 1075 -30.53 1.54 -33.11
CA ASP B 1075 -31.16 0.62 -34.03
C ASP B 1075 -30.19 0.56 -35.20
N LYS B 1076 -29.52 -0.57 -35.41
CA LYS B 1076 -28.76 -0.70 -36.64
C LYS B 1076 -29.71 -1.00 -37.80
N ARG B 1077 -29.14 -1.27 -38.98
CA ARG B 1077 -29.70 -1.50 -40.32
C ARG B 1077 -30.33 -0.22 -40.88
N ARG B 1078 -30.91 0.63 -40.02
CA ARG B 1078 -31.42 1.94 -40.41
C ARG B 1078 -30.52 3.08 -39.97
N GLY B 1079 -29.75 2.87 -38.90
CA GLY B 1079 -28.78 3.86 -38.44
C GLY B 1079 -29.33 5.12 -37.81
N LYS B 1080 -29.87 5.02 -36.59
CA LYS B 1080 -30.46 6.18 -35.94
C LYS B 1080 -30.61 5.89 -34.45
N VAL B 1081 -30.75 6.97 -33.69
CA VAL B 1081 -30.98 6.90 -32.28
C VAL B 1081 -32.44 7.18 -32.03
N TYR B 1082 -32.88 7.03 -30.78
CA TYR B 1082 -34.27 7.09 -30.37
C TYR B 1082 -34.37 6.90 -28.87
N CYS B 1083 -34.79 7.93 -28.17
CA CYS B 1083 -35.01 7.81 -26.75
C CYS B 1083 -36.46 7.42 -26.50
N PRO B 1084 -36.78 6.79 -25.35
CA PRO B 1084 -38.15 6.31 -25.12
C PRO B 1084 -39.32 7.28 -25.09
N VAL B 1085 -39.30 8.26 -24.18
CA VAL B 1085 -40.50 9.06 -23.95
C VAL B 1085 -40.79 10.00 -25.11
N CYS B 1086 -39.79 10.72 -25.60
CA CYS B 1086 -39.99 11.66 -26.69
C CYS B 1086 -39.44 11.11 -27.99
N GLY B 1087 -40.22 11.17 -29.05
CA GLY B 1087 -39.86 10.43 -30.24
C GLY B 1087 -39.07 11.25 -31.25
N GLU B 1088 -37.74 11.14 -31.19
CA GLU B 1088 -36.72 11.68 -32.11
C GLU B 1088 -36.62 13.20 -32.25
N ASP B 1089 -37.75 13.91 -32.04
CA ASP B 1089 -37.81 15.37 -32.22
C ASP B 1089 -36.84 16.11 -31.32
N GLU B 1090 -36.66 15.60 -30.11
CA GLU B 1090 -35.87 16.28 -29.11
C GLU B 1090 -34.40 15.96 -29.34
N ARG B 1091 -33.56 16.98 -29.38
CA ARG B 1091 -32.13 16.82 -29.67
C ARG B 1091 -31.46 15.99 -28.59
N ILE B 1092 -30.97 14.83 -28.98
CA ILE B 1092 -30.25 13.96 -28.07
C ILE B 1092 -28.78 14.32 -28.22
N SER B 1093 -28.01 14.19 -27.16
CA SER B 1093 -26.62 14.60 -27.18
C SER B 1093 -25.68 13.51 -26.73
N LYS B 1094 -24.48 13.50 -27.32
CA LYS B 1094 -23.45 12.55 -26.97
C LYS B 1094 -22.81 12.93 -25.63
N VAL B 1095 -22.52 11.93 -24.80
CA VAL B 1095 -21.85 12.12 -23.51
C VAL B 1095 -20.83 11.01 -23.31
N GLU B 1096 -19.60 11.38 -22.99
CA GLU B 1096 -18.48 10.46 -22.83
C GLU B 1096 -18.27 10.17 -21.35
N MET B 1097 -18.30 8.90 -20.96
CA MET B 1097 -18.10 8.57 -19.55
C MET B 1097 -17.43 7.21 -19.42
N SER B 1098 -16.87 6.98 -18.23
CA SER B 1098 -16.23 5.71 -17.91
C SER B 1098 -17.24 4.60 -17.82
N TYR B 1099 -16.88 3.45 -18.42
CA TYR B 1099 -17.76 2.28 -18.49
C TYR B 1099 -18.17 1.81 -17.10
N ALA B 1100 -17.28 1.96 -16.12
CA ALA B 1100 -17.56 1.62 -14.73
C ALA B 1100 -18.77 2.37 -14.21
N PHE B 1101 -18.85 3.67 -14.51
CA PHE B 1101 -19.95 4.49 -14.03
C PHE B 1101 -21.28 4.16 -14.68
N LYS B 1102 -21.27 3.70 -15.93
CA LYS B 1102 -22.52 3.34 -16.61
C LYS B 1102 -23.20 2.16 -15.93
N LEU B 1103 -22.41 1.17 -15.53
CA LEU B 1103 -22.92 0.03 -14.78
C LEU B 1103 -23.48 0.45 -13.42
N LEU B 1104 -22.90 1.47 -12.79
CA LEU B 1104 -23.38 1.95 -11.49
C LEU B 1104 -24.77 2.55 -11.59
N LEU B 1105 -25.04 3.31 -12.65
CA LEU B 1105 -26.39 3.82 -12.89
C LEU B 1105 -27.43 2.71 -12.99
N ASP B 1106 -27.08 1.63 -13.71
CA ASP B 1106 -27.96 0.48 -13.89
C ASP B 1106 -28.44 -0.12 -12.57
N GLU B 1107 -27.54 -0.27 -11.60
CA GLU B 1107 -27.90 -0.83 -10.30
C GLU B 1107 -28.98 -0.01 -9.61
N LEU B 1108 -28.85 1.32 -9.64
CA LEU B 1108 -29.92 2.18 -9.17
C LEU B 1108 -31.17 2.01 -10.01
N LYS B 1109 -30.99 1.81 -11.33
CA LYS B 1109 -32.11 1.68 -12.24
C LYS B 1109 -32.83 0.36 -12.05
N ALA B 1110 -32.13 -0.66 -11.56
CA ALA B 1110 -32.77 -1.94 -11.30
C ALA B 1110 -33.71 -1.86 -10.10
N MET B 1111 -33.51 -0.87 -9.26
CA MET B 1111 -34.36 -0.61 -8.12
C MET B 1111 -35.38 0.43 -8.62
N VAL B 1112 -36.13 1.06 -7.74
CA VAL B 1112 -37.12 2.04 -8.17
C VAL B 1112 -36.56 3.47 -8.26
N ILE B 1113 -35.24 3.61 -8.19
CA ILE B 1113 -34.58 4.92 -8.25
C ILE B 1113 -34.29 5.31 -9.70
N ARG B 1114 -34.62 6.57 -10.05
CA ARG B 1114 -34.36 7.15 -11.37
C ARG B 1114 -33.17 8.10 -11.33
N PRO B 1115 -32.05 7.74 -11.91
CA PRO B 1115 -30.87 8.62 -12.04
C PRO B 1115 -30.89 9.52 -13.27
N SER B 1116 -31.73 10.55 -13.23
CA SER B 1116 -31.78 11.53 -14.32
C SER B 1116 -30.46 12.26 -14.51
N LEU B 1117 -29.82 12.07 -15.66
CA LEU B 1117 -28.57 12.76 -15.97
C LEU B 1117 -28.94 14.06 -16.65
N ARG B 1118 -28.87 15.17 -15.94
CA ARG B 1118 -29.11 16.47 -16.56
C ARG B 1118 -27.77 17.04 -17.02
N LEU B 1119 -27.49 16.92 -18.31
CA LEU B 1119 -26.29 17.46 -18.96
C LEU B 1119 -26.30 18.98 -18.97
N LYS B 1120 -25.12 19.56 -19.21
CA LYS B 1120 -24.96 21.01 -19.35
C LYS B 1120 -23.91 21.40 -20.39
N ASP B 1121 -24.24 22.44 -21.16
CA ASP B 1121 -23.56 22.86 -22.38
C ASP B 1121 -22.10 23.25 -22.11
N ARG B 1122 -21.28 23.21 -23.16
CA ARG B 1122 -19.84 23.48 -23.09
C ARG B 1122 -19.50 24.88 -22.55
N VAL C 2 13.89 63.35 7.38
CA VAL C 2 15.09 62.93 8.08
C VAL C 2 14.73 62.60 9.52
N ALA C 3 13.98 63.50 10.15
CA ALA C 3 13.59 63.35 11.54
C ALA C 3 12.41 62.38 11.65
N GLU C 4 11.78 62.36 12.82
CA GLU C 4 10.71 61.42 13.11
C GLU C 4 9.46 61.73 12.28
N LYS C 5 9.03 63.00 12.28
CA LYS C 5 7.79 63.37 11.63
C LYS C 5 7.88 63.31 10.12
N THR C 6 9.08 63.49 9.58
CA THR C 6 9.25 63.50 8.13
C THR C 6 9.22 62.11 7.52
N ILE C 7 9.49 61.07 8.30
CA ILE C 7 9.36 59.70 7.79
C ILE C 7 8.07 59.05 8.26
N LYS C 8 7.11 59.82 8.75
CA LYS C 8 5.86 59.26 9.22
C LYS C 8 4.80 59.51 8.16
N SER C 9 5.20 60.14 7.08
CA SER C 9 4.39 60.63 5.98
C SER C 9 4.80 59.97 4.69
N MET C 10 6.11 59.80 4.48
CA MET C 10 6.61 59.09 3.33
C MET C 10 6.11 57.65 3.35
N VAL C 11 6.21 57.02 4.52
CA VAL C 11 5.66 55.68 4.72
C VAL C 11 4.15 55.69 4.48
N SER C 12 3.46 56.68 5.07
CA SER C 12 2.01 56.84 5.03
C SER C 12 1.40 56.74 3.63
N LYS C 13 1.86 57.59 2.71
CA LYS C 13 1.28 57.57 1.38
C LYS C 13 1.74 56.36 0.55
N ALA C 14 2.76 55.64 1.01
CA ALA C 14 3.19 54.40 0.40
C ALA C 14 2.57 53.16 1.00
N GLU C 15 1.89 53.27 2.14
CA GLU C 15 1.32 52.11 2.81
C GLU C 15 0.15 51.43 2.09
N LEU C 16 -0.39 52.02 1.01
CA LEU C 16 -1.54 51.41 0.34
C LEU C 16 -1.27 50.01 -0.21
N PRO C 17 -0.19 49.73 -0.95
CA PRO C 17 0.05 48.32 -1.31
C PRO C 17 0.54 47.46 -0.14
N ASP C 18 0.99 48.07 0.96
CA ASP C 18 1.51 47.35 2.10
C ASP C 18 0.38 47.07 3.09
N ASN C 19 0.66 46.35 4.17
CA ASN C 19 -0.39 46.06 5.14
C ASN C 19 -0.12 46.77 6.44
N ILE C 20 -1.18 46.86 7.26
CA ILE C 20 -1.22 47.43 8.60
C ILE C 20 -0.08 47.02 9.53
N LYS C 21 0.21 45.72 9.60
CA LYS C 21 1.24 45.25 10.51
C LYS C 21 2.62 45.75 10.10
N GLU C 22 2.93 45.64 8.80
CA GLU C 22 4.20 46.15 8.27
C GLU C 22 4.39 47.64 8.47
N GLU C 23 3.31 48.41 8.58
CA GLU C 23 3.42 49.85 8.77
C GLU C 23 4.07 50.17 10.10
N LEU C 24 3.55 49.56 11.16
CA LEU C 24 4.05 49.77 12.51
C LEU C 24 5.47 49.26 12.66
N TYR C 25 5.71 48.03 12.18
CA TYR C 25 7.03 47.41 12.33
C TYR C 25 8.11 48.17 11.59
N ALA C 26 7.91 48.44 10.29
CA ALA C 26 8.95 49.09 9.48
C ALA C 26 9.35 50.45 10.02
N LYS C 27 8.38 51.36 10.23
CA LYS C 27 8.66 52.67 10.82
C LYS C 27 9.45 52.61 12.12
N LEU C 28 8.93 51.85 13.10
CA LEU C 28 9.58 51.69 14.40
C LEU C 28 11.02 51.21 14.26
N ILE C 29 11.23 50.19 13.44
CA ILE C 29 12.56 49.63 13.28
C ILE C 29 13.45 50.60 12.48
N GLU C 30 13.01 51.08 11.30
CA GLU C 30 13.81 51.95 10.43
C GLU C 30 14.21 53.24 11.13
N TYR C 31 13.45 53.65 12.13
CA TYR C 31 13.84 54.76 12.97
C TYR C 31 14.99 54.34 13.89
N ASN C 32 14.83 53.21 14.56
CA ASN C 32 15.72 52.76 15.61
C ASN C 32 17.11 52.34 15.15
N GLU C 33 17.56 52.73 13.96
CA GLU C 33 18.95 52.53 13.56
C GLU C 33 19.60 53.90 13.70
N LYS C 34 20.33 54.09 14.80
CA LYS C 34 20.99 55.35 15.16
C LYS C 34 22.31 55.67 14.44
N TYR C 35 22.23 55.81 13.12
CA TYR C 35 23.33 56.27 12.28
C TYR C 35 22.64 56.67 10.99
N LYS C 36 21.34 56.93 11.17
CA LYS C 36 20.28 57.24 10.24
C LYS C 36 20.61 57.92 8.93
N LEU C 37 20.33 57.18 7.86
CA LEU C 37 20.59 57.47 6.47
C LEU C 37 19.79 58.71 6.04
N LYS C 38 20.05 59.23 4.83
CA LYS C 38 19.34 60.48 4.55
C LYS C 38 17.92 60.44 3.97
N LYS C 39 17.69 60.40 2.66
CA LYS C 39 16.33 60.47 2.16
C LYS C 39 16.05 59.57 0.97
N ASP C 40 16.89 59.72 -0.06
CA ASP C 40 16.73 59.00 -1.32
C ASP C 40 16.70 57.49 -1.12
N GLU C 41 17.61 56.99 -0.30
CA GLU C 41 17.66 55.56 -0.02
C GLU C 41 16.47 55.08 0.79
N ILE C 42 15.91 55.95 1.65
CA ILE C 42 14.74 55.60 2.46
C ILE C 42 13.56 55.23 1.56
N GLN C 43 13.33 56.04 0.53
CA GLN C 43 12.32 55.74 -0.49
C GLN C 43 12.57 54.38 -1.15
N ALA C 44 13.83 54.10 -1.51
CA ALA C 44 14.20 52.83 -2.11
C ALA C 44 13.85 51.62 -1.25
N ILE C 45 14.08 51.72 0.07
CA ILE C 45 13.78 50.61 0.98
C ILE C 45 12.29 50.28 0.96
N ILE C 46 11.44 51.29 1.08
CA ILE C 46 9.99 51.09 1.00
C ILE C 46 9.60 50.54 -0.37
N ASP C 47 10.20 51.08 -1.43
CA ASP C 47 10.02 50.57 -2.78
C ASP C 47 10.43 49.11 -2.91
N GLU C 48 11.53 48.73 -2.26
CA GLU C 48 11.97 47.34 -2.30
C GLU C 48 11.07 46.44 -1.46
N THR C 49 10.73 46.88 -0.26
CA THR C 49 9.90 46.12 0.68
C THR C 49 8.57 45.68 0.08
N VAL C 50 7.90 46.58 -0.64
CA VAL C 50 6.62 46.23 -1.25
C VAL C 50 6.77 45.14 -2.31
N ARG C 51 7.88 45.10 -3.04
CA ARG C 51 8.14 44.03 -4.00
C ARG C 51 8.14 42.66 -3.34
N GLU C 52 8.85 42.50 -2.20
CA GLU C 52 8.82 41.23 -1.48
C GLU C 52 7.42 40.82 -1.08
N TYR C 53 6.66 41.74 -0.46
CA TYR C 53 5.30 41.43 -0.06
C TYR C 53 4.43 41.04 -1.26
N GLN C 54 4.53 41.79 -2.35
CA GLN C 54 3.72 41.55 -3.54
C GLN C 54 4.02 40.18 -4.15
N LYS C 55 5.19 39.62 -3.86
CA LYS C 55 5.67 38.35 -4.38
C LYS C 55 5.38 37.21 -3.42
N ALA C 56 4.81 37.49 -2.26
CA ALA C 56 4.54 36.45 -1.29
C ALA C 56 3.10 35.96 -1.25
N LEU C 57 2.17 36.62 -1.93
CA LEU C 57 0.78 36.17 -1.92
C LEU C 57 0.62 34.79 -2.54
N ILE C 58 -0.38 34.05 -2.05
CA ILE C 58 -0.65 32.72 -2.57
C ILE C 58 -1.23 32.83 -3.96
N GLU C 59 -0.87 31.88 -4.81
CA GLU C 59 -1.36 31.87 -6.18
C GLU C 59 -2.77 31.30 -6.17
N PRO C 60 -3.77 32.04 -6.60
CA PRO C 60 -5.16 31.57 -6.60
C PRO C 60 -5.36 30.32 -7.43
N GLY C 61 -5.78 29.24 -6.76
CA GLY C 61 -5.88 27.96 -7.43
C GLY C 61 -5.24 26.83 -6.66
N GLU C 62 -4.61 27.14 -5.53
CA GLU C 62 -3.92 26.21 -4.66
C GLU C 62 -4.90 25.18 -4.10
N ALA C 63 -4.38 24.16 -3.43
CA ALA C 63 -5.19 23.08 -2.89
C ALA C 63 -4.93 22.93 -1.40
N VAL C 64 -5.23 24.00 -0.66
CA VAL C 64 -4.87 24.18 0.74
C VAL C 64 -5.40 23.11 1.66
N GLY C 65 -6.50 22.48 1.27
CA GLY C 65 -7.01 21.37 2.04
C GLY C 65 -6.08 20.17 2.09
N THR C 66 -5.63 19.71 0.94
CA THR C 66 -4.82 18.50 0.88
C THR C 66 -3.45 18.67 1.53
N VAL C 67 -2.77 19.81 1.30
CA VAL C 67 -1.45 19.99 1.88
C VAL C 67 -1.53 20.13 3.39
N ALA C 68 -2.64 20.63 3.92
CA ALA C 68 -2.80 20.71 5.37
C ALA C 68 -2.94 19.33 6.00
N ALA C 69 -3.67 18.42 5.36
CA ALA C 69 -3.78 17.06 5.86
C ALA C 69 -2.44 16.34 5.88
N GLN C 70 -1.73 16.35 4.74
CA GLN C 70 -0.45 15.66 4.61
C GLN C 70 0.62 16.22 5.54
N SER C 71 0.72 17.54 5.68
CA SER C 71 1.75 18.10 6.53
C SER C 71 1.51 17.79 8.00
N ILE C 72 0.26 17.58 8.40
CA ILE C 72 -0.01 17.20 9.78
C ILE C 72 0.07 15.68 9.97
N GLY C 73 -0.05 14.89 8.90
CA GLY C 73 -0.02 13.44 9.04
C GLY C 73 1.35 12.84 8.80
N GLU C 74 2.27 13.65 8.33
CA GLU C 74 3.64 13.17 8.15
C GLU C 74 4.44 13.06 9.46
N PRO C 75 4.48 14.06 10.38
CA PRO C 75 5.31 13.90 11.57
C PRO C 75 4.85 12.81 12.52
N SER C 76 3.60 12.38 12.43
CA SER C 76 3.11 11.25 13.24
C SER C 76 3.94 10.00 12.98
N THR C 77 4.40 9.82 11.73
CA THR C 77 5.29 8.70 11.45
C THR C 77 6.63 8.87 12.16
N GLN C 78 7.14 10.09 12.25
CA GLN C 78 8.41 10.34 12.94
C GLN C 78 8.18 10.77 14.37
N MET C 79 7.18 10.17 15.01
CA MET C 79 6.79 10.49 16.37
C MET C 79 7.47 9.49 17.30
N THR C 80 8.76 9.71 17.53
CA THR C 80 9.50 8.78 18.38
C THR C 80 9.30 9.16 19.84
N LEU C 81 10.08 8.53 20.71
CA LEU C 81 9.98 8.74 22.13
C LEU C 81 10.62 10.07 22.52
N ASN C 82 10.39 10.47 23.77
CA ASN C 82 11.19 11.51 24.39
C ASN C 82 11.67 10.96 25.72
N THR C 83 12.27 11.79 26.57
CA THR C 83 12.65 11.38 27.91
C THR C 83 11.37 11.41 28.73
N PHE C 84 10.62 10.30 28.69
CA PHE C 84 9.35 10.24 29.40
C PHE C 84 9.51 10.35 30.91
N HIS C 85 10.52 9.68 31.46
CA HIS C 85 10.86 9.92 32.86
C HIS C 85 11.83 11.09 32.94
N TYR C 86 11.26 12.29 32.95
CA TYR C 86 12.04 13.50 33.13
C TYR C 86 12.53 13.61 34.57
N ALA C 87 13.34 14.62 34.83
CA ALA C 87 13.76 14.94 36.18
C ALA C 87 12.88 16.03 36.81
N GLY C 88 11.60 16.06 36.42
CA GLY C 88 10.65 17.04 36.92
C GLY C 88 9.66 16.44 37.91
N VAL C 89 8.85 17.33 38.50
CA VAL C 89 7.97 16.99 39.62
C VAL C 89 6.52 17.32 39.32
N ALA C 90 6.24 18.57 38.90
CA ALA C 90 4.88 19.11 38.94
C ALA C 90 3.95 18.47 37.92
N GLU C 91 4.20 18.64 36.63
CA GLU C 91 3.36 18.00 35.63
C GLU C 91 3.69 16.52 35.58
N ILE C 92 2.69 15.67 35.74
CA ILE C 92 2.90 14.23 35.81
C ILE C 92 1.80 13.47 35.07
N ASN C 93 2.21 12.66 34.09
CA ASN C 93 1.37 11.73 33.32
C ASN C 93 0.20 12.43 32.63
N VAL C 94 0.56 13.29 31.68
CA VAL C 94 -0.39 14.14 30.98
C VAL C 94 -0.73 13.60 29.59
N THR C 95 -0.29 12.37 29.27
CA THR C 95 -0.53 11.65 28.00
C THR C 95 -0.01 12.43 26.80
N LEU C 96 1.32 12.48 26.68
CA LEU C 96 1.94 13.13 25.54
C LEU C 96 1.89 12.20 24.33
N GLY C 97 2.62 12.56 23.29
CA GLY C 97 2.77 11.71 22.14
C GLY C 97 1.71 11.87 21.07
N LEU C 98 1.66 10.87 20.21
CA LEU C 98 0.68 10.74 19.14
C LEU C 98 -0.76 10.52 19.63
N PRO C 99 -1.07 9.66 20.63
CA PRO C 99 -2.49 9.56 21.07
C PRO C 99 -3.11 10.85 21.56
N ARG C 100 -2.31 11.83 21.99
CA ARG C 100 -2.87 13.13 22.34
C ARG C 100 -3.53 13.79 21.15
N ILE C 101 -2.81 13.84 20.02
CA ILE C 101 -3.31 14.40 18.76
C ILE C 101 -4.64 13.76 18.34
N ILE C 102 -4.77 12.45 18.52
CA ILE C 102 -6.00 11.76 18.15
C ILE C 102 -7.17 12.24 19.01
N GLU C 103 -6.92 12.52 20.29
CA GLU C 103 -8.00 12.96 21.18
C GLU C 103 -8.54 14.34 20.81
N ILE C 104 -7.67 15.29 20.45
CA ILE C 104 -8.14 16.62 20.08
C ILE C 104 -8.78 16.63 18.70
N VAL C 105 -8.32 15.76 17.79
CA VAL C 105 -8.91 15.69 16.45
C VAL C 105 -10.34 15.14 16.52
N ASP C 106 -10.66 14.39 17.56
CA ASP C 106 -12.00 13.85 17.75
C ASP C 106 -12.68 14.68 18.83
N ALA C 107 -14.00 14.54 18.92
CA ALA C 107 -14.73 15.29 19.93
C ALA C 107 -14.40 14.84 21.34
N ARG C 108 -15.08 13.79 21.82
CA ARG C 108 -14.94 13.12 23.11
C ARG C 108 -15.11 14.02 24.34
N LYS C 109 -16.30 13.95 24.93
CA LYS C 109 -16.68 14.73 26.10
C LYS C 109 -15.73 14.52 27.28
N ASN C 110 -15.48 13.27 27.61
CA ASN C 110 -14.67 12.56 28.62
C ASN C 110 -13.18 12.75 28.93
N PRO C 111 -12.31 13.41 28.13
CA PRO C 111 -10.97 12.87 27.83
C PRO C 111 -10.07 12.56 29.02
N SER C 112 -9.30 11.49 28.86
CA SER C 112 -8.35 10.97 29.84
C SER C 112 -7.36 12.02 30.32
N THR C 113 -7.13 12.03 31.64
CA THR C 113 -6.29 12.93 32.42
C THR C 113 -6.46 14.41 32.09
N PRO C 114 -7.54 15.06 32.51
CA PRO C 114 -7.64 16.50 32.30
C PRO C 114 -6.82 17.26 33.32
N ILE C 115 -6.43 18.47 32.94
CA ILE C 115 -5.71 19.41 33.79
C ILE C 115 -6.25 20.79 33.46
N MET C 116 -6.43 21.61 34.48
CA MET C 116 -6.77 23.01 34.29
C MET C 116 -5.70 23.83 35.00
N THR C 117 -5.27 24.91 34.36
CA THR C 117 -4.21 25.76 34.88
C THR C 117 -4.78 27.01 35.49
N VAL C 118 -4.27 27.35 36.68
CA VAL C 118 -4.73 28.48 37.47
C VAL C 118 -3.56 29.40 37.74
N TYR C 119 -3.66 30.65 37.30
CA TYR C 119 -2.68 31.63 37.70
C TYR C 119 -3.28 32.45 38.84
N LEU C 120 -2.44 33.23 39.52
CA LEU C 120 -2.89 34.04 40.64
C LEU C 120 -2.63 35.52 40.41
N ASP C 121 -3.38 36.37 41.12
CA ASP C 121 -3.31 37.82 40.97
C ASP C 121 -2.06 38.42 41.62
N GLU C 122 -2.09 39.73 41.93
CA GLU C 122 -0.88 40.42 42.37
C GLU C 122 -0.59 40.28 43.85
N GLU C 123 -1.42 39.61 44.62
CA GLU C 123 -1.06 39.36 46.01
C GLU C 123 -0.40 37.99 46.19
N HIS C 124 -0.89 36.94 45.54
CA HIS C 124 -0.40 35.59 45.68
C HIS C 124 0.74 35.25 44.71
N ARG C 125 1.13 36.18 43.85
CA ARG C 125 2.15 35.92 42.83
C ARG C 125 3.58 35.67 43.35
N TYR C 126 3.98 36.13 44.54
CA TYR C 126 5.36 35.91 44.96
C TYR C 126 5.51 35.34 46.37
N ASP C 127 4.52 34.62 46.89
CA ASP C 127 4.61 34.19 48.28
C ASP C 127 4.08 32.78 48.51
N ARG C 128 4.90 31.99 49.20
CA ARG C 128 4.66 30.57 49.40
C ARG C 128 3.46 30.31 50.31
N ASP C 129 3.38 31.01 51.44
CA ASP C 129 2.28 30.80 52.38
C ASP C 129 0.92 31.20 51.82
N LYS C 130 0.88 32.14 50.89
CA LYS C 130 -0.40 32.50 50.32
C LYS C 130 -0.79 31.59 49.17
N ALA C 131 0.18 31.01 48.47
CA ALA C 131 -0.17 30.09 47.41
C ALA C 131 -0.72 28.79 47.96
N LEU C 132 -0.22 28.36 49.12
CA LEU C 132 -0.65 27.11 49.73
C LEU C 132 -2.10 27.14 50.19
N GLU C 133 -2.51 28.23 50.86
CA GLU C 133 -3.91 28.40 51.29
C GLU C 133 -4.87 28.25 50.12
N VAL C 134 -4.57 28.87 48.97
CA VAL C 134 -5.40 28.68 47.78
C VAL C 134 -5.44 27.20 47.39
N ALA C 135 -4.27 26.60 47.18
CA ALA C 135 -4.11 25.18 46.84
C ALA C 135 -4.92 24.26 47.75
N ARG C 136 -4.74 24.44 49.07
CA ARG C 136 -5.46 23.67 50.08
C ARG C 136 -6.96 23.90 50.02
N ARG C 137 -7.39 25.07 49.53
CA ARG C 137 -8.82 25.35 49.45
C ARG C 137 -9.50 24.59 48.31
N ILE C 138 -8.76 24.23 47.27
CA ILE C 138 -9.34 23.53 46.13
C ILE C 138 -9.20 22.00 46.11
N GLU C 139 -8.25 21.43 46.88
CA GLU C 139 -7.95 19.99 46.80
C GLU C 139 -9.16 19.07 47.02
N GLY C 140 -9.89 19.25 48.11
CA GLY C 140 -11.08 18.43 48.36
C GLY C 140 -10.76 17.01 48.76
N THR C 141 -10.85 16.68 50.05
CA THR C 141 -10.51 15.35 50.54
C THR C 141 -11.68 14.69 51.26
N THR C 142 -12.05 13.49 50.82
CA THR C 142 -13.11 12.72 51.47
C THR C 142 -12.60 12.01 52.72
N LEU C 143 -13.28 10.94 53.13
CA LEU C 143 -12.82 10.13 54.25
C LEU C 143 -12.11 8.86 53.81
N GLU C 144 -12.42 8.38 52.61
CA GLU C 144 -11.86 7.14 52.08
C GLU C 144 -10.41 7.28 51.62
N ASN C 145 -9.90 8.50 51.52
CA ASN C 145 -8.49 8.71 51.21
C ASN C 145 -7.64 8.85 52.47
N LEU C 146 -8.18 9.44 53.54
CA LEU C 146 -7.45 9.49 54.80
C LEU C 146 -7.60 8.20 55.61
N ALA C 147 -7.45 7.04 54.97
CA ALA C 147 -7.49 5.76 55.66
C ALA C 147 -6.56 4.78 54.95
N ARG C 148 -6.48 3.56 55.49
CA ARG C 148 -5.63 2.53 54.92
C ARG C 148 -6.44 1.27 54.62
N GLU C 149 -7.45 0.97 55.43
CA GLU C 149 -8.38 -0.16 55.25
C GLU C 149 -9.46 -0.03 56.30
N GLU C 150 -10.36 -1.02 56.31
CA GLU C 150 -11.47 -1.06 57.23
C GLU C 150 -11.83 -2.51 57.54
N THR C 151 -12.27 -2.76 58.77
CA THR C 151 -12.68 -4.06 59.25
C THR C 151 -13.87 -3.78 60.17
N ILE C 152 -14.50 -4.82 60.72
CA ILE C 152 -15.62 -4.62 61.62
C ILE C 152 -15.09 -4.97 63.03
N ASP C 153 -15.94 -4.94 64.05
CA ASP C 153 -15.59 -5.24 65.43
C ASP C 153 -16.14 -6.61 65.83
N ILE C 154 -16.31 -6.82 67.13
CA ILE C 154 -16.78 -8.12 67.61
C ILE C 154 -18.27 -8.15 67.96
N LEU C 155 -18.66 -7.64 69.13
CA LEU C 155 -20.07 -7.79 69.49
C LEU C 155 -20.99 -6.58 69.25
N ASN C 156 -21.09 -5.65 70.20
CA ASN C 156 -22.01 -4.53 70.04
C ASN C 156 -21.43 -3.27 69.43
N MET C 157 -20.09 -3.14 69.37
CA MET C 157 -19.43 -1.94 68.85
C MET C 157 -19.90 -1.56 67.45
N GLU C 158 -20.21 -2.56 66.62
CA GLU C 158 -20.79 -2.52 65.28
C GLU C 158 -19.87 -1.98 64.18
N TYR C 159 -19.06 -0.96 64.46
CA TYR C 159 -18.12 -0.40 63.48
C TYR C 159 -16.98 0.26 64.25
N VAL C 160 -16.17 1.08 63.53
CA VAL C 160 -15.01 1.83 64.04
C VAL C 160 -14.39 2.56 62.85
N VAL C 161 -13.79 3.74 63.08
CA VAL C 161 -13.02 4.44 62.06
C VAL C 161 -11.56 4.25 62.49
N GLU C 162 -10.63 4.40 61.56
CA GLU C 162 -9.25 4.06 61.89
C GLU C 162 -8.23 5.12 61.46
N ILE C 163 -6.96 4.68 61.35
CA ILE C 163 -5.80 5.51 61.01
C ILE C 163 -5.97 6.20 59.64
N ASP C 164 -5.25 7.32 59.43
CA ASP C 164 -4.41 8.05 60.39
C ASP C 164 -5.17 9.32 60.79
N PRO C 165 -4.60 10.17 61.68
CA PRO C 165 -5.26 11.46 61.93
C PRO C 165 -4.42 12.69 61.54
N GLU C 166 -3.12 12.53 61.31
CA GLU C 166 -2.21 13.65 61.11
C GLU C 166 -2.39 14.43 59.80
N ARG C 167 -3.38 14.16 58.93
CA ARG C 167 -3.44 14.96 57.70
C ARG C 167 -3.97 16.38 57.89
N LEU C 168 -4.25 16.82 59.11
CA LEU C 168 -4.66 18.19 59.36
C LEU C 168 -3.66 18.97 60.19
N GLU C 169 -2.86 18.28 61.00
CA GLU C 169 -1.95 18.91 61.96
C GLU C 169 -0.51 18.99 61.45
N LYS C 170 -0.32 19.01 60.14
CA LYS C 170 0.99 19.23 59.55
C LYS C 170 0.82 19.85 58.18
N ALA C 171 -0.33 19.58 57.57
CA ALA C 171 -0.76 20.21 56.33
C ALA C 171 -1.52 21.50 56.61
N GLY C 172 -2.39 21.48 57.62
CA GLY C 172 -3.10 22.68 58.01
C GLY C 172 -4.48 22.80 57.42
N LEU C 173 -5.34 21.84 57.74
CA LEU C 173 -6.65 21.74 57.13
C LEU C 173 -7.74 21.94 58.18
N ASP C 174 -7.62 23.02 58.95
CA ASP C 174 -8.76 23.88 59.29
C ASP C 174 -9.79 23.18 60.18
N MET C 175 -9.55 23.21 61.49
CA MET C 175 -10.38 22.52 62.49
C MET C 175 -11.80 23.09 62.60
N GLU C 176 -12.06 24.29 62.10
CA GLU C 176 -13.40 24.86 62.20
C GLU C 176 -14.41 24.01 61.42
N LYS C 177 -14.03 23.52 60.24
CA LYS C 177 -14.86 22.68 59.39
C LYS C 177 -15.16 21.29 59.98
N VAL C 178 -14.47 20.89 61.05
CA VAL C 178 -14.79 19.63 61.74
C VAL C 178 -16.22 19.65 62.28
N VAL C 179 -16.64 20.76 62.88
CA VAL C 179 -18.03 20.93 63.35
C VAL C 179 -19.04 20.87 62.20
N ARG C 180 -18.65 21.30 61.00
CA ARG C 180 -19.55 21.43 59.84
C ARG C 180 -20.20 20.11 59.40
N LYS C 181 -19.40 19.05 59.23
CA LYS C 181 -19.75 17.63 58.95
C LYS C 181 -21.21 17.17 59.05
N LEU C 182 -21.98 17.61 60.05
CA LEU C 182 -23.40 17.26 60.17
C LEU C 182 -24.30 18.03 59.20
N THR C 183 -23.76 18.50 58.07
CA THR C 183 -24.45 19.31 57.08
C THR C 183 -25.43 18.45 56.28
N GLY C 184 -26.52 18.04 56.94
CA GLY C 184 -27.53 17.21 56.28
C GLY C 184 -27.05 15.80 56.08
N SER C 185 -26.16 15.33 56.94
CA SER C 185 -25.61 13.99 56.86
C SER C 185 -26.64 12.93 57.21
N PHE C 186 -26.45 11.75 56.60
CA PHE C 186 -27.31 10.59 56.81
C PHE C 186 -27.36 10.13 58.27
N LYS C 187 -26.21 9.70 58.79
CA LYS C 187 -26.12 9.19 60.16
C LYS C 187 -25.32 10.15 61.04
N SER C 188 -23.99 10.11 60.94
CA SER C 188 -23.07 10.99 61.65
C SER C 188 -23.03 10.98 63.17
N ALA C 189 -22.31 10.02 63.74
CA ALA C 189 -22.09 9.92 65.18
C ALA C 189 -21.11 11.01 65.63
N GLU C 190 -20.39 10.79 66.72
CA GLU C 190 -19.51 11.86 67.23
C GLU C 190 -18.48 11.32 68.19
N PHE C 191 -17.20 11.42 67.78
CA PHE C 191 -16.09 11.02 68.63
C PHE C 191 -14.76 11.55 68.08
N GLU C 192 -14.47 12.84 68.28
CA GLU C 192 -13.18 13.42 67.93
C GLU C 192 -12.22 13.20 69.09
N ALA C 193 -11.42 12.14 69.05
CA ALA C 193 -10.50 12.00 70.18
C ALA C 193 -9.13 12.50 69.75
N GLU C 194 -8.25 11.62 69.28
CA GLU C 194 -6.96 12.06 68.78
C GLU C 194 -7.08 12.59 67.35
N GLY C 195 -8.00 13.51 67.08
CA GLY C 195 -8.18 14.00 65.72
C GLY C 195 -8.87 13.09 64.71
N TYR C 196 -8.97 11.77 64.96
CA TYR C 196 -9.61 10.85 64.01
C TYR C 196 -11.02 10.50 64.49
N THR C 197 -12.00 11.12 63.83
CA THR C 197 -13.42 10.96 64.15
C THR C 197 -13.93 9.52 63.99
N LEU C 198 -14.42 8.93 65.09
CA LEU C 198 -15.07 7.63 65.07
C LEU C 198 -16.56 7.80 64.75
N VAL C 199 -17.18 6.76 64.20
CA VAL C 199 -18.59 6.81 63.78
C VAL C 199 -19.30 5.52 64.18
N VAL C 200 -20.03 5.57 65.30
CA VAL C 200 -20.79 4.44 65.86
C VAL C 200 -22.25 4.52 65.45
N ARG C 201 -22.80 3.39 64.97
CA ARG C 201 -24.21 3.30 64.57
C ARG C 201 -24.86 2.17 65.35
N PRO C 202 -25.63 2.49 66.41
CA PRO C 202 -26.28 1.48 67.25
C PRO C 202 -27.68 1.04 66.81
N LYS C 203 -27.84 0.74 65.52
CA LYS C 203 -29.14 0.34 64.96
C LYS C 203 -29.00 -0.73 63.88
N LYS C 204 -29.94 -0.81 62.95
CA LYS C 204 -30.61 -2.09 62.72
C LYS C 204 -30.74 -2.58 61.29
N VAL C 205 -31.90 -3.20 60.96
CA VAL C 205 -32.31 -3.87 59.73
C VAL C 205 -31.70 -3.40 58.40
N THR C 206 -31.43 -2.09 58.27
CA THR C 206 -30.81 -1.59 57.04
C THR C 206 -29.40 -2.15 56.87
N LYS C 207 -28.44 -1.75 57.70
CA LYS C 207 -27.11 -2.32 57.63
C LYS C 207 -26.81 -3.01 58.95
N LEU C 208 -26.27 -4.22 58.89
CA LEU C 208 -25.91 -4.97 60.09
C LEU C 208 -24.41 -5.18 60.16
N SER C 209 -23.81 -5.56 59.04
CA SER C 209 -22.40 -5.86 58.95
C SER C 209 -21.92 -5.76 57.51
N ASP C 210 -22.82 -5.44 56.58
CA ASP C 210 -22.44 -5.28 55.17
C ASP C 210 -21.66 -3.96 55.02
N LEU C 211 -20.37 -4.01 55.35
CA LEU C 211 -19.51 -2.84 55.26
C LEU C 211 -19.11 -2.47 53.82
N ARG C 212 -19.63 -3.14 52.81
CA ARG C 212 -19.29 -2.78 51.43
C ARG C 212 -20.23 -1.69 50.88
N LYS C 213 -21.55 -1.88 50.94
CA LYS C 213 -22.53 -0.93 50.40
C LYS C 213 -22.52 0.44 51.11
N ILE C 214 -21.81 0.58 52.24
CA ILE C 214 -21.72 1.84 52.96
C ILE C 214 -20.75 2.79 52.22
N ALA C 215 -20.20 2.30 51.10
CA ALA C 215 -19.35 3.09 50.21
C ALA C 215 -20.14 4.24 49.63
N GLU C 216 -21.35 3.96 49.12
CA GLU C 216 -22.19 5.00 48.54
C GLU C 216 -22.80 5.90 49.61
N LYS C 217 -22.77 5.49 50.88
CA LYS C 217 -23.26 6.22 52.03
C LYS C 217 -22.30 7.36 52.41
N VAL C 218 -22.30 7.70 53.70
CA VAL C 218 -21.48 8.68 54.40
C VAL C 218 -20.02 8.80 53.93
N LYS C 219 -19.34 7.65 53.79
CA LYS C 219 -17.92 7.59 53.38
C LYS C 219 -17.61 8.39 52.11
N LYS C 220 -18.47 8.30 51.11
CA LYS C 220 -18.28 9.08 49.89
C LYS C 220 -18.70 10.54 50.08
N HIS C 221 -19.71 10.77 50.92
CA HIS C 221 -20.31 12.06 51.24
C HIS C 221 -19.47 13.00 52.09
N ARG C 222 -18.14 12.92 52.05
CA ARG C 222 -17.42 13.94 52.79
C ARG C 222 -17.09 15.09 51.83
N LEU C 223 -16.76 16.25 52.39
CA LEU C 223 -16.57 17.47 51.61
C LEU C 223 -15.52 18.39 52.21
N LYS C 224 -14.36 17.86 52.60
CA LYS C 224 -13.37 18.70 53.31
C LYS C 224 -12.61 19.61 52.34
N GLY C 225 -13.35 20.49 51.70
CA GLY C 225 -12.78 21.41 50.74
C GLY C 225 -13.81 21.78 49.68
N LEU C 226 -13.37 22.65 48.78
CA LEU C 226 -14.15 23.20 47.69
C LEU C 226 -13.69 22.60 46.37
N SER C 227 -14.59 22.64 45.37
CA SER C 227 -14.32 22.18 44.02
C SER C 227 -13.99 20.69 43.95
N GLY C 228 -15.00 19.83 43.85
CA GLY C 228 -14.80 18.40 43.83
C GLY C 228 -13.97 17.87 42.68
N VAL C 229 -12.67 18.15 42.80
CA VAL C 229 -11.61 17.92 41.84
C VAL C 229 -10.50 17.24 42.65
N GLY C 230 -9.31 17.00 42.09
CA GLY C 230 -8.30 16.32 42.90
C GLY C 230 -7.03 17.04 43.35
N LYS C 231 -5.88 16.41 43.07
CA LYS C 231 -4.57 16.85 43.54
C LYS C 231 -4.17 18.22 43.00
N THR C 232 -3.32 18.93 43.74
CA THR C 232 -2.88 20.27 43.35
C THR C 232 -1.39 20.43 43.57
N ILE C 233 -0.62 20.61 42.51
CA ILE C 233 0.82 20.78 42.58
C ILE C 233 1.19 22.23 42.25
N ILE C 234 2.08 22.81 43.05
CA ILE C 234 2.56 24.19 42.88
C ILE C 234 3.93 24.17 42.21
N ARG C 235 4.23 25.22 41.44
CA ARG C 235 5.53 25.36 40.80
C ARG C 235 5.87 26.82 40.54
N LYS C 236 7.08 27.25 40.91
CA LYS C 236 7.54 28.61 40.60
C LYS C 236 7.89 28.67 39.11
N GLU C 237 6.99 29.23 38.30
CA GLU C 237 7.23 29.36 36.86
C GLU C 237 7.60 30.80 36.55
N GLY C 238 8.88 31.11 36.65
CA GLY C 238 9.40 32.42 36.34
C GLY C 238 9.03 33.45 37.38
N ASP C 239 9.34 33.16 38.64
CA ASP C 239 9.01 33.94 39.83
C ASP C 239 7.49 34.12 40.04
N GLU C 240 6.67 33.28 39.44
CA GLU C 240 5.23 33.28 39.68
C GLU C 240 4.80 31.86 40.01
N TYR C 241 3.97 31.71 41.03
CA TYR C 241 3.46 30.40 41.41
C TYR C 241 2.23 30.07 40.57
N VAL C 242 2.33 28.97 39.86
CA VAL C 242 1.28 28.47 39.00
C VAL C 242 0.74 27.22 39.65
N ILE C 243 -0.58 27.12 39.73
CA ILE C 243 -1.20 25.99 40.39
C ILE C 243 -1.62 25.01 39.32
N TYR C 244 -1.13 23.79 39.40
CA TYR C 244 -1.49 22.78 38.42
C TYR C 244 -2.39 21.78 39.13
N THR C 245 -3.62 21.70 38.70
CA THR C 245 -4.62 20.87 39.32
C THR C 245 -4.90 19.66 38.45
N GLU C 246 -5.41 18.61 39.06
CA GLU C 246 -5.83 17.46 38.29
C GLU C 246 -7.34 17.55 38.17
N GLY C 247 -7.91 16.89 37.16
CA GLY C 247 -9.32 16.94 36.78
C GLY C 247 -9.75 18.36 36.39
N SER C 248 -11.06 18.58 36.34
CA SER C 248 -11.54 19.89 35.88
C SER C 248 -12.90 20.18 36.48
N ASN C 249 -13.15 21.44 36.83
CA ASN C 249 -14.49 21.81 37.29
C ASN C 249 -14.85 23.28 37.06
N PHE C 250 -14.75 23.76 35.80
CA PHE C 250 -14.97 25.17 35.44
C PHE C 250 -16.05 26.07 36.01
N LYS C 251 -17.28 25.58 36.14
CA LYS C 251 -18.36 26.45 36.63
C LYS C 251 -18.03 26.99 38.02
N GLN C 252 -17.52 26.15 38.93
CA GLN C 252 -17.23 26.57 40.29
C GLN C 252 -15.77 26.99 40.54
N VAL C 253 -14.88 26.88 39.56
CA VAL C 253 -13.51 27.32 39.83
C VAL C 253 -13.39 28.84 39.69
N LEU C 254 -14.17 29.42 38.79
CA LEU C 254 -14.12 30.86 38.60
C LEU C 254 -14.68 31.61 39.82
N LYS C 255 -15.67 31.01 40.49
CA LYS C 255 -16.29 31.58 41.67
C LYS C 255 -15.51 31.26 42.93
N VAL C 256 -14.19 31.44 42.92
CA VAL C 256 -13.33 31.16 44.05
C VAL C 256 -12.52 32.41 44.38
N PRO C 257 -12.46 32.84 45.63
CA PRO C 257 -11.67 34.04 45.98
C PRO C 257 -10.18 33.90 45.67
N GLY C 258 -9.68 34.80 44.82
CA GLY C 258 -8.26 34.94 44.52
C GLY C 258 -7.80 34.43 43.16
N VAL C 259 -8.46 33.41 42.61
CA VAL C 259 -8.11 32.92 41.28
C VAL C 259 -8.39 34.00 40.24
N ASP C 260 -7.34 34.44 39.55
CA ASP C 260 -7.48 35.48 38.53
C ASP C 260 -8.26 34.93 37.35
N PRO C 261 -9.52 35.34 37.16
CA PRO C 261 -10.37 34.69 36.15
C PRO C 261 -10.00 34.97 34.71
N THR C 262 -9.05 35.85 34.43
CA THR C 262 -8.80 36.26 33.06
C THR C 262 -7.63 35.56 32.42
N ARG C 263 -7.16 34.47 32.98
CA ARG C 263 -5.95 33.90 32.42
C ARG C 263 -5.87 32.40 32.60
N THR C 264 -6.86 31.77 33.22
CA THR C 264 -6.93 30.32 33.34
C THR C 264 -7.18 29.66 31.98
N ARG C 265 -6.32 28.72 31.63
CA ARG C 265 -6.40 27.95 30.40
C ARG C 265 -6.69 26.50 30.79
N THR C 266 -7.44 25.77 29.96
CA THR C 266 -7.90 24.43 30.32
C THR C 266 -7.82 23.43 29.18
N ASN C 267 -7.22 22.29 29.48
CA ASN C 267 -6.99 21.23 28.50
C ASN C 267 -8.27 20.55 28.02
N ASN C 268 -9.35 20.62 28.78
CA ASN C 268 -10.63 20.07 28.34
C ASN C 268 -11.25 20.93 27.24
N ILE C 269 -11.42 20.35 26.06
CA ILE C 269 -11.92 21.09 24.89
C ILE C 269 -13.37 21.52 25.12
N TRP C 270 -14.21 20.63 25.62
CA TRP C 270 -15.65 20.93 25.73
C TRP C 270 -15.94 22.02 26.75
N GLU C 271 -15.42 21.88 27.97
CA GLU C 271 -15.67 22.84 29.06
C GLU C 271 -15.36 24.28 28.68
N ILE C 272 -14.30 24.51 27.90
CA ILE C 272 -14.00 25.85 27.42
C ILE C 272 -15.11 26.35 26.49
N ALA C 273 -15.74 25.45 25.73
CA ALA C 273 -16.80 25.87 24.82
C ALA C 273 -18.09 26.25 25.52
N GLU C 274 -18.41 25.60 26.64
CA GLU C 274 -19.66 25.94 27.32
C GLU C 274 -19.51 27.14 28.24
N VAL C 275 -18.32 27.34 28.81
CA VAL C 275 -18.10 28.47 29.70
C VAL C 275 -17.62 29.71 28.94
N LEU C 276 -16.44 29.62 28.33
CA LEU C 276 -15.85 30.79 27.68
C LEU C 276 -16.61 31.18 26.42
N GLY C 277 -16.73 30.27 25.46
CA GLY C 277 -17.48 30.53 24.24
C GLY C 277 -16.96 29.69 23.10
N ILE C 278 -17.47 29.98 21.89
CA ILE C 278 -17.11 29.15 20.74
C ILE C 278 -15.79 29.58 20.16
N GLU C 279 -15.62 30.89 19.97
CA GLU C 279 -14.36 31.41 19.47
C GLU C 279 -13.22 31.11 20.43
N ALA C 280 -13.50 31.15 21.73
CA ALA C 280 -12.47 30.77 22.68
C ALA C 280 -12.11 29.30 22.56
N ALA C 281 -13.06 28.45 22.14
CA ALA C 281 -12.74 27.04 21.91
C ALA C 281 -11.79 26.89 20.75
N ARG C 282 -11.93 27.74 19.74
CA ARG C 282 -11.06 27.73 18.59
C ARG C 282 -9.61 28.00 18.99
N ASN C 283 -9.38 29.07 19.76
CA ASN C 283 -8.05 29.35 20.30
C ASN C 283 -7.51 28.20 21.15
N ALA C 284 -8.37 27.53 21.90
CA ALA C 284 -7.93 26.39 22.70
C ALA C 284 -7.44 25.24 21.82
N ILE C 285 -8.12 25.00 20.69
CA ILE C 285 -7.70 23.98 19.74
C ILE C 285 -6.31 24.27 19.21
N ILE C 286 -6.12 25.47 18.66
CA ILE C 286 -4.84 25.90 18.09
C ILE C 286 -3.69 25.76 19.06
N ASP C 287 -3.78 26.43 20.22
CA ASP C 287 -2.76 26.37 21.26
C ASP C 287 -2.36 24.96 21.66
N GLU C 288 -3.33 24.07 21.80
CA GLU C 288 -3.06 22.73 22.32
C GLU C 288 -2.24 21.87 21.34
N ILE C 289 -2.63 21.84 20.06
CA ILE C 289 -1.85 21.11 19.05
C ILE C 289 -0.41 21.62 18.97
N VAL C 290 -0.24 22.95 18.89
CA VAL C 290 1.10 23.58 18.86
C VAL C 290 1.98 23.10 20.00
N SER C 291 1.45 23.16 21.22
CA SER C 291 2.18 22.72 22.42
C SER C 291 2.72 21.30 22.32
N THR C 292 1.94 20.39 21.73
CA THR C 292 2.38 19.01 21.52
C THR C 292 3.59 18.91 20.61
N MET C 293 3.50 19.50 19.41
CA MET C 293 4.59 19.48 18.44
C MET C 293 5.89 20.08 18.96
N ARG C 294 5.81 21.21 19.67
CA ARG C 294 7.04 21.88 20.13
C ARG C 294 7.81 21.03 21.13
N GLU C 295 7.12 20.32 22.02
CA GLU C 295 7.80 19.46 22.98
C GLU C 295 8.38 18.20 22.36
N GLN C 296 8.26 17.99 21.06
CA GLN C 296 8.87 16.87 20.39
C GLN C 296 10.09 17.23 19.57
N GLY C 297 10.32 18.51 19.30
CA GLY C 297 11.45 18.94 18.52
C GLY C 297 11.03 19.48 17.17
N LEU C 298 10.18 18.74 16.48
CA LEU C 298 9.67 19.16 15.18
C LEU C 298 8.81 20.42 15.30
N GLU C 299 8.74 21.15 14.20
CA GLU C 299 7.93 22.36 14.11
C GLU C 299 7.06 22.26 12.87
N VAL C 300 5.83 22.75 12.96
CA VAL C 300 4.94 22.84 11.81
C VAL C 300 4.40 24.27 11.75
N ASP C 301 4.29 24.80 10.53
CA ASP C 301 3.83 26.17 10.34
C ASP C 301 2.38 26.36 10.78
N VAL C 302 2.10 27.51 11.40
CA VAL C 302 0.80 27.75 12.02
C VAL C 302 -0.38 27.86 11.06
N ARG C 303 -0.20 28.18 9.77
CA ARG C 303 -1.38 28.34 8.92
C ARG C 303 -2.14 27.04 8.72
N HIS C 304 -1.44 25.91 8.67
CA HIS C 304 -2.12 24.62 8.54
C HIS C 304 -3.04 24.35 9.72
N ILE C 305 -2.54 24.46 10.95
CA ILE C 305 -3.34 24.25 12.15
C ILE C 305 -4.56 25.17 12.19
N MET C 306 -4.39 26.44 11.82
CA MET C 306 -5.50 27.37 11.83
C MET C 306 -6.57 27.02 10.81
N LEU C 307 -6.21 26.47 9.66
CA LEU C 307 -7.22 26.05 8.70
C LEU C 307 -8.11 24.95 9.28
N VAL C 308 -7.49 23.88 9.78
CA VAL C 308 -8.23 22.75 10.38
C VAL C 308 -9.11 23.22 11.54
N ALA C 309 -8.56 24.04 12.42
CA ALA C 309 -9.31 24.49 13.60
C ALA C 309 -10.51 25.34 13.24
N ASP C 310 -10.32 26.30 12.33
CA ASP C 310 -11.42 27.14 11.88
C ASP C 310 -12.50 26.33 11.18
N MET C 311 -12.09 25.44 10.27
CA MET C 311 -13.02 24.58 9.53
C MET C 311 -13.82 23.67 10.43
N MET C 312 -13.31 23.33 11.60
CA MET C 312 -13.99 22.34 12.42
C MET C 312 -15.13 22.94 13.21
N THR C 313 -15.02 24.22 13.58
CA THR C 313 -16.00 24.95 14.40
C THR C 313 -17.07 25.62 13.55
N LEU C 314 -17.06 25.41 12.24
CA LEU C 314 -18.02 25.89 11.25
C LEU C 314 -19.51 25.75 11.55
N ASP C 315 -19.91 25.00 12.56
CA ASP C 315 -21.32 24.97 12.95
C ASP C 315 -21.65 25.62 14.28
N GLY C 316 -20.67 26.06 15.04
CA GLY C 316 -20.98 26.63 16.33
C GLY C 316 -20.68 25.52 17.30
N VAL C 317 -21.37 24.39 17.18
CA VAL C 317 -21.02 23.25 18.00
C VAL C 317 -19.85 22.54 17.32
N ILE C 318 -18.82 22.20 18.10
CA ILE C 318 -17.69 21.44 17.57
C ILE C 318 -18.13 20.02 17.24
N ARG C 319 -17.72 19.53 16.09
CA ARG C 319 -18.05 18.17 15.73
C ARG C 319 -16.82 17.44 15.20
N PRO C 320 -16.73 16.13 15.48
CA PRO C 320 -15.55 15.34 15.09
C PRO C 320 -15.29 15.31 13.60
N ILE C 321 -14.07 14.89 13.26
CA ILE C 321 -13.64 14.90 11.88
C ILE C 321 -14.11 13.68 11.10
N GLY C 322 -14.73 12.69 11.74
CA GLY C 322 -15.13 11.49 11.02
C GLY C 322 -16.32 10.80 11.66
N ARG C 323 -17.15 10.17 10.80
CA ARG C 323 -18.30 9.32 11.10
C ARG C 323 -19.43 9.92 11.93
N HIS C 324 -19.23 11.09 12.51
CA HIS C 324 -20.22 11.80 13.29
C HIS C 324 -20.09 13.29 13.05
N GLY C 325 -19.37 13.66 12.00
CA GLY C 325 -19.17 15.06 11.73
C GLY C 325 -19.15 15.36 10.27
N ILE C 326 -18.04 15.93 9.78
CA ILE C 326 -17.96 16.51 8.44
C ILE C 326 -18.23 15.50 7.34
N VAL C 327 -17.56 14.34 7.38
CA VAL C 327 -17.87 13.32 6.39
C VAL C 327 -19.29 12.78 6.58
N GLY C 328 -19.78 12.78 7.82
CA GLY C 328 -21.16 12.38 8.04
C GLY C 328 -22.15 13.49 7.75
N GLU C 329 -21.71 14.76 7.81
CA GLU C 329 -22.58 15.90 7.56
C GLU C 329 -22.77 16.07 6.07
N LYS C 330 -23.31 17.22 5.70
CA LYS C 330 -23.65 17.45 4.30
C LYS C 330 -22.41 17.60 3.45
N ALA C 331 -22.49 16.94 2.31
CA ALA C 331 -21.59 16.99 1.18
C ALA C 331 -22.53 16.74 0.02
N SER C 332 -22.02 16.21 -1.08
CA SER C 332 -22.92 15.62 -2.04
C SER C 332 -23.24 14.17 -1.67
N VAL C 333 -24.36 13.68 -2.20
CA VAL C 333 -24.84 12.33 -1.91
C VAL C 333 -23.79 11.27 -2.28
N LEU C 334 -23.06 11.49 -3.38
CA LEU C 334 -22.05 10.54 -3.80
C LEU C 334 -20.85 10.57 -2.88
N ALA C 335 -20.61 11.69 -2.19
CA ALA C 335 -19.49 11.87 -1.27
C ALA C 335 -19.71 11.15 0.05
N ARG C 336 -20.81 10.43 0.21
CA ARG C 336 -21.03 9.59 1.36
C ARG C 336 -21.31 8.18 0.90
N ALA C 337 -21.38 7.96 -0.41
CA ALA C 337 -21.58 6.62 -0.93
C ALA C 337 -20.35 5.76 -0.76
N ALA C 338 -19.15 6.34 -0.93
CA ALA C 338 -17.92 5.60 -0.68
C ALA C 338 -17.40 5.78 0.74
N PHE C 339 -18.27 6.04 1.71
CA PHE C 339 -17.84 6.13 3.10
C PHE C 339 -18.86 5.43 3.97
N GLU C 340 -18.36 4.56 4.86
CA GLU C 340 -19.12 3.74 5.81
C GLU C 340 -20.37 3.13 5.18
N ILE C 341 -20.14 2.22 4.24
CA ILE C 341 -21.20 1.35 3.69
C ILE C 341 -22.08 0.77 4.80
N THR C 342 -23.26 1.36 4.91
CA THR C 342 -24.37 0.97 5.77
C THR C 342 -25.59 1.59 5.08
N THR C 343 -25.29 2.26 3.95
CA THR C 343 -25.94 3.51 3.53
C THR C 343 -27.43 3.36 3.27
N GLN C 344 -27.93 2.13 3.09
CA GLN C 344 -29.27 1.75 2.65
C GLN C 344 -30.42 2.31 3.52
N HIS C 345 -30.12 3.05 4.58
CA HIS C 345 -31.15 3.81 5.29
C HIS C 345 -31.02 5.29 5.00
N LEU C 346 -29.78 5.79 4.96
CA LEU C 346 -29.51 7.20 4.65
C LEU C 346 -29.47 7.42 3.14
N PHE C 347 -29.04 6.43 2.37
CA PHE C 347 -29.02 6.57 0.92
C PHE C 347 -30.42 6.75 0.33
N ALA C 348 -31.39 5.94 0.77
CA ALA C 348 -32.75 6.09 0.27
C ALA C 348 -33.41 7.38 0.74
N ALA C 349 -32.85 8.03 1.76
CA ALA C 349 -33.38 9.32 2.24
C ALA C 349 -33.29 10.38 1.17
N ALA C 350 -32.17 10.42 0.45
CA ALA C 350 -31.95 11.45 -0.56
C ALA C 350 -32.85 11.26 -1.76
N GLU C 351 -33.35 10.05 -1.97
CA GLU C 351 -34.25 9.73 -3.08
C GLU C 351 -35.58 10.49 -3.03
N ARG C 352 -35.90 11.14 -1.92
CA ARG C 352 -37.10 11.96 -1.82
C ARG C 352 -36.81 13.45 -1.91
N GLY C 353 -36.83 13.96 -3.13
CA GLY C 353 -36.62 15.37 -3.39
C GLY C 353 -35.23 15.85 -3.06
N GLU C 354 -34.32 15.73 -4.02
CA GLU C 354 -32.96 16.20 -3.86
C GLU C 354 -32.34 16.30 -5.25
N VAL C 355 -31.29 17.09 -5.35
CA VAL C 355 -30.56 17.33 -6.57
C VAL C 355 -29.11 17.08 -6.21
N ASP C 356 -28.24 17.49 -7.10
CA ASP C 356 -26.79 17.48 -7.00
C ASP C 356 -26.23 18.12 -8.24
N PRO C 357 -25.31 19.07 -8.14
CA PRO C 357 -24.74 19.52 -9.40
C PRO C 357 -23.45 18.81 -9.79
N LEU C 358 -22.31 19.11 -9.17
CA LEU C 358 -21.04 18.40 -9.03
C LEU C 358 -20.20 19.34 -8.16
N ASN C 359 -18.94 19.51 -8.57
CA ASN C 359 -17.88 20.33 -7.97
C ASN C 359 -17.36 19.79 -6.65
N GLY C 360 -17.18 18.49 -6.56
CA GLY C 360 -16.55 18.00 -5.36
C GLY C 360 -15.11 17.78 -5.72
N VAL C 361 -14.63 16.55 -5.56
CA VAL C 361 -13.29 16.12 -5.88
C VAL C 361 -13.43 14.64 -6.25
N VAL C 362 -14.13 13.90 -5.40
CA VAL C 362 -14.27 12.47 -5.63
C VAL C 362 -15.39 12.19 -6.62
N GLU C 363 -16.42 13.03 -6.70
CA GLU C 363 -17.43 12.87 -7.74
C GLU C 363 -16.85 13.09 -9.13
N ASN C 364 -16.00 14.10 -9.29
CA ASN C 364 -15.43 14.35 -10.61
C ASN C 364 -14.42 13.28 -11.00
N VAL C 365 -13.76 12.66 -10.03
CA VAL C 365 -12.79 11.65 -10.39
C VAL C 365 -13.48 10.34 -10.74
N LEU C 366 -14.68 10.12 -10.22
CA LEU C 366 -15.41 8.90 -10.53
C LEU C 366 -16.07 8.98 -11.88
N ILE C 367 -16.39 10.19 -12.34
CA ILE C 367 -17.13 10.34 -13.59
C ILE C 367 -16.22 10.64 -14.78
N GLY C 368 -14.99 11.08 -14.54
CA GLY C 368 -14.08 11.41 -15.62
C GLY C 368 -13.95 12.88 -15.98
N GLN C 369 -14.29 13.73 -15.14
CA GLN C 369 -14.20 15.16 -15.40
C GLN C 369 -12.98 15.75 -14.71
N PRO C 370 -12.42 16.84 -15.25
CA PRO C 370 -11.38 17.58 -14.53
C PRO C 370 -11.85 18.20 -13.23
N VAL C 371 -11.14 17.88 -12.15
CA VAL C 371 -11.35 18.41 -10.79
C VAL C 371 -11.22 19.93 -10.79
N PRO C 372 -11.98 20.65 -9.96
CA PRO C 372 -11.95 22.12 -10.01
C PRO C 372 -10.75 22.79 -9.35
N VAL C 373 -9.91 22.07 -8.61
CA VAL C 373 -8.66 22.64 -8.11
C VAL C 373 -7.62 22.68 -9.20
N GLY C 374 -6.43 23.15 -8.86
CA GLY C 374 -5.30 23.16 -9.78
C GLY C 374 -5.50 23.87 -11.10
N THR C 375 -5.13 23.20 -12.20
CA THR C 375 -5.21 23.83 -13.50
C THR C 375 -6.64 23.99 -14.00
N GLY C 376 -7.53 23.08 -13.64
CA GLY C 376 -8.94 23.10 -14.02
C GLY C 376 -9.74 24.39 -13.85
N ILE C 377 -9.27 25.28 -12.98
CA ILE C 377 -9.97 26.52 -12.66
C ILE C 377 -9.52 27.68 -13.56
N VAL C 378 -8.92 27.40 -14.72
CA VAL C 378 -8.57 28.46 -15.65
C VAL C 378 -9.26 28.25 -17.00
N LYS C 379 -9.69 29.35 -17.63
CA LYS C 379 -10.37 29.34 -18.92
C LYS C 379 -9.65 30.26 -19.90
N LEU C 380 -9.34 29.76 -21.09
CA LEU C 380 -8.60 30.50 -22.11
C LEU C 380 -9.50 31.14 -23.16
N ALA C 381 -8.93 32.07 -23.93
CA ALA C 381 -9.63 32.77 -25.01
C ALA C 381 -8.61 33.34 -25.98
N MET C 382 -8.90 33.31 -27.29
CA MET C 382 -7.89 33.71 -28.27
C MET C 382 -8.47 34.08 -29.63
N SER C 383 -8.21 35.32 -30.07
CA SER C 383 -8.61 35.83 -31.38
C SER C 383 -7.87 35.17 -32.53
N LEU C 384 -8.62 34.83 -33.58
CA LEU C 384 -8.13 33.99 -34.67
C LEU C 384 -7.77 34.61 -36.05
N PRO C 385 -7.24 35.84 -36.21
CA PRO C 385 -6.61 36.11 -37.51
C PRO C 385 -5.34 35.28 -37.72
N LEU C 386 -4.35 35.53 -36.86
CA LEU C 386 -3.03 34.90 -36.82
C LEU C 386 -2.34 34.82 -38.19
N ARG C 387 -1.97 35.98 -38.71
CA ARG C 387 -0.85 36.05 -39.64
C ARG C 387 0.43 35.64 -38.93
N PRO C 388 1.19 34.69 -39.47
CA PRO C 388 2.29 34.07 -38.71
C PRO C 388 3.44 35.01 -38.42
N LYS C 389 3.95 35.70 -39.44
CA LYS C 389 5.15 36.56 -39.39
C LYS C 389 6.37 35.84 -38.84
N VAL D 2 69.06 9.97 -15.05
CA VAL D 2 68.44 8.69 -14.77
C VAL D 2 69.51 7.64 -14.59
N GLU D 3 69.42 6.88 -13.50
CA GLU D 3 70.37 5.83 -13.17
C GLU D 3 69.66 4.85 -12.25
N PHE D 4 69.94 3.57 -12.43
CA PHE D 4 69.27 2.51 -11.70
C PHE D 4 70.22 1.80 -10.76
N LYS D 5 69.63 1.02 -9.85
CA LYS D 5 70.41 0.25 -8.89
C LYS D 5 69.58 -0.97 -8.49
N ILE D 6 69.80 -2.07 -9.20
CA ILE D 6 69.04 -3.31 -9.05
C ILE D 6 69.33 -3.90 -7.67
N LEU D 7 68.30 -4.00 -6.83
CA LEU D 7 68.56 -4.56 -5.50
C LEU D 7 68.58 -6.08 -5.49
N GLU D 8 67.57 -6.73 -6.07
CA GLU D 8 67.54 -8.18 -6.04
C GLU D 8 66.78 -8.73 -7.25
N LYS D 9 67.31 -9.82 -7.80
CA LYS D 9 66.73 -10.54 -8.94
C LYS D 9 66.45 -11.98 -8.56
N ARG D 10 65.19 -12.32 -8.39
CA ARG D 10 64.81 -13.68 -8.07
C ARG D 10 64.15 -14.27 -9.30
N PRO D 11 63.98 -15.59 -9.34
CA PRO D 11 63.15 -16.19 -10.38
C PRO D 11 61.77 -15.56 -10.52
N ASP D 12 61.60 -14.82 -11.63
CA ASP D 12 60.35 -14.15 -12.00
C ASP D 12 59.90 -13.06 -11.01
N SER D 13 60.85 -12.30 -10.48
CA SER D 13 60.56 -11.08 -9.73
C SER D 13 61.79 -10.19 -9.76
N ILE D 14 61.59 -8.91 -9.45
CA ILE D 14 62.69 -7.95 -9.47
C ILE D 14 62.29 -6.77 -8.60
N LYS D 15 63.26 -6.24 -7.86
CA LYS D 15 63.08 -5.01 -7.11
C LYS D 15 64.21 -4.04 -7.43
N PHE D 16 63.88 -2.79 -7.77
CA PHE D 16 64.92 -1.83 -8.12
C PHE D 16 64.60 -0.44 -7.61
N ILE D 17 65.57 0.47 -7.79
CA ILE D 17 65.49 1.86 -7.33
C ILE D 17 65.72 2.77 -8.53
N VAL D 18 64.67 3.38 -9.00
CA VAL D 18 64.71 4.33 -10.11
C VAL D 18 64.97 5.73 -9.56
N SER D 19 65.79 6.52 -10.26
CA SER D 19 66.13 7.86 -9.83
C SER D 19 66.13 8.80 -11.02
N GLY D 20 65.82 10.06 -10.76
CA GLY D 20 65.83 11.07 -11.81
C GLY D 20 64.52 11.27 -12.53
N VAL D 21 63.43 10.73 -12.01
CA VAL D 21 62.11 10.93 -12.57
C VAL D 21 61.30 11.70 -11.55
N ASP D 22 59.97 11.58 -11.59
CA ASP D 22 59.14 12.22 -10.57
C ASP D 22 57.83 11.47 -10.42
N VAL D 23 57.02 11.96 -9.49
CA VAL D 23 55.69 11.39 -9.22
C VAL D 23 54.81 11.16 -10.44
N PRO D 24 54.53 12.16 -11.32
CA PRO D 24 53.67 11.89 -12.49
C PRO D 24 54.08 10.75 -13.37
N PHE D 25 55.33 10.75 -13.82
CA PHE D 25 55.81 9.79 -14.80
C PHE D 25 55.72 8.35 -14.32
N ALA D 26 56.07 8.09 -13.05
CA ALA D 26 56.04 6.71 -12.56
C ALA D 26 54.65 6.09 -12.59
N ASN D 27 53.60 6.87 -12.36
CA ASN D 27 52.25 6.35 -12.49
C ASN D 27 51.90 6.01 -13.92
N ALA D 28 52.35 6.82 -14.87
CA ALA D 28 52.24 6.43 -16.27
C ALA D 28 52.89 5.07 -16.50
N LEU D 29 54.11 4.89 -16.01
CA LEU D 29 54.79 3.59 -16.08
C LEU D 29 53.99 2.49 -15.39
N ARG D 30 53.63 2.69 -14.13
CA ARG D 30 52.95 1.69 -13.30
C ARG D 30 51.63 1.22 -13.89
N ARG D 31 50.71 2.13 -14.15
CA ARG D 31 49.42 1.79 -14.74
C ARG D 31 49.54 1.09 -16.07
N THR D 32 50.56 1.44 -16.88
CA THR D 32 50.74 0.79 -18.16
C THR D 32 51.05 -0.71 -18.03
N ILE D 33 51.89 -1.09 -17.07
CA ILE D 33 52.22 -2.52 -16.87
C ILE D 33 50.98 -3.34 -16.52
N LEU D 34 50.08 -2.80 -15.71
CA LEU D 34 48.86 -3.54 -15.40
C LEU D 34 47.94 -3.61 -16.61
N SER D 35 47.59 -2.48 -17.21
CA SER D 35 46.52 -2.48 -18.20
C SER D 35 46.95 -2.61 -19.65
N GLU D 36 48.23 -2.49 -19.99
CA GLU D 36 48.58 -2.50 -21.41
C GLU D 36 49.30 -3.73 -21.92
N VAL D 37 50.35 -4.17 -21.24
CA VAL D 37 51.18 -5.30 -21.68
C VAL D 37 50.35 -6.55 -21.97
N PRO D 38 50.34 -7.03 -23.21
CA PRO D 38 49.42 -8.12 -23.56
C PRO D 38 50.03 -9.50 -23.38
N THR D 39 49.17 -10.44 -23.00
CA THR D 39 49.53 -11.86 -22.90
C THR D 39 48.51 -12.69 -23.66
N PHE D 40 48.70 -13.99 -23.63
CA PHE D 40 47.75 -14.95 -24.18
C PHE D 40 46.88 -15.51 -23.08
N ALA D 41 45.61 -15.77 -23.39
CA ALA D 41 44.72 -16.40 -22.44
C ALA D 41 43.58 -17.07 -23.18
N VAL D 42 42.99 -18.08 -22.54
CA VAL D 42 41.91 -18.84 -23.15
C VAL D 42 40.66 -17.99 -23.24
N ASP D 43 40.19 -17.77 -24.46
CA ASP D 43 38.99 -16.97 -24.66
C ASP D 43 37.71 -17.77 -24.53
N GLU D 44 37.59 -18.88 -25.25
CA GLU D 44 36.37 -19.68 -25.21
C GLU D 44 36.69 -21.17 -25.25
N VAL D 45 35.75 -21.96 -24.76
CA VAL D 45 35.92 -23.40 -24.65
C VAL D 45 34.74 -24.09 -25.32
N GLU D 46 35.02 -25.07 -26.17
CA GLU D 46 34.00 -25.90 -26.81
C GLU D 46 34.00 -27.31 -26.23
N PHE D 47 33.06 -27.61 -25.34
CA PHE D 47 32.95 -28.94 -24.75
C PHE D 47 32.34 -29.98 -25.69
N LEU D 48 32.94 -31.17 -25.71
CA LEU D 48 32.38 -32.29 -26.46
C LEU D 48 31.58 -33.24 -25.60
N GLU D 49 31.96 -33.42 -24.33
CA GLU D 49 31.27 -34.26 -23.37
C GLU D 49 31.81 -33.98 -21.97
N ASN D 50 30.91 -33.92 -21.00
CA ASN D 50 31.27 -33.57 -19.63
C ASN D 50 30.45 -34.39 -18.65
N ASP D 51 31.02 -35.48 -18.16
CA ASP D 51 30.42 -36.26 -17.07
C ASP D 51 31.21 -36.08 -15.77
N SER D 52 31.83 -34.92 -15.57
CA SER D 52 32.65 -34.65 -14.41
C SER D 52 31.81 -34.04 -13.29
N ALA D 53 32.44 -33.87 -12.14
CA ALA D 53 31.73 -33.39 -10.97
C ALA D 53 31.48 -31.90 -10.95
N LEU D 54 31.89 -31.16 -11.96
CA LEU D 54 31.71 -29.73 -11.99
C LEU D 54 30.87 -29.30 -13.18
N PHE D 55 30.28 -28.12 -13.05
CA PHE D 55 29.45 -27.54 -14.08
C PHE D 55 30.32 -27.12 -15.26
N ASP D 56 29.67 -26.92 -16.40
CA ASP D 56 30.41 -26.54 -17.60
C ASP D 56 31.11 -25.19 -17.47
N GLU D 57 30.47 -24.20 -16.85
CA GLU D 57 31.08 -22.87 -16.77
C GLU D 57 32.31 -22.84 -15.86
N ILE D 58 32.27 -23.51 -14.71
CA ILE D 58 33.39 -23.49 -13.76
C ILE D 58 34.67 -24.04 -14.40
N ILE D 59 34.61 -25.23 -15.00
CA ILE D 59 35.77 -25.77 -15.69
C ILE D 59 36.21 -24.84 -16.81
N ALA D 60 35.25 -24.30 -17.56
CA ALA D 60 35.55 -23.33 -18.61
C ALA D 60 36.25 -22.11 -18.03
N HIS D 61 35.76 -21.63 -16.89
CA HIS D 61 36.35 -20.50 -16.18
C HIS D 61 37.81 -20.75 -15.80
N ARG D 62 38.11 -21.90 -15.20
CA ARG D 62 39.49 -22.24 -14.81
C ARG D 62 40.46 -22.30 -15.96
N LEU D 63 40.04 -22.79 -17.11
CA LEU D 63 40.94 -22.85 -18.26
C LEU D 63 41.45 -21.46 -18.63
N ALA D 64 40.61 -20.44 -18.49
CA ALA D 64 41.05 -19.08 -18.76
C ALA D 64 42.08 -18.56 -17.76
N MET D 65 42.21 -19.16 -16.58
CA MET D 65 43.13 -18.61 -15.61
C MET D 65 44.55 -19.12 -15.72
N ILE D 66 44.83 -20.11 -16.56
CA ILE D 66 46.18 -20.69 -16.63
C ILE D 66 47.15 -19.77 -17.37
N PRO D 67 48.22 -19.33 -16.72
CA PRO D 67 49.21 -18.46 -17.37
C PRO D 67 49.93 -19.15 -18.51
N LEU D 68 49.88 -18.56 -19.69
CA LEU D 68 50.47 -19.14 -20.90
C LEU D 68 51.69 -18.34 -21.36
N THR D 69 52.77 -19.05 -21.68
CA THR D 69 53.99 -18.45 -22.21
C THR D 69 53.73 -17.66 -23.48
N THR D 70 54.07 -16.38 -23.46
CA THR D 70 53.86 -15.50 -24.60
C THR D 70 55.20 -15.13 -25.23
N PRO D 71 55.58 -15.71 -26.38
CA PRO D 71 56.87 -15.34 -26.98
C PRO D 71 56.85 -13.91 -27.53
N HIS D 72 57.60 -13.03 -26.88
CA HIS D 72 57.65 -11.62 -27.24
C HIS D 72 58.51 -11.29 -28.46
N GLU D 73 59.35 -12.20 -28.93
CA GLU D 73 60.18 -11.91 -30.08
C GLU D 73 59.54 -12.32 -31.39
N ARG D 74 58.24 -12.59 -31.43
CA ARG D 74 57.69 -13.17 -32.64
C ARG D 74 56.60 -12.34 -33.30
N PHE D 75 55.88 -11.45 -32.58
CA PHE D 75 54.89 -10.75 -33.38
C PHE D 75 55.09 -9.25 -33.38
N SER D 76 54.50 -8.57 -32.39
CA SER D 76 54.63 -7.13 -32.13
C SER D 76 53.88 -6.86 -30.84
N LEU D 77 54.52 -6.86 -29.69
CA LEU D 77 53.69 -6.60 -28.52
C LEU D 77 53.51 -5.12 -28.22
N ASP D 78 54.16 -4.25 -28.96
CA ASP D 78 54.02 -2.83 -28.77
C ASP D 78 53.02 -2.18 -29.73
N ALA D 79 52.44 -2.95 -30.63
CA ALA D 79 51.48 -2.45 -31.60
C ALA D 79 50.17 -2.07 -30.95
N LEU D 80 49.51 -1.08 -31.52
CA LEU D 80 48.19 -0.68 -31.04
C LEU D 80 47.07 -1.56 -31.56
N GLU D 81 47.25 -2.22 -32.70
CA GLU D 81 46.30 -3.19 -33.24
C GLU D 81 46.90 -4.58 -33.10
N LEU D 82 46.41 -5.33 -32.13
CA LEU D 82 46.97 -6.64 -31.81
C LEU D 82 46.68 -7.65 -32.91
N ASP D 83 47.51 -8.69 -32.94
CA ASP D 83 47.40 -9.77 -33.91
C ASP D 83 46.34 -10.76 -33.43
N ASP D 84 45.49 -11.22 -34.36
CA ASP D 84 44.44 -12.18 -34.06
C ASP D 84 44.86 -13.64 -34.20
N TYR D 85 46.13 -13.98 -34.01
CA TYR D 85 46.59 -15.36 -34.17
C TYR D 85 45.97 -16.27 -33.11
N THR D 86 45.34 -17.37 -33.54
CA THR D 86 44.59 -18.26 -32.66
C THR D 86 45.29 -19.60 -32.45
N VAL D 87 45.43 -20.01 -31.18
CA VAL D 87 46.00 -21.31 -30.82
C VAL D 87 44.92 -22.20 -30.18
N THR D 88 44.87 -23.47 -30.58
CA THR D 88 43.89 -24.45 -30.12
C THR D 88 44.47 -25.44 -29.09
N LEU D 89 44.07 -25.31 -27.82
CA LEU D 89 44.45 -26.25 -26.75
C LEU D 89 43.42 -27.36 -26.52
N SER D 90 43.73 -28.59 -26.94
CA SER D 90 42.82 -29.72 -26.80
C SER D 90 43.29 -30.68 -25.71
N LEU D 91 42.38 -31.55 -25.26
CA LEU D 91 42.64 -32.55 -24.22
C LEU D 91 41.55 -33.62 -24.26
N GLU D 92 41.95 -34.89 -24.07
CA GLU D 92 41.02 -36.01 -23.94
C GLU D 92 41.49 -36.86 -22.76
N ALA D 93 40.80 -36.76 -21.62
CA ALA D 93 41.22 -37.49 -20.43
C ALA D 93 40.08 -38.35 -19.89
N GLU D 94 40.45 -39.26 -18.99
CA GLU D 94 39.51 -40.21 -18.41
C GLU D 94 39.93 -40.57 -17.00
N GLY D 95 38.96 -40.69 -16.10
CA GLY D 95 39.22 -41.04 -14.72
C GLY D 95 39.62 -42.49 -14.52
N PRO D 96 40.03 -42.85 -13.29
CA PRO D 96 40.15 -42.09 -12.04
C PRO D 96 41.39 -41.24 -12.02
N GLY D 97 41.50 -40.30 -11.10
CA GLY D 97 42.68 -39.47 -11.09
C GLY D 97 42.39 -38.00 -11.19
N MET D 98 43.34 -37.17 -10.81
CA MET D 98 43.18 -35.74 -10.89
C MET D 98 43.78 -35.27 -12.21
N VAL D 99 43.09 -34.37 -12.88
CA VAL D 99 43.54 -33.84 -14.16
C VAL D 99 44.46 -32.65 -13.89
N TYR D 100 45.69 -32.71 -14.36
CA TYR D 100 46.60 -31.60 -14.16
C TYR D 100 46.65 -30.68 -15.36
N SER D 101 47.36 -29.57 -15.17
CA SER D 101 47.53 -28.58 -16.23
C SER D 101 48.54 -29.04 -17.26
N GLY D 102 49.49 -29.88 -16.86
CA GLY D 102 50.50 -30.35 -17.79
C GLY D 102 50.01 -31.30 -18.86
N ASP D 103 48.75 -31.71 -18.79
CA ASP D 103 48.15 -32.59 -19.78
C ASP D 103 47.63 -31.87 -21.01
N LEU D 104 47.55 -30.54 -21.01
CA LEU D 104 47.00 -29.84 -22.15
C LEU D 104 47.93 -29.97 -23.35
N LYS D 105 47.36 -30.33 -24.49
CA LYS D 105 48.08 -30.41 -25.75
C LYS D 105 47.89 -29.12 -26.53
N SER D 106 48.97 -28.64 -27.13
CA SER D 106 48.93 -27.40 -27.89
C SER D 106 49.18 -27.67 -29.36
N SER D 107 48.59 -26.85 -30.22
CA SER D 107 48.79 -26.96 -31.66
C SER D 107 49.99 -26.18 -32.13
N ASP D 108 50.81 -25.67 -31.21
CA ASP D 108 52.01 -24.91 -31.54
C ASP D 108 52.92 -25.01 -30.34
N GLY D 109 54.11 -25.57 -30.51
CA GLY D 109 55.05 -25.83 -29.42
C GLY D 109 55.55 -24.60 -28.66
N ASP D 110 55.32 -23.39 -29.16
CA ASP D 110 55.78 -22.20 -28.46
C ASP D 110 54.84 -21.71 -27.39
N VAL D 111 53.56 -22.10 -27.41
CA VAL D 111 52.57 -21.62 -26.44
C VAL D 111 52.11 -22.83 -25.63
N LYS D 112 52.65 -22.97 -24.43
CA LYS D 112 52.33 -24.05 -23.51
C LYS D 112 52.09 -23.45 -22.15
N PRO D 113 51.38 -24.14 -21.26
CA PRO D 113 51.24 -23.67 -19.87
C PRO D 113 52.59 -23.48 -19.19
N ALA D 114 52.77 -22.29 -18.61
CA ALA D 114 54.02 -21.96 -17.94
C ALA D 114 54.23 -22.77 -16.66
N ASN D 115 53.17 -23.19 -15.98
CA ASN D 115 53.30 -23.91 -14.72
C ASN D 115 52.52 -25.22 -14.83
N PRO D 116 53.20 -26.37 -14.87
CA PRO D 116 52.52 -27.64 -15.14
C PRO D 116 51.85 -28.34 -13.96
N ASN D 117 51.84 -27.81 -12.75
CA ASN D 117 51.32 -28.56 -11.62
C ASN D 117 49.94 -28.14 -11.13
N ILE D 118 49.21 -27.34 -11.91
CA ILE D 118 47.90 -26.85 -11.48
C ILE D 118 46.73 -27.83 -11.62
N PRO D 119 46.08 -28.21 -10.52
CA PRO D 119 44.87 -29.04 -10.59
C PRO D 119 43.72 -28.32 -11.25
N ILE D 120 43.10 -28.97 -12.22
CA ILE D 120 41.94 -28.38 -12.87
C ILE D 120 40.67 -28.99 -12.28
N VAL D 121 40.51 -30.31 -12.39
CA VAL D 121 39.30 -30.98 -11.90
C VAL D 121 39.59 -32.47 -11.66
N LYS D 122 39.02 -33.01 -10.57
CA LYS D 122 39.13 -34.43 -10.22
C LYS D 122 38.07 -35.28 -10.93
N LEU D 123 38.50 -36.36 -11.55
CA LEU D 123 37.66 -37.31 -12.25
C LEU D 123 37.55 -38.63 -11.50
N ALA D 124 36.34 -39.15 -11.35
CA ALA D 124 36.14 -40.45 -10.72
C ALA D 124 35.98 -41.52 -11.81
N GLU D 125 35.64 -42.74 -11.40
CA GLU D 125 35.47 -43.86 -12.32
C GLU D 125 34.41 -43.65 -13.40
N GLY D 126 34.79 -43.90 -14.66
CA GLY D 126 33.88 -43.84 -15.79
C GLY D 126 33.46 -42.46 -16.26
N GLN D 127 34.04 -41.40 -15.71
CA GLN D 127 33.69 -40.03 -16.07
C GLN D 127 34.67 -39.55 -17.14
N ARG D 128 34.19 -39.35 -18.35
CA ARG D 128 35.06 -38.88 -19.43
C ARG D 128 34.97 -37.36 -19.54
N LEU D 129 36.06 -36.74 -20.01
CA LEU D 129 36.13 -35.28 -20.14
C LEU D 129 36.95 -34.87 -21.36
N THR D 130 36.32 -34.25 -22.36
CA THR D 130 36.97 -33.86 -23.60
C THR D 130 36.66 -32.42 -23.99
N PHE D 131 37.68 -31.62 -24.29
CA PHE D 131 37.46 -30.21 -24.64
C PHE D 131 38.56 -29.67 -25.55
N ASN D 132 38.29 -28.52 -26.22
CA ASN D 132 39.22 -27.82 -27.12
C ASN D 132 39.28 -26.31 -26.83
N ALA D 133 40.10 -25.91 -25.88
CA ALA D 133 40.23 -24.49 -25.53
C ALA D 133 40.87 -23.66 -26.65
N TYR D 134 40.30 -22.47 -26.88
CA TYR D 134 40.79 -21.47 -27.83
C TYR D 134 41.45 -20.28 -27.12
N ALA D 135 42.68 -19.95 -27.51
CA ALA D 135 43.42 -18.85 -26.92
C ALA D 135 43.68 -17.72 -27.91
N ARG D 136 43.50 -16.47 -27.47
CA ARG D 136 43.80 -15.28 -28.27
C ARG D 136 44.55 -14.25 -27.41
N LEU D 137 45.05 -13.19 -28.07
CA LEU D 137 45.66 -12.06 -27.38
C LEU D 137 44.65 -11.05 -26.87
N GLY D 138 44.91 -10.49 -25.68
CA GLY D 138 44.03 -9.49 -25.12
C GLY D 138 44.74 -8.62 -24.11
N ARG D 139 44.10 -7.53 -23.73
CA ARG D 139 44.68 -6.55 -22.83
C ARG D 139 43.99 -6.56 -21.48
N GLY D 140 44.72 -6.09 -20.47
CA GLY D 140 44.24 -6.16 -19.10
C GLY D 140 43.04 -5.29 -18.82
N LYS D 141 42.89 -4.20 -19.55
CA LYS D 141 41.76 -3.32 -19.31
C LYS D 141 40.44 -3.92 -19.77
N ASP D 142 40.48 -4.86 -20.71
CA ASP D 142 39.24 -5.51 -21.16
C ASP D 142 38.87 -6.71 -20.30
N HIS D 143 39.85 -7.50 -19.87
CA HIS D 143 39.53 -8.62 -19.00
C HIS D 143 40.76 -9.02 -18.21
N ALA D 144 40.58 -9.27 -16.92
CA ALA D 144 41.66 -9.49 -15.96
C ALA D 144 42.45 -10.77 -16.16
N LYS D 145 41.98 -11.70 -16.98
CA LYS D 145 42.75 -12.90 -17.29
C LYS D 145 44.02 -12.57 -18.07
N TRP D 146 44.03 -11.44 -18.77
CA TRP D 146 45.13 -10.98 -19.61
C TRP D 146 46.10 -10.09 -18.87
N GLN D 147 46.40 -10.35 -17.60
CA GLN D 147 47.28 -9.49 -16.83
C GLN D 147 48.67 -10.07 -16.73
N PRO D 148 49.71 -9.35 -17.12
CA PRO D 148 51.06 -9.90 -17.01
C PRO D 148 51.58 -10.01 -15.60
N GLY D 149 51.14 -9.15 -14.68
CA GLY D 149 51.74 -9.21 -13.35
C GLY D 149 51.34 -8.13 -12.36
N PHE D 150 52.33 -7.59 -11.67
CA PHE D 150 52.19 -6.57 -10.64
C PHE D 150 53.27 -5.52 -10.60
N VAL D 151 52.87 -4.32 -10.20
CA VAL D 151 53.77 -3.22 -9.93
C VAL D 151 53.32 -2.55 -8.65
N TYR D 152 54.24 -2.38 -7.72
CA TYR D 152 54.05 -1.60 -6.51
C TYR D 152 55.25 -0.73 -6.30
N TYR D 153 55.04 0.54 -5.94
CA TYR D 153 56.17 1.44 -5.77
C TYR D 153 56.00 2.25 -4.51
N LYS D 154 57.10 2.71 -3.94
CA LYS D 154 57.02 3.55 -2.75
C LYS D 154 58.07 4.66 -2.78
N TYR D 155 57.78 5.72 -2.04
CA TYR D 155 58.77 6.78 -1.80
C TYR D 155 59.96 6.23 -1.05
N LEU D 156 61.15 6.53 -1.51
CA LEU D 156 62.37 6.17 -0.78
C LEU D 156 62.68 7.22 0.28
N THR D 157 62.49 6.90 1.54
CA THR D 157 62.70 7.89 2.57
C THR D 157 63.88 7.51 3.47
N LYS D 158 64.44 8.51 4.13
CA LYS D 158 65.50 8.34 5.12
C LYS D 158 65.00 8.88 6.45
N ILE D 159 65.17 8.10 7.51
CA ILE D 159 64.74 8.47 8.86
C ILE D 159 65.94 8.83 9.72
N HIS D 160 66.01 10.09 10.17
CA HIS D 160 67.06 10.56 11.07
C HIS D 160 66.61 10.35 12.52
N VAL D 161 67.31 9.47 13.26
CA VAL D 161 66.98 9.20 14.65
C VAL D 161 68.11 9.72 15.53
N SER D 162 67.92 10.90 16.12
CA SER D 162 68.90 11.52 17.00
C SER D 162 69.17 10.68 18.25
N LYS D 163 70.43 10.69 18.71
CA LYS D 163 70.87 9.92 19.88
C LYS D 163 70.37 10.46 21.22
N ASP D 164 69.63 11.56 21.26
CA ASP D 164 69.02 12.02 22.50
C ASP D 164 67.84 11.16 22.94
N VAL D 165 67.26 10.39 22.03
CA VAL D 165 66.11 9.54 22.30
C VAL D 165 66.52 8.31 23.12
N PRO D 166 65.95 8.14 24.31
CA PRO D 166 66.25 6.96 25.14
C PRO D 166 65.94 5.65 24.44
N ASP D 167 66.90 4.73 24.49
CA ASP D 167 66.83 3.37 23.94
C ASP D 167 66.79 3.41 22.41
N TRP D 168 67.62 4.28 21.82
CA TRP D 168 67.73 4.34 20.36
C TRP D 168 68.34 3.07 19.80
N GLU D 169 69.13 2.38 20.61
CA GLU D 169 69.78 1.11 20.24
C GLU D 169 68.80 0.06 19.74
N GLU D 170 67.58 0.02 20.32
CA GLU D 170 66.56 -0.93 19.87
C GLU D 170 66.21 -0.74 18.40
N LEU D 171 66.17 0.51 17.94
CA LEU D 171 65.93 0.77 16.52
C LEU D 171 67.01 0.15 15.65
N LYS D 172 68.27 0.31 16.05
CA LYS D 172 69.37 -0.33 15.35
C LYS D 172 69.18 -1.84 15.34
N GLU D 173 68.86 -2.42 16.49
CA GLU D 173 68.61 -3.86 16.59
C GLU D 173 67.42 -4.30 15.74
N LEU D 174 66.34 -3.52 15.77
CA LEU D 174 65.16 -3.81 14.97
C LEU D 174 65.46 -3.75 13.47
N ALA D 175 66.14 -2.68 13.03
CA ALA D 175 66.49 -2.51 11.62
C ALA D 175 67.36 -3.65 11.11
N GLU D 176 68.34 -4.09 11.89
CA GLU D 176 69.21 -5.17 11.47
C GLU D 176 68.46 -6.50 11.33
N ARG D 177 67.41 -6.71 12.13
CA ARG D 177 66.66 -7.96 12.03
C ARG D 177 65.91 -8.06 10.71
N ARG D 178 65.51 -6.94 10.13
CA ARG D 178 64.76 -6.99 8.89
C ARG D 178 65.60 -6.67 7.67
N GLY D 179 66.87 -6.29 7.85
CA GLY D 179 67.73 -6.09 6.70
C GLY D 179 67.70 -4.74 6.02
N LEU D 180 67.64 -3.66 6.79
CA LEU D 180 67.66 -2.33 6.19
C LEU D 180 69.02 -1.69 6.40
N PRO D 181 69.61 -1.12 5.35
CA PRO D 181 70.94 -0.47 5.46
C PRO D 181 70.96 0.70 6.44
N VAL D 182 71.81 0.60 7.45
CA VAL D 182 71.97 1.62 8.48
C VAL D 182 73.39 2.15 8.48
N GLU D 183 73.53 3.47 8.41
CA GLU D 183 74.81 4.15 8.55
C GLU D 183 74.79 4.95 9.84
N GLU D 184 75.83 4.79 10.65
CA GLU D 184 75.91 5.39 11.98
C GLU D 184 77.10 6.34 12.08
N SER D 185 76.91 7.42 12.83
CA SER D 185 77.98 8.39 13.05
C SER D 185 77.83 8.89 14.48
N ASP D 186 78.50 9.99 14.79
CA ASP D 186 78.53 10.47 16.18
C ASP D 186 77.34 11.34 16.57
N GLU D 187 76.23 11.31 15.85
CA GLU D 187 75.08 12.13 16.24
C GLU D 187 73.76 11.39 16.17
N GLU D 188 73.60 10.57 15.12
CA GLU D 188 72.33 9.92 14.87
C GLU D 188 72.58 8.70 13.99
N ILE D 189 71.52 7.96 13.74
CA ILE D 189 71.53 6.84 12.79
C ILE D 189 70.63 7.17 11.60
N VAL D 190 71.09 6.80 10.40
CA VAL D 190 70.36 7.01 9.16
C VAL D 190 69.81 5.67 8.71
N ILE D 191 68.48 5.58 8.62
CA ILE D 191 67.81 4.35 8.21
C ILE D 191 67.21 4.57 6.83
N THR D 192 67.61 3.77 5.85
CA THR D 192 67.03 3.85 4.52
C THR D 192 65.85 2.90 4.45
N THR D 193 64.65 3.41 4.19
CA THR D 193 63.46 2.57 4.21
C THR D 193 63.23 1.97 2.82
N ILE D 194 63.96 0.89 2.53
CA ILE D 194 63.71 0.17 1.29
C ILE D 194 62.51 -0.77 1.39
N LYS D 195 61.87 -0.83 2.54
CA LYS D 195 60.67 -1.64 2.76
C LYS D 195 59.95 -1.03 3.95
N ALA D 196 58.73 -1.50 4.19
CA ALA D 196 57.87 -0.94 5.22
C ALA D 196 58.52 -0.90 6.60
N PHE D 197 58.38 0.23 7.28
CA PHE D 197 59.00 0.41 8.59
C PHE D 197 57.98 0.81 9.66
N TYR D 198 57.57 -0.19 10.43
CA TYR D 198 56.55 -0.05 11.46
C TYR D 198 57.18 0.54 12.72
N LEU D 199 56.88 1.78 13.04
CA LEU D 199 57.51 2.28 14.26
C LEU D 199 56.81 1.74 15.50
N PRO D 200 57.57 1.27 16.52
CA PRO D 200 56.97 0.90 17.82
C PRO D 200 56.32 2.05 18.58
N ARG D 201 55.26 1.72 19.32
CA ARG D 201 54.54 2.66 20.18
C ARG D 201 55.36 3.38 21.24
N LYS D 202 56.38 2.74 21.82
CA LYS D 202 57.29 3.40 22.76
C LYS D 202 57.86 4.72 22.23
N PHE D 203 58.03 4.84 20.92
CA PHE D 203 58.65 6.01 20.33
C PHE D 203 57.66 6.99 19.73
N GLU D 204 56.36 6.70 19.73
CA GLU D 204 55.38 7.60 19.13
C GLU D 204 55.24 8.93 19.85
N GLU D 205 55.64 9.04 21.11
CA GLU D 205 55.54 10.33 21.76
C GLU D 205 56.68 11.26 21.36
N HIS D 206 57.76 10.72 20.81
CA HIS D 206 58.87 11.51 20.30
C HIS D 206 58.79 11.72 18.80
N MET D 207 57.73 11.25 18.15
CA MET D 207 57.56 11.38 16.71
C MET D 207 57.37 12.84 16.35
N GLY D 208 58.43 13.48 15.88
CA GLY D 208 58.42 14.88 15.54
C GLY D 208 59.60 15.58 16.15
N LYS D 209 59.67 15.52 17.48
CA LYS D 209 60.74 16.12 18.25
C LYS D 209 62.10 15.52 17.90
N GLY D 210 62.43 14.40 18.55
CA GLY D 210 63.72 13.78 18.30
C GLY D 210 63.83 13.07 16.96
N ILE D 211 62.74 12.46 16.50
CA ILE D 211 62.73 11.68 15.26
C ILE D 211 61.91 12.43 14.22
N ARG D 212 62.48 12.56 13.03
CA ARG D 212 61.81 13.22 11.93
C ARG D 212 62.18 12.48 10.65
N GLU D 213 61.26 12.47 9.71
CA GLU D 213 61.43 11.75 8.46
C GLU D 213 61.49 12.75 7.31
N GLU D 214 62.45 12.58 6.42
CA GLU D 214 62.57 13.42 5.24
C GLU D 214 62.54 12.57 3.98
N ILE D 215 61.76 13.00 3.03
CA ILE D 215 61.63 12.32 1.75
C ILE D 215 62.77 12.74 0.84
N VAL D 216 63.33 11.78 0.11
CA VAL D 216 64.34 12.04 -0.91
C VAL D 216 63.63 12.31 -2.22
N PRO D 217 63.61 13.56 -2.71
CA PRO D 217 62.91 13.88 -3.98
C PRO D 217 63.46 13.12 -5.18
N GLY D 218 62.60 12.34 -5.82
CA GLY D 218 62.96 11.70 -7.07
C GLY D 218 63.56 10.32 -7.03
N SER D 219 63.19 9.48 -6.08
CA SER D 219 63.77 8.16 -5.98
C SER D 219 62.67 7.21 -5.52
N PHE D 220 62.32 6.25 -6.37
CA PHE D 220 61.23 5.32 -6.12
C PHE D 220 61.76 3.91 -6.09
N VAL D 221 61.23 3.09 -5.19
CA VAL D 221 61.53 1.67 -5.11
C VAL D 221 60.42 0.89 -5.80
N PHE D 222 60.73 0.13 -6.82
CA PHE D 222 59.69 -0.62 -7.51
C PHE D 222 59.75 -2.09 -7.15
N THR D 223 58.62 -2.77 -7.28
CA THR D 223 58.56 -4.21 -7.14
C THR D 223 57.75 -4.79 -8.29
N VAL D 224 58.38 -5.52 -9.19
CA VAL D 224 57.67 -6.11 -10.31
C VAL D 224 57.71 -7.61 -10.14
N GLU D 225 56.55 -8.25 -10.23
CA GLU D 225 56.54 -9.71 -10.20
C GLU D 225 55.55 -10.23 -11.23
N THR D 226 55.89 -11.36 -11.81
CA THR D 226 55.03 -11.93 -12.82
C THR D 226 54.54 -13.32 -12.43
N ASN D 227 54.14 -14.12 -13.42
CA ASN D 227 53.68 -15.47 -13.18
C ASN D 227 54.34 -16.49 -14.08
N GLY D 228 55.15 -16.07 -15.03
CA GLY D 228 55.85 -16.98 -15.92
C GLY D 228 55.56 -16.78 -17.39
N GLU D 229 54.65 -15.90 -17.75
CA GLU D 229 54.39 -15.65 -19.17
C GLU D 229 55.52 -14.87 -19.81
N LEU D 230 56.06 -13.89 -19.12
CA LEU D 230 57.14 -13.12 -19.71
C LEU D 230 58.25 -12.96 -18.69
N PRO D 231 59.50 -12.89 -19.14
CA PRO D 231 60.60 -12.58 -18.23
C PRO D 231 60.43 -11.20 -17.64
N VAL D 232 60.70 -11.08 -16.34
CA VAL D 232 60.47 -9.84 -15.63
C VAL D 232 61.41 -8.73 -16.10
N GLU D 233 62.57 -9.09 -16.65
CA GLU D 233 63.48 -8.12 -17.25
C GLU D 233 62.90 -7.44 -18.48
N GLU D 234 61.87 -8.02 -19.06
CA GLU D 234 61.34 -7.66 -20.36
C GLU D 234 60.11 -6.78 -20.26
N ILE D 235 59.34 -6.93 -19.18
CA ILE D 235 58.09 -6.21 -18.96
C ILE D 235 58.27 -4.70 -19.02
N VAL D 236 59.27 -4.17 -18.31
CA VAL D 236 59.53 -2.73 -18.32
C VAL D 236 59.90 -2.25 -19.72
N SER D 237 60.76 -3.00 -20.42
CA SER D 237 61.11 -2.70 -21.80
C SER D 237 59.88 -2.57 -22.70
N ILE D 238 59.02 -3.59 -22.71
CA ILE D 238 57.80 -3.55 -23.50
C ILE D 238 56.88 -2.39 -23.08
N ALA D 239 56.76 -2.15 -21.77
CA ALA D 239 55.90 -1.07 -21.26
C ALA D 239 56.28 0.31 -21.78
N LEU D 240 57.56 0.67 -21.69
CA LEU D 240 58.01 1.98 -22.17
C LEU D 240 57.76 2.18 -23.66
N LYS D 241 58.00 1.15 -24.48
CA LYS D 241 57.72 1.27 -25.91
C LYS D 241 56.26 1.58 -26.20
N ILE D 242 55.32 0.98 -25.46
CA ILE D 242 53.91 1.31 -25.64
C ILE D 242 53.65 2.78 -25.33
N LEU D 243 54.18 3.27 -24.22
CA LEU D 243 54.09 4.69 -23.83
C LEU D 243 54.58 5.62 -24.94
N MET D 244 55.81 5.41 -25.40
CA MET D 244 56.37 6.16 -26.51
C MET D 244 55.49 6.12 -27.75
N ARG D 245 55.04 4.92 -28.12
CA ARG D 245 54.19 4.73 -29.31
C ARG D 245 52.85 5.43 -29.16
N LYS D 246 52.30 5.40 -27.95
CA LYS D 246 51.02 6.04 -27.69
C LYS D 246 51.08 7.55 -27.89
N SER D 247 52.08 8.19 -27.29
CA SER D 247 52.28 9.63 -27.41
C SER D 247 52.51 10.10 -28.84
N ASP D 248 53.29 9.35 -29.61
CA ASP D 248 53.61 9.73 -30.99
C ASP D 248 52.38 9.92 -31.86
N ARG D 249 51.41 9.00 -31.78
CA ARG D 249 50.15 9.12 -32.52
C ARG D 249 49.45 10.45 -32.29
N PHE D 250 49.47 10.92 -31.05
CA PHE D 250 48.84 12.16 -30.64
C PHE D 250 49.31 13.35 -31.47
N ILE D 251 50.61 13.46 -31.73
CA ILE D 251 51.13 14.53 -32.57
C ILE D 251 50.57 14.44 -33.98
N ASN D 252 50.51 13.23 -34.54
CA ASN D 252 49.90 13.03 -35.85
C ASN D 252 48.44 13.44 -35.88
N GLU D 253 47.70 13.18 -34.81
CA GLU D 253 46.30 13.61 -34.76
C GLU D 253 46.16 15.11 -34.62
N LEU D 254 47.12 15.78 -33.98
CA LEU D 254 47.04 17.22 -33.80
C LEU D 254 47.09 17.97 -35.13
N HIS D 255 47.95 17.53 -36.05
CA HIS D 255 48.06 18.18 -37.36
C HIS D 255 46.81 18.02 -38.19
N LYS D 256 46.06 16.95 -37.97
CA LYS D 256 44.87 16.65 -38.74
C LYS D 256 43.64 17.38 -38.19
N LEU D 257 43.83 18.26 -37.21
CA LEU D 257 42.78 19.06 -36.62
C LEU D 257 42.71 20.46 -37.20
N ALA D 258 43.86 21.07 -37.47
CA ALA D 258 43.89 22.41 -38.03
C ALA D 258 44.53 22.41 -39.41
N MET E 1 -42.56 25.99 -51.45
CA MET E 1 -42.32 27.35 -51.00
C MET E 1 -41.07 27.38 -50.14
N TYR E 2 -40.29 28.43 -50.29
CA TYR E 2 -39.01 28.53 -49.64
C TYR E 2 -39.09 29.49 -48.46
N LYS E 3 -38.09 29.43 -47.59
CA LYS E 3 -38.02 30.30 -46.43
C LYS E 3 -36.57 30.67 -46.14
N LEU E 4 -36.36 31.91 -45.70
CA LEU E 4 -35.03 32.39 -45.32
C LEU E 4 -34.91 32.44 -43.80
N LEU E 5 -33.94 31.70 -43.26
CA LEU E 5 -33.69 31.56 -41.83
C LEU E 5 -32.42 32.25 -41.37
N LYS E 6 -32.53 33.07 -40.32
CA LYS E 6 -31.37 33.66 -39.63
C LYS E 6 -31.17 32.98 -38.26
N VAL E 7 -30.19 32.08 -38.16
CA VAL E 7 -29.98 31.23 -36.99
C VAL E 7 -28.54 31.34 -36.48
N LYS E 8 -28.37 31.50 -35.16
CA LYS E 8 -27.05 31.43 -34.53
C LYS E 8 -26.77 30.06 -33.92
N ASP E 9 -25.62 29.45 -34.27
CA ASP E 9 -25.21 28.17 -33.72
C ASP E 9 -23.76 28.28 -33.22
N VAL E 10 -23.13 27.15 -32.85
CA VAL E 10 -21.76 27.10 -32.37
C VAL E 10 -20.93 26.24 -33.32
N VAL E 11 -19.79 26.75 -33.77
CA VAL E 11 -18.96 26.05 -34.75
C VAL E 11 -17.62 25.70 -34.14
N ARG E 12 -17.13 24.49 -34.42
CA ARG E 12 -15.83 24.01 -34.00
C ARG E 12 -14.85 24.16 -35.16
N ILE E 13 -13.94 25.14 -35.08
CA ILE E 13 -12.98 25.41 -36.14
C ILE E 13 -11.74 24.56 -35.91
N PRO E 14 -11.42 23.61 -36.80
CA PRO E 14 -10.21 22.84 -36.65
C PRO E 14 -8.97 23.72 -36.75
N PRO E 15 -7.89 23.33 -36.08
CA PRO E 15 -6.62 24.05 -36.20
C PRO E 15 -6.02 23.99 -37.58
N ARG E 16 -6.41 23.03 -38.41
CA ARG E 16 -5.80 22.89 -39.73
C ARG E 16 -6.04 24.09 -40.65
N MET E 17 -7.00 24.96 -40.36
CA MET E 17 -7.29 26.16 -41.14
C MET E 17 -7.28 27.38 -40.23
N PHE E 18 -6.40 27.35 -39.23
CA PHE E 18 -6.29 28.35 -38.18
C PHE E 18 -5.65 29.64 -38.65
N THR E 19 -5.07 29.67 -39.85
CA THR E 19 -4.49 30.85 -40.47
C THR E 19 -5.40 31.52 -41.50
N MET E 20 -6.69 31.64 -41.23
CA MET E 20 -7.65 32.18 -42.18
C MET E 20 -8.75 32.87 -41.37
N ASP E 21 -9.13 34.07 -41.83
CA ASP E 21 -10.18 34.89 -41.21
C ASP E 21 -11.41 34.06 -40.87
N PRO E 22 -11.96 34.21 -39.67
CA PRO E 22 -12.99 33.28 -39.19
C PRO E 22 -14.27 33.22 -40.02
N LYS E 23 -14.66 34.32 -40.67
CA LYS E 23 -15.91 34.32 -41.41
C LYS E 23 -15.89 33.33 -42.58
N GLU E 24 -14.89 33.42 -43.46
CA GLU E 24 -14.78 32.42 -44.52
C GLU E 24 -14.50 31.03 -43.95
N ALA E 25 -13.59 30.94 -42.99
CA ALA E 25 -13.16 29.67 -42.41
C ALA E 25 -14.32 28.92 -41.78
N ALA E 26 -15.03 29.55 -40.83
CA ALA E 26 -16.19 28.90 -40.23
C ALA E 26 -17.26 28.55 -41.25
N LYS E 27 -17.40 29.35 -42.31
CA LYS E 27 -18.39 29.09 -43.34
C LYS E 27 -18.21 27.74 -44.01
N ILE E 28 -16.98 27.40 -44.42
CA ILE E 28 -16.75 26.10 -45.05
C ILE E 28 -17.03 24.96 -44.07
N VAL E 29 -16.51 25.05 -42.85
CA VAL E 29 -16.75 24.02 -41.84
C VAL E 29 -18.23 23.85 -41.55
N LEU E 30 -18.94 24.95 -41.31
CA LEU E 30 -20.37 24.90 -41.02
C LEU E 30 -21.15 24.32 -42.17
N ARG E 31 -20.73 24.61 -43.39
CA ARG E 31 -21.42 24.13 -44.58
C ARG E 31 -21.44 22.60 -44.66
N GLU E 32 -20.36 21.94 -44.30
CA GLU E 32 -20.40 20.48 -44.35
C GLU E 32 -21.02 19.84 -43.11
N THR E 33 -22.14 20.38 -42.64
CA THR E 33 -22.86 19.85 -41.49
C THR E 33 -24.36 19.93 -41.69
N TYR E 34 -24.85 20.82 -42.54
CA TYR E 34 -26.27 21.09 -42.72
C TYR E 34 -26.80 20.78 -44.10
N GLU E 35 -26.00 20.89 -45.16
CA GLU E 35 -26.52 20.68 -46.50
C GLU E 35 -26.99 19.24 -46.69
N GLY E 36 -28.18 19.05 -47.23
CA GLY E 36 -28.65 17.72 -47.49
C GLY E 36 -29.41 17.04 -46.38
N ILE E 37 -29.86 17.76 -45.36
CA ILE E 37 -30.42 17.14 -44.18
C ILE E 37 -31.81 17.70 -43.92
N TYR E 38 -32.74 16.81 -43.57
CA TYR E 38 -34.11 17.19 -43.24
C TYR E 38 -34.29 17.37 -41.74
N ASP E 39 -34.36 18.61 -41.27
CA ASP E 39 -34.76 18.86 -39.88
C ASP E 39 -36.27 18.79 -39.77
N ARG E 40 -36.75 17.85 -38.96
CA ARG E 40 -38.18 17.54 -38.80
C ARG E 40 -39.06 18.76 -38.58
N ASP E 41 -38.59 19.74 -37.80
CA ASP E 41 -39.39 20.95 -37.62
C ASP E 41 -39.45 21.80 -38.89
N GLU E 42 -38.31 22.29 -39.37
CA GLU E 42 -38.30 23.21 -40.49
C GLU E 42 -38.19 22.54 -41.86
N GLY E 43 -37.30 21.59 -42.06
CA GLY E 43 -37.25 20.96 -43.37
C GLY E 43 -35.92 20.86 -44.08
N VAL E 44 -35.92 20.82 -45.41
CA VAL E 44 -34.71 20.61 -46.19
C VAL E 44 -33.84 21.87 -46.18
N VAL E 45 -32.66 21.77 -45.57
CA VAL E 45 -31.65 22.83 -45.58
C VAL E 45 -30.90 22.74 -46.91
N LEU E 46 -31.21 23.65 -47.84
CA LEU E 46 -30.57 23.59 -49.15
C LEU E 46 -29.13 24.09 -49.13
N ALA E 47 -28.90 25.33 -48.70
CA ALA E 47 -27.54 25.89 -48.72
C ALA E 47 -27.45 27.11 -47.80
N ILE E 48 -26.29 27.24 -47.16
CA ILE E 48 -25.90 28.38 -46.36
C ILE E 48 -25.60 29.60 -47.23
N LEU E 49 -26.45 30.63 -47.13
CA LEU E 49 -26.24 31.86 -47.89
C LEU E 49 -24.94 32.56 -47.47
N ASP E 50 -24.83 32.93 -46.20
CA ASP E 50 -23.67 33.68 -45.71
C ASP E 50 -23.59 33.62 -44.19
N VAL E 51 -22.47 34.15 -43.67
CA VAL E 51 -22.21 34.23 -42.23
C VAL E 51 -22.08 35.69 -41.83
N GLU E 52 -23.09 36.22 -41.13
CA GLU E 52 -23.08 37.63 -40.74
C GLU E 52 -21.98 38.04 -39.77
N GLU E 53 -22.05 37.62 -38.51
CA GLU E 53 -21.04 37.95 -37.51
C GLU E 53 -20.63 36.71 -36.74
N ILE E 54 -19.38 36.68 -36.30
CA ILE E 54 -18.85 35.59 -35.49
C ILE E 54 -18.13 36.15 -34.28
N SER E 55 -18.35 35.51 -33.14
CA SER E 55 -17.77 35.96 -31.88
C SER E 55 -16.33 35.45 -31.70
N GLU E 56 -15.78 35.75 -30.53
CA GLU E 56 -14.43 35.37 -30.13
C GLU E 56 -14.29 33.86 -29.93
N GLY E 57 -13.05 33.39 -29.95
CA GLY E 57 -12.75 31.97 -29.72
C GLY E 57 -12.57 31.61 -28.25
N VAL E 58 -13.00 30.39 -27.89
CA VAL E 58 -12.87 29.83 -26.54
C VAL E 58 -12.31 28.41 -26.63
N ILE E 59 -11.25 28.13 -25.86
CA ILE E 59 -10.61 26.81 -25.81
C ILE E 59 -11.16 26.00 -24.64
N VAL E 60 -11.43 24.73 -24.89
CA VAL E 60 -11.96 23.82 -23.87
C VAL E 60 -10.91 22.77 -23.54
N PRO E 61 -10.66 22.44 -22.25
CA PRO E 61 -9.71 21.37 -21.89
C PRO E 61 -9.89 20.01 -22.53
N GLY E 62 -8.91 19.59 -23.33
CA GLY E 62 -8.95 18.28 -23.94
C GLY E 62 -8.92 18.21 -25.45
N ASP E 63 -9.66 19.08 -26.13
CA ASP E 63 -9.76 19.00 -27.58
C ASP E 63 -8.58 19.69 -28.26
N GLY E 64 -8.44 20.99 -28.02
CA GLY E 64 -7.42 21.77 -28.65
C GLY E 64 -7.91 22.69 -29.74
N ALA E 65 -9.06 22.40 -30.33
CA ALA E 65 -9.63 23.31 -31.32
C ALA E 65 -10.25 24.52 -30.61
N THR E 66 -10.92 25.37 -31.38
CA THR E 66 -11.49 26.63 -30.92
C THR E 66 -12.98 26.69 -31.22
N TYR E 67 -13.80 26.96 -30.20
CA TYR E 67 -15.25 27.07 -30.35
C TYR E 67 -15.69 28.51 -30.51
N HIS E 68 -16.54 28.78 -31.51
CA HIS E 68 -17.05 30.12 -31.79
C HIS E 68 -18.56 30.11 -31.87
N GLU E 69 -19.16 31.24 -31.52
CA GLU E 69 -20.60 31.47 -31.63
C GLU E 69 -20.90 32.32 -32.87
N ALA E 70 -21.27 31.67 -33.97
CA ALA E 70 -21.45 32.35 -35.24
C ALA E 70 -22.91 32.72 -35.50
N ILE E 71 -23.11 33.61 -36.46
CA ILE E 71 -24.44 34.02 -36.94
C ILE E 71 -24.47 33.87 -38.44
N PHE E 72 -25.46 33.13 -38.96
CA PHE E 72 -25.52 32.82 -40.38
C PHE E 72 -26.95 32.81 -40.88
N ASN E 73 -27.09 32.84 -42.21
CA ASN E 73 -28.36 32.83 -42.89
C ASN E 73 -28.54 31.54 -43.66
N VAL E 74 -29.74 30.96 -43.61
CA VAL E 74 -30.00 29.66 -44.21
C VAL E 74 -31.20 29.80 -45.13
N LEU E 75 -31.27 28.92 -46.12
CA LEU E 75 -32.40 28.78 -47.02
C LEU E 75 -33.00 27.40 -46.88
N VAL E 76 -34.27 27.34 -46.50
CA VAL E 76 -34.93 26.07 -46.25
C VAL E 76 -36.16 25.95 -47.13
N TRP E 77 -36.77 24.77 -47.10
CA TRP E 77 -37.94 24.43 -47.90
C TRP E 77 -38.85 23.62 -47.01
N GLU E 78 -40.07 24.12 -46.78
CA GLU E 78 -41.02 23.43 -45.93
C GLU E 78 -42.33 23.11 -46.64
N PRO E 79 -42.66 21.85 -46.79
CA PRO E 79 -43.97 21.46 -47.33
C PRO E 79 -45.01 21.31 -46.22
N ARG E 80 -45.57 22.43 -45.79
CA ARG E 80 -46.58 22.40 -44.73
C ARG E 80 -47.87 21.79 -45.27
N ASN E 81 -48.68 21.26 -44.37
CA ASN E 81 -49.91 20.56 -44.75
C ASN E 81 -50.92 21.49 -45.42
N GLN E 82 -51.59 20.94 -46.44
CA GLN E 82 -52.65 21.54 -47.25
C GLN E 82 -52.20 22.85 -47.91
N GLU E 83 -50.91 22.97 -48.20
CA GLU E 83 -50.39 24.12 -48.90
C GLU E 83 -50.42 23.80 -50.39
N VAL E 84 -50.88 24.77 -51.19
CA VAL E 84 -51.04 24.53 -52.62
C VAL E 84 -49.70 24.74 -53.33
N VAL E 85 -49.29 23.73 -54.10
CA VAL E 85 -48.02 23.74 -54.80
C VAL E 85 -48.24 23.36 -56.26
N GLU E 86 -47.23 23.63 -57.08
CA GLU E 86 -47.24 23.32 -58.50
C GLU E 86 -45.98 22.53 -58.85
N GLY E 87 -46.11 21.57 -59.76
CA GLY E 87 -44.98 20.73 -60.09
C GLY E 87 -45.04 20.18 -61.50
N GLU E 88 -44.06 19.33 -61.82
CA GLU E 88 -43.93 18.74 -63.14
C GLU E 88 -43.84 17.22 -63.05
N VAL E 89 -44.73 16.52 -63.77
CA VAL E 89 -44.73 15.06 -63.84
C VAL E 89 -43.45 14.56 -64.46
N VAL E 90 -42.64 13.86 -63.67
CA VAL E 90 -41.33 13.38 -64.13
C VAL E 90 -41.21 11.87 -64.11
N GLU E 91 -42.31 11.14 -63.84
CA GLU E 91 -42.22 9.69 -63.75
C GLU E 91 -43.61 9.08 -63.92
N MET E 92 -43.68 8.01 -64.71
CA MET E 92 -44.92 7.28 -64.97
C MET E 92 -44.83 5.86 -64.46
N MET E 93 -45.84 5.43 -63.72
CA MET E 93 -45.94 4.11 -63.11
C MET E 93 -47.36 3.61 -63.35
N PRO E 94 -47.59 2.30 -63.33
CA PRO E 94 -48.96 1.80 -63.59
C PRO E 94 -49.96 2.04 -62.47
N TYR E 95 -49.57 2.66 -61.36
CA TYR E 95 -50.45 2.85 -60.22
C TYR E 95 -50.45 4.28 -59.71
N GLY E 96 -49.59 5.14 -60.23
CA GLY E 96 -49.51 6.51 -59.76
C GLY E 96 -48.53 7.30 -60.60
N ALA E 97 -48.28 8.53 -60.17
CA ALA E 97 -47.42 9.45 -60.91
C ALA E 97 -46.60 10.30 -59.96
N PHE E 98 -45.28 10.24 -60.10
CA PHE E 98 -44.40 11.06 -59.28
C PHE E 98 -44.29 12.44 -59.89
N ILE E 99 -44.55 13.47 -59.09
CA ILE E 99 -44.52 14.85 -59.56
C ILE E 99 -43.51 15.61 -58.74
N ARG E 100 -42.41 15.98 -59.38
CA ARG E 100 -41.39 16.83 -58.79
C ARG E 100 -41.92 18.24 -58.57
N ILE E 101 -42.00 18.67 -57.32
CA ILE E 101 -42.48 20.01 -57.01
C ILE E 101 -41.38 20.88 -56.45
N GLY E 102 -40.16 20.37 -56.42
CA GLY E 102 -39.04 21.08 -55.85
C GLY E 102 -37.90 20.12 -55.64
N PRO E 103 -37.28 20.17 -54.46
CA PRO E 103 -36.21 19.22 -54.16
C PRO E 103 -36.72 17.81 -53.93
N MET E 104 -38.02 17.61 -53.75
CA MET E 104 -38.61 16.31 -53.51
C MET E 104 -39.65 16.01 -54.58
N ASP E 105 -40.22 14.82 -54.50
CA ASP E 105 -41.28 14.41 -55.40
C ASP E 105 -42.58 14.18 -54.64
N GLY E 106 -43.70 14.45 -55.31
CA GLY E 106 -45.00 14.21 -54.72
C GLY E 106 -45.84 13.22 -55.49
N LEU E 107 -46.09 12.06 -54.90
CA LEU E 107 -46.91 11.04 -55.54
C LEU E 107 -48.39 11.34 -55.42
N VAL E 108 -49.09 11.34 -56.55
CA VAL E 108 -50.55 11.39 -56.57
C VAL E 108 -51.05 10.13 -57.24
N HIS E 109 -51.87 9.38 -56.51
CA HIS E 109 -52.47 8.14 -56.99
C HIS E 109 -53.56 8.41 -58.04
N ILE E 110 -53.82 7.38 -58.84
CA ILE E 110 -54.77 7.47 -59.94
C ILE E 110 -56.22 7.63 -59.48
N SER E 111 -56.55 7.25 -58.25
CA SER E 111 -57.92 7.41 -57.78
C SER E 111 -58.20 8.81 -57.24
N GLN E 112 -57.19 9.68 -57.18
CA GLN E 112 -57.37 11.03 -56.70
C GLN E 112 -56.97 12.05 -57.76
N LEU E 113 -57.10 11.69 -59.03
CA LEU E 113 -56.72 12.60 -60.11
C LEU E 113 -57.90 13.48 -60.50
N MET E 114 -58.94 12.86 -61.04
CA MET E 114 -60.06 13.56 -61.63
C MET E 114 -61.36 12.82 -61.29
N ASP E 115 -62.47 13.54 -61.36
CA ASP E 115 -63.79 12.95 -61.14
C ASP E 115 -64.23 12.11 -62.34
N ASP E 116 -63.48 11.06 -62.68
CA ASP E 116 -63.79 10.27 -63.86
C ASP E 116 -63.04 8.95 -63.76
N TYR E 117 -63.56 7.95 -64.48
CA TYR E 117 -62.95 6.62 -64.51
C TYR E 117 -61.68 6.67 -65.37
N VAL E 118 -60.54 6.42 -64.76
CA VAL E 118 -59.24 6.48 -65.43
C VAL E 118 -58.74 5.06 -65.66
N VAL E 119 -58.24 4.80 -66.87
CA VAL E 119 -57.64 3.51 -67.20
C VAL E 119 -56.19 3.72 -67.61
N PHE E 120 -55.34 2.73 -67.26
CA PHE E 120 -53.93 2.74 -67.60
C PHE E 120 -53.68 2.12 -68.97
N ASP E 121 -53.17 2.93 -69.89
CA ASP E 121 -52.73 2.44 -71.18
C ASP E 121 -51.52 1.56 -70.92
N GLU E 122 -51.65 0.26 -71.18
CA GLU E 122 -50.58 -0.68 -70.87
C GLU E 122 -49.39 -0.52 -71.82
N LYS E 123 -49.66 -0.51 -73.13
CA LYS E 123 -48.61 -0.45 -74.15
C LYS E 123 -47.73 0.79 -74.00
N ASN E 124 -48.33 1.91 -73.60
CA ASN E 124 -47.59 3.13 -73.37
C ASN E 124 -47.48 3.35 -71.87
N ARG E 125 -46.98 4.51 -71.49
CA ARG E 125 -46.86 4.89 -70.08
C ARG E 125 -47.71 6.14 -69.83
N GLN E 126 -49.03 5.94 -69.78
CA GLN E 126 -49.96 7.04 -69.66
C GLN E 126 -51.27 6.52 -69.11
N PHE E 127 -52.05 7.43 -68.56
CA PHE E 127 -53.39 7.16 -68.08
C PHE E 127 -54.42 7.81 -68.99
N ILE E 128 -55.48 7.08 -69.30
CA ILE E 128 -56.55 7.53 -70.18
C ILE E 128 -57.85 7.45 -69.42
N GLY E 129 -58.67 8.50 -69.52
CA GLY E 129 -59.96 8.51 -68.88
C GLY E 129 -61.05 7.90 -69.74
N LYS E 130 -62.04 7.31 -69.07
CA LYS E 130 -63.12 6.63 -69.79
C LYS E 130 -64.06 7.57 -70.51
N GLU E 131 -64.83 8.35 -69.75
CA GLU E 131 -65.75 9.34 -70.30
C GLU E 131 -65.04 10.42 -71.11
N THR E 132 -64.27 11.27 -70.46
CA THR E 132 -63.48 12.27 -71.17
C THR E 132 -62.23 11.60 -71.69
N ASN E 133 -61.89 11.87 -72.95
CA ASN E 133 -60.77 11.22 -73.60
C ASN E 133 -59.41 11.90 -73.28
N ARG E 134 -59.35 12.63 -72.16
CA ARG E 134 -58.13 13.28 -71.73
C ARG E 134 -57.07 12.27 -71.31
N VAL E 135 -55.84 12.46 -71.79
CA VAL E 135 -54.73 11.55 -71.53
C VAL E 135 -53.65 12.37 -70.83
N LEU E 136 -53.06 11.80 -69.78
CA LEU E 136 -52.02 12.46 -69.02
C LEU E 136 -50.74 11.63 -69.09
N LYS E 137 -49.64 12.26 -69.47
CA LYS E 137 -48.39 11.55 -69.64
C LYS E 137 -47.23 12.36 -69.07
N LEU E 138 -46.02 11.99 -69.51
CA LEU E 138 -44.77 12.57 -69.01
C LEU E 138 -44.54 14.00 -69.49
N GLY E 139 -44.07 14.84 -68.59
CA GLY E 139 -43.70 16.21 -68.88
C GLY E 139 -44.79 17.23 -68.75
N ASP E 140 -45.98 16.83 -68.33
CA ASP E 140 -47.09 17.75 -68.19
C ASP E 140 -46.93 18.60 -66.94
N TYR E 141 -47.46 19.82 -67.00
CA TYR E 141 -47.42 20.76 -65.90
C TYR E 141 -48.74 20.64 -65.15
N VAL E 142 -48.68 20.46 -63.83
CA VAL E 142 -49.88 20.26 -63.03
C VAL E 142 -49.88 21.18 -61.82
N ARG E 143 -51.04 21.26 -61.19
CA ARG E 143 -51.26 22.00 -59.95
C ARG E 143 -51.96 21.09 -58.96
N ALA E 144 -51.39 20.90 -57.78
CA ALA E 144 -51.95 19.96 -56.81
C ALA E 144 -51.98 20.57 -55.42
N ARG E 145 -52.53 19.82 -54.46
CA ARG E 145 -52.62 20.24 -53.07
C ARG E 145 -52.08 19.15 -52.16
N ILE E 146 -51.20 19.52 -51.23
CA ILE E 146 -50.63 18.60 -50.25
C ILE E 146 -51.71 18.02 -49.35
N ILE E 147 -51.71 16.70 -49.20
CA ILE E 147 -52.68 16.04 -48.34
C ILE E 147 -52.06 15.26 -47.19
N GLY E 148 -50.78 14.91 -47.25
CA GLY E 148 -50.17 14.17 -46.17
C GLY E 148 -48.65 14.17 -46.26
N VAL E 149 -47.99 14.26 -45.11
CA VAL E 149 -46.54 14.26 -45.04
C VAL E 149 -46.09 13.14 -44.12
N SER E 150 -45.18 12.31 -44.60
CA SER E 150 -44.63 11.19 -43.84
C SER E 150 -43.18 11.52 -43.49
N VAL E 151 -42.94 12.00 -42.28
CA VAL E 151 -41.61 12.39 -41.83
C VAL E 151 -41.01 11.22 -41.07
N LYS E 152 -40.28 10.36 -41.79
CA LYS E 152 -39.62 9.25 -41.12
C LYS E 152 -38.19 9.54 -40.68
N SER E 153 -37.24 9.33 -41.59
CA SER E 153 -35.81 9.52 -41.34
C SER E 153 -35.33 10.94 -41.62
N ARG E 154 -34.07 11.18 -41.26
CA ARG E 154 -33.37 12.41 -41.58
C ARG E 154 -32.91 12.46 -43.03
N VAL E 155 -32.82 11.30 -43.68
CA VAL E 155 -32.47 11.21 -45.09
C VAL E 155 -33.64 11.65 -45.96
N ILE E 156 -33.40 12.65 -46.82
CA ILE E 156 -34.41 13.21 -47.73
C ILE E 156 -35.05 12.14 -48.60
N ARG E 157 -34.32 11.08 -48.92
CA ARG E 157 -34.80 10.05 -49.83
C ARG E 157 -35.75 9.07 -49.13
N GLU E 158 -35.96 9.23 -47.82
CA GLU E 158 -36.82 8.32 -47.08
C GLU E 158 -38.15 8.93 -46.63
N ASN E 159 -38.32 10.24 -46.73
CA ASN E 159 -39.59 10.86 -46.39
C ASN E 159 -40.43 11.05 -47.64
N LYS E 160 -41.74 10.82 -47.51
CA LYS E 160 -42.64 10.77 -48.64
C LYS E 160 -43.87 11.64 -48.42
N ILE E 161 -44.25 12.39 -49.45
CA ILE E 161 -45.34 13.35 -49.39
C ILE E 161 -46.54 12.80 -50.15
N ASN E 162 -47.74 12.97 -49.58
CA ASN E 162 -48.98 12.53 -50.21
C ASN E 162 -49.80 13.75 -50.59
N MET E 163 -50.36 13.74 -51.81
CA MET E 163 -51.13 14.86 -52.31
C MET E 163 -52.39 14.36 -53.02
N THR E 164 -53.24 15.31 -53.41
CA THR E 164 -54.46 15.01 -54.16
C THR E 164 -54.82 16.16 -55.09
N MET E 165 -55.46 15.82 -56.21
CA MET E 165 -55.91 16.80 -57.18
C MET E 165 -57.41 16.74 -57.46
N ARG E 166 -58.19 16.05 -56.64
CA ARG E 166 -59.59 15.81 -56.94
C ARG E 166 -60.50 16.98 -56.51
N GLN E 167 -60.14 18.21 -56.88
CA GLN E 167 -60.91 19.40 -56.57
C GLN E 167 -60.96 20.29 -57.82
N PRO E 168 -62.05 21.05 -58.00
CA PRO E 168 -62.18 21.97 -59.14
C PRO E 168 -61.04 22.98 -59.25
N GLY E 169 -60.37 22.97 -60.40
CA GLY E 169 -59.25 23.86 -60.64
C GLY E 169 -57.89 23.23 -60.49
N LEU E 170 -57.80 21.91 -60.47
CA LEU E 170 -56.56 21.19 -60.30
C LEU E 170 -56.34 20.30 -61.52
N GLY E 171 -55.16 19.69 -61.57
CA GLY E 171 -54.83 18.86 -62.72
C GLY E 171 -53.95 19.61 -63.69
N LYS E 172 -53.86 19.03 -64.89
CA LYS E 172 -53.08 19.65 -65.97
C LYS E 172 -53.66 21.02 -66.31
N PHE E 173 -52.77 21.94 -66.64
CA PHE E 173 -53.16 23.31 -66.91
C PHE E 173 -54.09 23.43 -68.10
N GLU E 174 -53.90 22.58 -69.12
CA GLU E 174 -54.75 22.64 -70.31
C GLU E 174 -56.17 22.17 -70.04
N TRP E 175 -56.37 21.22 -69.13
CA TRP E 175 -57.72 20.75 -68.80
C TRP E 175 -58.52 21.86 -68.12
N ILE E 176 -57.91 22.51 -67.13
CA ILE E 176 -58.51 23.63 -66.38
C ILE E 176 -59.06 24.68 -67.33
N GLU E 177 -58.31 25.02 -68.38
CA GLU E 177 -58.72 26.08 -69.30
C GLU E 177 -59.94 25.68 -70.13
N LYS E 178 -59.99 24.43 -70.56
CA LYS E 178 -61.12 23.97 -71.36
C LYS E 178 -62.39 23.84 -70.53
N GLU E 179 -62.26 23.64 -69.22
CA GLU E 179 -63.41 23.49 -68.34
C GLU E 179 -64.04 24.81 -67.93
N LYS E 180 -63.28 25.92 -68.00
CA LYS E 180 -63.76 27.22 -67.54
C LYS E 180 -65.02 27.72 -68.26
N LYS E 181 -65.34 27.20 -69.44
CA LYS E 181 -66.60 27.57 -70.09
C LYS E 181 -67.53 26.38 -70.15
N MET F 1 -34.24 21.09 -33.52
CA MET F 1 -33.93 22.51 -33.61
C MET F 1 -32.72 22.82 -34.47
N ILE F 2 -32.81 23.84 -35.32
CA ILE F 2 -31.63 24.36 -35.98
C ILE F 2 -30.94 25.26 -34.97
N GLY F 3 -29.77 24.86 -34.48
CA GLY F 3 -29.06 25.75 -33.57
C GLY F 3 -29.75 25.92 -32.22
N ARG F 4 -29.34 26.99 -31.53
CA ARG F 4 -29.93 27.31 -30.24
C ARG F 4 -31.33 27.88 -30.41
N LYS F 5 -31.43 28.94 -31.21
CA LYS F 5 -32.69 29.62 -31.36
C LYS F 5 -32.87 30.15 -32.77
N LYS F 6 -34.12 30.22 -33.17
CA LYS F 6 -34.51 30.85 -34.42
C LYS F 6 -34.83 32.30 -34.09
N LEU F 7 -34.10 33.24 -34.67
CA LEU F 7 -34.33 34.62 -34.28
C LEU F 7 -35.10 35.42 -35.33
N GLU F 8 -35.12 34.97 -36.59
CA GLU F 8 -35.76 35.74 -37.65
C GLU F 8 -35.99 34.81 -38.84
N GLU F 9 -37.17 34.91 -39.44
CA GLU F 9 -37.51 34.14 -40.63
C GLU F 9 -38.25 35.01 -41.62
N HIS F 10 -38.13 34.69 -42.91
CA HIS F 10 -38.77 35.45 -43.96
C HIS F 10 -39.25 34.55 -45.08
N TYR F 11 -40.41 34.88 -45.62
CA TYR F 11 -41.03 34.15 -46.72
C TYR F 11 -40.59 34.71 -48.06
N ILE F 12 -40.10 33.84 -48.94
CA ILE F 12 -39.46 34.23 -50.19
C ILE F 12 -40.18 33.57 -51.35
N THR F 13 -40.38 34.30 -52.45
CA THR F 13 -40.98 33.72 -53.65
C THR F 13 -39.98 32.80 -54.33
N ILE F 14 -40.49 31.97 -55.24
CA ILE F 14 -39.64 31.04 -55.98
C ILE F 14 -38.71 31.77 -56.95
N ALA F 15 -39.20 32.84 -57.57
CA ALA F 15 -38.40 33.56 -58.58
C ALA F 15 -37.16 34.20 -57.97
N GLU F 16 -37.31 34.89 -56.85
CA GLU F 16 -36.19 35.51 -56.17
C GLU F 16 -35.19 34.50 -55.64
N ALA F 17 -35.68 33.35 -55.19
CA ALA F 17 -34.81 32.31 -54.65
C ALA F 17 -33.89 31.71 -55.71
N LYS F 18 -34.32 31.70 -56.97
CA LYS F 18 -33.53 31.16 -58.07
C LYS F 18 -32.17 31.82 -58.18
N GLU F 19 -32.13 33.15 -58.01
CA GLU F 19 -30.87 33.89 -58.08
C GLU F 19 -29.92 33.48 -56.97
N LEU F 20 -30.45 33.29 -55.76
CA LEU F 20 -29.61 32.89 -54.63
C LEU F 20 -28.98 31.54 -54.86
N LEU F 21 -29.73 30.62 -55.46
CA LEU F 21 -29.17 29.32 -55.79
C LEU F 21 -28.14 29.44 -56.89
N GLU F 22 -28.42 30.30 -57.88
CA GLU F 22 -27.48 30.53 -58.97
C GLU F 22 -26.21 31.19 -58.49
N ARG F 23 -26.33 32.10 -57.53
CA ARG F 23 -25.15 32.69 -56.91
C ARG F 23 -24.36 31.62 -56.18
N ARG F 24 -25.05 30.83 -55.34
CA ARG F 24 -24.47 29.68 -54.67
C ARG F 24 -23.89 28.70 -55.68
N HIS F 25 -24.56 28.56 -56.83
CA HIS F 25 -24.07 27.68 -57.89
C HIS F 25 -22.77 28.22 -58.43
N ALA F 26 -22.71 29.53 -58.68
CA ALA F 26 -21.51 30.17 -59.20
C ALA F 26 -20.32 29.98 -58.26
N GLU F 27 -20.54 29.98 -56.95
CA GLU F 27 -19.45 29.62 -56.04
C GLU F 27 -19.22 28.12 -56.11
N GLY F 28 -17.95 27.71 -56.09
CA GLY F 28 -17.68 26.27 -56.08
C GLY F 28 -17.94 25.56 -57.39
N LEU F 29 -17.21 25.74 -58.51
CA LEU F 29 -16.08 26.65 -58.84
C LEU F 29 -14.94 26.86 -57.85
N ALA F 30 -14.40 25.76 -57.34
CA ALA F 30 -13.24 25.79 -56.49
C ALA F 30 -12.20 24.78 -56.93
N GLU F 31 -12.55 23.88 -57.86
CA GLU F 31 -11.68 22.95 -58.58
C GLU F 31 -10.93 21.89 -57.78
N ASN F 32 -10.61 22.15 -56.50
CA ASN F 32 -9.77 21.20 -55.76
C ASN F 32 -10.50 19.87 -55.55
N PRO F 33 -11.79 19.84 -55.14
CA PRO F 33 -12.53 18.59 -55.28
C PRO F 33 -13.51 18.70 -56.43
N GLU F 34 -13.44 19.84 -57.15
CA GLU F 34 -14.36 20.38 -58.17
C GLU F 34 -15.67 20.88 -57.55
N GLU F 35 -16.12 20.23 -56.47
CA GLU F 35 -17.25 20.55 -55.63
C GLU F 35 -18.52 20.61 -56.46
N PRO F 36 -19.08 19.49 -56.89
CA PRO F 36 -20.39 19.56 -57.52
C PRO F 36 -21.43 19.75 -56.44
N MET F 37 -22.48 20.47 -56.79
CA MET F 37 -23.61 20.61 -55.89
C MET F 37 -24.28 19.25 -55.82
N PHE F 38 -24.71 18.86 -54.64
CA PHE F 38 -25.36 17.56 -54.48
C PHE F 38 -26.68 17.51 -55.24
N TYR F 39 -27.18 16.27 -55.41
CA TYR F 39 -28.25 15.93 -56.34
C TYR F 39 -29.50 16.77 -56.15
N GLU F 40 -30.03 16.80 -54.92
CA GLU F 40 -31.27 17.51 -54.63
C GLU F 40 -31.13 19.01 -54.85
N ALA F 41 -29.94 19.56 -54.65
CA ALA F 41 -29.73 20.95 -54.96
C ALA F 41 -29.75 21.19 -56.47
N ARG F 42 -29.17 20.25 -57.22
CA ARG F 42 -29.16 20.35 -58.68
C ARG F 42 -30.56 20.22 -59.26
N VAL F 43 -31.38 19.35 -58.67
CA VAL F 43 -32.75 19.16 -59.12
C VAL F 43 -33.58 20.43 -58.93
N SER F 44 -33.44 21.08 -57.78
CA SER F 44 -34.19 22.29 -57.46
C SER F 44 -33.94 23.42 -58.45
N LEU F 45 -32.70 23.52 -58.94
CA LEU F 45 -32.37 24.55 -59.92
C LEU F 45 -33.20 24.41 -61.20
N GLU F 46 -33.25 23.20 -61.76
CA GLU F 46 -34.05 22.93 -62.96
C GLU F 46 -35.52 23.27 -62.76
N HIS F 47 -36.08 22.87 -61.62
CA HIS F 47 -37.46 23.19 -61.29
C HIS F 47 -37.69 24.70 -61.21
N ALA F 48 -36.70 25.42 -60.70
CA ALA F 48 -36.80 26.86 -60.57
C ALA F 48 -36.86 27.54 -61.94
N GLU F 49 -36.14 26.99 -62.93
CA GLU F 49 -36.07 27.57 -64.27
C GLU F 49 -37.44 27.71 -64.96
N ARG F 50 -38.35 26.80 -64.69
CA ARG F 50 -39.60 26.78 -65.43
C ARG F 50 -40.72 27.62 -64.81
N PHE F 51 -40.72 27.81 -63.51
CA PHE F 51 -41.86 28.44 -62.85
C PHE F 51 -41.65 29.91 -62.49
N ALA F 52 -40.50 30.49 -62.82
CA ALA F 52 -40.29 31.92 -62.59
C ALA F 52 -41.08 32.81 -63.53
N LYS F 53 -42.28 33.22 -63.12
CA LYS F 53 -43.15 34.03 -63.98
C LYS F 53 -42.81 35.51 -64.00
N LEU F 54 -42.10 36.02 -62.99
CA LEU F 54 -41.78 37.44 -62.91
C LEU F 54 -40.28 37.70 -62.83
N LYS F 55 -39.94 38.96 -63.04
CA LYS F 55 -38.58 39.41 -62.82
C LYS F 55 -38.33 39.52 -61.32
N PRO F 56 -37.10 39.16 -60.85
CA PRO F 56 -36.71 39.26 -59.43
C PRO F 56 -37.12 40.52 -58.68
N GLU F 57 -36.96 41.67 -59.30
CA GLU F 57 -37.17 42.91 -58.58
C GLU F 57 -38.64 43.30 -58.51
N GLN F 58 -39.38 43.08 -59.59
CA GLN F 58 -40.80 43.44 -59.62
C GLN F 58 -41.64 42.57 -58.68
N ALA F 59 -41.12 41.40 -58.30
CA ALA F 59 -41.82 40.55 -57.36
C ALA F 59 -41.84 41.19 -55.97
N ARG F 60 -40.72 41.81 -55.59
CA ARG F 60 -40.63 42.54 -54.33
C ARG F 60 -41.67 43.65 -54.25
N GLU F 61 -41.80 44.43 -55.33
CA GLU F 61 -42.74 45.55 -55.36
C GLU F 61 -44.18 45.07 -55.18
N LEU F 62 -44.53 43.96 -55.81
CA LEU F 62 -45.88 43.42 -55.65
C LEU F 62 -46.06 42.84 -54.25
N LYS F 63 -45.00 42.24 -53.71
CA LYS F 63 -45.06 41.60 -52.40
C LYS F 63 -45.34 42.64 -51.32
N GLU F 64 -44.70 43.79 -51.40
CA GLU F 64 -44.97 44.88 -50.48
C GLU F 64 -46.38 45.43 -50.72
N LYS F 65 -46.78 45.54 -51.98
CA LYS F 65 -48.07 46.13 -52.34
C LYS F 65 -49.24 45.28 -51.87
N LEU F 66 -49.10 43.96 -51.95
CA LEU F 66 -50.17 43.07 -51.54
C LEU F 66 -50.37 43.06 -50.04
N MET F 67 -49.30 43.29 -49.29
CA MET F 67 -49.41 43.33 -47.84
C MET F 67 -50.18 44.56 -47.39
N GLY F 68 -50.06 45.66 -48.10
CA GLY F 68 -50.75 46.88 -47.75
C GLY F 68 -52.15 46.98 -48.29
N LEU F 69 -52.62 45.99 -49.06
CA LEU F 69 -53.96 46.07 -49.61
C LEU F 69 -55.03 45.72 -48.57
N PHE F 70 -54.78 44.72 -47.75
CA PHE F 70 -55.71 44.32 -46.71
C PHE F 70 -54.96 43.87 -45.47
N ASP F 71 -55.64 44.00 -44.33
CA ASP F 71 -55.06 43.58 -43.06
C ASP F 71 -55.06 42.07 -42.93
N TRP F 72 -56.04 41.39 -43.53
CA TRP F 72 -56.17 39.95 -43.43
C TRP F 72 -55.30 39.21 -44.45
N ILE F 73 -54.50 39.93 -45.23
CA ILE F 73 -53.54 39.34 -46.15
C ILE F 73 -52.17 39.47 -45.49
N ASN F 74 -51.66 38.39 -44.90
CA ASN F 74 -50.34 38.49 -44.30
C ASN F 74 -49.27 38.26 -45.37
N GLU F 75 -48.02 38.13 -44.94
CA GLU F 75 -46.93 38.02 -45.89
C GLU F 75 -46.91 36.67 -46.58
N ARG F 76 -47.24 35.59 -45.86
CA ARG F 76 -47.21 34.26 -46.46
C ARG F 76 -48.27 34.12 -47.53
N ILE F 77 -49.49 34.55 -47.23
CA ILE F 77 -50.59 34.44 -48.18
C ILE F 77 -50.31 35.31 -49.40
N ALA F 78 -49.80 36.51 -49.18
CA ALA F 78 -49.44 37.40 -50.29
C ALA F 78 -48.31 36.83 -51.13
N ALA F 79 -47.31 36.24 -50.48
CA ALA F 79 -46.23 35.59 -51.21
C ALA F 79 -46.74 34.41 -52.02
N LYS F 80 -47.71 33.69 -51.46
CA LYS F 80 -48.28 32.54 -52.17
C LYS F 80 -49.00 32.98 -53.42
N LEU F 81 -49.72 34.11 -53.35
CA LEU F 81 -50.38 34.68 -54.52
C LEU F 81 -49.40 34.99 -55.64
N VAL F 82 -48.19 35.43 -55.29
CA VAL F 82 -47.21 35.73 -56.31
C VAL F 82 -46.69 34.45 -56.93
N ASP F 83 -46.66 33.37 -56.16
CA ASP F 83 -46.19 32.10 -56.68
C ASP F 83 -47.20 31.48 -57.63
N ILE F 84 -48.49 31.62 -57.32
CA ILE F 84 -49.51 30.98 -58.15
C ILE F 84 -49.86 31.84 -59.36
N LEU F 85 -49.84 33.17 -59.19
CA LEU F 85 -50.31 34.18 -60.12
C LEU F 85 -51.76 33.91 -60.54
N PRO F 86 -52.73 34.13 -59.65
CA PRO F 86 -54.13 33.91 -59.99
C PRO F 86 -54.59 34.79 -61.14
N GLU F 87 -55.39 34.22 -62.02
CA GLU F 87 -55.85 34.96 -63.19
C GLU F 87 -57.22 35.60 -62.96
N ASP F 88 -58.14 34.89 -62.32
CA ASP F 88 -59.47 35.42 -62.07
C ASP F 88 -59.96 34.90 -60.72
N TYR F 89 -61.28 34.96 -60.51
CA TYR F 89 -61.87 34.63 -59.22
C TYR F 89 -61.76 33.14 -58.91
N LEU F 90 -61.74 32.30 -59.94
CA LEU F 90 -61.68 30.86 -59.75
C LEU F 90 -60.40 30.43 -59.04
N ASP F 91 -59.25 31.03 -59.40
CA ASP F 91 -58.00 30.67 -58.73
C ASP F 91 -57.97 31.12 -57.28
N ILE F 92 -58.59 32.26 -56.97
CA ILE F 92 -58.68 32.73 -55.59
C ILE F 92 -59.52 31.77 -54.76
N ARG F 93 -60.56 31.22 -55.38
CA ARG F 93 -61.44 30.27 -54.72
C ARG F 93 -60.68 29.03 -54.25
N VAL F 94 -59.93 28.41 -55.16
CA VAL F 94 -59.27 27.15 -54.86
C VAL F 94 -58.09 27.34 -53.90
N ILE F 95 -57.47 28.52 -53.88
CA ILE F 95 -56.38 28.75 -52.93
C ILE F 95 -56.94 28.94 -51.53
N PHE F 96 -58.03 29.67 -51.41
CA PHE F 96 -58.60 30.02 -50.12
C PHE F 96 -59.71 29.07 -49.71
N ALA F 97 -59.85 27.95 -50.41
CA ALA F 97 -60.91 26.98 -50.14
C ALA F 97 -60.84 26.43 -48.73
N LYS F 98 -59.62 26.16 -48.24
CA LYS F 98 -59.45 25.58 -46.91
C LYS F 98 -59.02 26.61 -45.88
N GLU F 99 -59.24 27.89 -46.14
CA GLU F 99 -58.82 28.92 -45.20
C GLU F 99 -59.93 29.36 -44.27
N GLU F 100 -59.58 30.25 -43.34
CA GLU F 100 -60.52 30.75 -42.35
C GLU F 100 -61.58 31.64 -42.99
N TYR F 101 -61.16 32.53 -43.90
CA TYR F 101 -62.04 33.50 -44.52
C TYR F 101 -62.01 33.37 -46.03
N MET F 102 -63.21 33.43 -46.63
CA MET F 102 -63.41 33.33 -48.06
C MET F 102 -63.70 34.72 -48.63
N PRO F 103 -62.84 35.28 -49.47
CA PRO F 103 -63.09 36.62 -50.04
C PRO F 103 -64.34 36.68 -50.91
N THR F 104 -65.16 37.70 -50.67
CA THR F 104 -66.31 37.97 -51.52
C THR F 104 -65.85 38.42 -52.91
N PRO F 105 -66.71 38.26 -53.95
CA PRO F 105 -66.38 38.76 -55.29
C PRO F 105 -65.98 40.23 -55.37
N GLU F 106 -66.54 41.07 -54.50
CA GLU F 106 -66.20 42.49 -54.49
C GLU F 106 -64.76 42.70 -54.03
N GLU F 107 -64.44 42.21 -52.83
CA GLU F 107 -63.10 42.40 -52.26
C GLU F 107 -62.04 41.59 -53.01
N ALA F 108 -62.44 40.53 -53.70
CA ALA F 108 -61.51 39.81 -54.56
C ALA F 108 -61.09 40.67 -55.74
N GLU F 109 -62.02 41.43 -56.30
CA GLU F 109 -61.73 42.23 -57.50
C GLU F 109 -60.73 43.35 -57.20
N GLU F 110 -60.71 43.83 -55.96
CA GLU F 110 -59.67 44.80 -55.57
C GLU F 110 -58.29 44.15 -55.66
N ILE F 111 -58.19 42.91 -55.17
CA ILE F 111 -56.94 42.14 -55.30
C ILE F 111 -56.62 41.91 -56.77
N ILE F 112 -57.63 41.46 -57.54
CA ILE F 112 -57.49 41.21 -58.98
C ILE F 112 -56.99 42.46 -59.71
N LYS F 113 -57.51 43.63 -59.34
CA LYS F 113 -57.10 44.88 -59.94
C LYS F 113 -55.62 45.16 -59.69
N VAL F 114 -55.12 44.79 -58.51
CA VAL F 114 -53.70 44.89 -58.23
C VAL F 114 -52.93 43.91 -59.09
N ILE F 115 -53.45 42.69 -59.24
CA ILE F 115 -52.83 41.66 -60.07
C ILE F 115 -53.15 41.91 -61.54
N ASP F 116 -53.99 42.89 -61.85
CA ASP F 116 -54.23 43.23 -63.25
C ASP F 116 -53.02 43.87 -63.92
N GLU F 117 -52.11 44.47 -63.15
CA GLU F 117 -50.80 44.81 -63.67
C GLU F 117 -49.89 43.58 -63.62
N TYR F 118 -48.63 43.75 -64.00
CA TYR F 118 -47.55 42.76 -63.88
C TYR F 118 -47.72 41.46 -64.67
N ARG F 119 -48.94 41.19 -65.16
CA ARG F 119 -49.26 39.97 -65.90
C ARG F 119 -48.36 39.78 -67.11
N PRO F 120 -47.78 38.58 -67.28
CA PRO F 120 -46.70 38.37 -68.27
C PRO F 120 -47.07 38.66 -69.71
N LEU F 121 -48.38 38.74 -70.03
CA LEU F 121 -48.95 38.96 -71.36
C LEU F 121 -48.62 37.84 -72.34
N GLU F 122 -48.11 36.72 -71.85
CA GLU F 122 -47.79 35.57 -72.66
C GLU F 122 -48.78 34.42 -72.42
N GLU G 6 -18.42 38.17 38.76
CA GLU G 6 -17.74 39.46 38.74
C GLU G 6 -17.00 39.60 37.42
N PHE G 7 -16.70 38.47 36.82
CA PHE G 7 -16.06 38.40 35.52
C PHE G 7 -17.10 38.62 34.43
N ASN G 8 -16.70 38.34 33.19
CA ASN G 8 -17.56 38.43 32.02
C ASN G 8 -16.88 37.67 30.90
N ILE G 9 -17.52 37.67 29.73
CA ILE G 9 -16.89 37.14 28.54
C ILE G 9 -15.75 38.02 28.08
N PHE G 10 -15.73 39.29 28.47
CA PHE G 10 -14.68 40.16 28.00
C PHE G 10 -13.50 40.02 28.94
N ASP G 11 -12.47 40.84 28.72
CA ASP G 11 -11.29 40.98 29.55
C ASP G 11 -10.48 39.69 29.63
N HIS G 12 -10.71 38.76 28.72
CA HIS G 12 -10.11 37.43 28.78
C HIS G 12 -9.26 37.22 27.53
N VAL G 13 -8.13 36.53 27.69
CA VAL G 13 -7.16 36.31 26.62
C VAL G 13 -7.62 35.33 25.55
N LEU G 14 -8.86 34.86 25.61
CA LEU G 14 -9.37 33.91 24.64
C LEU G 14 -10.62 34.38 23.92
N VAL G 15 -11.45 35.22 24.54
CA VAL G 15 -12.69 35.68 23.92
C VAL G 15 -12.46 37.08 23.36
N PRO G 16 -12.60 37.28 22.07
CA PRO G 16 -12.44 38.62 21.50
C PRO G 16 -13.73 39.41 21.64
N GLU G 17 -13.63 40.71 21.36
CA GLU G 17 -14.75 41.64 21.54
C GLU G 17 -15.76 41.53 20.41
N HIS G 18 -16.87 40.86 20.68
CA HIS G 18 -17.94 40.68 19.71
C HIS G 18 -18.72 41.99 19.59
N ARG G 19 -19.00 42.44 18.37
CA ARG G 19 -19.87 43.60 18.17
C ARG G 19 -20.89 43.31 17.07
N ILE G 20 -21.97 44.09 17.09
CA ILE G 20 -23.10 43.93 16.17
C ILE G 20 -23.11 45.05 15.12
N LEU G 21 -23.50 44.69 13.89
CA LEU G 21 -23.62 45.62 12.75
C LEU G 21 -25.03 46.15 12.60
N SER G 22 -25.13 47.43 12.24
CA SER G 22 -26.42 47.98 11.90
C SER G 22 -26.87 47.48 10.53
N GLU G 23 -28.18 47.61 10.28
CA GLU G 23 -28.85 47.11 9.07
C GLU G 23 -28.21 47.55 7.76
N GLU G 24 -27.76 48.80 7.69
CA GLU G 24 -27.10 49.36 6.50
C GLU G 24 -25.88 48.52 6.08
N GLU G 25 -24.90 48.36 6.99
CA GLU G 25 -23.69 47.60 6.75
C GLU G 25 -23.91 46.16 6.31
N LYS G 26 -25.08 45.56 6.60
CA LYS G 26 -25.37 44.20 6.13
C LYS G 26 -25.33 44.13 4.61
N GLU G 27 -26.18 44.93 3.95
CA GLU G 27 -26.20 45.00 2.49
C GLU G 27 -24.84 45.36 1.92
N GLU G 28 -24.16 46.33 2.53
CA GLU G 28 -22.84 46.78 2.06
C GLU G 28 -21.83 45.64 2.12
N LEU G 29 -21.83 44.89 3.24
CA LEU G 29 -20.95 43.73 3.38
C LEU G 29 -21.31 42.64 2.38
N LEU G 30 -22.60 42.36 2.22
CA LEU G 30 -23.07 41.29 1.36
C LEU G 30 -22.80 41.53 -0.12
N LYS G 31 -22.60 42.78 -0.54
CA LYS G 31 -22.29 43.04 -1.93
C LYS G 31 -20.83 42.76 -2.24
N LYS G 32 -19.95 43.03 -1.27
CA LYS G 32 -18.52 42.83 -1.45
C LYS G 32 -18.19 41.37 -1.74
N TYR G 33 -18.61 40.47 -0.87
CA TYR G 33 -18.29 39.06 -1.02
C TYR G 33 -19.25 38.30 -1.93
N ARG G 34 -20.29 38.95 -2.46
CA ARG G 34 -21.23 38.45 -3.48
C ARG G 34 -21.84 37.08 -3.13
N ILE G 35 -22.51 37.04 -1.97
CA ILE G 35 -22.96 35.79 -1.37
C ILE G 35 -24.36 35.96 -0.81
N ARG G 36 -25.01 34.84 -0.52
CA ARG G 36 -26.32 34.90 0.09
C ARG G 36 -26.16 34.95 1.62
N ILE G 37 -27.24 35.26 2.33
CA ILE G 37 -27.20 35.36 3.79
C ILE G 37 -26.94 33.99 4.44
N SER G 38 -27.43 32.92 3.85
CA SER G 38 -27.40 31.62 4.52
C SER G 38 -26.05 30.91 4.46
N GLN G 39 -25.02 31.54 3.90
CA GLN G 39 -23.76 30.88 3.63
C GLN G 39 -22.65 31.19 4.64
N LEU G 40 -22.96 31.93 5.77
CA LEU G 40 -22.05 32.34 6.84
C LEU G 40 -22.06 31.37 8.03
N PRO G 41 -20.92 31.27 8.77
CA PRO G 41 -20.74 30.22 9.82
C PRO G 41 -21.79 29.86 10.89
N GLN G 42 -22.58 30.77 11.50
CA GLN G 42 -23.71 30.40 12.41
C GLN G 42 -23.46 29.89 13.84
N ILE G 43 -23.27 30.81 14.82
CA ILE G 43 -23.27 30.52 16.27
C ILE G 43 -24.66 30.00 16.71
N LYS G 44 -24.79 29.52 17.94
CA LYS G 44 -26.05 29.04 18.52
C LYS G 44 -26.57 30.02 19.56
N ALA G 45 -27.87 29.93 19.87
CA ALA G 45 -28.55 30.79 20.84
C ALA G 45 -28.08 30.62 22.29
N SER G 46 -27.33 29.56 22.61
CA SER G 46 -26.72 29.27 23.91
C SER G 46 -25.46 30.11 23.98
N ASP G 47 -24.40 29.62 24.67
CA ASP G 47 -23.02 30.15 24.81
C ASP G 47 -22.91 31.64 25.14
N PRO G 48 -22.41 31.94 26.37
CA PRO G 48 -22.40 33.30 26.95
C PRO G 48 -22.09 34.50 26.09
N ALA G 49 -21.12 34.38 25.17
CA ALA G 49 -20.71 35.53 24.38
C ALA G 49 -21.81 36.12 23.50
N VAL G 50 -22.82 35.35 23.12
CA VAL G 50 -23.90 35.96 22.36
C VAL G 50 -25.04 36.46 23.25
N VAL G 51 -25.38 35.75 24.33
CA VAL G 51 -26.53 36.12 25.15
C VAL G 51 -26.27 37.36 25.99
N ALA G 52 -25.00 37.66 26.29
CA ALA G 52 -24.66 38.85 27.07
C ALA G 52 -24.97 40.12 26.31
N LEU G 53 -24.74 40.13 25.00
CA LEU G 53 -24.96 41.32 24.21
C LEU G 53 -26.39 41.49 23.74
N GLY G 54 -27.27 40.51 24.02
CA GLY G 54 -28.65 40.56 23.59
C GLY G 54 -28.78 40.55 22.08
N ALA G 55 -28.46 39.42 21.46
CA ALA G 55 -28.50 39.28 20.01
C ALA G 55 -29.68 38.42 19.57
N LYS G 56 -30.30 38.81 18.47
CA LYS G 56 -31.46 38.14 17.94
C LYS G 56 -31.10 37.31 16.71
N PRO G 57 -31.76 36.16 16.52
CA PRO G 57 -31.54 35.36 15.31
C PRO G 57 -31.81 36.13 14.02
N GLY G 58 -30.83 36.13 13.13
CA GLY G 58 -30.90 36.89 11.91
C GLY G 58 -30.05 38.14 12.02
N ASP G 59 -28.85 37.94 12.58
CA ASP G 59 -27.88 38.99 12.78
C ASP G 59 -26.51 38.50 12.32
N VAL G 60 -25.62 39.44 12.02
CA VAL G 60 -24.25 39.13 11.62
C VAL G 60 -23.33 39.78 12.65
N ILE G 61 -22.88 38.99 13.62
CA ILE G 61 -21.98 39.46 14.67
C ILE G 61 -20.57 39.60 14.10
N GLU G 62 -19.95 40.77 14.28
CA GLU G 62 -18.57 40.99 13.82
C GLU G 62 -17.56 40.69 14.91
N ILE G 63 -16.82 39.60 14.76
CA ILE G 63 -15.82 39.21 15.74
C ILE G 63 -14.44 39.52 15.20
N LYS G 64 -13.68 40.32 15.94
CA LYS G 64 -12.34 40.77 15.60
C LYS G 64 -11.33 40.03 16.48
N ARG G 65 -10.61 39.05 15.92
CA ARG G 65 -9.65 38.37 16.78
C ARG G 65 -8.23 38.61 16.30
N LYS G 66 -7.32 38.67 17.26
CA LYS G 66 -5.90 38.81 17.03
C LYS G 66 -5.22 37.49 16.70
N SER G 67 -4.55 37.44 15.55
CA SER G 67 -3.77 36.33 15.04
C SER G 67 -2.31 36.71 15.13
N PRO G 68 -1.46 35.89 15.73
CA PRO G 68 -0.04 36.26 15.91
C PRO G 68 0.82 36.36 14.65
N THR G 69 0.24 36.39 13.47
CA THR G 69 0.92 36.48 12.19
C THR G 69 0.46 37.66 11.33
N ALA G 70 -0.84 37.93 11.26
CA ALA G 70 -1.33 39.04 10.47
C ALA G 70 -1.86 40.19 11.33
N GLY G 71 -1.66 40.11 12.64
CA GLY G 71 -2.14 41.14 13.54
C GLY G 71 -3.65 41.11 13.75
N TYR G 72 -4.38 41.94 13.03
CA TYR G 72 -5.82 42.06 13.24
C TYR G 72 -6.58 41.50 12.05
N TYR G 73 -7.42 40.52 12.34
CA TYR G 73 -8.17 39.74 11.36
C TYR G 73 -9.62 39.76 11.78
N TYR G 74 -10.53 39.97 10.82
CA TYR G 74 -11.95 40.00 11.12
C TYR G 74 -12.64 38.72 10.69
N TYR G 75 -13.86 38.55 11.18
CA TYR G 75 -14.68 37.39 10.87
C TYR G 75 -16.15 37.82 11.00
N TYR G 76 -17.07 36.96 10.57
CA TYR G 76 -18.50 37.24 10.68
C TYR G 76 -19.27 35.96 10.92
N ARG G 77 -20.23 35.99 11.83
CA ARG G 77 -21.05 34.82 12.11
C ARG G 77 -22.50 35.19 12.42
N LEU G 78 -23.41 34.27 12.06
CA LEU G 78 -24.83 34.38 12.38
C LEU G 78 -25.15 33.69 13.70
N VAL G 79 -26.41 33.81 14.11
CA VAL G 79 -26.92 33.07 15.26
C VAL G 79 -28.22 32.39 14.85
N VAL G 80 -28.35 31.10 15.17
CA VAL G 80 -29.60 30.39 14.94
C VAL G 80 -30.00 29.86 16.32
N GLU G 81 -31.09 29.09 16.39
CA GLU G 81 -31.60 28.56 17.65
C GLU G 81 -30.69 27.52 18.30
N PHE H 2 0.22 42.05 -15.61
CA PHE H 2 -0.56 40.97 -16.20
C PHE H 2 0.00 39.66 -15.75
N ARG H 3 1.16 39.72 -15.07
CA ARG H 3 2.01 38.60 -14.63
C ARG H 3 1.25 37.35 -14.21
N TYR H 4 1.43 36.32 -15.03
CA TYR H 4 0.79 35.02 -14.88
C TYR H 4 1.01 34.42 -13.50
N THR H 5 0.07 33.56 -13.13
CA THR H 5 0.26 32.70 -11.99
C THR H 5 0.84 31.40 -12.50
N ARG H 6 1.40 30.62 -11.59
CA ARG H 6 2.05 29.36 -11.95
C ARG H 6 1.10 28.42 -12.68
N PHE H 7 -0.12 28.25 -12.18
CA PHE H 7 -1.08 27.34 -12.79
C PHE H 7 -1.51 27.78 -14.18
N GLU H 8 -1.71 29.08 -14.39
CA GLU H 8 -2.08 29.56 -15.72
C GLU H 8 -0.97 29.34 -16.73
N LYS H 9 0.29 29.51 -16.30
CA LYS H 9 1.45 29.30 -17.17
C LYS H 9 1.50 27.90 -17.73
N ALA H 10 1.43 26.90 -16.85
CA ALA H 10 1.41 25.49 -17.26
C ALA H 10 0.31 25.18 -18.26
N ARG H 11 -0.91 25.63 -17.98
CA ARG H 11 -2.03 25.38 -18.88
C ARG H 11 -1.79 25.94 -20.28
N ILE H 12 -1.35 27.21 -20.37
CA ILE H 12 -1.13 27.88 -21.66
C ILE H 12 -0.16 27.10 -22.53
N ILE H 13 0.99 26.73 -21.96
CA ILE H 13 1.96 25.86 -22.63
C ILE H 13 1.30 24.56 -23.08
N GLY H 14 0.60 23.89 -22.16
CA GLY H 14 -0.08 22.65 -22.47
C GLY H 14 -1.06 22.78 -23.62
N ALA H 15 -1.90 23.80 -23.58
CA ALA H 15 -2.82 24.04 -24.68
C ALA H 15 -2.07 24.31 -25.98
N ARG H 16 -1.10 25.24 -25.94
CA ARG H 16 -0.33 25.64 -27.11
C ARG H 16 0.42 24.47 -27.73
N ALA H 17 1.05 23.63 -26.90
CA ALA H 17 1.77 22.45 -27.40
C ALA H 17 0.89 21.52 -28.22
N LEU H 18 -0.33 21.27 -27.76
CA LEU H 18 -1.22 20.37 -28.48
C LEU H 18 -1.61 20.90 -29.85
N GLN H 19 -1.78 22.23 -29.97
CA GLN H 19 -2.06 22.84 -31.27
C GLN H 19 -0.90 22.64 -32.24
N ILE H 20 0.33 22.71 -31.75
CA ILE H 20 1.52 22.63 -32.58
C ILE H 20 1.62 21.26 -33.23
N ALA H 21 1.15 20.21 -32.56
CA ALA H 21 1.15 18.88 -33.13
C ALA H 21 0.23 18.75 -34.34
N MET H 22 -1.00 19.22 -34.21
CA MET H 22 -2.03 19.00 -35.23
C MET H 22 -1.98 19.94 -36.42
N GLY H 23 -0.85 20.55 -36.72
CA GLY H 23 -0.80 21.58 -37.73
C GLY H 23 -0.38 22.85 -37.02
N ALA H 24 -1.08 23.98 -37.27
CA ALA H 24 -0.86 25.28 -36.62
C ALA H 24 0.58 25.76 -36.78
N PRO H 25 0.90 26.50 -37.84
CA PRO H 25 2.27 26.99 -38.11
C PRO H 25 3.05 27.58 -36.94
N VAL H 26 4.32 27.25 -36.92
CA VAL H 26 5.25 27.63 -35.86
C VAL H 26 6.04 28.85 -36.31
N LEU H 27 6.36 29.73 -35.36
CA LEU H 27 7.23 30.88 -35.60
C LEU H 27 8.68 30.43 -35.68
N ILE H 28 9.65 31.33 -35.51
CA ILE H 28 11.06 30.94 -35.65
C ILE H 28 11.46 30.04 -34.50
N ASP H 29 11.57 28.73 -34.82
CA ASP H 29 11.83 27.69 -33.83
C ASP H 29 12.65 26.56 -34.42
N VAL H 30 13.45 26.88 -35.43
CA VAL H 30 14.23 25.98 -36.28
C VAL H 30 14.92 24.73 -35.72
N PRO H 31 15.96 24.83 -34.79
CA PRO H 31 16.88 23.70 -34.49
C PRO H 31 16.47 22.24 -34.51
N GLU H 32 16.78 21.52 -35.59
CA GLU H 32 17.47 20.24 -35.60
C GLU H 32 16.57 19.07 -35.23
N GLY H 33 15.34 19.31 -34.80
CA GLY H 33 14.55 18.16 -34.41
C GLY H 33 14.28 18.36 -32.95
N ILE H 34 13.03 18.69 -32.63
CA ILE H 34 12.62 19.06 -31.30
C ILE H 34 11.20 18.57 -31.10
N THR H 35 10.87 18.13 -29.89
CA THR H 35 9.55 17.60 -29.62
C THR H 35 8.54 18.74 -29.65
N PRO H 36 7.24 18.43 -29.81
CA PRO H 36 6.25 19.49 -29.74
C PRO H 36 6.20 20.25 -28.43
N LEU H 37 6.50 19.59 -27.31
CA LEU H 37 6.56 20.29 -26.02
C LEU H 37 7.65 21.35 -26.02
N GLN H 38 8.88 20.97 -26.37
CA GLN H 38 10.01 21.89 -26.37
C GLN H 38 9.83 23.03 -27.36
N ALA H 39 8.99 22.82 -28.37
CA ALA H 39 8.66 23.89 -29.30
C ALA H 39 7.89 25.01 -28.61
N ALA H 40 6.91 24.64 -27.78
CA ALA H 40 6.14 25.63 -27.05
C ALA H 40 6.95 26.40 -26.03
N LEU H 41 8.04 25.83 -25.52
CA LEU H 41 8.82 26.52 -24.50
C LEU H 41 9.58 27.70 -25.09
N LEU H 42 10.20 27.52 -26.25
CA LEU H 42 10.93 28.63 -26.87
C LEU H 42 10.00 29.74 -27.32
N GLU H 43 8.84 29.39 -27.86
CA GLU H 43 7.87 30.39 -28.28
C GLU H 43 7.37 31.21 -27.10
N PHE H 44 7.19 30.57 -25.94
CA PHE H 44 6.74 31.29 -24.76
C PHE H 44 7.83 32.18 -24.17
N GLU H 45 9.08 31.75 -24.27
CA GLU H 45 10.18 32.54 -23.72
C GLU H 45 10.37 33.89 -24.42
N LYS H 46 9.77 34.08 -25.59
CA LYS H 46 9.87 35.31 -26.36
C LYS H 46 8.63 36.17 -26.23
N GLY H 47 7.66 35.73 -25.43
CA GLY H 47 6.42 36.42 -25.17
C GLY H 47 5.55 36.69 -26.40
N VAL H 48 5.36 35.68 -27.24
CA VAL H 48 4.58 35.80 -28.45
C VAL H 48 3.38 34.86 -28.46
N ILE H 49 3.10 34.22 -27.33
CA ILE H 49 1.93 33.34 -27.20
C ILE H 49 0.65 34.17 -27.20
N PRO H 50 -0.23 34.00 -28.18
CA PRO H 50 -1.40 34.87 -28.27
C PRO H 50 -2.56 34.53 -27.35
N ILE H 51 -2.41 33.55 -26.46
CA ILE H 51 -3.51 33.11 -25.61
C ILE H 51 -3.61 33.99 -24.37
N THR H 52 -4.75 34.59 -24.15
CA THR H 52 -4.97 35.48 -23.02
C THR H 52 -5.87 34.79 -22.00
N VAL H 53 -5.59 35.04 -20.73
CA VAL H 53 -6.34 34.43 -19.64
C VAL H 53 -7.54 35.28 -19.28
N ILE H 54 -8.73 34.73 -19.49
CA ILE H 54 -9.96 35.39 -19.07
C ILE H 54 -9.99 35.34 -17.55
N ARG H 55 -9.85 36.46 -16.93
CA ARG H 55 -9.79 36.41 -15.48
C ARG H 55 -11.19 36.57 -14.91
N PRO H 56 -11.62 35.71 -14.03
CA PRO H 56 -12.94 35.87 -13.42
C PRO H 56 -12.98 36.99 -12.42
N SER H 57 -13.52 38.13 -12.82
CA SER H 57 -13.63 39.28 -11.92
C SER H 57 -14.79 40.14 -12.38
N MET I 1 42.06 7.42 -31.63
CA MET I 1 42.23 8.65 -30.87
C MET I 1 41.79 9.84 -31.69
N ARG I 2 40.51 10.21 -31.62
CA ARG I 2 39.99 11.31 -32.40
C ARG I 2 39.72 12.50 -31.49
N ILE I 3 40.07 13.69 -31.93
CA ILE I 3 39.88 14.92 -31.16
C ILE I 3 38.64 15.68 -31.62
N GLU I 4 37.64 15.75 -30.75
CA GLU I 4 36.40 16.53 -30.99
C GLU I 4 36.46 17.85 -30.24
N VAL I 5 36.77 18.94 -30.95
CA VAL I 5 36.80 20.27 -30.34
C VAL I 5 35.42 20.71 -29.91
N ILE I 6 35.25 20.98 -28.61
CA ILE I 6 33.97 21.46 -28.09
C ILE I 6 33.83 22.96 -28.30
N ARG I 7 34.85 23.74 -27.95
CA ARG I 7 34.75 25.20 -28.05
C ARG I 7 36.11 25.78 -28.34
N ARG I 8 36.14 26.76 -29.24
CA ARG I 8 37.39 27.43 -29.53
C ARG I 8 37.18 28.90 -29.21
N GLU I 9 38.14 29.51 -28.52
CA GLU I 9 38.12 30.93 -28.22
C GLU I 9 39.53 31.49 -28.22
N GLU I 10 39.62 32.81 -28.04
CA GLU I 10 40.89 33.50 -27.93
C GLU I 10 41.70 32.98 -26.76
N ASN I 11 42.79 32.27 -27.06
CA ASN I 11 43.70 31.64 -26.09
C ASN I 11 42.98 30.66 -25.18
N LEU I 12 42.05 29.88 -25.74
CA LEU I 12 41.31 28.93 -24.91
C LEU I 12 40.84 27.78 -25.79
N LEU I 13 41.01 26.56 -25.31
CA LEU I 13 40.58 25.39 -26.08
C LEU I 13 40.10 24.29 -25.17
N GLU I 14 38.83 23.90 -25.31
CA GLU I 14 38.35 22.70 -24.63
C GLU I 14 37.97 21.64 -25.66
N PHE I 15 38.32 20.39 -25.38
CA PHE I 15 38.12 19.34 -26.37
C PHE I 15 38.09 17.97 -25.72
N TYR I 16 37.40 17.05 -26.39
CA TYR I 16 37.39 15.65 -26.01
C TYR I 16 38.48 14.89 -26.72
N LEU I 17 39.08 13.94 -26.02
CA LEU I 17 40.10 13.04 -26.54
C LEU I 17 39.61 11.60 -26.49
N GLU I 18 38.91 11.14 -27.54
CA GLU I 18 38.37 9.78 -27.55
C GLU I 18 39.44 8.70 -27.45
N GLY I 19 39.13 7.65 -26.68
CA GLY I 19 40.00 6.50 -26.54
C GLY I 19 41.08 6.56 -25.48
N GLU I 20 41.11 7.58 -24.64
CA GLU I 20 42.17 7.70 -23.66
C GLU I 20 41.66 7.46 -22.24
N ASP I 21 42.57 7.17 -21.33
CA ASP I 21 42.18 6.90 -19.96
C ASP I 21 42.99 7.81 -19.05
N HIS I 22 43.01 7.50 -17.76
CA HIS I 22 43.76 8.29 -16.78
C HIS I 22 45.25 8.25 -17.02
N THR I 23 45.77 7.14 -17.57
CA THR I 23 47.19 6.96 -17.86
C THR I 23 47.80 8.11 -18.64
N PHE I 24 47.47 8.20 -19.93
CA PHE I 24 48.04 9.23 -20.76
C PHE I 24 47.60 10.63 -20.33
N ALA I 25 46.36 10.76 -19.84
CA ALA I 25 45.80 12.06 -19.47
C ALA I 25 46.58 12.74 -18.35
N ASN I 26 46.71 12.06 -17.20
CA ASN I 26 47.42 12.60 -16.04
C ASN I 26 48.84 13.01 -16.40
N LEU I 27 49.56 12.12 -17.09
CA LEU I 27 50.92 12.40 -17.54
C LEU I 27 51.00 13.65 -18.40
N LEU I 28 50.06 13.82 -19.33
CA LEU I 28 50.09 14.98 -20.22
C LEU I 28 49.83 16.28 -19.48
N THR I 29 48.95 16.27 -18.48
CA THR I 29 48.63 17.48 -17.74
C THR I 29 49.81 18.03 -16.95
N GLU I 30 50.39 17.25 -16.04
CA GLU I 30 51.54 17.77 -15.28
C GLU I 30 52.77 18.01 -16.13
N THR I 31 52.88 17.41 -17.32
CA THR I 31 53.99 17.77 -18.18
C THR I 31 53.80 19.18 -18.70
N LEU I 32 52.56 19.62 -18.89
CA LEU I 32 52.31 20.97 -19.36
C LEU I 32 52.68 22.04 -18.34
N HIS I 33 52.72 21.73 -17.05
CA HIS I 33 53.07 22.77 -16.09
C HIS I 33 54.53 23.21 -16.12
N GLU I 34 55.40 22.50 -16.83
CA GLU I 34 56.78 22.95 -16.90
C GLU I 34 56.88 24.09 -17.90
N ASN I 35 56.05 24.06 -18.93
CA ASN I 35 55.94 25.16 -19.87
C ASN I 35 55.35 26.34 -19.11
N GLU I 36 56.15 27.38 -18.94
CA GLU I 36 55.79 28.55 -18.18
C GLU I 36 54.62 29.36 -18.75
N HIS I 37 54.36 29.27 -20.04
CA HIS I 37 53.30 30.10 -20.61
C HIS I 37 51.89 29.54 -20.42
N VAL I 38 51.71 28.24 -20.22
CA VAL I 38 50.37 27.65 -20.03
C VAL I 38 49.94 27.85 -18.59
N THR I 39 49.07 28.82 -18.35
CA THR I 39 48.61 29.11 -16.99
C THR I 39 47.70 28.03 -16.40
N PHE I 40 46.80 27.45 -17.19
CA PHE I 40 45.81 26.52 -16.64
C PHE I 40 45.71 25.30 -17.55
N ALA I 41 45.57 24.11 -16.97
CA ALA I 41 45.54 22.87 -17.76
C ALA I 41 44.91 21.76 -16.93
N GLY I 42 43.69 21.33 -17.26
CA GLY I 42 42.98 20.37 -16.44
C GLY I 42 42.24 19.34 -17.25
N TYR I 43 41.80 18.28 -16.58
CA TYR I 43 41.04 17.21 -17.21
C TYR I 43 40.03 16.68 -16.22
N THR I 44 39.02 15.97 -16.73
CA THR I 44 37.98 15.35 -15.92
C THR I 44 37.31 14.25 -16.74
N ILE I 45 36.73 13.27 -16.05
CA ILE I 45 36.02 12.17 -16.67
C ILE I 45 34.59 12.22 -16.14
N GLU I 46 33.70 12.82 -16.92
CA GLU I 46 32.32 12.93 -16.51
C GLU I 46 31.65 11.56 -16.46
N HIS I 47 31.25 11.13 -15.26
CA HIS I 47 30.53 9.91 -14.95
C HIS I 47 31.17 8.60 -15.41
N PRO I 48 32.18 8.08 -14.74
CA PRO I 48 32.81 6.87 -15.24
C PRO I 48 32.04 5.57 -15.15
N ILE I 49 31.08 5.41 -16.05
CA ILE I 49 30.31 4.20 -16.33
C ILE I 49 29.83 4.42 -17.76
N THR I 50 28.98 5.45 -17.95
CA THR I 50 28.54 5.83 -19.29
C THR I 50 29.71 6.20 -20.19
N MET I 51 30.74 6.86 -19.67
CA MET I 51 31.90 7.20 -20.50
C MET I 51 33.10 7.35 -19.57
N ALA I 52 34.12 6.55 -19.84
CA ALA I 52 35.34 6.60 -19.06
C ALA I 52 36.52 6.46 -19.99
N ARG I 53 36.28 6.70 -21.27
CA ARG I 53 37.28 6.64 -22.30
C ARG I 53 37.48 7.97 -22.96
N LYS I 54 36.57 8.91 -22.80
CA LYS I 54 36.76 10.23 -23.37
C LYS I 54 36.74 11.28 -22.26
N PRO I 55 37.87 11.91 -21.96
CA PRO I 55 37.87 12.96 -20.96
C PRO I 55 37.77 14.33 -21.59
N ARG I 56 37.86 15.40 -20.82
CA ARG I 56 37.70 16.75 -21.37
C ARG I 56 38.81 17.66 -20.87
N PHE I 57 39.65 18.12 -21.80
CA PHE I 57 40.82 18.94 -21.50
C PHE I 57 40.49 20.41 -21.66
N LYS I 58 41.20 21.25 -20.92
CA LYS I 58 41.09 22.70 -21.07
C LYS I 58 42.46 23.34 -20.94
N VAL I 59 42.92 24.06 -21.97
CA VAL I 59 44.25 24.65 -21.99
C VAL I 59 44.16 26.16 -22.26
N VAL I 60 44.79 26.97 -21.40
CA VAL I 60 44.73 28.43 -21.48
C VAL I 60 46.14 29.00 -21.47
N THR I 61 46.45 29.85 -22.44
CA THR I 61 47.75 30.47 -22.58
C THR I 61 47.65 31.97 -22.27
N ASP I 62 48.71 32.71 -22.55
CA ASP I 62 48.73 34.14 -22.27
C ASP I 62 48.69 34.99 -23.54
N GLY I 63 48.46 34.37 -24.69
CA GLY I 63 48.36 35.05 -25.96
C GLY I 63 49.56 34.92 -26.88
N LYS I 64 50.77 34.74 -26.33
CA LYS I 64 51.94 34.66 -27.21
C LYS I 64 52.13 33.33 -27.90
N ILE I 65 51.24 32.37 -27.71
CA ILE I 65 51.33 31.09 -28.41
C ILE I 65 49.96 30.43 -28.34
N THR I 66 49.58 29.79 -29.42
CA THR I 66 48.30 29.12 -29.49
C THR I 66 48.33 27.81 -28.70
N PRO I 67 47.19 27.39 -28.13
CA PRO I 67 47.14 26.10 -27.44
C PRO I 67 47.53 24.93 -28.31
N GLU I 68 47.13 24.95 -29.59
CA GLU I 68 47.49 23.90 -30.54
C GLU I 68 49.01 23.75 -30.65
N LYS I 69 49.70 24.86 -30.86
CA LYS I 69 51.17 24.82 -30.87
C LYS I 69 51.73 24.38 -29.52
N ALA I 70 51.12 24.84 -28.44
CA ALA I 70 51.61 24.53 -27.09
C ALA I 70 51.59 23.03 -26.77
N LEU I 71 50.54 22.33 -27.17
CA LEU I 71 50.48 20.88 -26.95
C LEU I 71 51.56 20.13 -27.70
N GLU I 72 51.75 20.46 -28.98
CA GLU I 72 52.73 19.78 -29.81
C GLU I 72 54.14 19.84 -29.24
N GLU I 73 54.57 21.02 -28.78
CA GLU I 73 55.85 21.10 -28.08
C GLU I 73 55.82 20.33 -26.76
N ALA I 74 54.75 20.49 -25.97
CA ALA I 74 54.63 19.83 -24.67
C ALA I 74 54.66 18.31 -24.76
N ALA I 75 53.84 17.72 -25.64
CA ALA I 75 53.82 16.27 -25.80
C ALA I 75 55.17 15.73 -26.28
N GLN I 76 55.94 16.54 -27.00
CA GLN I 76 57.28 16.14 -27.44
C GLN I 76 58.19 15.80 -26.25
N LYS I 77 58.05 16.56 -25.15
CA LYS I 77 58.80 16.30 -23.91
C LYS I 77 58.70 14.85 -23.42
N ILE I 78 57.48 14.29 -23.38
CA ILE I 78 57.27 12.90 -22.96
C ILE I 78 58.08 11.92 -23.80
N PHE I 79 58.01 12.05 -25.13
CA PHE I 79 58.74 11.17 -26.04
C PHE I 79 60.23 11.15 -25.74
N ASP I 80 60.85 12.33 -25.66
CA ASP I 80 62.26 12.42 -25.31
C ASP I 80 62.54 11.88 -23.92
N ARG I 81 61.70 12.23 -22.92
CA ARG I 81 61.92 11.76 -21.55
C ARG I 81 61.84 10.25 -21.42
N ALA I 82 60.81 9.63 -22.01
CA ALA I 82 60.65 8.18 -21.95
C ALA I 82 61.80 7.47 -22.62
N ARG I 83 62.34 8.06 -23.68
CA ARG I 83 63.47 7.48 -24.40
C ARG I 83 64.69 7.34 -23.51
N GLU I 84 65.00 8.37 -22.73
CA GLU I 84 66.15 8.34 -21.82
C GLU I 84 66.07 7.20 -20.81
N VAL I 85 64.93 7.04 -20.14
CA VAL I 85 64.70 5.97 -19.17
C VAL I 85 64.92 4.59 -19.78
N LEU I 86 64.39 4.38 -20.99
CA LEU I 86 64.56 3.11 -21.69
C LEU I 86 66.04 2.80 -21.94
N GLU I 87 66.81 3.81 -22.33
CA GLU I 87 68.23 3.61 -22.57
C GLU I 87 68.97 3.20 -21.31
N ALA I 88 68.68 3.88 -20.18
CA ALA I 88 69.28 3.51 -18.90
C ALA I 88 68.95 2.08 -18.50
N TRP I 89 67.69 1.69 -18.66
CA TRP I 89 67.20 0.34 -18.34
C TRP I 89 68.01 -0.73 -19.03
N LYS I 90 68.03 -0.69 -20.36
CA LYS I 90 68.74 -1.67 -21.18
C LYS I 90 70.23 -1.69 -20.88
N ALA I 91 70.82 -0.54 -20.58
CA ALA I 91 72.23 -0.46 -20.25
C ALA I 91 72.51 -0.74 -18.78
N ALA I 92 71.56 -1.36 -18.09
CA ALA I 92 71.67 -1.71 -16.68
C ALA I 92 71.73 -3.22 -16.48
N ILE I 93 70.81 -3.97 -17.06
CA ILE I 93 70.77 -5.41 -16.87
C ILE I 93 71.86 -6.07 -17.71
N GLU I 94 73.11 -5.92 -17.26
CA GLU I 94 74.32 -6.46 -17.86
C GLU I 94 75.33 -6.52 -16.73
N MET J 1 35.16 -28.09 -3.46
CA MET J 1 35.25 -27.01 -4.41
C MET J 1 36.71 -26.61 -4.41
N ILE J 2 37.46 -27.32 -5.24
CA ILE J 2 38.91 -27.25 -5.45
C ILE J 2 39.49 -25.84 -5.52
N VAL J 3 40.48 -25.57 -4.66
CA VAL J 3 41.24 -24.33 -4.43
C VAL J 3 41.33 -23.36 -5.59
N PRO J 4 40.91 -22.11 -5.39
CA PRO J 4 40.93 -21.07 -6.43
C PRO J 4 42.23 -20.85 -7.18
N VAL J 5 42.31 -21.21 -8.47
CA VAL J 5 43.58 -21.06 -9.17
C VAL J 5 43.67 -19.60 -9.58
N ARG J 6 43.97 -18.73 -8.60
CA ARG J 6 44.64 -17.44 -8.62
C ARG J 6 44.22 -16.91 -7.27
N CYS J 7 44.88 -15.93 -6.69
CA CYS J 7 44.26 -15.41 -5.48
C CYS J 7 43.19 -14.43 -5.90
N PHE J 8 42.45 -13.87 -4.97
CA PHE J 8 41.36 -13.01 -5.37
C PHE J 8 41.74 -11.54 -5.45
N THR J 9 42.84 -11.15 -4.86
CA THR J 9 43.37 -9.80 -4.99
C THR J 9 44.68 -9.79 -5.76
N CYS J 10 45.67 -10.51 -5.27
CA CYS J 10 46.97 -10.55 -5.90
C CYS J 10 47.01 -11.65 -6.95
N GLY J 11 47.24 -11.27 -8.19
CA GLY J 11 47.39 -12.29 -9.20
C GLY J 11 48.66 -13.09 -9.00
N LYS J 12 48.50 -14.29 -8.48
CA LYS J 12 49.59 -15.24 -8.35
C LYS J 12 48.96 -16.62 -8.23
N VAL J 13 49.44 -17.56 -9.05
CA VAL J 13 49.03 -18.96 -8.99
C VAL J 13 49.16 -19.53 -7.59
N LEU J 14 48.22 -20.37 -7.21
CA LEU J 14 48.21 -20.90 -5.85
C LEU J 14 47.81 -22.36 -5.73
N ALA J 15 47.11 -22.94 -6.70
CA ALA J 15 46.73 -24.34 -6.61
C ALA J 15 47.93 -25.26 -6.49
N ASP J 16 49.03 -24.95 -7.17
CA ASP J 16 50.20 -25.82 -7.13
C ASP J 16 50.86 -25.93 -5.76
N LYS J 17 50.47 -25.14 -4.77
CA LYS J 17 51.01 -25.29 -3.43
C LYS J 17 49.94 -25.52 -2.38
N TYR J 18 48.76 -26.00 -2.76
CA TYR J 18 47.77 -26.34 -1.74
C TYR J 18 48.01 -27.70 -1.13
N TYR J 19 47.95 -28.73 -1.96
CA TYR J 19 48.11 -30.12 -1.51
C TYR J 19 49.37 -30.33 -0.69
N GLU J 20 50.52 -29.90 -1.22
CA GLU J 20 51.79 -30.01 -0.50
C GLU J 20 51.76 -29.29 0.85
N PHE J 21 51.01 -28.20 0.95
CA PHE J 21 50.76 -27.56 2.24
C PHE J 21 50.01 -28.47 3.19
N LYS J 22 48.79 -28.88 2.80
CA LYS J 22 47.86 -29.65 3.63
C LYS J 22 48.47 -30.90 4.28
N LYS J 23 49.03 -31.81 3.47
CA LYS J 23 49.63 -33.03 4.03
C LYS J 23 50.77 -32.72 5.00
N ARG J 24 51.55 -31.68 4.74
CA ARG J 24 52.60 -31.31 5.67
C ARG J 24 52.06 -30.71 6.96
N VAL J 25 50.96 -29.95 6.90
CA VAL J 25 50.45 -29.41 8.16
C VAL J 25 49.74 -30.48 8.97
N GLU J 26 49.18 -31.51 8.33
CA GLU J 26 48.49 -32.59 9.02
C GLU J 26 49.43 -33.64 9.62
N ALA J 27 50.68 -33.28 9.87
CA ALA J 27 51.65 -34.16 10.48
C ALA J 27 52.29 -33.52 11.71
N GLY J 28 51.98 -32.25 11.99
CA GLY J 28 52.49 -31.55 13.15
C GLY J 28 53.32 -30.33 12.84
N GLU J 29 53.81 -30.19 11.60
CA GLU J 29 54.61 -29.04 11.19
C GLU J 29 53.79 -27.77 11.28
N ASP J 30 54.21 -26.86 12.15
CA ASP J 30 53.51 -25.62 12.47
C ASP J 30 53.23 -24.78 11.21
N PRO J 31 51.99 -24.32 11.01
CA PRO J 31 51.64 -23.57 9.79
C PRO J 31 52.42 -22.29 9.58
N GLY J 32 52.81 -21.60 10.65
CA GLY J 32 53.49 -20.32 10.52
C GLY J 32 54.87 -20.34 9.91
N LYS J 33 55.42 -21.51 9.63
CA LYS J 33 56.68 -21.62 8.90
C LYS J 33 56.52 -22.30 7.56
N VAL J 34 55.61 -23.26 7.44
CA VAL J 34 55.30 -23.91 6.17
C VAL J 34 54.92 -22.89 5.11
N LEU J 35 53.97 -22.01 5.43
CA LEU J 35 53.59 -20.92 4.54
C LEU J 35 54.78 -20.01 4.25
N ASP J 36 55.52 -19.64 5.30
CA ASP J 36 56.72 -18.82 5.12
C ASP J 36 57.76 -19.52 4.26
N ASP J 37 57.95 -20.83 4.45
CA ASP J 37 58.94 -21.59 3.68
C ASP J 37 58.63 -21.64 2.20
N LEU J 38 57.40 -21.39 1.81
CA LEU J 38 57.04 -21.36 0.41
C LEU J 38 56.96 -19.90 -0.03
N GLY J 39 56.68 -19.68 -1.30
CA GLY J 39 56.63 -18.31 -1.76
C GLY J 39 55.34 -17.58 -1.42
N VAL J 40 55.10 -17.27 -0.14
CA VAL J 40 53.87 -16.58 0.27
C VAL J 40 54.29 -15.37 1.10
N GLU J 41 54.55 -14.26 0.44
CA GLU J 41 54.97 -13.07 1.16
C GLU J 41 53.81 -12.34 1.85
N ARG J 42 53.04 -11.56 1.10
CA ARG J 42 51.93 -10.76 1.65
C ARG J 42 50.83 -11.62 2.23
N TYR J 43 49.99 -11.02 3.06
CA TYR J 43 48.93 -11.79 3.68
C TYR J 43 47.70 -11.96 2.80
N CYS J 44 47.51 -11.10 1.81
CA CYS J 44 46.38 -11.22 0.89
C CYS J 44 46.38 -12.58 0.18
N CYS J 45 47.55 -13.07 -0.25
CA CYS J 45 47.60 -14.40 -0.83
C CYS J 45 47.38 -15.46 0.22
N ARG J 46 47.73 -15.15 1.44
CA ARG J 46 47.73 -16.16 2.48
C ARG J 46 46.34 -16.53 2.96
N ARG J 47 45.40 -15.58 3.07
CA ARG J 47 44.05 -15.88 3.57
C ARG J 47 43.35 -16.97 2.74
N THR J 48 43.41 -16.88 1.41
CA THR J 48 42.76 -17.88 0.57
C THR J 48 43.32 -19.28 0.71
N LEU J 49 44.57 -19.44 1.16
CA LEU J 49 45.09 -20.79 1.29
C LEU J 49 44.82 -21.37 2.65
N LEU J 50 44.79 -20.53 3.67
CA LEU J 50 44.54 -21.00 5.02
C LEU J 50 43.11 -21.49 5.19
N SER J 51 42.14 -20.67 4.85
CA SER J 51 40.74 -20.97 5.13
C SER J 51 40.05 -21.45 3.86
N HIS J 52 39.93 -22.77 3.70
CA HIS J 52 39.28 -23.36 2.54
C HIS J 52 38.84 -24.75 2.95
N VAL J 53 37.88 -25.34 2.22
CA VAL J 53 37.23 -26.54 2.73
C VAL J 53 37.29 -27.76 1.80
N GLU J 54 37.52 -27.57 0.50
CA GLU J 54 37.57 -28.61 -0.56
C GLU J 54 36.55 -29.75 -0.42
N LEU J 55 35.28 -29.38 -0.31
CA LEU J 55 34.15 -30.31 -0.29
C LEU J 55 34.05 -31.26 -1.47
N ILE J 56 34.78 -31.05 -2.57
CA ILE J 56 34.65 -31.80 -3.83
C ILE J 56 34.69 -33.31 -3.65
N ASP J 57 35.43 -33.81 -2.68
CA ASP J 57 35.51 -35.24 -2.46
C ASP J 57 34.19 -35.85 -1.98
N GLN J 58 33.45 -35.15 -1.11
CA GLN J 58 32.15 -35.66 -0.68
C GLN J 58 31.12 -35.64 -1.81
N VAL J 59 31.05 -34.55 -2.57
CA VAL J 59 29.98 -34.40 -3.55
C VAL J 59 30.18 -35.34 -4.74
N MET J 60 31.44 -35.61 -5.09
CA MET J 60 31.77 -36.44 -6.26
C MET J 60 31.16 -37.84 -6.22
N VAL J 61 31.05 -38.42 -5.02
CA VAL J 61 30.51 -39.76 -4.81
C VAL J 61 29.11 -39.92 -5.42
N TYR J 62 28.26 -38.92 -5.26
CA TYR J 62 26.91 -39.00 -5.81
C TYR J 62 26.99 -38.75 -7.30
N LYS J 63 26.04 -39.30 -8.06
CA LYS J 63 26.12 -39.20 -9.50
C LYS J 63 24.85 -38.69 -10.15
N VAL J 64 25.02 -38.18 -11.37
CA VAL J 64 23.97 -37.68 -12.25
C VAL J 64 24.42 -38.06 -13.66
N TYR J 65 23.77 -39.05 -14.24
CA TYR J 65 24.17 -39.54 -15.55
C TYR J 65 23.54 -38.80 -16.70
N CYS K 8 16.52 -42.35 -25.36
CA CYS K 8 16.69 -43.56 -24.57
C CYS K 8 16.49 -43.29 -23.10
N ALA K 9 17.40 -43.82 -22.30
CA ALA K 9 17.31 -43.72 -20.85
C ALA K 9 18.67 -44.03 -20.25
N LYS K 10 18.67 -44.21 -18.93
CA LYS K 10 19.75 -44.57 -18.02
C LYS K 10 19.11 -44.49 -16.66
N CYS K 11 19.55 -45.32 -15.72
CA CYS K 11 18.77 -45.47 -14.50
C CYS K 11 19.52 -45.18 -13.22
N GLY K 12 19.18 -45.93 -12.18
CA GLY K 12 19.79 -45.77 -10.89
C GLY K 12 20.93 -46.73 -10.72
N LYS K 13 22.13 -46.27 -11.10
CA LYS K 13 23.45 -46.86 -10.85
C LYS K 13 23.70 -48.08 -11.72
N GLU K 14 23.41 -47.96 -13.02
CA GLU K 14 23.63 -49.00 -14.03
C GLU K 14 23.64 -48.48 -15.46
N VAL K 15 23.05 -49.28 -16.35
CA VAL K 15 23.27 -49.23 -17.78
C VAL K 15 21.99 -48.77 -18.47
N GLU K 16 22.12 -48.45 -19.75
CA GLU K 16 21.09 -47.87 -20.59
C GLU K 16 19.90 -48.81 -20.79
N LEU K 17 18.85 -48.28 -21.42
CA LEU K 17 17.64 -49.00 -21.76
C LEU K 17 17.25 -48.70 -23.21
N ASP K 18 16.21 -49.39 -23.71
CA ASP K 18 15.78 -49.11 -25.07
C ASP K 18 14.92 -47.84 -25.11
N LEU K 19 14.51 -47.42 -26.31
CA LEU K 19 13.77 -46.15 -26.48
C LEU K 19 12.35 -46.06 -25.94
N ALA K 20 11.37 -46.37 -26.80
CA ALA K 20 10.00 -45.86 -26.71
C ALA K 20 9.22 -46.35 -25.51
N THR K 21 7.92 -46.03 -25.45
CA THR K 21 7.11 -46.49 -24.33
C THR K 21 5.67 -46.66 -24.79
N ALA K 22 4.94 -47.50 -24.05
CA ALA K 22 3.51 -47.70 -24.23
C ALA K 22 2.87 -48.06 -22.89
N ARG K 23 3.47 -49.05 -22.23
CA ARG K 23 3.18 -49.60 -20.91
C ARG K 23 4.19 -49.13 -19.85
N GLU K 24 4.20 -49.83 -18.71
CA GLU K 24 5.12 -49.72 -17.58
C GLU K 24 6.59 -49.40 -17.86
N VAL K 25 7.13 -48.45 -17.09
CA VAL K 25 8.53 -48.06 -17.15
C VAL K 25 9.23 -48.58 -15.90
N ARG K 26 9.95 -49.70 -16.03
CA ARG K 26 10.81 -50.20 -14.96
C ARG K 26 12.17 -50.63 -15.48
N CYS K 27 13.20 -50.46 -14.65
CA CYS K 27 14.50 -50.96 -15.06
C CYS K 27 14.50 -52.47 -14.84
N PRO K 28 14.80 -53.27 -15.86
CA PRO K 28 14.77 -54.72 -15.72
C PRO K 28 15.75 -55.38 -14.75
N TYR K 29 16.60 -54.64 -14.05
CA TYR K 29 17.49 -55.34 -13.14
C TYR K 29 17.41 -54.87 -11.69
N CYS K 30 17.35 -53.57 -11.42
CA CYS K 30 17.19 -53.15 -10.04
C CYS K 30 15.75 -53.03 -9.64
N GLY K 31 14.82 -53.56 -10.43
CA GLY K 31 13.37 -53.37 -10.27
C GLY K 31 12.80 -51.99 -9.93
N SER K 32 13.66 -50.99 -9.70
CA SER K 32 13.33 -49.61 -9.43
C SER K 32 12.81 -48.94 -10.68
N LYS K 33 12.27 -47.74 -10.48
CA LYS K 33 11.64 -47.07 -11.61
C LYS K 33 11.80 -45.57 -11.45
N ILE K 34 12.91 -45.08 -12.01
CA ILE K 34 13.32 -43.68 -12.02
C ILE K 34 14.38 -43.68 -13.13
N LEU K 35 14.23 -42.79 -14.09
CA LEU K 35 15.15 -42.71 -15.21
C LEU K 35 15.80 -41.34 -15.37
N TYR K 36 17.00 -41.33 -15.95
CA TYR K 36 17.77 -40.12 -16.19
C TYR K 36 18.03 -40.06 -17.68
N LYS K 37 17.67 -38.96 -18.32
CA LYS K 37 17.87 -38.87 -19.75
C LYS K 37 19.31 -38.51 -20.08
N PRO K 38 20.05 -39.41 -20.72
CA PRO K 38 21.48 -39.20 -20.94
C PRO K 38 21.81 -38.06 -21.87
N ARG K 39 22.96 -37.47 -21.62
CA ARG K 39 23.48 -36.39 -22.42
C ARG K 39 23.84 -36.84 -23.83
N PRO K 40 23.56 -36.03 -24.83
CA PRO K 40 23.95 -36.35 -26.21
C PRO K 40 25.46 -36.25 -26.42
N ARG K 41 25.89 -36.38 -27.66
CA ARG K 41 27.30 -36.45 -28.01
C ARG K 41 27.62 -35.38 -29.05
N VAL K 42 27.27 -34.14 -28.74
CA VAL K 42 27.45 -33.04 -29.68
C VAL K 42 28.42 -32.03 -29.10
N ALA K 43 28.52 -30.87 -29.73
CA ALA K 43 29.46 -29.84 -29.35
C ALA K 43 28.72 -28.55 -29.10
N ARG K 44 29.11 -27.84 -28.05
CA ARG K 44 28.44 -26.60 -27.68
C ARG K 44 29.48 -25.59 -27.21
N ARG K 45 29.28 -24.35 -27.64
CA ARG K 45 30.20 -23.24 -27.39
C ARG K 45 29.86 -22.51 -26.09
N VAL K 46 30.65 -22.70 -25.06
CA VAL K 46 30.47 -22.01 -23.78
C VAL K 46 31.56 -20.98 -23.59
N LYS K 47 31.22 -19.70 -23.67
CA LYS K 47 32.22 -18.65 -23.47
C LYS K 47 32.67 -18.61 -22.03
N ALA K 48 33.93 -18.27 -21.81
CA ALA K 48 34.51 -18.31 -20.48
C ALA K 48 34.82 -16.90 -20.02
N ILE K 49 33.82 -16.23 -19.48
CA ILE K 49 34.06 -14.96 -18.83
C ILE K 49 34.20 -15.25 -17.35
N ARG L 4 -83.22 4.38 -9.19
CA ARG L 4 -82.31 5.46 -9.56
C ARG L 4 -80.96 5.30 -8.87
N LYS L 5 -80.90 5.64 -7.59
CA LYS L 5 -79.69 5.41 -6.81
C LYS L 5 -79.45 3.92 -6.62
N ASN L 6 -80.53 3.15 -6.45
CA ASN L 6 -80.44 1.70 -6.39
C ASN L 6 -80.16 1.13 -7.78
N LYS L 7 -80.67 1.81 -8.82
CA LYS L 7 -80.65 1.28 -10.17
C LYS L 7 -79.26 1.34 -10.80
N GLU L 8 -78.55 2.45 -10.61
CA GLU L 8 -77.26 2.62 -11.28
C GLU L 8 -76.18 1.73 -10.69
N LEU L 9 -76.34 1.32 -9.44
CA LEU L 9 -75.39 0.42 -8.82
C LEU L 9 -75.54 -1.00 -9.33
N LEU L 10 -76.76 -1.34 -9.77
CA LEU L 10 -77.05 -2.63 -10.40
C LEU L 10 -76.66 -2.71 -11.87
N GLU L 11 -76.43 -1.57 -12.52
CA GLU L 11 -76.15 -1.59 -13.95
C GLU L 11 -74.69 -1.86 -14.27
N ILE L 12 -73.77 -1.34 -13.46
CA ILE L 12 -72.35 -1.51 -13.72
C ILE L 12 -71.90 -2.94 -13.48
N ALA L 13 -72.44 -3.58 -12.45
CA ALA L 13 -72.12 -4.99 -12.21
C ALA L 13 -72.72 -5.89 -13.27
N GLN L 14 -73.84 -5.47 -13.87
CA GLN L 14 -74.38 -6.19 -15.02
C GLN L 14 -73.47 -6.08 -16.23
N GLU L 15 -72.75 -4.96 -16.36
CA GLU L 15 -71.82 -4.80 -17.48
C GLU L 15 -70.60 -5.70 -17.35
N ILE L 16 -70.25 -6.12 -16.15
CA ILE L 16 -69.08 -6.97 -15.94
C ILE L 16 -69.48 -8.44 -15.81
N GLY L 17 -70.35 -8.73 -14.84
CA GLY L 17 -70.72 -10.10 -14.58
C GLY L 17 -71.99 -10.51 -15.30
N GLY L 18 -72.99 -9.63 -15.30
CA GLY L 18 -74.25 -9.94 -15.95
C GLY L 18 -75.40 -10.06 -14.97
N GLU L 19 -76.37 -10.92 -15.31
CA GLU L 19 -77.51 -11.16 -14.44
C GLU L 19 -77.10 -11.88 -13.16
N GLU L 20 -76.01 -12.64 -13.22
CA GLU L 20 -75.49 -13.30 -12.02
C GLU L 20 -75.00 -12.27 -11.01
N ALA L 21 -74.42 -11.17 -11.51
CA ALA L 21 -73.90 -10.10 -10.67
C ALA L 21 -74.98 -9.17 -10.17
N VAL L 22 -76.13 -9.10 -10.85
CA VAL L 22 -77.22 -8.27 -10.36
C VAL L 22 -77.78 -8.85 -9.07
N GLU L 23 -77.87 -10.19 -9.01
CA GLU L 23 -78.39 -10.85 -7.82
C GLU L 23 -77.41 -10.76 -6.66
N VAL L 24 -76.11 -10.65 -6.96
CA VAL L 24 -75.10 -10.52 -5.92
C VAL L 24 -75.26 -9.18 -5.22
N VAL L 25 -75.49 -8.12 -5.99
CA VAL L 25 -75.66 -6.80 -5.40
C VAL L 25 -77.01 -6.72 -4.69
N LYS L 26 -78.01 -7.41 -5.23
CA LYS L 26 -79.31 -7.49 -4.56
C LYS L 26 -79.24 -8.25 -3.25
N ALA L 27 -78.36 -9.25 -3.14
CA ALA L 27 -78.34 -10.09 -1.95
C ALA L 27 -77.64 -9.43 -0.77
N LEU L 28 -76.54 -8.70 -1.02
CA LEU L 28 -75.80 -8.11 0.09
C LEU L 28 -76.51 -6.89 0.65
N GLU L 29 -77.28 -6.19 -0.18
CA GLU L 29 -78.08 -5.07 0.31
C GLU L 29 -79.22 -5.54 1.20
N LYS L 30 -79.65 -6.79 1.03
CA LYS L 30 -80.72 -7.33 1.86
C LYS L 30 -80.25 -7.65 3.27
N MET L 31 -79.05 -8.22 3.42
CA MET L 31 -78.62 -8.76 4.71
C MET L 31 -77.73 -7.83 5.53
N LYS L 32 -77.04 -6.87 4.88
CA LYS L 32 -76.21 -5.81 5.45
C LYS L 32 -74.90 -6.29 6.09
N GLU L 33 -74.75 -7.61 6.28
CA GLU L 33 -73.54 -8.27 6.76
C GLU L 33 -73.67 -9.72 6.34
N ALA L 34 -72.75 -10.20 5.50
CA ALA L 34 -72.89 -11.56 5.00
C ALA L 34 -71.55 -12.15 4.61
N THR L 35 -71.46 -13.47 4.73
CA THR L 35 -70.38 -14.24 4.15
C THR L 35 -70.73 -14.55 2.69
N ASP L 36 -69.79 -15.18 1.99
CA ASP L 36 -70.03 -15.55 0.61
C ASP L 36 -70.99 -16.72 0.50
N GLU L 37 -71.00 -17.60 1.51
CA GLU L 37 -71.96 -18.69 1.53
C GLU L 37 -73.37 -18.17 1.75
N GLU L 38 -73.51 -17.12 2.56
CA GLU L 38 -74.83 -16.54 2.79
C GLU L 38 -75.35 -15.83 1.55
N LEU L 39 -74.44 -15.24 0.76
CA LEU L 39 -74.86 -14.59 -0.47
C LEU L 39 -75.11 -15.59 -1.58
N ALA L 40 -74.50 -16.77 -1.51
CA ALA L 40 -74.70 -17.81 -2.53
C ALA L 40 -76.04 -18.52 -2.37
N GLU L 41 -76.48 -18.73 -1.13
CA GLU L 41 -77.70 -19.48 -0.87
C GLU L 41 -78.94 -18.65 -1.15
N ALA L 42 -78.84 -17.33 -1.02
CA ALA L 42 -79.99 -16.46 -1.23
C ALA L 42 -80.34 -16.29 -2.69
N THR L 43 -79.40 -16.56 -3.60
CA THR L 43 -79.60 -16.35 -5.03
C THR L 43 -79.54 -17.65 -5.84
N GLY L 44 -79.04 -18.73 -5.27
CA GLY L 44 -78.89 -20.00 -5.96
C GLY L 44 -77.65 -20.15 -6.81
N ILE L 45 -76.79 -19.15 -6.86
CA ILE L 45 -75.58 -19.23 -7.65
C ILE L 45 -74.52 -19.98 -6.84
N ARG L 46 -73.59 -20.66 -7.52
CA ARG L 46 -72.44 -21.24 -6.84
C ARG L 46 -71.59 -20.18 -6.16
N VAL L 47 -70.95 -20.58 -5.06
CA VAL L 47 -70.24 -19.63 -4.22
C VAL L 47 -68.94 -19.18 -4.87
N ASN L 48 -68.41 -19.94 -5.83
CA ASN L 48 -67.24 -19.49 -6.57
C ASN L 48 -67.61 -18.39 -7.56
N THR L 49 -68.76 -18.53 -8.22
CA THR L 49 -69.18 -17.54 -9.20
C THR L 49 -69.58 -16.24 -8.52
N VAL L 50 -70.17 -16.34 -7.33
CA VAL L 50 -70.54 -15.17 -6.55
C VAL L 50 -69.29 -14.42 -6.11
N ARG L 51 -68.25 -15.15 -5.66
CA ARG L 51 -67.11 -14.51 -5.04
C ARG L 51 -66.20 -13.84 -6.06
N ARG L 52 -66.17 -14.35 -7.30
CA ARG L 52 -65.38 -13.71 -8.35
C ARG L 52 -65.91 -12.32 -8.67
N ILE L 53 -67.23 -12.13 -8.54
CA ILE L 53 -67.85 -10.83 -8.79
C ILE L 53 -67.46 -9.84 -7.69
N LEU L 54 -67.31 -10.33 -6.47
CA LEU L 54 -66.99 -9.45 -5.35
C LEU L 54 -65.54 -9.00 -5.34
N TYR L 55 -64.63 -9.74 -5.97
CA TYR L 55 -63.26 -9.25 -6.06
C TYR L 55 -63.13 -8.11 -7.06
N MET L 56 -64.02 -8.05 -8.06
CA MET L 56 -63.97 -6.92 -8.99
C MET L 56 -64.50 -5.64 -8.34
N LEU L 57 -65.58 -5.74 -7.56
CA LEU L 57 -66.08 -4.57 -6.85
C LEU L 57 -65.16 -4.17 -5.71
N ASN L 58 -64.38 -5.12 -5.19
CA ASN L 58 -63.33 -4.76 -4.26
C ASN L 58 -62.25 -3.95 -4.96
N ASP L 59 -61.97 -4.29 -6.22
CA ASP L 59 -60.97 -3.56 -6.99
C ASP L 59 -61.49 -2.23 -7.51
N GLU L 60 -62.79 -1.97 -7.44
CA GLU L 60 -63.32 -0.67 -7.82
C GLU L 60 -63.69 0.21 -6.63
N GLY L 61 -63.37 -0.23 -5.42
CA GLY L 61 -63.66 0.52 -4.21
C GLY L 61 -65.13 0.63 -3.88
N LEU L 62 -65.90 -0.43 -4.09
CA LEU L 62 -67.33 -0.40 -3.86
C LEU L 62 -67.82 -1.49 -2.93
N ALA L 63 -66.93 -2.33 -2.42
CA ALA L 63 -67.31 -3.43 -1.54
C ALA L 63 -66.26 -3.51 -0.42
N ASP L 64 -66.74 -3.67 0.81
CA ASP L 64 -65.87 -3.69 1.98
C ASP L 64 -66.07 -4.98 2.76
N PHE L 65 -65.04 -5.35 3.52
CA PHE L 65 -65.09 -6.56 4.34
C PHE L 65 -64.12 -6.39 5.50
N LYS L 66 -64.48 -6.96 6.65
CA LYS L 66 -63.63 -6.99 7.82
C LYS L 66 -63.59 -8.41 8.38
N ARG L 67 -62.38 -8.92 8.62
CA ARG L 67 -62.19 -10.33 8.91
C ARG L 67 -62.68 -10.69 10.32
N ILE L 68 -63.20 -11.91 10.44
CA ILE L 68 -63.73 -12.43 11.69
C ILE L 68 -63.11 -13.79 11.98
N ARG L 69 -62.45 -13.91 13.12
CA ARG L 69 -61.79 -15.14 13.53
C ARG L 69 -62.83 -16.14 14.02
N ASP L 70 -62.86 -17.32 13.39
CA ASP L 70 -63.71 -18.40 13.88
C ASP L 70 -63.01 -18.98 15.11
N PRO L 71 -63.59 -18.85 16.32
CA PRO L 71 -62.85 -19.23 17.52
C PRO L 71 -62.78 -20.72 17.75
N GLU L 72 -63.64 -21.51 17.12
CA GLU L 72 -63.62 -22.95 17.34
C GLU L 72 -62.68 -23.65 16.37
N THR L 73 -62.59 -23.15 15.13
CA THR L 73 -61.73 -23.77 14.11
C THR L 73 -60.45 -22.98 13.86
N GLY L 74 -60.34 -21.76 14.38
CA GLY L 74 -59.13 -20.98 14.18
C GLY L 74 -59.04 -20.26 12.85
N TRP L 75 -60.07 -20.33 12.01
CA TRP L 75 -60.01 -19.77 10.68
C TRP L 75 -60.75 -18.43 10.61
N TYR L 76 -60.73 -17.84 9.42
CA TYR L 76 -61.38 -16.56 9.18
C TYR L 76 -62.50 -16.73 8.16
N TYR L 77 -63.56 -15.97 8.35
CA TYR L 77 -64.66 -15.86 7.40
C TYR L 77 -65.13 -14.41 7.42
N TYR L 78 -65.46 -13.87 6.26
CA TYR L 78 -65.59 -12.43 6.09
C TYR L 78 -67.02 -11.97 6.23
N TYR L 79 -67.19 -10.79 6.83
CA TYR L 79 -68.46 -10.10 6.91
C TYR L 79 -68.44 -8.86 6.03
N TRP L 80 -69.10 -8.98 4.88
CA TRP L 80 -69.11 -7.93 3.86
C TRP L 80 -70.12 -6.85 4.20
N ARG L 81 -69.78 -5.62 3.82
CA ARG L 81 -70.68 -4.48 3.99
C ARG L 81 -70.54 -3.63 2.74
N LEU L 82 -71.24 -2.50 2.71
CA LEU L 82 -71.13 -1.57 1.59
C LEU L 82 -70.53 -0.25 2.02
N GLU L 83 -69.81 0.37 1.09
CA GLU L 83 -69.26 1.72 1.21
C GLU L 83 -69.62 2.40 -0.10
N THR L 84 -70.69 3.20 -0.10
CA THR L 84 -71.17 3.77 -1.35
C THR L 84 -71.14 5.30 -1.33
N LYS L 85 -70.04 5.87 -0.86
CA LYS L 85 -69.88 7.31 -0.83
C LYS L 85 -68.96 7.79 -1.95
N LYS L 86 -68.85 7.02 -3.03
CA LYS L 86 -67.99 7.34 -4.15
C LYS L 86 -68.74 7.17 -5.47
N LEU L 87 -70.07 7.23 -5.43
CA LEU L 87 -70.85 6.80 -6.60
C LEU L 87 -70.79 7.78 -7.77
N PRO L 88 -71.20 9.06 -7.65
CA PRO L 88 -71.32 9.88 -8.87
C PRO L 88 -69.98 10.34 -9.45
N GLU L 89 -68.86 10.03 -8.78
CA GLU L 89 -67.54 10.41 -9.25
C GLU L 89 -66.89 9.30 -10.08
N ILE L 90 -67.09 8.04 -9.69
CA ILE L 90 -66.58 6.94 -10.49
C ILE L 90 -67.36 6.82 -11.78
N ILE L 91 -68.63 7.27 -11.78
CA ILE L 91 -69.39 7.47 -13.00
C ILE L 91 -68.69 8.48 -13.90
N ARG L 92 -68.15 9.54 -13.31
CA ARG L 92 -67.37 10.50 -14.07
C ARG L 92 -65.97 9.98 -14.37
N SER L 93 -65.21 9.62 -13.32
CA SER L 93 -63.77 9.39 -13.44
C SER L 93 -63.42 8.20 -14.32
N ARG L 94 -64.37 7.29 -14.56
CA ARG L 94 -64.18 6.37 -15.67
C ARG L 94 -64.47 7.08 -16.98
N LYS L 95 -65.64 7.70 -17.08
CA LYS L 95 -66.10 8.26 -18.34
C LYS L 95 -65.36 9.53 -18.73
N MET L 96 -64.63 10.15 -17.81
CA MET L 96 -63.80 11.27 -18.21
C MET L 96 -62.65 10.80 -19.10
N ALA L 97 -61.86 9.85 -18.60
CA ALA L 97 -60.69 9.40 -19.33
C ALA L 97 -61.06 8.48 -20.48
N GLU L 98 -62.21 7.82 -20.40
CA GLU L 98 -62.67 7.01 -21.52
C GLU L 98 -63.14 7.89 -22.66
N LEU L 99 -63.77 9.02 -22.35
CA LEU L 99 -64.03 10.00 -23.41
C LEU L 99 -62.78 10.73 -23.82
N LYS L 100 -61.78 10.83 -22.93
CA LYS L 100 -60.47 11.29 -23.38
C LYS L 100 -59.87 10.30 -24.36
N LYS L 101 -60.07 8.99 -24.14
CA LYS L 101 -59.68 8.00 -25.13
C LYS L 101 -60.47 8.14 -26.40
N LEU L 102 -61.72 8.57 -26.29
CA LEU L 102 -62.49 8.83 -27.49
C LEU L 102 -62.19 10.20 -28.08
N LYS L 103 -61.65 11.13 -27.29
CA LYS L 103 -61.10 12.35 -27.87
C LYS L 103 -59.88 12.03 -28.71
N GLU L 104 -58.99 11.18 -28.18
CA GLU L 104 -57.71 10.91 -28.82
C GLU L 104 -57.91 10.17 -30.14
N MET L 105 -58.95 9.33 -30.22
CA MET L 105 -59.21 8.61 -31.45
C MET L 105 -59.72 9.55 -32.53
N LEU L 106 -60.64 10.45 -32.17
CA LEU L 106 -61.23 11.35 -33.16
C LEU L 106 -60.20 12.34 -33.66
N GLU L 107 -59.30 12.77 -32.78
CA GLU L 107 -58.22 13.64 -33.19
C GLU L 107 -57.25 12.91 -34.09
N GLU L 108 -57.09 11.61 -33.89
CA GLU L 108 -56.28 10.81 -34.80
C GLU L 108 -56.96 10.63 -36.15
N GLU L 109 -58.29 10.47 -36.17
CA GLU L 109 -58.97 10.09 -37.41
C GLU L 109 -58.97 11.19 -38.46
N THR L 110 -58.52 12.39 -38.12
CA THR L 110 -58.44 13.46 -39.09
C THR L 110 -57.33 13.19 -40.10
N SER L 111 -56.09 13.13 -39.62
CA SER L 111 -54.91 12.90 -40.45
C SER L 111 -54.48 11.43 -40.51
N GLU L 112 -55.39 10.50 -40.81
CA GLU L 112 -55.09 9.07 -40.77
C GLU L 112 -55.99 8.30 -41.71
N ILE L 113 -56.14 7.00 -41.43
CA ILE L 113 -56.29 5.88 -42.36
C ILE L 113 -57.07 6.19 -43.62
N TYR L 114 -56.48 5.91 -44.79
CA TYR L 114 -57.09 6.33 -46.04
C TYR L 114 -57.31 5.21 -47.03
N TYR L 115 -56.65 4.07 -46.90
CA TYR L 115 -56.79 3.00 -47.89
C TYR L 115 -57.66 1.90 -47.30
N TRP L 116 -57.94 0.88 -48.11
CA TRP L 116 -58.77 -0.25 -47.71
C TRP L 116 -58.64 -1.36 -48.75
N CYS L 117 -58.72 -2.60 -48.28
CA CYS L 117 -58.82 -3.75 -49.17
C CYS L 117 -60.27 -4.02 -49.49
N GLY L 118 -60.54 -4.47 -50.70
CA GLY L 118 -61.91 -4.63 -51.11
C GLY L 118 -62.50 -5.98 -50.81
N THR L 119 -62.39 -6.43 -49.56
CA THR L 119 -62.92 -7.71 -49.16
C THR L 119 -63.90 -7.52 -48.01
N GLU L 120 -64.49 -8.64 -47.59
CA GLU L 120 -65.34 -8.70 -46.39
C GLU L 120 -64.46 -9.06 -45.18
N GLY L 121 -63.55 -8.16 -44.89
CA GLY L 121 -62.50 -8.40 -43.91
C GLY L 121 -61.25 -7.70 -44.39
N HIS L 122 -60.33 -7.48 -43.45
CA HIS L 122 -59.13 -6.65 -43.53
C HIS L 122 -59.20 -5.38 -44.40
N PRO L 123 -60.10 -4.40 -44.12
CA PRO L 123 -59.98 -3.09 -44.77
C PRO L 123 -59.06 -2.18 -43.98
N LYS L 124 -59.09 -0.89 -44.33
CA LYS L 124 -58.63 0.26 -43.54
C LYS L 124 -57.15 0.17 -43.16
N LEU L 125 -56.34 0.29 -44.22
CA LEU L 125 -54.88 0.28 -44.14
C LEU L 125 -54.32 1.70 -44.01
N THR L 126 -53.19 1.82 -43.31
CA THR L 126 -52.56 3.11 -43.14
C THR L 126 -51.67 3.43 -44.35
N PHE L 127 -51.28 4.69 -44.47
CA PHE L 127 -50.38 5.06 -45.53
C PHE L 127 -48.97 4.54 -45.30
N ASP L 128 -48.60 4.30 -44.04
CA ASP L 128 -47.30 3.70 -43.75
C ASP L 128 -47.26 2.26 -44.24
N GLU L 129 -48.33 1.50 -43.97
CA GLU L 129 -48.41 0.14 -44.47
C GLU L 129 -48.62 0.12 -45.97
N ALA L 130 -49.18 1.19 -46.53
CA ALA L 130 -49.52 1.25 -47.95
C ALA L 130 -48.28 1.21 -48.82
N MET L 131 -47.26 2.00 -48.47
CA MET L 131 -46.06 2.01 -49.28
C MET L 131 -45.26 0.74 -49.05
N GLU L 132 -45.43 0.11 -47.88
CA GLU L 132 -44.81 -1.18 -47.65
C GLU L 132 -45.43 -2.26 -48.52
N TYR L 133 -46.74 -2.16 -48.77
CA TYR L 133 -47.42 -3.20 -49.51
C TYR L 133 -47.23 -3.05 -51.01
N GLU L 134 -46.78 -1.87 -51.45
CA GLU L 134 -46.60 -1.50 -52.85
C GLU L 134 -47.87 -1.71 -53.68
N PHE L 135 -48.99 -1.32 -53.08
CA PHE L 135 -50.29 -1.17 -53.76
C PHE L 135 -50.86 -2.50 -54.27
N GLN L 136 -50.57 -3.59 -53.57
CA GLN L 136 -51.30 -4.84 -53.69
C GLN L 136 -51.53 -5.38 -52.29
N CYS L 137 -52.51 -6.26 -52.15
CA CYS L 137 -52.73 -6.79 -50.81
C CYS L 137 -51.83 -7.99 -50.53
N PRO L 138 -51.23 -8.06 -49.35
CA PRO L 138 -50.51 -9.27 -48.95
C PRO L 138 -51.36 -10.26 -48.16
N ILE L 139 -52.56 -9.86 -47.74
CA ILE L 139 -53.43 -10.75 -46.98
C ILE L 139 -54.26 -11.61 -47.91
N CYS L 140 -54.96 -11.00 -48.87
CA CYS L 140 -55.75 -11.71 -49.85
C CYS L 140 -55.19 -11.59 -51.26
N GLY L 141 -54.66 -10.44 -51.64
CA GLY L 141 -54.12 -10.23 -52.96
C GLY L 141 -54.92 -9.30 -53.85
N LYS L 142 -55.94 -8.64 -53.30
CA LYS L 142 -56.78 -7.77 -54.10
C LYS L 142 -56.09 -6.42 -54.28
N MET L 143 -56.41 -5.74 -55.37
CA MET L 143 -55.87 -4.42 -55.64
C MET L 143 -56.37 -3.42 -54.60
N LEU L 144 -55.44 -2.62 -54.07
CA LEU L 144 -55.75 -1.69 -53.00
C LEU L 144 -56.52 -0.48 -53.52
N MET L 145 -57.48 -0.03 -52.74
CA MET L 145 -58.28 1.13 -53.09
C MET L 145 -58.02 2.25 -52.08
N GLN L 146 -58.80 3.32 -52.20
CA GLN L 146 -58.46 4.58 -51.56
C GLN L 146 -59.72 5.23 -50.99
N TYR L 147 -59.62 6.55 -50.80
CA TYR L 147 -60.07 7.38 -49.68
C TYR L 147 -61.32 6.83 -48.99
N ASP L 148 -61.21 6.59 -47.69
CA ASP L 148 -61.87 5.46 -47.06
C ASP L 148 -62.51 5.88 -45.75
N ASN L 149 -63.68 5.31 -45.49
CA ASN L 149 -64.40 5.41 -44.22
C ASN L 149 -64.76 6.86 -43.91
N THR L 150 -65.04 7.61 -44.97
CA THR L 150 -65.28 9.03 -44.85
C THR L 150 -66.63 9.32 -44.19
N HIS L 151 -67.57 8.38 -44.34
CA HIS L 151 -68.85 8.55 -43.67
C HIS L 151 -68.75 8.27 -42.19
N ILE L 152 -67.97 7.26 -41.79
CA ILE L 152 -67.97 6.92 -40.39
C ILE L 152 -67.08 7.87 -39.62
N ILE L 153 -66.07 8.46 -40.26
CA ILE L 153 -65.30 9.49 -39.55
C ILE L 153 -66.13 10.74 -39.44
N GLU L 154 -67.14 10.92 -40.31
CA GLU L 154 -68.19 11.87 -40.05
C GLU L 154 -69.17 11.34 -39.02
N GLU L 155 -69.45 10.03 -39.04
CA GLU L 155 -70.41 9.46 -38.11
C GLU L 155 -69.83 9.32 -36.70
N LEU L 156 -68.59 8.84 -36.57
CA LEU L 156 -67.99 8.73 -35.26
C LEU L 156 -67.70 10.10 -34.65
N LYS L 157 -67.48 11.10 -35.51
CA LYS L 157 -67.43 12.48 -35.01
C LYS L 157 -68.79 12.90 -34.49
N ARG L 158 -69.86 12.41 -35.09
CA ARG L 158 -71.22 12.71 -34.67
C ARG L 158 -71.81 11.65 -33.74
N ARG L 159 -70.97 10.75 -33.23
CA ARG L 159 -71.41 9.87 -32.16
C ARG L 159 -70.83 10.24 -30.80
N ILE L 160 -69.67 10.91 -30.80
CA ILE L 160 -68.93 11.09 -29.56
C ILE L 160 -69.11 12.51 -29.03
N GLU L 161 -69.33 13.48 -29.95
CA GLU L 161 -69.33 14.88 -29.55
C GLU L 161 -70.54 15.22 -28.67
N GLU L 162 -71.64 14.50 -28.84
CA GLU L 162 -72.82 14.74 -28.02
C GLU L 162 -72.77 13.97 -26.71
N LEU L 163 -71.94 12.92 -26.64
CA LEU L 163 -71.77 12.24 -25.37
C LEU L 163 -70.88 13.06 -24.43
N GLU L 164 -70.00 13.88 -25.00
CA GLU L 164 -69.08 14.70 -24.24
C GLU L 164 -69.73 15.96 -23.66
N ILE L 165 -70.81 16.45 -24.27
CA ILE L 165 -71.49 17.63 -23.74
C ILE L 165 -72.22 17.28 -22.44
N GLU L 166 -72.75 16.06 -22.35
CA GLU L 166 -73.43 15.62 -21.14
C GLU L 166 -72.49 15.54 -19.95
N LEU L 167 -71.27 15.03 -20.18
CA LEU L 167 -70.28 14.81 -19.15
C LEU L 167 -69.23 15.91 -19.08
N GLY L 168 -69.25 16.87 -20.01
CA GLY L 168 -68.44 18.07 -19.88
C GLY L 168 -68.93 19.03 -18.83
N LEU L 169 -70.18 18.89 -18.39
CA LEU L 169 -70.70 19.66 -17.28
C LEU L 169 -69.97 19.29 -15.98
MG MG M . 15.10 1.13 3.06
ZN ZN N . -28.92 -4.62 -27.98
ZN ZN O . -60.99 16.62 6.17
ZN ZN P . -36.39 11.65 -24.28
ZN ZN Q . 46.28 -11.74 -1.84
ZN ZN R . 19.34 -50.00 -12.58
ZN ZN S . -59.05 -7.20 -50.10
#